data_8YKG
#
_entry.id   8YKG
#
_cell.length_a   1.00
_cell.length_b   1.00
_cell.length_c   1.00
_cell.angle_alpha   90.00
_cell.angle_beta   90.00
_cell.angle_gamma   90.00
#
_symmetry.space_group_name_H-M   'P 1'
#
loop_
_entity.id
_entity.type
_entity.pdbx_description
1 polymer 'Spike glycoprotein'
2 polymer 'NT-108 scFv'
3 branched 2-acetamido-2-deoxy-beta-D-glucopyranose-(1-4)-2-acetamido-2-deoxy-beta-D-glucopyranose
4 non-polymer 2-acetamido-2-deoxy-beta-D-glucopyranose
#
loop_
_entity_poly.entity_id
_entity_poly.type
_entity_poly.pdbx_seq_one_letter_code
_entity_poly.pdbx_strand_id
1 'polypeptide(L)'
;SSQCVNLTTRTQLPPAYTNSFTRGVYYPDKVFRSSVLHSTQDLFLPFFSNVTWFHAIHVSGTNGTKRFDNPVLPFNDGVY
FASTEKSNIIRGWIFGTTLDSKTQSLLIVNNATNVVIKVCEFQFCNDPFLGVYYHKNNKSWMESEFRVYSSANNCTFEYV
SQPFLMDLEGKQGNFKNLREFVFKNIDGYFKIYSKHTPINLVRDLPQGFSALEPLVDLPIGINITRFQTLLALHRSYLTP
GDSSSGWTAGAAAYYVGYLQPRTFLLKYNENGTITDAVDCALDPLSETKCTLKSFTVEKGIYQTSNFRVQPTESIVRFPN
ITNLCPFGEVFNATRFASVYAWNRKRISNCVADYSVLYNSASFSTFKCYGVSPTKLNDLCFTNVYADSFVIRGDEVRQIA
PGQTGKIADYNYKLPDDFTGCVIAWNSNNLDSKVGGNYNYLYRLFRKSNLKPFERDISTEIYQAGSTPCNGVEGFNCYFP
LQSYGFQPTNGVGYQPYRVVVLSFELLHAPATVCGPKKSTNLVKNKCVNFNFNGLTGTGVLTESNKKFLPFQQFGRDIAD
TTDAVRDPQTLEILDITPCSFGGVSVITPGTNTSNQVAVLYQDVNCTEVPVAIHADQLTPTWRVYSTGSNVFQTRAGCLI
GAEHVNNSYECDIPIGAGICASYQTQTNSPGSAGSVASQSIIAYTMSLGAENSVAYSNNSIAIPTNFTISVTTEILPVSM
TKTSVDCTMYICGDSTECSNLLLQYGSFCTQLNRALTGIAVEQDKNTQEVFAQVKQIYKTPPIKDFGGFNFSQILPDPSK
PSKRSPIEDLLFNKVTLADAGFIKQYGDCLGDIAARDLICAQKFNGLTVLPPLLTDEMIAQYTSALLAGTITSGWTFGAG
PALQIPFPMQMAYRFNGIGVTQNVLYENQKLIANQFNSAIGKIQDSLSSTPSALGKLQDVVNQNAQALNTLVKQLSSNFG
AISSVLNDILSRLDPPEAEVQIDRLITGRLQSLQTYVTQQLIRAAEIRASANLAATKMSECVLGQSKRVDFCGKGYHLMS
FPQSAPHGVVFLHVTYVPAQEKNFTTAPAICHDGKAHFPREGVFVSNGTHWFVTQRNFYEPQIITTDNTFVSGNCDVVIG
IVNNTVYDPLQPELDSFKEELDKYFKNHTSPDVDLGDISGINASVVNIQKEIDRLNEVAKNLNESLIDLQELGKYEQYI
;
A,B,C
2 'polypeptide(L)'
;EIVLTQSPGTLSLSPGERATLSCRASQSVSSTFLAWYQQKPGQAPRLLIYGASYMATGIPDRFSGSGSGTDFTLTISRLE
PEDFAVYYCQQYGSSLTFGGGTKLEIKGGGGSGGGGSGGGGSQVQLQQSGPGLVKPSQTLSLTCSISGDSVSSNSAAWNW
IRQSPSRGLEWLGRTYYRSKWYNDYAGTVKSRIAINPDTSKNQFSLHLNSVTPEDTAVYFCARVISVAGYAFDIWGQGTM
VTVSSHHHHHH
;
D,F
#
loop_
_chem_comp.id
_chem_comp.type
_chem_comp.name
_chem_comp.formula
NAG D-saccharide, beta linking 2-acetamido-2-deoxy-beta-D-glucopyranose 'C8 H15 N O6'
#
# COMPACT_ATOMS: atom_id res chain seq x y z
N ALA A 16 9.07 -9.82 53.98
CA ALA A 16 9.91 -8.64 53.84
C ALA A 16 9.86 -8.10 52.42
N TYR A 17 10.59 -7.02 52.16
CA TYR A 17 10.61 -6.39 50.85
C TYR A 17 11.97 -5.75 50.62
N THR A 18 12.29 -5.54 49.34
CA THR A 18 13.52 -4.88 48.93
C THR A 18 13.28 -4.22 47.58
N ASN A 19 13.94 -3.09 47.37
CA ASN A 19 13.75 -2.30 46.16
C ASN A 19 14.66 -2.81 45.05
N SER A 20 14.06 -3.09 43.89
CA SER A 20 14.80 -3.51 42.70
C SER A 20 15.09 -2.26 41.89
N PHE A 21 16.27 -1.68 42.12
CA PHE A 21 16.61 -0.38 41.54
C PHE A 21 16.66 -0.43 40.02
N THR A 22 17.62 -1.18 39.46
CA THR A 22 17.74 -1.29 38.02
C THR A 22 18.09 -2.70 37.57
N ARG A 23 18.08 -3.68 38.46
CA ARG A 23 18.44 -5.04 38.11
C ARG A 23 17.40 -5.66 37.20
N GLY A 24 17.84 -6.61 36.38
CA GLY A 24 16.94 -7.36 35.53
C GLY A 24 16.91 -6.94 34.07
N VAL A 25 18.08 -6.67 33.50
CA VAL A 25 18.20 -6.31 32.09
C VAL A 25 18.99 -7.42 31.41
N TYR A 26 18.41 -8.00 30.36
CA TYR A 26 19.03 -9.10 29.64
C TYR A 26 18.83 -8.91 28.16
N TYR A 27 19.76 -9.44 27.38
CA TYR A 27 19.71 -9.33 25.92
C TYR A 27 18.53 -10.11 25.36
N PRO A 28 17.49 -9.46 24.85
CA PRO A 28 16.32 -10.21 24.36
C PRO A 28 16.66 -11.14 23.21
N ASP A 29 17.61 -10.78 22.36
CA ASP A 29 17.95 -11.56 21.19
C ASP A 29 19.43 -11.42 20.91
N LYS A 30 19.97 -12.34 20.10
CA LYS A 30 21.39 -12.39 19.78
C LYS A 30 21.76 -11.51 18.60
N VAL A 31 20.94 -10.51 18.29
CA VAL A 31 21.26 -9.56 17.22
C VAL A 31 22.23 -8.51 17.77
N PHE A 32 23.10 -8.02 16.89
CA PHE A 32 24.16 -7.09 17.26
C PHE A 32 23.82 -5.69 16.78
N ARG A 33 23.94 -4.72 17.67
CA ARG A 33 23.76 -3.31 17.35
C ARG A 33 25.00 -2.56 17.80
N SER A 34 25.11 -1.30 17.39
CA SER A 34 26.28 -0.49 17.74
C SER A 34 25.89 0.98 17.76
N SER A 35 25.98 1.59 18.94
CA SER A 35 25.73 3.01 19.12
C SER A 35 24.37 3.42 18.56
N VAL A 36 23.32 2.84 19.13
CA VAL A 36 21.96 3.11 18.70
C VAL A 36 21.03 2.94 19.89
N LEU A 37 19.98 3.77 19.94
CA LEU A 37 18.96 3.69 20.98
C LEU A 37 17.76 2.94 20.41
N HIS A 38 17.67 1.65 20.71
CA HIS A 38 16.59 0.81 20.20
C HIS A 38 15.61 0.49 21.32
N SER A 39 14.32 0.52 20.98
CA SER A 39 13.25 0.25 21.92
C SER A 39 12.67 -1.14 21.65
N THR A 40 12.39 -1.88 22.71
CA THR A 40 11.86 -3.23 22.60
C THR A 40 10.75 -3.43 23.63
N GLN A 41 9.86 -4.35 23.32
CA GLN A 41 8.77 -4.74 24.19
C GLN A 41 8.85 -6.23 24.45
N ASP A 42 8.96 -6.60 25.73
CA ASP A 42 9.13 -8.00 26.12
C ASP A 42 8.85 -8.09 27.62
N LEU A 43 9.12 -9.25 28.19
CA LEU A 43 8.93 -9.47 29.62
C LEU A 43 10.13 -8.93 30.39
N PHE A 44 9.88 -7.98 31.28
CA PHE A 44 10.94 -7.39 32.09
C PHE A 44 10.44 -7.18 33.51
N LEU A 45 11.38 -7.07 34.43
CA LEU A 45 11.06 -6.71 35.81
C LEU A 45 10.95 -5.20 35.91
N PRO A 46 9.80 -4.65 36.26
CA PRO A 46 9.66 -3.19 36.31
C PRO A 46 10.61 -2.56 37.31
N PHE A 47 11.07 -1.36 36.97
CA PHE A 47 12.03 -0.65 37.82
C PHE A 47 11.40 -0.26 39.15
N PHE A 48 12.23 -0.25 40.20
CA PHE A 48 11.82 0.16 41.54
C PHE A 48 10.65 -0.65 42.05
N SER A 49 10.60 -1.94 41.71
CA SER A 49 9.55 -2.82 42.18
C SER A 49 9.96 -3.45 43.50
N ASN A 50 9.11 -4.35 44.00
CA ASN A 50 9.35 -5.03 45.26
C ASN A 50 9.59 -6.52 45.03
N VAL A 51 10.62 -7.05 45.69
CA VAL A 51 10.95 -8.46 45.63
C VAL A 51 10.91 -9.03 47.04
N THR A 52 10.22 -10.16 47.20
CA THR A 52 10.09 -10.76 48.53
C THR A 52 11.40 -11.39 48.97
N TRP A 53 11.67 -11.32 50.27
CA TRP A 53 12.90 -11.83 50.85
C TRP A 53 12.59 -13.13 51.59
N PHE A 54 13.33 -14.19 51.26
CA PHE A 54 13.15 -15.48 51.92
C PHE A 54 14.39 -15.89 52.69
N ASP A 69 11.88 -22.76 55.08
CA ASP A 69 12.79 -21.76 54.52
C ASP A 69 12.77 -21.80 53.00
N ASN A 70 11.87 -22.61 52.45
CA ASN A 70 11.78 -22.75 50.99
C ASN A 70 10.38 -23.21 50.56
N PRO A 71 9.38 -22.35 50.64
CA PRO A 71 8.05 -22.72 50.14
C PRO A 71 8.02 -22.76 48.62
N VAL A 72 6.94 -23.32 48.08
CA VAL A 72 6.76 -23.34 46.64
C VAL A 72 6.16 -22.02 46.17
N LEU A 73 6.56 -21.58 44.99
CA LEU A 73 6.11 -20.33 44.41
C LEU A 73 5.67 -20.57 42.96
N PRO A 74 4.71 -19.79 42.47
CA PRO A 74 4.28 -19.94 41.08
C PRO A 74 5.35 -19.44 40.10
N PHE A 75 5.16 -19.82 38.84
CA PHE A 75 6.05 -19.53 37.72
C PHE A 75 5.27 -18.87 36.59
N ASN A 76 4.51 -17.83 36.92
CA ASN A 76 3.55 -17.26 35.98
C ASN A 76 4.20 -16.85 34.67
N ASP A 77 5.08 -15.85 34.72
CA ASP A 77 5.74 -15.31 33.52
C ASP A 77 7.23 -15.13 33.78
N GLY A 78 7.85 -16.15 34.35
CA GLY A 78 9.27 -16.09 34.63
C GLY A 78 9.58 -15.60 36.03
N VAL A 79 10.85 -15.72 36.39
CA VAL A 79 11.31 -15.41 37.73
C VAL A 79 12.68 -14.77 37.65
N TYR A 80 12.89 -13.72 38.44
CA TYR A 80 14.20 -13.11 38.62
C TYR A 80 14.77 -13.64 39.93
N PHE A 81 15.88 -14.35 39.83
CA PHE A 81 16.53 -14.97 40.99
C PHE A 81 17.88 -14.30 41.20
N ALA A 82 18.10 -13.77 42.40
CA ALA A 82 19.34 -13.06 42.73
C ALA A 82 19.78 -13.48 44.13
N SER A 83 20.78 -14.34 44.21
CA SER A 83 21.32 -14.77 45.49
C SER A 83 22.61 -14.01 45.81
N THR A 84 23.07 -14.16 47.05
CA THR A 84 24.35 -13.61 47.49
C THR A 84 24.92 -14.56 48.55
N GLU A 85 25.80 -15.44 48.10
CA GLU A 85 26.38 -16.48 48.95
C GLU A 85 27.90 -16.49 48.81
N LYS A 86 28.56 -16.96 49.86
CA LYS A 86 30.01 -17.08 49.87
C LYS A 86 30.50 -18.52 49.85
N SER A 87 29.81 -19.42 50.52
CA SER A 87 30.18 -20.83 50.55
C SER A 87 29.37 -21.68 49.58
N ASN A 88 28.51 -21.06 48.77
CA ASN A 88 27.69 -21.75 47.79
C ASN A 88 26.87 -22.86 48.44
N ILE A 89 26.18 -22.52 49.53
CA ILE A 89 25.32 -23.48 50.21
C ILE A 89 24.19 -23.91 49.29
N ILE A 90 23.56 -22.96 48.60
CA ILE A 90 22.54 -23.29 47.62
C ILE A 90 23.18 -23.94 46.41
N ARG A 91 22.55 -24.98 45.89
CA ARG A 91 23.13 -25.76 44.81
C ARG A 91 22.25 -25.84 43.57
N GLY A 92 20.93 -25.90 43.73
CA GLY A 92 20.05 -26.03 42.59
C GLY A 92 18.63 -25.68 42.96
N TRP A 93 17.75 -25.79 41.97
CA TRP A 93 16.34 -25.48 42.13
C TRP A 93 15.49 -26.58 41.49
N ILE A 94 14.25 -26.68 41.96
CA ILE A 94 13.32 -27.70 41.50
C ILE A 94 12.15 -27.01 40.82
N PHE A 95 11.79 -27.49 39.63
CA PHE A 95 10.71 -26.91 38.84
C PHE A 95 9.73 -28.01 38.45
N GLY A 96 8.50 -27.61 38.15
CA GLY A 96 7.50 -28.56 37.71
C GLY A 96 6.12 -27.95 37.74
N THR A 97 5.12 -28.82 37.73
CA THR A 97 3.72 -28.42 37.78
C THR A 97 2.94 -29.09 38.89
N THR A 98 3.20 -30.38 39.16
CA THR A 98 2.49 -31.09 40.22
C THR A 98 3.48 -31.82 41.11
N LEU A 99 4.63 -32.20 40.55
CA LEU A 99 5.72 -32.82 41.31
C LEU A 99 5.26 -34.08 42.04
N ASP A 100 4.38 -34.85 41.38
CA ASP A 100 3.82 -36.06 41.98
C ASP A 100 4.06 -37.28 41.10
N SER A 101 5.07 -37.25 40.23
CA SER A 101 5.43 -38.29 39.29
C SER A 101 4.37 -38.50 38.21
N LYS A 102 3.25 -37.77 38.25
CA LYS A 102 2.30 -37.78 37.16
C LYS A 102 2.72 -36.88 36.01
N THR A 103 3.56 -35.88 36.29
CA THR A 103 4.04 -34.97 35.27
C THR A 103 5.56 -34.89 35.38
N GLN A 104 6.20 -34.61 34.25
CA GLN A 104 7.66 -34.54 34.22
C GLN A 104 8.13 -33.37 35.07
N SER A 105 9.11 -33.63 35.94
CA SER A 105 9.60 -32.63 36.89
C SER A 105 11.03 -32.27 36.49
N LEU A 106 11.23 -31.02 36.07
CA LEU A 106 12.55 -30.54 35.72
C LEU A 106 13.35 -30.25 36.97
N LEU A 107 14.47 -30.94 37.15
CA LEU A 107 15.36 -30.71 38.29
C LEU A 107 16.72 -30.27 37.75
N ILE A 108 17.27 -29.20 38.32
CA ILE A 108 18.57 -28.68 37.93
C ILE A 108 19.48 -28.76 39.14
N VAL A 109 20.55 -29.54 39.02
CA VAL A 109 21.50 -29.76 40.10
C VAL A 109 22.89 -29.41 39.59
N ASN A 110 23.61 -28.60 40.35
CA ASN A 110 24.99 -28.23 40.03
C ASN A 110 25.87 -28.81 41.14
N ASN A 111 26.38 -30.02 40.92
CA ASN A 111 27.15 -30.72 41.94
C ASN A 111 28.65 -30.41 41.81
N ALA A 112 28.93 -29.11 41.85
CA ALA A 112 30.26 -28.54 42.01
C ALA A 112 31.12 -28.65 40.76
N THR A 113 30.66 -29.35 39.74
CA THR A 113 31.41 -29.41 38.49
C THR A 113 30.58 -29.19 37.23
N ASN A 114 29.30 -29.54 37.21
CA ASN A 114 28.50 -29.47 35.99
C ASN A 114 27.04 -29.25 36.36
N VAL A 115 26.27 -28.80 35.39
CA VAL A 115 24.84 -28.59 35.56
C VAL A 115 24.14 -29.86 35.10
N VAL A 116 23.95 -30.80 36.03
CA VAL A 116 23.27 -32.05 35.72
C VAL A 116 21.79 -31.77 35.54
N ILE A 117 21.29 -31.91 34.32
CA ILE A 117 19.90 -31.59 34.00
C ILE A 117 19.19 -32.86 33.59
N LYS A 118 18.07 -33.15 34.25
CA LYS A 118 17.26 -34.32 33.95
C LYS A 118 15.79 -33.90 33.94
N VAL A 119 14.99 -34.65 33.19
CA VAL A 119 13.56 -34.38 33.08
C VAL A 119 12.72 -35.59 33.47
N CYS A 120 13.33 -36.60 34.06
CA CYS A 120 12.58 -37.76 34.51
C CYS A 120 11.61 -37.37 35.61
N GLU A 121 10.43 -38.00 35.62
CA GLU A 121 9.41 -37.71 36.60
C GLU A 121 9.80 -38.30 37.97
N PHE A 122 10.87 -37.74 38.52
CA PHE A 122 11.41 -38.21 39.79
C PHE A 122 10.49 -37.84 40.94
N GLN A 123 10.35 -38.75 41.89
CA GLN A 123 9.52 -38.55 43.08
C GLN A 123 10.45 -38.55 44.29
N PHE A 124 10.54 -37.41 44.96
CA PHE A 124 11.42 -37.28 46.12
C PHE A 124 10.62 -36.98 47.37
N ASN A 154 10.47 -43.03 33.49
CA ASN A 154 10.10 -42.60 32.15
C ASN A 154 10.92 -41.39 31.73
N CYS A 155 12.24 -41.54 31.76
CA CYS A 155 13.13 -40.45 31.39
C CYS A 155 12.96 -40.09 29.92
N THR A 156 13.06 -38.79 29.62
CA THR A 156 12.88 -38.30 28.26
C THR A 156 13.89 -37.26 27.82
N PHE A 157 14.89 -36.92 28.62
CA PHE A 157 15.97 -36.04 28.20
C PHE A 157 17.07 -36.07 29.26
N GLU A 158 18.29 -35.79 28.81
CA GLU A 158 19.41 -35.63 29.73
C GLU A 158 20.45 -34.75 29.06
N TYR A 159 21.06 -33.87 29.84
CA TYR A 159 22.15 -33.04 29.36
C TYR A 159 23.19 -32.90 30.46
N VAL A 160 24.45 -32.82 30.05
CA VAL A 160 25.57 -32.62 30.97
C VAL A 160 26.45 -31.52 30.41
N SER A 161 26.83 -30.57 31.26
CA SER A 161 27.68 -29.46 30.86
C SER A 161 29.05 -29.94 30.37
N LYS A 176 30.76 -12.00 47.03
CA LYS A 176 31.15 -10.94 46.10
C LYS A 176 30.80 -11.33 44.67
N ASN A 177 30.14 -12.46 44.51
CA ASN A 177 29.66 -12.93 43.22
C ASN A 177 28.13 -12.94 43.28
N LEU A 178 27.53 -11.82 42.90
CA LEU A 178 26.07 -11.68 42.89
C LEU A 178 25.50 -12.56 41.79
N ARG A 179 24.91 -13.68 42.17
CA ARG A 179 24.38 -14.64 41.21
C ARG A 179 22.96 -14.23 40.82
N GLU A 180 22.86 -13.53 39.69
CA GLU A 180 21.57 -13.14 39.15
C GLU A 180 21.16 -14.13 38.06
N PHE A 181 19.90 -14.54 38.08
CA PHE A 181 19.40 -15.54 37.14
C PHE A 181 17.99 -15.17 36.69
N VAL A 182 17.73 -15.36 35.40
CA VAL A 182 16.42 -15.15 34.82
C VAL A 182 15.98 -16.45 34.15
N PHE A 183 14.80 -16.93 34.49
CA PHE A 183 14.25 -18.14 33.91
C PHE A 183 12.93 -17.83 33.24
N LYS A 184 12.74 -18.39 32.04
CA LYS A 184 11.47 -18.25 31.33
C LYS A 184 11.35 -19.42 30.35
N ASN A 185 10.11 -19.70 29.96
CA ASN A 185 9.83 -20.85 29.10
C ASN A 185 8.73 -20.47 28.11
N ILE A 186 9.08 -20.46 26.83
CA ILE A 186 8.12 -20.25 25.75
C ILE A 186 8.48 -21.17 24.59
N ASP A 187 7.45 -21.67 23.90
CA ASP A 187 7.62 -22.51 22.70
C ASP A 187 8.43 -23.77 22.99
N GLY A 188 8.29 -24.31 24.21
CA GLY A 188 8.92 -25.57 24.53
C GLY A 188 10.42 -25.52 24.74
N TYR A 189 11.02 -24.34 24.76
CA TYR A 189 12.44 -24.19 25.01
C TYR A 189 12.65 -23.45 26.32
N PHE A 190 13.63 -23.90 27.10
CA PHE A 190 13.94 -23.32 28.40
C PHE A 190 15.13 -22.40 28.23
N LYS A 191 14.92 -21.11 28.50
CA LYS A 191 15.95 -20.09 28.33
C LYS A 191 16.45 -19.63 29.69
N ILE A 192 17.77 -19.59 29.84
CA ILE A 192 18.41 -19.26 31.11
C ILE A 192 19.43 -18.17 30.86
N TYR A 193 19.38 -17.12 31.69
CA TYR A 193 20.37 -16.05 31.66
C TYR A 193 21.00 -15.93 33.04
N SER A 194 22.22 -15.41 33.06
CA SER A 194 22.96 -15.31 34.32
C SER A 194 24.00 -14.20 34.20
N LYS A 195 24.61 -13.88 35.34
CA LYS A 195 25.65 -12.86 35.42
C LYS A 195 26.33 -12.96 36.78
N HIS A 196 27.65 -12.87 36.78
CA HIS A 196 28.44 -12.82 38.00
C HIS A 196 29.18 -11.48 38.02
N THR A 197 28.96 -10.69 39.06
CA THR A 197 29.55 -9.36 39.14
C THR A 197 30.22 -9.17 40.49
N PRO A 198 31.34 -8.44 40.53
CA PRO A 198 31.99 -8.17 41.82
C PRO A 198 31.46 -6.90 42.47
N ILE A 199 31.05 -7.01 43.73
CA ILE A 199 30.53 -5.89 44.49
C ILE A 199 31.17 -5.89 45.87
N ASN A 200 31.12 -4.73 46.53
CA ASN A 200 31.54 -4.58 47.92
C ASN A 200 30.33 -4.07 48.70
N LEU A 201 29.45 -5.00 49.08
CA LEU A 201 28.23 -4.69 49.80
C LEU A 201 27.55 -5.99 50.18
N VAL A 202 26.87 -6.00 51.31
CA VAL A 202 26.14 -7.18 51.77
C VAL A 202 24.70 -6.88 52.15
N ARG A 203 24.34 -5.61 52.39
CA ARG A 203 23.01 -5.31 52.91
C ARG A 203 21.93 -5.53 51.85
N ASP A 204 22.01 -4.78 50.75
CA ASP A 204 20.97 -4.83 49.73
C ASP A 204 21.62 -4.79 48.35
N LEU A 205 20.77 -4.74 47.32
CA LEU A 205 21.27 -4.75 45.95
C LEU A 205 21.96 -3.44 45.64
N PRO A 206 23.20 -3.46 45.15
CA PRO A 206 23.89 -2.22 44.80
C PRO A 206 23.22 -1.52 43.63
N GLN A 207 23.35 -0.20 43.60
CA GLN A 207 22.78 0.60 42.53
C GLN A 207 23.75 0.64 41.37
N GLY A 208 23.36 0.05 40.25
CA GLY A 208 24.21 0.01 39.08
C GLY A 208 23.50 -0.71 37.96
N PHE A 209 24.17 -0.74 36.80
CA PHE A 209 23.64 -1.38 35.61
C PHE A 209 24.50 -2.58 35.25
N SER A 210 23.87 -3.71 35.03
CA SER A 210 24.58 -4.93 34.65
C SER A 210 23.65 -5.80 33.82
N ALA A 211 24.12 -6.22 32.65
CA ALA A 211 23.34 -7.10 31.79
C ALA A 211 23.44 -8.55 32.27
N LEU A 212 22.53 -9.37 31.76
CA LEU A 212 22.50 -10.80 32.11
C LEU A 212 22.73 -11.61 30.84
N GLU A 213 23.91 -12.23 30.76
CA GLU A 213 24.28 -12.99 29.58
C GLU A 213 23.49 -14.29 29.49
N PRO A 214 23.13 -14.71 28.28
CA PRO A 214 22.53 -16.04 28.12
C PRO A 214 23.55 -17.13 28.39
N LEU A 215 23.06 -18.26 28.89
CA LEU A 215 23.90 -19.41 29.19
C LEU A 215 23.63 -20.59 28.25
N VAL A 216 22.39 -21.06 28.18
CA VAL A 216 22.06 -22.22 27.38
C VAL A 216 20.55 -22.23 27.14
N ASP A 217 20.14 -22.87 26.05
CA ASP A 217 18.74 -23.10 25.75
C ASP A 217 18.50 -24.60 25.67
N LEU A 218 17.42 -25.06 26.30
CA LEU A 218 17.16 -26.48 26.44
C LEU A 218 15.88 -26.85 25.72
N PRO A 219 15.91 -27.79 24.79
CA PRO A 219 14.70 -28.23 24.08
C PRO A 219 13.96 -29.31 24.86
N ILE A 220 13.16 -28.89 25.83
CA ILE A 220 12.42 -29.82 26.68
C ILE A 220 10.94 -29.86 26.31
N GLY A 221 10.23 -28.75 26.47
CA GLY A 221 8.82 -28.72 26.16
C GLY A 221 7.92 -29.35 27.19
N ILE A 222 7.94 -28.85 28.42
CA ILE A 222 7.11 -29.34 29.50
C ILE A 222 6.37 -28.16 30.14
N ASN A 223 5.10 -28.37 30.46
CA ASN A 223 4.32 -27.33 31.12
C ASN A 223 4.85 -27.10 32.54
N ILE A 224 4.98 -25.84 32.92
CA ILE A 224 5.49 -25.47 34.23
C ILE A 224 4.60 -24.39 34.83
N THR A 225 4.29 -24.52 36.12
CA THR A 225 3.43 -23.57 36.80
C THR A 225 4.05 -23.07 38.10
N ARG A 226 4.78 -23.93 38.80
CA ARG A 226 5.35 -23.60 40.10
C ARG A 226 6.78 -24.13 40.19
N PHE A 227 7.44 -23.78 41.29
CA PHE A 227 8.82 -24.23 41.51
C PHE A 227 9.13 -24.11 43.00
N GLN A 228 10.30 -24.64 43.36
CA GLN A 228 10.82 -24.48 44.71
C GLN A 228 12.33 -24.69 44.67
N THR A 229 13.04 -23.92 45.50
CA THR A 229 14.49 -24.00 45.53
C THR A 229 14.95 -25.22 46.31
N LEU A 230 16.22 -25.56 46.15
CA LEU A 230 16.81 -26.70 46.84
C LEU A 230 17.98 -26.26 47.70
N ALA A 253 20.57 -16.10 52.07
CA ALA A 253 19.49 -15.16 51.77
C ALA A 253 19.41 -14.89 50.27
N TYR A 254 18.21 -14.98 49.71
CA TYR A 254 17.98 -14.74 48.30
C TYR A 254 16.67 -13.98 48.10
N TYR A 255 16.41 -13.61 46.85
CA TYR A 255 15.25 -12.82 46.49
C TYR A 255 14.59 -13.41 45.25
N VAL A 256 13.30 -13.13 45.07
CA VAL A 256 12.54 -13.61 43.93
C VAL A 256 11.69 -12.46 43.40
N GLY A 257 11.59 -12.38 42.08
CA GLY A 257 10.77 -11.36 41.44
C GLY A 257 10.13 -11.90 40.18
N TYR A 258 8.98 -11.32 39.83
CA TYR A 258 8.18 -11.78 38.72
C TYR A 258 8.25 -10.79 37.56
N LEU A 259 8.52 -11.29 36.37
CA LEU A 259 8.64 -10.46 35.18
C LEU A 259 7.26 -10.02 34.69
N GLN A 260 7.24 -8.91 33.97
CA GLN A 260 6.02 -8.34 33.43
C GLN A 260 6.27 -7.85 32.00
N PRO A 261 5.24 -7.85 31.16
CA PRO A 261 5.39 -7.40 29.76
C PRO A 261 5.45 -5.88 29.62
N ARG A 262 6.63 -5.33 29.84
CA ARG A 262 6.86 -3.90 29.79
C ARG A 262 7.52 -3.51 28.47
N THR A 263 7.89 -2.24 28.35
CA THR A 263 8.58 -1.72 27.17
C THR A 263 9.76 -0.89 27.63
N PHE A 264 10.95 -1.20 27.13
CA PHE A 264 12.17 -0.53 27.54
C PHE A 264 12.81 0.17 26.34
N LEU A 265 13.77 1.06 26.66
CA LEU A 265 14.55 1.79 25.67
C LEU A 265 16.02 1.49 25.94
N LEU A 266 16.53 0.45 25.30
CA LEU A 266 17.91 0.03 25.52
C LEU A 266 18.88 0.99 24.84
N LYS A 267 20.12 0.98 25.32
CA LYS A 267 21.19 1.80 24.76
C LYS A 267 22.41 0.93 24.53
N TYR A 268 22.75 0.70 23.27
CA TYR A 268 23.94 -0.07 22.92
C TYR A 268 25.12 0.86 22.73
N ASN A 269 26.30 0.41 23.18
CA ASN A 269 27.54 1.15 22.95
C ASN A 269 28.03 0.85 21.55
N GLU A 270 29.26 1.25 21.24
CA GLU A 270 29.87 0.99 19.94
C GLU A 270 30.32 -0.45 19.80
N ASN A 271 30.36 -1.22 20.89
CA ASN A 271 30.83 -2.59 20.85
C ASN A 271 29.73 -3.62 21.03
N GLY A 272 28.46 -3.23 20.98
CA GLY A 272 27.36 -4.16 21.12
C GLY A 272 26.97 -4.51 22.54
N THR A 273 27.28 -3.66 23.52
CA THR A 273 27.01 -3.94 24.91
C THR A 273 25.95 -2.98 25.43
N ILE A 274 24.96 -3.53 26.14
CA ILE A 274 23.89 -2.72 26.72
C ILE A 274 24.45 -2.01 27.95
N THR A 275 24.35 -0.69 27.98
CA THR A 275 24.86 0.10 29.09
C THR A 275 23.80 0.88 29.85
N ASP A 276 22.61 1.08 29.27
CA ASP A 276 21.56 1.83 29.94
C ASP A 276 20.21 1.40 29.41
N ALA A 277 19.17 1.65 30.22
CA ALA A 277 17.81 1.31 29.85
C ALA A 277 16.85 2.24 30.56
N VAL A 278 15.69 2.47 29.93
CA VAL A 278 14.66 3.36 30.45
C VAL A 278 13.33 2.64 30.39
N ASP A 279 12.57 2.70 31.48
CA ASP A 279 11.23 2.11 31.54
C ASP A 279 10.24 3.15 31.03
N CYS A 280 9.59 2.85 29.90
CA CYS A 280 8.76 3.84 29.23
C CYS A 280 7.44 4.10 29.93
N ALA A 281 7.08 3.30 30.94
CA ALA A 281 5.79 3.42 31.62
C ALA A 281 5.98 3.54 33.12
N LEU A 282 6.89 4.43 33.53
CA LEU A 282 7.19 4.63 34.95
C LEU A 282 6.78 6.01 35.44
N ASP A 283 7.26 7.07 34.82
CA ASP A 283 6.99 8.43 35.24
C ASP A 283 6.91 9.32 34.00
N PRO A 284 6.33 10.51 34.12
CA PRO A 284 6.22 11.38 32.94
C PRO A 284 7.57 11.71 32.30
N LEU A 285 8.62 11.87 33.11
CA LEU A 285 9.94 12.11 32.54
C LEU A 285 10.40 10.93 31.70
N SER A 286 10.16 9.71 32.19
CA SER A 286 10.52 8.52 31.44
C SER A 286 9.72 8.42 30.15
N GLU A 287 8.43 8.78 30.21
CA GLU A 287 7.61 8.78 29.00
C GLU A 287 8.13 9.79 27.99
N THR A 288 8.55 10.96 28.46
CA THR A 288 9.13 11.96 27.57
C THR A 288 10.41 11.44 26.93
N LYS A 289 11.27 10.78 27.72
CA LYS A 289 12.47 10.19 27.15
C LYS A 289 12.14 9.15 26.10
N CYS A 290 11.14 8.31 26.37
CA CYS A 290 10.74 7.29 25.41
C CYS A 290 10.22 7.92 24.12
N THR A 291 9.42 8.98 24.25
CA THR A 291 8.88 9.65 23.06
C THR A 291 10.00 10.30 22.24
N LEU A 292 10.94 10.96 22.91
CA LEU A 292 12.01 11.65 22.19
C LEU A 292 13.12 10.71 21.73
N LYS A 293 13.14 9.47 22.19
CA LYS A 293 14.18 8.50 21.83
C LYS A 293 15.56 9.04 22.15
N SER A 294 15.69 9.64 23.32
CA SER A 294 16.96 10.20 23.77
C SER A 294 17.03 10.12 25.28
N PHE A 295 18.25 10.19 25.80
CA PHE A 295 18.49 10.12 27.23
C PHE A 295 18.69 11.48 27.88
N THR A 296 18.62 12.56 27.11
CA THR A 296 18.73 13.91 27.64
C THR A 296 17.65 14.77 27.00
N VAL A 297 17.05 15.65 27.80
CA VAL A 297 15.90 16.46 27.38
C VAL A 297 16.19 17.92 27.71
N GLU A 298 16.00 18.80 26.73
CA GLU A 298 16.12 20.23 26.95
C GLU A 298 14.84 20.79 27.56
N LYS A 299 14.90 22.05 28.00
CA LYS A 299 13.74 22.69 28.57
C LYS A 299 12.65 22.87 27.52
N GLY A 300 11.40 22.88 27.97
CA GLY A 300 10.27 23.11 27.11
C GLY A 300 9.11 22.22 27.48
N ILE A 301 8.13 22.17 26.60
CA ILE A 301 6.92 21.35 26.79
C ILE A 301 6.80 20.41 25.61
N TYR A 302 6.53 19.13 25.91
CA TYR A 302 6.43 18.09 24.90
C TYR A 302 5.16 17.30 25.12
N GLN A 303 4.46 16.99 24.03
CA GLN A 303 3.27 16.15 24.10
C GLN A 303 3.67 14.69 23.97
N THR A 304 3.12 13.84 24.83
CA THR A 304 3.47 12.43 24.87
C THR A 304 2.36 11.54 24.35
N SER A 305 1.15 11.65 24.91
CA SER A 305 0.05 10.79 24.50
C SER A 305 -1.26 11.55 24.69
N ASN A 306 -2.37 10.86 24.48
CA ASN A 306 -3.70 11.43 24.63
C ASN A 306 -4.52 10.52 25.54
N PHE A 307 -5.33 11.13 26.40
CA PHE A 307 -6.11 10.37 27.36
C PHE A 307 -7.57 10.32 26.93
N ARG A 308 -8.26 9.25 27.31
CA ARG A 308 -9.67 9.08 27.00
C ARG A 308 -10.40 8.62 28.25
N VAL A 309 -11.65 9.03 28.40
CA VAL A 309 -12.49 8.56 29.49
C VAL A 309 -13.39 7.45 28.97
N GLN A 310 -13.39 6.32 29.68
CA GLN A 310 -14.12 5.14 29.26
C GLN A 310 -15.44 5.04 30.04
N PRO A 311 -16.45 4.39 29.47
CA PRO A 311 -17.74 4.27 30.19
C PRO A 311 -17.59 3.44 31.45
N THR A 312 -18.44 3.77 32.42
CA THR A 312 -18.41 3.13 33.73
C THR A 312 -19.51 2.08 33.93
N GLU A 313 -20.70 2.30 33.38
CA GLU A 313 -21.80 1.36 33.56
C GLU A 313 -22.46 1.03 32.24
N SER A 314 -23.57 0.29 32.29
CA SER A 314 -24.35 -0.05 31.12
C SER A 314 -25.81 0.29 31.36
N ILE A 315 -26.46 0.84 30.32
CA ILE A 315 -27.84 1.27 30.40
C ILE A 315 -28.64 0.54 29.32
N VAL A 316 -29.70 -0.14 29.73
CA VAL A 316 -30.59 -0.86 28.82
C VAL A 316 -32.01 -0.37 29.05
N ARG A 317 -32.67 0.09 28.00
CA ARG A 317 -34.04 0.60 28.08
C ARG A 317 -34.86 -0.07 26.99
N PHE A 318 -35.58 -1.14 27.36
CA PHE A 318 -36.47 -1.83 26.46
C PHE A 318 -37.92 -1.65 26.89
N PRO A 319 -38.84 -1.48 25.95
CA PRO A 319 -40.24 -1.20 26.32
C PRO A 319 -40.85 -2.33 27.14
N ASN A 320 -41.71 -1.95 28.08
CA ASN A 320 -42.39 -2.91 28.95
C ASN A 320 -43.49 -3.58 28.14
N ILE A 321 -43.09 -4.52 27.29
CA ILE A 321 -44.01 -5.30 26.47
C ILE A 321 -43.87 -6.76 26.87
N THR A 322 -44.98 -7.41 27.17
CA THR A 322 -44.96 -8.78 27.63
C THR A 322 -45.85 -9.73 26.82
N ASN A 323 -46.73 -9.22 25.97
CA ASN A 323 -47.60 -10.08 25.18
C ASN A 323 -46.83 -10.66 24.02
N LEU A 324 -46.41 -11.92 24.15
CA LEU A 324 -45.77 -12.61 23.05
C LEU A 324 -46.80 -13.01 22.00
N CYS A 325 -46.68 -12.44 20.82
CA CYS A 325 -47.58 -12.80 19.74
C CYS A 325 -47.33 -14.26 19.32
N PRO A 326 -48.39 -15.00 19.00
CA PRO A 326 -48.28 -16.46 18.83
C PRO A 326 -47.61 -16.87 17.52
N PHE A 327 -46.28 -16.92 17.54
CA PHE A 327 -45.55 -17.55 16.44
C PHE A 327 -45.88 -19.02 16.31
N GLY A 328 -46.43 -19.63 17.38
CA GLY A 328 -46.88 -21.00 17.27
C GLY A 328 -47.99 -21.20 16.26
N GLU A 329 -48.90 -20.24 16.18
CA GLU A 329 -49.99 -20.35 15.21
C GLU A 329 -49.49 -20.23 13.78
N VAL A 330 -48.32 -19.64 13.56
CA VAL A 330 -47.80 -19.48 12.20
C VAL A 330 -46.66 -20.44 11.88
N PHE A 331 -46.17 -21.19 12.87
CA PHE A 331 -45.13 -22.18 12.62
C PHE A 331 -45.60 -23.61 12.83
N ASN A 332 -46.51 -23.85 13.77
CA ASN A 332 -47.00 -25.18 14.11
C ASN A 332 -48.37 -25.46 13.51
N ALA A 333 -48.80 -24.65 12.54
CA ALA A 333 -50.14 -24.80 11.98
C ALA A 333 -50.27 -26.12 11.25
N THR A 334 -51.50 -26.64 11.23
CA THR A 334 -51.75 -27.97 10.65
C THR A 334 -51.47 -27.98 9.15
N ARG A 335 -51.87 -26.92 8.45
CA ARG A 335 -51.68 -26.86 7.01
C ARG A 335 -51.43 -25.41 6.60
N PHE A 336 -50.82 -25.26 5.43
CA PHE A 336 -50.47 -23.95 4.89
C PHE A 336 -51.18 -23.73 3.55
N ALA A 337 -50.97 -22.55 2.98
CA ALA A 337 -51.54 -22.21 1.69
C ALA A 337 -50.68 -22.79 0.56
N SER A 338 -50.97 -22.36 -0.66
CA SER A 338 -50.27 -22.84 -1.83
C SER A 338 -49.24 -21.82 -2.31
N VAL A 339 -48.49 -22.19 -3.35
CA VAL A 339 -47.46 -21.31 -3.89
C VAL A 339 -48.10 -20.05 -4.47
N TYR A 340 -49.18 -20.20 -5.23
CA TYR A 340 -49.86 -19.05 -5.80
C TYR A 340 -50.65 -18.26 -4.76
N ALA A 341 -51.07 -18.90 -3.68
CA ALA A 341 -51.85 -18.25 -2.63
C ALA A 341 -51.03 -18.04 -1.37
N TRP A 342 -49.71 -17.87 -1.51
CA TRP A 342 -48.85 -17.60 -0.38
C TRP A 342 -49.35 -16.37 0.38
N ASN A 343 -49.44 -16.51 1.70
CA ASN A 343 -49.99 -15.47 2.55
C ASN A 343 -48.90 -14.89 3.45
N ARG A 344 -48.95 -13.58 3.65
CA ARG A 344 -48.01 -12.88 4.50
C ARG A 344 -48.71 -12.40 5.76
N LYS A 345 -47.97 -12.39 6.86
CA LYS A 345 -48.47 -11.95 8.16
C LYS A 345 -47.58 -10.83 8.69
N ARG A 346 -48.19 -9.70 9.00
CA ARG A 346 -47.48 -8.55 9.57
C ARG A 346 -47.50 -8.67 11.08
N ILE A 347 -46.32 -8.68 11.69
CA ILE A 347 -46.16 -8.96 13.11
C ILE A 347 -45.51 -7.77 13.78
N SER A 348 -46.09 -7.35 14.91
CA SER A 348 -45.57 -6.20 15.65
C SER A 348 -45.96 -6.33 17.11
N ASN A 349 -45.24 -5.59 17.96
CA ASN A 349 -45.52 -5.48 19.39
C ASN A 349 -45.50 -6.85 20.07
N CYS A 350 -44.33 -7.48 20.05
CA CYS A 350 -44.14 -8.77 20.70
C CYS A 350 -42.87 -8.79 21.54
N VAL A 351 -42.52 -9.97 22.05
CA VAL A 351 -41.24 -10.22 22.69
C VAL A 351 -40.56 -11.30 21.85
N ALA A 352 -39.80 -10.87 20.85
CA ALA A 352 -39.17 -11.82 19.94
C ALA A 352 -38.12 -12.65 20.68
N ASP A 353 -38.27 -13.96 20.63
CA ASP A 353 -37.41 -14.88 21.38
C ASP A 353 -36.40 -15.58 20.48
N TYR A 354 -36.86 -16.22 19.41
CA TYR A 354 -36.01 -16.97 18.49
C TYR A 354 -35.33 -18.15 19.17
N SER A 355 -35.70 -18.41 20.43
CA SER A 355 -35.22 -19.61 21.10
C SER A 355 -35.78 -20.86 20.46
N VAL A 356 -37.00 -20.78 19.91
CA VAL A 356 -37.58 -21.91 19.18
C VAL A 356 -36.72 -22.23 17.97
N LEU A 357 -36.35 -21.21 17.20
CA LEU A 357 -35.48 -21.42 16.05
C LEU A 357 -34.07 -21.83 16.47
N TYR A 358 -33.64 -21.44 17.66
CA TYR A 358 -32.33 -21.86 18.16
C TYR A 358 -32.31 -23.34 18.49
N ASN A 359 -33.31 -23.82 19.22
CA ASN A 359 -33.29 -25.18 19.74
C ASN A 359 -33.85 -26.21 18.78
N SER A 360 -34.78 -25.82 17.91
CA SER A 360 -35.36 -26.76 16.96
C SER A 360 -34.39 -27.05 15.84
N ALA A 361 -34.22 -28.33 15.53
CA ALA A 361 -33.36 -28.78 14.43
C ALA A 361 -34.15 -29.42 13.30
N SER A 362 -35.48 -29.33 13.34
CA SER A 362 -36.30 -29.94 12.30
C SER A 362 -36.12 -29.25 10.95
N PHE A 363 -35.75 -27.97 10.96
CA PHE A 363 -35.62 -27.22 9.71
C PHE A 363 -34.48 -27.77 8.87
N SER A 364 -34.68 -27.76 7.55
CA SER A 364 -33.68 -28.25 6.61
C SER A 364 -32.68 -27.14 6.25
N THR A 365 -33.20 -26.02 5.74
CA THR A 365 -32.37 -24.89 5.33
C THR A 365 -32.52 -23.77 6.34
N PHE A 366 -31.41 -23.34 6.93
CA PHE A 366 -31.37 -22.22 7.87
C PHE A 366 -30.25 -21.29 7.41
N LYS A 367 -30.57 -20.39 6.49
CA LYS A 367 -29.59 -19.45 5.96
C LYS A 367 -30.12 -18.03 6.14
N CYS A 368 -29.28 -17.16 6.69
CA CYS A 368 -29.65 -15.78 6.97
C CYS A 368 -28.80 -14.86 6.11
N TYR A 369 -29.45 -13.89 5.46
CA TYR A 369 -28.75 -13.03 4.50
C TYR A 369 -28.20 -11.78 5.16
N GLY A 370 -29.09 -10.95 5.73
CA GLY A 370 -28.67 -9.67 6.24
C GLY A 370 -28.19 -9.67 7.67
N VAL A 371 -28.52 -10.71 8.43
CA VAL A 371 -28.20 -10.78 9.85
C VAL A 371 -27.57 -12.13 10.16
N SER A 372 -26.98 -12.21 11.35
CA SER A 372 -26.46 -13.47 11.85
C SER A 372 -27.42 -14.09 12.85
N PRO A 373 -27.66 -15.40 12.77
CA PRO A 373 -28.61 -16.03 13.69
C PRO A 373 -28.23 -15.88 15.15
N THR A 374 -26.94 -15.88 15.47
CA THR A 374 -26.52 -15.74 16.86
C THR A 374 -26.92 -14.37 17.42
N LYS A 375 -26.69 -13.31 16.64
CA LYS A 375 -27.07 -11.96 17.05
C LYS A 375 -28.50 -11.64 16.60
N LEU A 376 -29.45 -12.32 17.23
CA LEU A 376 -30.86 -12.17 16.89
C LEU A 376 -31.74 -11.80 18.07
N ASN A 377 -31.35 -12.13 19.30
CA ASN A 377 -32.15 -11.75 20.46
C ASN A 377 -31.95 -10.27 20.81
N ASP A 378 -30.81 -9.70 20.47
CA ASP A 378 -30.47 -8.34 20.83
C ASP A 378 -30.98 -7.31 19.84
N LEU A 379 -31.72 -7.73 18.83
CA LEU A 379 -32.21 -6.84 17.79
C LEU A 379 -33.69 -6.57 18.00
N CYS A 380 -34.05 -5.28 18.08
CA CYS A 380 -35.45 -4.87 18.18
C CYS A 380 -35.92 -4.36 16.82
N PHE A 381 -37.00 -4.93 16.31
CA PHE A 381 -37.45 -4.70 14.95
C PHE A 381 -38.66 -3.78 14.92
N THR A 382 -38.75 -2.99 13.85
CA THR A 382 -39.92 -2.16 13.62
C THR A 382 -41.09 -2.99 13.10
N ASN A 383 -40.90 -3.64 11.95
CA ASN A 383 -41.92 -4.49 11.36
C ASN A 383 -41.25 -5.76 10.85
N VAL A 384 -42.04 -6.81 10.70
CA VAL A 384 -41.56 -8.08 10.19
C VAL A 384 -42.70 -8.79 9.48
N TYR A 385 -42.39 -9.41 8.35
CA TYR A 385 -43.37 -10.15 7.56
C TYR A 385 -43.07 -11.64 7.63
N ALA A 386 -44.14 -12.45 7.71
CA ALA A 386 -44.02 -13.90 7.74
C ALA A 386 -44.83 -14.48 6.58
N ASP A 387 -44.14 -15.00 5.58
CA ASP A 387 -44.77 -15.61 4.43
C ASP A 387 -44.81 -17.13 4.63
N SER A 388 -45.99 -17.72 4.46
CA SER A 388 -46.18 -19.14 4.68
C SER A 388 -46.91 -19.74 3.48
N PHE A 389 -46.42 -20.89 3.01
CA PHE A 389 -47.02 -21.60 1.90
C PHE A 389 -46.45 -23.02 1.89
N VAL A 390 -46.90 -23.81 0.92
CA VAL A 390 -46.43 -25.17 0.73
C VAL A 390 -45.91 -25.30 -0.70
N ILE A 391 -44.67 -25.77 -0.84
CA ILE A 391 -44.03 -25.91 -2.14
C ILE A 391 -43.35 -27.27 -2.21
N ARG A 392 -43.06 -27.72 -3.44
CA ARG A 392 -42.38 -28.98 -3.64
C ARG A 392 -40.95 -28.91 -3.10
N GLY A 393 -40.45 -30.06 -2.65
CA GLY A 393 -39.16 -30.09 -1.98
C GLY A 393 -38.00 -29.67 -2.85
N ASP A 394 -38.05 -29.99 -4.14
CA ASP A 394 -36.94 -29.64 -5.03
C ASP A 394 -36.89 -28.13 -5.33
N GLU A 395 -37.91 -27.38 -4.95
CA GLU A 395 -37.95 -25.95 -5.23
C GLU A 395 -37.47 -25.10 -4.05
N VAL A 396 -36.99 -25.72 -2.98
CA VAL A 396 -36.46 -24.95 -1.86
C VAL A 396 -35.19 -24.20 -2.25
N ARG A 397 -34.47 -24.68 -3.27
CA ARG A 397 -33.28 -23.99 -3.74
C ARG A 397 -33.61 -22.74 -4.54
N GLN A 398 -34.82 -22.69 -5.12
CA GLN A 398 -35.25 -21.53 -5.90
C GLN A 398 -35.50 -20.29 -5.05
N ILE A 399 -35.72 -20.46 -3.75
CA ILE A 399 -36.04 -19.31 -2.87
C ILE A 399 -34.71 -18.69 -2.49
N ALA A 400 -34.25 -17.75 -3.32
CA ALA A 400 -33.01 -17.05 -3.07
C ALA A 400 -32.99 -15.76 -3.88
N PRO A 401 -32.55 -14.64 -3.30
CA PRO A 401 -32.41 -13.41 -4.10
C PRO A 401 -31.39 -13.61 -5.21
N GLY A 402 -31.70 -13.04 -6.37
CA GLY A 402 -30.84 -13.16 -7.53
C GLY A 402 -30.90 -14.51 -8.22
N GLN A 403 -31.81 -15.38 -7.82
CA GLN A 403 -31.93 -16.71 -8.41
C GLN A 403 -32.94 -16.67 -9.55
N THR A 404 -32.82 -17.65 -10.46
CA THR A 404 -33.65 -17.71 -11.65
C THR A 404 -34.31 -19.07 -11.75
N GLY A 405 -35.50 -19.09 -12.36
CA GLY A 405 -36.22 -20.34 -12.53
C GLY A 405 -37.71 -20.08 -12.65
N LYS A 406 -38.46 -21.19 -12.67
CA LYS A 406 -39.91 -21.10 -12.84
C LYS A 406 -40.55 -20.35 -11.68
N ILE A 407 -40.22 -20.72 -10.45
CA ILE A 407 -40.82 -20.05 -9.29
C ILE A 407 -40.36 -18.60 -9.22
N ALA A 408 -39.05 -18.36 -9.38
CA ALA A 408 -38.53 -17.00 -9.33
C ALA A 408 -39.06 -16.14 -10.48
N ASP A 409 -39.63 -16.75 -11.50
CA ASP A 409 -40.15 -16.02 -12.64
C ASP A 409 -41.67 -15.83 -12.59
N TYR A 410 -42.40 -16.72 -11.92
CA TYR A 410 -43.86 -16.69 -12.01
C TYR A 410 -44.60 -16.77 -10.68
N ASN A 411 -43.94 -17.13 -9.58
CA ASN A 411 -44.68 -17.35 -8.34
C ASN A 411 -44.12 -16.56 -7.16
N TYR A 412 -42.80 -16.41 -7.09
CA TYR A 412 -42.18 -15.74 -5.95
C TYR A 412 -40.80 -15.24 -6.35
N LYS A 413 -40.65 -13.92 -6.40
CA LYS A 413 -39.36 -13.29 -6.69
C LYS A 413 -38.92 -12.45 -5.50
N LEU A 414 -37.68 -12.66 -5.06
CA LEU A 414 -37.16 -11.91 -3.94
C LEU A 414 -36.30 -10.73 -4.41
N PRO A 415 -36.31 -9.63 -3.68
CA PRO A 415 -35.52 -8.47 -4.09
C PRO A 415 -34.02 -8.72 -3.92
N ASP A 416 -33.23 -7.93 -4.66
CA ASP A 416 -31.78 -8.04 -4.54
C ASP A 416 -31.29 -7.56 -3.19
N ASP A 417 -32.01 -6.64 -2.56
CA ASP A 417 -31.63 -6.08 -1.27
C ASP A 417 -32.40 -6.71 -0.11
N PHE A 418 -32.71 -8.00 -0.20
CA PHE A 418 -33.44 -8.67 0.86
C PHE A 418 -32.61 -8.69 2.15
N THR A 419 -33.31 -8.51 3.28
CA THR A 419 -32.69 -8.57 4.60
C THR A 419 -33.56 -9.43 5.49
N GLY A 420 -32.92 -10.36 6.20
CA GLY A 420 -33.61 -11.28 7.08
C GLY A 420 -33.07 -12.68 6.91
N CYS A 421 -33.86 -13.65 7.36
CA CYS A 421 -33.47 -15.05 7.31
C CYS A 421 -34.61 -15.87 6.72
N VAL A 422 -34.24 -16.91 5.97
CA VAL A 422 -35.20 -17.77 5.29
C VAL A 422 -35.00 -19.19 5.79
N ILE A 423 -36.12 -19.88 6.07
CA ILE A 423 -36.10 -21.24 6.59
C ILE A 423 -37.06 -22.07 5.75
N ALA A 424 -36.82 -23.39 5.73
CA ALA A 424 -37.70 -24.35 5.03
C ALA A 424 -37.55 -25.70 5.72
N TRP A 425 -38.50 -26.02 6.60
CA TRP A 425 -38.45 -27.29 7.29
C TRP A 425 -39.06 -28.39 6.42
N ASN A 426 -39.00 -29.62 6.93
CA ASN A 426 -39.42 -30.79 6.16
C ASN A 426 -40.83 -31.21 6.56
N SER A 427 -41.67 -31.45 5.56
CA SER A 427 -43.05 -31.90 5.78
C SER A 427 -43.33 -33.06 4.82
N ASN A 428 -43.01 -34.27 5.28
CA ASN A 428 -43.20 -35.46 4.48
C ASN A 428 -44.38 -36.32 4.92
N ASN A 429 -44.69 -36.32 6.21
CA ASN A 429 -45.80 -37.10 6.76
C ASN A 429 -46.95 -36.19 7.19
N LEU A 430 -47.00 -34.97 6.66
CA LEU A 430 -48.13 -34.08 6.87
C LEU A 430 -48.88 -33.85 5.57
N ASP A 431 -48.16 -33.41 4.53
CA ASP A 431 -48.78 -33.04 3.26
C ASP A 431 -48.99 -34.24 2.34
N SER A 432 -48.38 -35.38 2.62
CA SER A 432 -48.50 -36.53 1.74
C SER A 432 -49.87 -37.16 1.87
N LYS A 433 -50.87 -36.53 1.25
CA LYS A 433 -52.23 -37.06 1.30
C LYS A 433 -52.36 -38.29 0.41
N VAL A 434 -53.09 -39.30 0.90
CA VAL A 434 -53.27 -40.52 0.14
C VAL A 434 -54.09 -40.27 -1.12
N GLY A 435 -55.06 -39.35 -1.03
CA GLY A 435 -55.92 -39.07 -2.17
C GLY A 435 -55.24 -38.39 -3.33
N GLY A 436 -54.04 -37.83 -3.11
CA GLY A 436 -53.32 -37.15 -4.16
C GLY A 436 -53.49 -35.64 -4.09
N ASN A 437 -52.39 -34.92 -3.89
CA ASN A 437 -52.43 -33.47 -3.76
C ASN A 437 -52.18 -32.84 -5.13
N TYR A 438 -53.28 -32.57 -5.84
CA TYR A 438 -53.24 -31.85 -7.10
C TYR A 438 -53.85 -30.46 -6.98
N ASN A 439 -53.95 -29.95 -5.76
CA ASN A 439 -54.48 -28.62 -5.52
C ASN A 439 -53.40 -27.54 -5.42
N TYR A 440 -52.17 -27.92 -5.11
CA TYR A 440 -51.04 -26.99 -5.12
C TYR A 440 -50.57 -26.82 -6.56
N LEU A 441 -50.75 -25.62 -7.11
CA LEU A 441 -50.57 -25.37 -8.53
C LEU A 441 -49.48 -24.30 -8.74
N TYR A 442 -49.24 -23.97 -10.00
CA TYR A 442 -48.26 -22.95 -10.36
C TYR A 442 -48.61 -22.41 -11.73
N ARG A 443 -48.47 -21.10 -11.91
CA ARG A 443 -48.78 -20.49 -13.19
C ARG A 443 -47.66 -20.75 -14.20
N LEU A 444 -48.01 -20.67 -15.49
CA LEU A 444 -47.04 -20.91 -16.55
C LEU A 444 -46.40 -19.60 -17.03
N PHE A 445 -47.22 -18.67 -17.49
CA PHE A 445 -46.72 -17.43 -18.09
C PHE A 445 -47.67 -16.27 -17.75
N ARG A 446 -47.17 -15.06 -17.92
CA ARG A 446 -47.94 -13.84 -17.63
C ARG A 446 -47.53 -12.78 -18.63
N LYS A 447 -47.88 -11.53 -18.34
CA LYS A 447 -47.53 -10.43 -19.23
C LYS A 447 -46.01 -10.27 -19.35
N SER A 448 -45.30 -10.40 -18.23
CA SER A 448 -43.85 -10.24 -18.21
C SER A 448 -43.29 -10.96 -16.99
N ASN A 449 -42.04 -10.68 -16.67
CA ASN A 449 -41.41 -11.26 -15.49
C ASN A 449 -42.09 -10.77 -14.23
N LEU A 450 -42.11 -11.63 -13.21
CA LEU A 450 -42.78 -11.32 -11.96
C LEU A 450 -42.10 -10.17 -11.24
N LYS A 451 -42.90 -9.25 -10.71
CA LYS A 451 -42.39 -8.20 -9.85
C LYS A 451 -42.06 -8.75 -8.46
N PRO A 452 -41.07 -8.19 -7.78
CA PRO A 452 -40.77 -8.65 -6.41
C PRO A 452 -41.95 -8.41 -5.49
N PHE A 453 -42.21 -9.39 -4.62
CA PHE A 453 -43.32 -9.34 -3.66
C PHE A 453 -44.63 -9.01 -4.36
N GLU A 454 -44.93 -9.77 -5.41
CA GLU A 454 -46.16 -9.60 -6.18
C GLU A 454 -46.93 -10.92 -6.17
N ARG A 455 -48.18 -10.86 -5.71
CA ARG A 455 -49.04 -12.03 -5.64
C ARG A 455 -50.02 -11.96 -6.82
N ASP A 456 -49.69 -12.68 -7.89
CA ASP A 456 -50.54 -12.74 -9.09
C ASP A 456 -51.36 -14.01 -9.06
N ILE A 457 -52.68 -13.85 -8.98
CA ILE A 457 -53.61 -14.98 -8.96
C ILE A 457 -54.49 -14.90 -10.21
N SER A 458 -53.93 -14.33 -11.28
CA SER A 458 -54.68 -14.15 -12.52
C SER A 458 -55.14 -15.49 -13.07
N THR A 459 -56.42 -15.56 -13.46
CA THR A 459 -57.00 -16.77 -14.03
C THR A 459 -57.36 -16.60 -15.50
N GLU A 460 -56.86 -15.56 -16.16
CA GLU A 460 -57.14 -15.36 -17.57
C GLU A 460 -56.46 -16.44 -18.40
N ILE A 461 -57.19 -17.00 -19.36
CA ILE A 461 -56.66 -18.07 -20.18
C ILE A 461 -55.57 -17.55 -21.09
N TYR A 462 -54.42 -18.22 -21.06
CA TYR A 462 -53.28 -17.81 -21.88
C TYR A 462 -53.15 -18.70 -23.12
N PHE A 479 -54.13 -23.13 -20.89
CA PHE A 479 -54.28 -22.84 -19.46
C PHE A 479 -52.96 -22.42 -18.83
N PRO A 480 -52.92 -21.18 -18.32
CA PRO A 480 -51.69 -20.74 -17.64
C PRO A 480 -51.40 -21.49 -16.35
N LEU A 481 -52.39 -22.17 -15.79
CA LEU A 481 -52.25 -22.85 -14.52
C LEU A 481 -52.14 -24.36 -14.74
N GLN A 482 -51.11 -24.97 -14.17
CA GLN A 482 -50.85 -26.39 -14.28
C GLN A 482 -50.95 -27.03 -12.89
N SER A 483 -50.62 -28.31 -12.81
CA SER A 483 -50.85 -29.09 -11.60
C SER A 483 -49.57 -29.75 -11.10
N TYR A 484 -49.44 -29.82 -9.78
CA TYR A 484 -48.47 -30.67 -9.10
C TYR A 484 -49.14 -31.94 -8.59
N GLY A 485 -48.31 -32.86 -8.11
CA GLY A 485 -48.80 -34.08 -7.49
C GLY A 485 -47.96 -34.49 -6.31
N PHE A 486 -48.60 -34.65 -5.15
CA PHE A 486 -47.90 -35.00 -3.92
C PHE A 486 -48.62 -36.18 -3.27
N GLN A 487 -47.91 -37.30 -3.16
CA GLN A 487 -48.42 -38.53 -2.60
C GLN A 487 -47.39 -39.12 -1.67
N PRO A 488 -47.80 -39.95 -0.71
CA PRO A 488 -46.81 -40.64 0.13
C PRO A 488 -45.85 -41.51 -0.66
N THR A 489 -46.32 -42.14 -1.75
CA THR A 489 -45.45 -42.95 -2.58
C THR A 489 -44.43 -42.12 -3.35
N ASN A 490 -44.67 -40.82 -3.49
CA ASN A 490 -43.72 -39.96 -4.20
C ASN A 490 -42.43 -39.81 -3.41
N GLY A 491 -41.34 -39.58 -4.13
CA GLY A 491 -40.03 -39.54 -3.53
C GLY A 491 -39.77 -38.27 -2.74
N VAL A 492 -38.61 -38.26 -2.08
CA VAL A 492 -38.23 -37.11 -1.26
C VAL A 492 -37.96 -35.88 -2.12
N GLY A 493 -37.38 -36.09 -3.31
CA GLY A 493 -37.11 -34.97 -4.19
C GLY A 493 -38.36 -34.23 -4.62
N TYR A 494 -39.47 -34.94 -4.79
CA TYR A 494 -40.75 -34.34 -5.10
C TYR A 494 -41.65 -34.21 -3.88
N GLN A 495 -41.13 -34.53 -2.69
CA GLN A 495 -41.93 -34.43 -1.46
C GLN A 495 -42.16 -32.96 -1.13
N PRO A 496 -43.40 -32.52 -0.99
CA PRO A 496 -43.65 -31.10 -0.70
C PRO A 496 -43.07 -30.67 0.64
N TYR A 497 -42.64 -29.42 0.71
CA TYR A 497 -42.07 -28.84 1.91
C TYR A 497 -42.81 -27.58 2.30
N ARG A 498 -42.75 -27.24 3.58
CA ARG A 498 -43.30 -25.99 4.08
C ARG A 498 -42.16 -24.99 4.28
N VAL A 499 -42.29 -23.84 3.63
CA VAL A 499 -41.24 -22.83 3.61
C VAL A 499 -41.80 -21.53 4.17
N VAL A 500 -41.03 -20.90 5.07
CA VAL A 500 -41.39 -19.61 5.64
C VAL A 500 -40.24 -18.66 5.42
N VAL A 501 -40.54 -17.50 4.85
CA VAL A 501 -39.54 -16.46 4.56
C VAL A 501 -39.80 -15.30 5.50
N LEU A 502 -38.79 -14.98 6.32
CA LEU A 502 -38.89 -13.87 7.27
C LEU A 502 -38.19 -12.66 6.69
N SER A 503 -38.95 -11.56 6.53
CA SER A 503 -38.42 -10.30 6.05
C SER A 503 -38.38 -9.32 7.22
N PHE A 504 -37.22 -8.69 7.40
CA PHE A 504 -36.99 -7.79 8.53
C PHE A 504 -37.01 -6.35 8.04
N GLU A 505 -37.81 -5.52 8.72
CA GLU A 505 -37.98 -4.11 8.35
C GLU A 505 -37.32 -3.26 9.43
N LEU A 506 -36.38 -2.43 9.01
CA LEU A 506 -35.67 -1.56 9.94
C LEU A 506 -35.91 -0.09 9.57
N PRO A 510 -39.33 4.09 14.88
CA PRO A 510 -39.34 3.45 16.20
C PRO A 510 -39.63 1.96 16.13
N ALA A 511 -38.76 1.15 16.73
CA ALA A 511 -38.93 -0.30 16.72
C ALA A 511 -40.02 -0.73 17.68
N THR A 512 -40.69 -1.83 17.34
CA THR A 512 -41.79 -2.34 18.14
C THR A 512 -41.62 -3.79 18.60
N VAL A 513 -40.74 -4.57 17.96
CA VAL A 513 -40.56 -5.96 18.34
C VAL A 513 -39.18 -6.14 18.95
N CYS A 514 -39.09 -6.03 20.28
CA CYS A 514 -37.83 -6.14 20.99
C CYS A 514 -37.64 -7.55 21.53
N GLY A 515 -36.38 -7.90 21.80
CA GLY A 515 -36.05 -9.19 22.33
C GLY A 515 -36.38 -9.30 23.81
N PRO A 516 -36.05 -10.46 24.39
CA PRO A 516 -36.35 -10.72 25.81
C PRO A 516 -35.25 -10.24 26.75
N LYS A 517 -34.89 -8.97 26.64
CA LYS A 517 -33.83 -8.38 27.43
C LYS A 517 -34.43 -7.38 28.41
N LYS A 518 -34.12 -7.57 29.70
CA LYS A 518 -34.67 -6.72 30.74
C LYS A 518 -34.02 -5.33 30.70
N SER A 519 -34.79 -4.33 31.13
CA SER A 519 -34.32 -2.95 31.16
C SER A 519 -33.60 -2.66 32.48
N THR A 520 -32.86 -1.56 32.50
CA THR A 520 -32.11 -1.13 33.65
C THR A 520 -32.59 0.26 34.10
N ASN A 521 -31.89 0.83 35.08
CA ASN A 521 -32.24 2.14 35.62
C ASN A 521 -31.58 3.23 34.78
N LEU A 522 -31.61 4.46 35.27
CA LEU A 522 -31.07 5.60 34.55
C LEU A 522 -30.08 6.36 35.43
N VAL A 523 -29.02 6.85 34.80
CA VAL A 523 -28.01 7.68 35.46
C VAL A 523 -27.80 8.92 34.60
N LYS A 524 -27.36 9.99 35.25
CA LYS A 524 -27.17 11.26 34.57
C LYS A 524 -25.86 11.90 35.01
N ASN A 525 -25.35 12.78 34.16
CA ASN A 525 -24.13 13.54 34.43
C ASN A 525 -22.94 12.62 34.72
N LYS A 526 -22.81 11.57 33.92
CA LYS A 526 -21.72 10.61 34.08
C LYS A 526 -21.55 9.82 32.80
N CYS A 527 -20.30 9.65 32.37
CA CYS A 527 -20.02 8.85 31.18
C CYS A 527 -20.50 7.42 31.39
N VAL A 528 -21.22 6.89 30.41
CA VAL A 528 -21.85 5.58 30.54
C VAL A 528 -22.20 5.08 29.15
N ASN A 529 -22.15 3.76 28.98
CA ASN A 529 -22.57 3.12 27.75
C ASN A 529 -24.06 2.80 27.83
N PHE A 530 -24.83 3.33 26.89
CA PHE A 530 -26.27 3.17 26.91
C PHE A 530 -26.73 2.26 25.77
N ASN A 531 -27.98 1.82 25.86
CA ASN A 531 -28.59 0.98 24.83
C ASN A 531 -30.09 1.31 24.80
N PHE A 532 -30.47 2.23 23.93
CA PHE A 532 -31.87 2.62 23.75
C PHE A 532 -32.43 1.83 22.58
N ASN A 533 -33.07 0.70 22.88
CA ASN A 533 -33.69 -0.15 21.88
C ASN A 533 -32.69 -0.60 20.82
N GLY A 534 -31.46 -0.88 21.25
CA GLY A 534 -30.40 -1.28 20.37
C GLY A 534 -29.48 -0.15 19.93
N LEU A 535 -29.92 1.10 20.07
CA LEU A 535 -29.08 2.24 19.73
C LEU A 535 -28.02 2.43 20.81
N THR A 536 -26.83 1.87 20.58
CA THR A 536 -25.76 1.92 21.56
C THR A 536 -24.88 3.15 21.35
N GLY A 537 -24.08 3.46 22.36
CA GLY A 537 -23.19 4.59 22.30
C GLY A 537 -22.74 4.98 23.69
N THR A 538 -21.80 5.93 23.72
CA THR A 538 -21.25 6.44 24.97
C THR A 538 -21.37 7.95 25.00
N GLY A 539 -21.55 8.49 26.20
CA GLY A 539 -21.67 9.91 26.37
C GLY A 539 -22.18 10.26 27.75
N VAL A 540 -22.53 11.52 27.92
CA VAL A 540 -23.06 12.04 29.18
C VAL A 540 -24.51 12.45 28.94
N LEU A 541 -25.42 11.91 29.74
CA LEU A 541 -26.85 12.14 29.59
C LEU A 541 -27.28 13.20 30.61
N THR A 542 -27.79 14.32 30.11
CA THR A 542 -28.28 15.40 30.95
C THR A 542 -29.71 15.77 30.54
N GLU A 543 -30.24 16.81 31.17
CA GLU A 543 -31.56 17.31 30.85
C GLU A 543 -31.44 18.60 30.05
N SER A 544 -32.16 18.66 28.92
CA SER A 544 -32.06 19.77 28.00
C SER A 544 -33.38 20.52 27.92
N ASN A 545 -33.29 21.82 27.66
CA ASN A 545 -34.45 22.69 27.57
C ASN A 545 -35.08 22.68 26.18
N LYS A 546 -34.55 21.89 25.25
CA LYS A 546 -35.14 21.79 23.93
C LYS A 546 -36.55 21.21 24.00
N LYS A 547 -37.47 21.82 23.26
CA LYS A 547 -38.83 21.34 23.15
C LYS A 547 -39.00 20.67 21.79
N PHE A 548 -39.61 19.50 21.76
CA PHE A 548 -39.87 18.81 20.51
C PHE A 548 -41.35 18.85 20.16
N LEU A 549 -41.64 18.61 18.88
CA LEU A 549 -42.99 18.31 18.48
C LEU A 549 -43.45 17.04 19.18
N PRO A 550 -44.72 16.98 19.60
CA PRO A 550 -45.18 15.85 20.43
C PRO A 550 -44.85 14.48 19.87
N PHE A 551 -44.67 14.34 18.56
CA PHE A 551 -44.26 13.08 17.98
C PHE A 551 -42.78 13.06 17.62
N GLN A 552 -42.07 14.17 17.76
CA GLN A 552 -40.65 14.19 17.51
C GLN A 552 -39.91 13.37 18.56
N GLN A 553 -38.83 12.70 18.14
CA GLN A 553 -38.08 11.81 19.02
C GLN A 553 -36.71 12.35 19.38
N PHE A 554 -35.88 12.66 18.39
CA PHE A 554 -34.51 13.08 18.66
C PHE A 554 -34.07 14.11 17.63
N GLY A 555 -32.89 14.70 17.88
CA GLY A 555 -32.32 15.67 16.99
C GLY A 555 -30.92 15.30 16.54
N ARG A 556 -30.69 15.32 15.24
CA ARG A 556 -29.40 14.96 14.66
C ARG A 556 -28.59 16.21 14.35
N ASP A 557 -27.28 16.07 14.45
CA ASP A 557 -26.35 17.10 14.01
C ASP A 557 -25.93 16.81 12.57
N ILE A 558 -24.87 17.47 12.12
CA ILE A 558 -24.48 17.42 10.71
C ILE A 558 -24.19 15.99 10.27
N ALA A 559 -23.42 15.25 11.07
CA ALA A 559 -22.85 13.96 10.66
C ALA A 559 -23.63 12.78 11.20
N ASP A 560 -24.96 12.88 11.27
CA ASP A 560 -25.80 11.82 11.83
C ASP A 560 -25.42 11.51 13.27
N THR A 561 -25.00 12.54 14.00
CA THR A 561 -24.70 12.42 15.42
C THR A 561 -25.93 12.91 16.19
N THR A 562 -26.60 11.98 16.87
CA THR A 562 -27.81 12.34 17.61
C THR A 562 -27.49 13.22 18.80
N ASP A 563 -28.37 14.19 19.06
CA ASP A 563 -28.22 15.10 20.18
C ASP A 563 -29.39 15.04 21.15
N ALA A 564 -30.20 14.00 21.07
CA ALA A 564 -31.37 13.86 21.95
C ALA A 564 -31.83 12.42 21.92
N VAL A 565 -32.69 12.07 22.88
CA VAL A 565 -33.28 10.74 22.95
C VAL A 565 -34.50 10.83 23.86
N ARG A 566 -35.43 9.89 23.68
CA ARG A 566 -36.62 9.79 24.52
C ARG A 566 -36.73 8.37 25.04
N ASP A 567 -36.85 8.22 26.35
CA ASP A 567 -36.87 6.90 26.97
C ASP A 567 -38.12 6.15 26.55
N PRO A 568 -38.01 4.87 26.21
CA PRO A 568 -39.19 4.09 25.81
C PRO A 568 -40.24 3.95 26.90
N GLN A 569 -39.87 4.11 28.16
CA GLN A 569 -40.82 3.97 29.26
C GLN A 569 -41.41 5.33 29.66
N THR A 570 -40.55 6.29 29.99
CA THR A 570 -40.97 7.63 30.36
C THR A 570 -40.45 8.59 29.30
N LEU A 571 -41.37 9.18 28.53
CA LEU A 571 -41.00 10.02 27.41
C LEU A 571 -40.41 11.33 27.93
N GLU A 572 -39.09 11.39 27.98
CA GLU A 572 -38.37 12.56 28.50
C GLU A 572 -37.29 12.96 27.51
N ILE A 573 -36.98 14.25 27.50
CA ILE A 573 -35.93 14.79 26.64
C ILE A 573 -34.59 14.71 27.38
N LEU A 574 -33.60 14.11 26.73
CA LEU A 574 -32.28 13.89 27.33
C LEU A 574 -31.21 14.37 26.37
N ASP A 575 -30.44 15.37 26.80
CA ASP A 575 -29.28 15.81 26.04
C ASP A 575 -28.15 14.79 26.15
N ILE A 576 -27.33 14.73 25.12
CA ILE A 576 -26.21 13.80 25.07
C ILE A 576 -24.98 14.53 24.53
N THR A 577 -23.85 14.36 25.21
CA THR A 577 -22.60 15.00 24.84
C THR A 577 -21.47 13.98 24.96
N PRO A 578 -20.43 14.07 24.13
CA PRO A 578 -19.34 13.11 24.20
C PRO A 578 -18.53 13.25 25.48
N CYS A 579 -17.99 12.12 25.93
CA CYS A 579 -17.11 12.11 27.09
C CYS A 579 -15.76 12.72 26.74
N SER A 580 -15.13 13.34 27.73
CA SER A 580 -13.97 14.18 27.50
C SER A 580 -12.79 13.39 26.97
N PHE A 581 -11.96 14.06 26.18
CA PHE A 581 -10.71 13.51 25.68
C PHE A 581 -9.79 14.66 25.33
N GLY A 582 -8.51 14.37 25.16
CA GLY A 582 -7.55 15.39 24.82
C GLY A 582 -6.14 14.87 24.95
N GLY A 583 -5.19 15.77 24.71
CA GLY A 583 -3.79 15.43 24.78
C GLY A 583 -3.19 15.65 26.16
N VAL A 584 -2.01 15.06 26.36
CA VAL A 584 -1.28 15.18 27.61
C VAL A 584 0.13 15.66 27.29
N SER A 585 0.57 16.71 27.98
CA SER A 585 1.89 17.29 27.75
C SER A 585 2.65 17.36 29.06
N VAL A 586 3.98 17.29 28.95
CA VAL A 586 4.87 17.29 30.11
C VAL A 586 5.75 18.52 30.02
N ILE A 587 5.77 19.31 31.09
CA ILE A 587 6.62 20.48 31.20
C ILE A 587 7.89 20.06 31.91
N THR A 588 9.03 20.31 31.28
CA THR A 588 10.29 19.81 31.80
C THR A 588 11.40 20.84 31.66
N PRO A 589 11.99 21.30 32.75
CA PRO A 589 13.19 22.14 32.66
C PRO A 589 14.37 21.33 32.13
N GLY A 590 15.47 22.02 31.89
CA GLY A 590 16.66 21.36 31.39
C GLY A 590 17.14 20.26 32.31
N THR A 591 17.37 19.07 31.74
CA THR A 591 17.81 17.94 32.55
C THR A 591 19.22 18.13 33.11
N ASN A 592 19.95 19.13 32.63
CA ASN A 592 21.25 19.48 33.22
C ASN A 592 21.12 20.31 34.47
N THR A 593 19.89 20.69 34.84
CA THR A 593 19.64 21.45 36.06
C THR A 593 18.85 20.66 37.09
N SER A 594 17.80 19.97 36.69
CA SER A 594 17.00 19.17 37.61
C SER A 594 16.24 18.12 36.80
N ASN A 595 15.45 17.32 37.51
CA ASN A 595 14.62 16.30 36.88
C ASN A 595 13.23 16.30 37.51
N GLN A 596 12.71 17.48 37.82
CA GLN A 596 11.36 17.64 38.32
C GLN A 596 10.48 18.20 37.21
N VAL A 597 9.31 17.59 37.02
CA VAL A 597 8.46 17.88 35.87
C VAL A 597 7.05 18.21 36.35
N ALA A 598 6.24 18.71 35.42
CA ALA A 598 4.84 19.00 35.64
C ALA A 598 4.03 18.45 34.46
N VAL A 599 2.77 18.17 34.73
CA VAL A 599 1.88 17.55 33.75
C VAL A 599 0.69 18.46 33.51
N LEU A 600 0.37 18.68 32.24
CA LEU A 600 -0.76 19.53 31.85
C LEU A 600 -1.75 18.69 31.06
N TYR A 601 -3.01 18.70 31.50
CA TYR A 601 -4.10 18.09 30.75
C TYR A 601 -4.77 19.18 29.92
N GLN A 602 -4.95 18.92 28.63
CA GLN A 602 -5.29 19.96 27.67
C GLN A 602 -6.80 20.06 27.50
N ASP A 603 -7.36 21.24 27.79
CA ASP A 603 -8.73 21.60 27.45
C ASP A 603 -9.75 20.65 28.09
N VAL A 604 -9.51 20.33 29.36
CA VAL A 604 -10.43 19.48 30.13
C VAL A 604 -10.57 20.04 31.54
N ASN A 605 -11.60 19.59 32.23
CA ASN A 605 -11.94 20.06 33.56
C ASN A 605 -11.18 19.25 34.62
N CYS A 606 -10.88 19.91 35.73
CA CYS A 606 -10.15 19.27 36.84
C CYS A 606 -11.10 18.44 37.71
N THR A 607 -11.79 17.52 37.06
CA THR A 607 -12.65 16.56 37.74
C THR A 607 -12.43 15.13 37.28
N GLU A 608 -11.56 14.90 36.30
CA GLU A 608 -11.33 13.58 35.72
C GLU A 608 -10.11 12.88 36.29
N VAL A 609 -9.52 13.41 37.36
CA VAL A 609 -8.35 12.80 37.98
C VAL A 609 -8.67 11.41 38.52
N ASN A 630 -1.63 21.27 44.69
CA ASN A 630 -0.69 21.33 43.58
C ASN A 630 -1.40 21.22 42.24
N VAL A 631 -2.71 20.99 42.29
CA VAL A 631 -3.54 20.89 41.10
C VAL A 631 -4.59 22.00 41.15
N PHE A 632 -4.78 22.66 40.01
CA PHE A 632 -5.73 23.77 39.94
C PHE A 632 -6.03 24.06 38.48
N GLN A 633 -7.26 24.53 38.24
CA GLN A 633 -7.70 24.81 36.88
C GLN A 633 -7.01 26.05 36.31
N THR A 634 -6.75 26.01 35.00
CA THR A 634 -6.21 27.16 34.29
C THR A 634 -6.99 27.38 33.00
N ARG A 635 -6.55 28.32 32.16
CA ARG A 635 -7.19 28.53 30.88
C ARG A 635 -6.91 27.41 29.90
N ALA A 636 -5.69 26.89 29.89
CA ALA A 636 -5.30 25.83 28.96
C ALA A 636 -5.64 24.44 29.47
N GLY A 637 -6.12 24.31 30.70
CA GLY A 637 -6.47 23.01 31.23
C GLY A 637 -6.09 22.81 32.68
N CYS A 638 -5.82 21.58 33.07
CA CYS A 638 -5.47 21.23 34.44
C CYS A 638 -3.97 21.03 34.54
N LEU A 639 -3.36 21.69 35.53
CA LEU A 639 -1.92 21.63 35.74
C LEU A 639 -1.67 20.88 37.05
N ILE A 640 -0.81 19.85 36.99
CA ILE A 640 -0.50 19.01 38.12
C ILE A 640 0.99 19.11 38.40
N GLY A 641 1.34 19.36 39.67
CA GLY A 641 2.72 19.43 40.07
C GLY A 641 3.40 20.76 39.90
N ALA A 642 2.64 21.83 39.71
CA ALA A 642 3.19 23.17 39.57
C ALA A 642 2.67 24.07 40.67
N GLU A 643 3.21 25.27 40.74
CA GLU A 643 2.87 26.24 41.77
C GLU A 643 2.34 27.52 41.13
N HIS A 644 1.26 28.06 41.69
CA HIS A 644 0.72 29.31 41.21
C HIS A 644 1.41 30.49 41.87
N VAL A 645 1.71 31.52 41.08
CA VAL A 645 2.38 32.71 41.57
C VAL A 645 1.71 33.94 40.97
N ASN A 646 1.69 35.02 41.74
CA ASN A 646 1.01 36.25 41.33
C ASN A 646 1.93 37.19 40.56
N ASN A 647 3.18 37.31 40.97
CA ASN A 647 4.09 38.27 40.35
C ASN A 647 4.39 37.85 38.91
N SER A 648 4.07 38.74 37.97
CA SER A 648 4.30 38.47 36.55
C SER A 648 5.76 38.74 36.20
N TYR A 649 6.29 37.93 35.29
CA TYR A 649 7.66 38.06 34.83
C TYR A 649 7.67 37.80 33.33
N GLU A 650 8.87 37.62 32.78
CA GLU A 650 9.01 37.25 31.38
C GLU A 650 8.55 35.81 31.17
N CYS A 651 8.25 35.48 29.91
CA CYS A 651 7.78 34.15 29.55
C CYS A 651 8.97 33.28 29.17
N ASP A 652 9.12 32.15 29.85
CA ASP A 652 10.18 31.20 29.57
C ASP A 652 9.69 29.96 28.83
N ILE A 653 8.64 29.33 29.33
CA ILE A 653 8.01 28.18 28.70
C ILE A 653 6.54 28.50 28.50
N PRO A 654 6.16 29.04 27.33
CA PRO A 654 4.75 29.33 27.09
C PRO A 654 3.91 28.06 27.08
N ILE A 655 2.73 28.16 27.69
CA ILE A 655 1.84 27.02 27.87
C ILE A 655 0.63 27.12 26.95
N GLY A 656 0.01 28.27 26.89
CA GLY A 656 -1.18 28.49 26.10
C GLY A 656 -2.08 29.49 26.78
N ALA A 657 -2.77 30.29 25.95
CA ALA A 657 -3.65 31.35 26.43
C ALA A 657 -2.91 32.31 27.36
N GLY A 658 -1.66 32.62 27.01
CA GLY A 658 -0.88 33.58 27.74
C GLY A 658 -0.28 33.09 29.05
N ILE A 659 -0.33 31.80 29.32
CA ILE A 659 0.22 31.23 30.54
C ILE A 659 1.62 30.72 30.26
N CYS A 660 2.54 30.98 31.18
CA CYS A 660 3.93 30.57 31.05
C CYS A 660 4.40 29.93 32.33
N ALA A 661 5.41 29.06 32.20
CA ALA A 661 5.97 28.33 33.34
C ALA A 661 7.47 28.53 33.39
N SER A 662 8.01 28.46 34.61
CA SER A 662 9.44 28.64 34.82
C SER A 662 9.86 27.86 36.06
N TYR A 663 11.15 27.57 36.13
CA TYR A 663 11.76 26.86 37.25
C TYR A 663 12.67 27.83 37.99
N GLN A 664 12.33 28.13 39.24
CA GLN A 664 13.05 29.14 40.01
C GLN A 664 13.15 28.69 41.46
N THR A 665 14.00 29.38 42.21
CA THR A 665 14.20 29.11 43.63
C THR A 665 13.24 29.92 44.49
N SER A 678 12.73 25.68 48.78
CA SER A 678 13.93 25.64 47.96
C SER A 678 13.67 26.16 46.57
N GLN A 679 13.60 25.25 45.60
CA GLN A 679 13.32 25.59 44.22
C GLN A 679 12.23 24.69 43.67
N SER A 680 11.41 25.24 42.79
CA SER A 680 10.28 24.51 42.23
C SER A 680 9.90 25.16 40.90
N ILE A 681 8.75 24.76 40.36
CA ILE A 681 8.24 25.25 39.08
C ILE A 681 6.99 26.07 39.35
N ILE A 682 6.86 27.19 38.63
CA ILE A 682 5.78 28.14 38.87
C ILE A 682 5.07 28.43 37.56
N ALA A 683 3.84 28.95 37.68
CA ALA A 683 3.02 29.32 36.54
C ALA A 683 2.44 30.71 36.77
N TYR A 684 2.37 31.50 35.70
CA TYR A 684 1.89 32.89 35.78
C TYR A 684 1.42 33.33 34.40
N THR A 685 1.20 34.63 34.25
CA THR A 685 0.78 35.23 32.99
C THR A 685 1.90 36.13 32.48
N MET A 686 2.22 36.01 31.19
CA MET A 686 3.38 36.67 30.63
C MET A 686 3.18 38.19 30.60
N SER A 687 4.31 38.90 30.58
CA SER A 687 4.36 40.33 30.33
C SER A 687 5.12 40.60 29.03
N LEU A 688 4.83 41.74 28.42
CA LEU A 688 5.38 42.04 27.11
C LEU A 688 6.75 42.70 27.16
N GLY A 689 7.23 43.08 28.32
CA GLY A 689 8.55 43.66 28.44
C GLY A 689 8.58 44.73 29.52
N ALA A 690 9.67 45.49 29.51
CA ALA A 690 9.87 46.53 30.51
C ALA A 690 9.19 47.83 30.08
N GLU A 691 8.44 48.44 30.99
CA GLU A 691 7.82 49.72 30.70
C GLU A 691 8.88 50.78 30.46
N ASN A 692 8.72 51.54 29.39
CA ASN A 692 9.71 52.57 29.04
C ASN A 692 9.01 53.63 28.20
N SER A 693 8.68 54.76 28.85
CA SER A 693 8.16 55.91 28.14
C SER A 693 9.29 56.86 27.78
N VAL A 694 8.98 57.83 26.93
CA VAL A 694 9.95 58.82 26.47
C VAL A 694 9.42 60.21 26.82
N ALA A 695 10.30 61.05 27.37
CA ALA A 695 9.91 62.36 27.86
C ALA A 695 9.66 63.29 26.68
N TYR A 696 8.47 63.15 26.09
CA TYR A 696 8.09 63.98 24.97
C TYR A 696 7.92 65.43 25.42
N SER A 697 8.38 66.35 24.59
CA SER A 697 8.21 67.77 24.81
C SER A 697 8.37 68.48 23.47
N ASN A 698 7.59 69.54 23.27
CA ASN A 698 7.57 70.20 21.97
C ASN A 698 8.84 70.99 21.67
N ASN A 699 9.80 71.03 22.60
CA ASN A 699 11.06 71.72 22.31
C ASN A 699 12.26 70.98 22.88
N SER A 700 12.19 69.65 22.96
CA SER A 700 13.27 68.84 23.50
C SER A 700 13.66 67.77 22.50
N ILE A 701 14.97 67.54 22.33
CA ILE A 701 15.48 66.53 21.43
C ILE A 701 16.63 65.80 22.12
N ALA A 702 16.92 64.60 21.62
CA ALA A 702 18.04 63.79 22.08
C ALA A 702 18.93 63.47 20.90
N ILE A 703 20.23 63.74 21.05
CA ILE A 703 21.21 63.56 19.97
C ILE A 703 22.26 62.57 20.45
N PRO A 704 22.55 61.52 19.69
CA PRO A 704 23.63 60.60 20.09
C PRO A 704 24.98 61.30 20.04
N THR A 705 25.87 60.85 20.93
CA THR A 705 27.23 61.37 21.01
C THR A 705 28.30 60.29 20.87
N ASN A 706 27.91 59.04 20.70
CA ASN A 706 28.85 57.94 20.55
C ASN A 706 28.10 56.79 19.89
N PHE A 707 28.86 55.88 19.28
CA PHE A 707 28.26 54.81 18.50
C PHE A 707 28.90 53.48 18.86
N THR A 708 28.47 52.43 18.17
CA THR A 708 29.05 51.12 18.31
C THR A 708 28.85 50.35 17.01
N ILE A 709 29.86 49.58 16.63
CA ILE A 709 29.81 48.76 15.42
C ILE A 709 29.39 47.37 15.83
N SER A 710 28.21 46.95 15.38
CA SER A 710 27.66 45.65 15.72
C SER A 710 27.86 44.69 14.57
N VAL A 711 27.45 43.45 14.78
CA VAL A 711 27.55 42.40 13.77
C VAL A 711 26.59 41.26 14.14
N THR A 712 25.86 40.77 13.14
CA THR A 712 24.81 39.78 13.37
C THR A 712 25.08 38.55 12.52
N THR A 713 24.10 37.64 12.50
CA THR A 713 24.22 36.39 11.75
C THR A 713 22.84 35.98 11.26
N GLU A 714 22.76 35.64 9.97
CA GLU A 714 21.52 35.19 9.36
C GLU A 714 21.77 33.88 8.62
N ILE A 715 20.85 32.93 8.76
CA ILE A 715 21.02 31.59 8.24
C ILE A 715 19.83 31.25 7.36
N LEU A 716 20.10 30.76 6.14
CA LEU A 716 19.04 30.49 5.17
C LEU A 716 19.30 29.18 4.44
N PRO A 717 18.32 28.28 4.40
CA PRO A 717 18.46 27.09 3.55
C PRO A 717 18.39 27.46 2.08
N VAL A 718 19.00 26.62 1.24
CA VAL A 718 19.03 26.87 -0.19
C VAL A 718 18.50 25.66 -0.96
N SER A 719 19.07 24.48 -0.71
CA SER A 719 18.71 23.30 -1.47
C SER A 719 18.58 22.11 -0.54
N MET A 720 17.80 21.12 -1.00
CA MET A 720 17.63 19.85 -0.30
C MET A 720 18.29 18.74 -1.11
N THR A 721 18.10 17.51 -0.64
CA THR A 721 18.79 16.37 -1.23
C THR A 721 18.00 15.81 -2.40
N LYS A 722 18.67 15.64 -3.54
CA LYS A 722 18.05 15.08 -4.72
C LYS A 722 17.96 13.57 -4.61
N THR A 723 16.85 13.01 -5.12
CA THR A 723 16.60 11.58 -5.00
C THR A 723 15.87 11.10 -6.25
N SER A 724 15.69 9.79 -6.34
CA SER A 724 15.01 9.16 -7.46
C SER A 724 14.58 7.76 -7.04
N VAL A 725 13.44 7.31 -7.58
CA VAL A 725 12.84 6.05 -7.18
C VAL A 725 12.47 5.26 -8.42
N ASP A 726 12.76 3.95 -8.39
CA ASP A 726 12.35 3.03 -9.45
C ASP A 726 11.05 2.38 -9.02
N CYS A 727 9.96 2.73 -9.72
CA CYS A 727 8.63 2.36 -9.26
C CYS A 727 8.47 0.85 -9.21
N THR A 728 8.79 0.18 -10.32
CA THR A 728 8.52 -1.24 -10.43
C THR A 728 9.37 -2.04 -9.45
N MET A 729 10.62 -1.64 -9.25
CA MET A 729 11.44 -2.37 -8.29
C MET A 729 10.98 -2.10 -6.87
N TYR A 730 10.43 -0.92 -6.60
CA TYR A 730 9.92 -0.66 -5.25
C TYR A 730 8.66 -1.45 -4.97
N ILE A 731 7.75 -1.55 -5.95
CA ILE A 731 6.42 -2.09 -5.68
C ILE A 731 6.33 -3.59 -5.98
N CYS A 732 7.03 -4.08 -7.00
CA CYS A 732 6.95 -5.45 -7.47
C CYS A 732 8.34 -6.05 -7.58
N GLY A 733 9.13 -5.88 -6.52
CA GLY A 733 10.54 -6.24 -6.55
C GLY A 733 10.84 -7.65 -6.99
N ASP A 734 11.45 -7.78 -8.18
CA ASP A 734 11.88 -9.06 -8.73
C ASP A 734 10.71 -10.04 -8.84
N SER A 735 9.75 -9.66 -9.67
CA SER A 735 8.60 -10.51 -9.94
C SER A 735 8.03 -10.15 -11.30
N THR A 736 7.24 -11.08 -11.84
CA THR A 736 6.62 -10.91 -13.15
C THR A 736 5.11 -10.75 -13.07
N GLU A 737 4.44 -11.56 -12.26
CA GLU A 737 3.00 -11.44 -12.10
C GLU A 737 2.62 -10.07 -11.55
N CYS A 738 3.39 -9.58 -10.57
CA CYS A 738 3.08 -8.29 -9.98
C CYS A 738 3.24 -7.17 -11.01
N SER A 739 4.27 -7.25 -11.85
CA SER A 739 4.44 -6.25 -12.90
C SER A 739 3.30 -6.33 -13.92
N ASN A 740 2.89 -7.54 -14.28
CA ASN A 740 1.78 -7.69 -15.23
C ASN A 740 0.50 -7.09 -14.66
N LEU A 741 0.24 -7.32 -13.37
CA LEU A 741 -0.91 -6.69 -12.74
C LEU A 741 -0.77 -5.17 -12.70
N LEU A 742 0.44 -4.67 -12.41
CA LEU A 742 0.67 -3.24 -12.36
C LEU A 742 0.49 -2.58 -13.72
N LEU A 743 0.66 -3.34 -14.80
CA LEU A 743 0.43 -2.78 -16.13
C LEU A 743 -0.98 -2.22 -16.30
N GLN A 744 -1.95 -2.68 -15.51
CA GLN A 744 -3.34 -2.28 -15.63
C GLN A 744 -3.64 -0.95 -14.96
N TYR A 745 -2.63 -0.13 -14.66
CA TYR A 745 -2.86 1.13 -13.96
C TYR A 745 -2.41 2.36 -14.74
N GLY A 746 -1.63 2.22 -15.80
CA GLY A 746 -1.36 3.33 -16.69
C GLY A 746 -0.05 4.03 -16.39
N SER A 747 -0.11 5.35 -16.29
CA SER A 747 1.08 6.21 -16.32
C SER A 747 1.48 6.73 -14.94
N PHE A 748 1.11 6.03 -13.87
CA PHE A 748 1.40 6.50 -12.53
C PHE A 748 2.90 6.59 -12.29
N CYS A 749 3.65 5.55 -12.69
CA CYS A 749 5.09 5.57 -12.49
C CYS A 749 5.76 6.68 -13.28
N THR A 750 5.34 6.87 -14.53
CA THR A 750 5.92 7.94 -15.34
C THR A 750 5.65 9.29 -14.70
N GLN A 751 4.44 9.49 -14.16
CA GLN A 751 4.14 10.74 -13.48
C GLN A 751 5.06 10.95 -12.29
N LEU A 752 5.24 9.91 -11.48
CA LEU A 752 6.09 10.03 -10.29
C LEU A 752 7.53 10.36 -10.67
N ASN A 753 8.06 9.65 -11.67
CA ASN A 753 9.43 9.88 -12.10
C ASN A 753 9.61 11.29 -12.66
N ARG A 754 8.64 11.76 -13.44
CA ARG A 754 8.72 13.10 -13.99
C ARG A 754 8.72 14.14 -12.88
N ALA A 755 7.87 13.95 -11.87
CA ALA A 755 7.82 14.90 -10.75
C ALA A 755 9.16 14.94 -10.03
N LEU A 756 9.73 13.78 -9.74
CA LEU A 756 11.00 13.73 -9.01
C LEU A 756 12.13 14.36 -9.83
N THR A 757 12.14 14.10 -11.14
CA THR A 757 13.15 14.71 -12.01
C THR A 757 13.03 16.22 -12.01
N GLY A 758 11.81 16.74 -12.08
CA GLY A 758 11.61 18.18 -12.00
C GLY A 758 12.13 18.75 -10.70
N ILE A 759 11.88 18.06 -9.59
CA ILE A 759 12.37 18.53 -8.29
C ILE A 759 13.89 18.61 -8.29
N ALA A 760 14.55 17.56 -8.78
CA ALA A 760 16.02 17.55 -8.78
C ALA A 760 16.60 18.67 -9.63
N VAL A 761 16.04 18.85 -10.83
CA VAL A 761 16.50 19.95 -11.70
C VAL A 761 16.31 21.28 -11.00
N GLU A 762 15.19 21.45 -10.29
CA GLU A 762 14.94 22.70 -9.58
C GLU A 762 15.99 22.93 -8.49
N GLN A 763 16.38 21.86 -7.79
CA GLN A 763 17.40 22.01 -6.76
C GLN A 763 18.70 22.52 -7.35
N ASP A 764 19.14 21.91 -8.44
CA ASP A 764 20.38 22.38 -9.06
C ASP A 764 20.23 23.81 -9.55
N LYS A 765 19.06 24.14 -10.11
CA LYS A 765 18.82 25.48 -10.63
C LYS A 765 18.90 26.53 -9.53
N ASN A 766 18.31 26.25 -8.37
CA ASN A 766 18.30 27.29 -7.34
C ASN A 766 19.67 27.42 -6.66
N THR A 767 20.43 26.32 -6.56
CA THR A 767 21.81 26.48 -6.11
C THR A 767 22.61 27.35 -7.06
N GLN A 768 22.45 27.12 -8.37
CA GLN A 768 23.13 27.96 -9.35
C GLN A 768 22.69 29.41 -9.22
N GLU A 769 21.39 29.63 -9.04
CA GLU A 769 20.87 30.99 -8.95
C GLU A 769 21.43 31.73 -7.74
N VAL A 770 21.52 31.05 -6.60
CA VAL A 770 21.99 31.74 -5.39
C VAL A 770 23.48 32.01 -5.47
N PHE A 771 24.27 31.08 -6.01
CA PHE A 771 25.72 31.23 -5.86
C PHE A 771 26.44 31.76 -7.10
N ALA A 772 26.03 31.39 -8.31
CA ALA A 772 26.76 31.74 -9.52
C ALA A 772 26.20 33.06 -10.07
N GLN A 773 26.67 34.17 -9.50
CA GLN A 773 26.24 35.49 -9.93
C GLN A 773 27.35 36.32 -10.56
N VAL A 774 28.59 36.12 -10.15
CA VAL A 774 29.74 36.77 -10.76
C VAL A 774 30.55 35.70 -11.49
N LYS A 775 31.01 36.03 -12.70
CA LYS A 775 31.72 35.06 -13.53
C LYS A 775 33.23 35.19 -13.43
N GLN A 776 33.75 36.33 -12.97
CA GLN A 776 35.18 36.50 -12.79
C GLN A 776 35.63 35.72 -11.57
N ILE A 777 36.95 35.64 -11.38
CA ILE A 777 37.55 35.00 -10.22
C ILE A 777 38.64 35.94 -9.72
N TYR A 778 38.41 36.58 -8.58
CA TYR A 778 39.34 37.56 -8.03
C TYR A 778 40.22 36.92 -6.97
N LYS A 779 41.32 37.60 -6.66
CA LYS A 779 42.25 37.13 -5.64
C LYS A 779 42.62 38.29 -4.72
N THR A 780 42.84 37.96 -3.45
CA THR A 780 43.24 38.95 -2.47
C THR A 780 44.72 39.32 -2.65
N PRO A 781 45.09 40.54 -2.28
CA PRO A 781 46.49 40.93 -2.41
C PRO A 781 47.37 40.06 -1.52
N PRO A 782 48.62 39.81 -1.94
CA PRO A 782 49.51 38.97 -1.11
C PRO A 782 49.80 39.58 0.25
N ILE A 783 49.83 40.90 0.36
CA ILE A 783 50.08 41.58 1.62
C ILE A 783 48.76 42.12 2.14
N LYS A 784 48.42 41.75 3.38
CA LYS A 784 47.13 42.11 3.98
C LYS A 784 47.32 43.36 4.84
N ASP A 785 47.38 44.51 4.17
CA ASP A 785 47.48 45.80 4.84
C ASP A 785 46.21 46.58 4.52
N PHE A 786 45.25 46.51 5.44
CA PHE A 786 43.95 47.14 5.27
C PHE A 786 43.71 48.27 6.27
N GLY A 787 44.78 48.91 6.73
CA GLY A 787 44.63 50.00 7.68
C GLY A 787 44.07 49.60 9.02
N GLY A 788 44.42 48.43 9.53
CA GLY A 788 43.99 47.97 10.83
C GLY A 788 42.87 46.95 10.81
N PHE A 789 42.20 46.78 9.68
CA PHE A 789 41.09 45.84 9.60
C PHE A 789 41.61 44.43 9.40
N ASN A 790 41.03 43.48 10.15
CA ASN A 790 41.50 42.11 10.21
C ASN A 790 40.43 41.19 9.62
N PHE A 791 40.74 40.55 8.50
CA PHE A 791 39.81 39.65 7.83
C PHE A 791 40.28 38.19 7.86
N SER A 792 41.19 37.86 8.78
CA SER A 792 41.76 36.51 8.81
C SER A 792 40.70 35.47 9.10
N GLN A 793 39.62 35.84 9.78
CA GLN A 793 38.62 34.88 10.19
C GLN A 793 37.66 34.47 9.08
N ILE A 794 37.63 35.22 7.97
CA ILE A 794 36.66 34.95 6.92
C ILE A 794 37.36 34.58 5.62
N LEU A 795 38.60 35.04 5.46
CA LEU A 795 39.34 34.69 4.26
C LEU A 795 39.83 33.24 4.36
N PRO A 796 39.97 32.56 3.22
CA PRO A 796 40.47 31.18 3.25
C PRO A 796 41.91 31.10 3.71
N ASP A 797 42.24 29.99 4.36
CA ASP A 797 43.61 29.71 4.78
C ASP A 797 44.19 28.62 3.89
N PRO A 798 45.38 28.82 3.33
CA PRO A 798 45.93 27.84 2.38
C PRO A 798 46.46 26.58 3.04
N SER A 799 46.65 26.57 4.37
CA SER A 799 47.25 25.42 5.03
C SER A 799 46.36 24.18 4.91
N LYS A 800 45.05 24.35 5.07
CA LYS A 800 44.16 23.21 5.05
C LYS A 800 44.04 22.65 3.63
N PRO A 801 43.81 21.34 3.49
CA PRO A 801 43.60 20.78 2.15
C PRO A 801 42.41 21.38 1.43
N SER A 802 41.35 21.70 2.16
CA SER A 802 40.22 22.44 1.62
C SER A 802 40.37 23.90 2.01
N LYS A 803 40.39 24.78 1.01
CA LYS A 803 40.62 26.20 1.26
C LYS A 803 39.37 26.85 1.86
N ARG A 804 39.04 26.49 3.09
CA ARG A 804 37.86 27.00 3.78
C ARG A 804 38.29 27.82 4.99
N SER A 805 37.57 28.91 5.22
CA SER A 805 37.87 29.78 6.35
C SER A 805 37.57 29.07 7.66
N PRO A 806 38.14 29.55 8.77
CA PRO A 806 37.83 28.93 10.06
C PRO A 806 36.35 28.90 10.40
N ILE A 807 35.61 29.96 10.07
CA ILE A 807 34.18 29.97 10.35
C ILE A 807 33.46 28.93 9.50
N GLU A 808 33.86 28.81 8.23
CA GLU A 808 33.28 27.78 7.37
C GLU A 808 33.57 26.39 7.92
N ASP A 809 34.78 26.18 8.43
CA ASP A 809 35.13 24.89 9.03
C ASP A 809 34.26 24.60 10.24
N LEU A 810 34.08 25.60 11.11
CA LEU A 810 33.24 25.41 12.29
C LEU A 810 31.81 25.09 11.88
N LEU A 811 31.30 25.77 10.85
CA LEU A 811 29.95 25.47 10.37
C LEU A 811 29.86 24.07 9.80
N PHE A 812 30.88 23.65 9.05
CA PHE A 812 30.85 22.33 8.44
C PHE A 812 30.93 21.22 9.50
N ASN A 813 31.63 21.46 10.60
CA ASN A 813 31.73 20.45 11.65
C ASN A 813 30.41 20.23 12.37
N LYS A 814 29.73 21.29 12.80
CA LYS A 814 28.54 21.16 13.62
C LYS A 814 27.38 20.48 12.91
N VAL A 815 27.16 20.80 11.64
CA VAL A 815 26.05 20.23 10.90
C VAL A 815 26.37 18.78 10.54
N THR A 816 25.49 17.87 10.92
CA THR A 816 25.70 16.44 10.67
C THR A 816 24.76 15.91 9.61
N PHE A 844 18.02 1.78 0.26
CA PHE A 844 18.41 1.40 -1.09
C PHE A 844 17.55 0.26 -1.61
N ASN A 845 16.26 0.29 -1.27
CA ASN A 845 15.31 -0.72 -1.73
C ASN A 845 14.61 -0.28 -3.01
N GLY A 846 15.41 0.05 -4.03
CA GLY A 846 14.88 0.55 -5.29
C GLY A 846 14.96 2.05 -5.44
N LEU A 847 15.54 2.76 -4.49
CA LEU A 847 15.65 4.20 -4.52
C LEU A 847 17.11 4.60 -4.34
N THR A 848 17.49 5.71 -4.98
CA THR A 848 18.87 6.16 -4.97
C THR A 848 18.92 7.64 -4.62
N VAL A 849 20.13 8.12 -4.38
CA VAL A 849 20.40 9.52 -4.06
C VAL A 849 21.43 10.03 -5.05
N LEU A 850 21.19 11.21 -5.61
CA LEU A 850 22.08 11.75 -6.61
C LEU A 850 22.99 12.81 -6.01
N PRO A 851 24.15 13.03 -6.60
CA PRO A 851 25.05 14.06 -6.09
C PRO A 851 24.73 15.42 -6.68
N PRO A 852 25.02 16.50 -5.96
CA PRO A 852 24.84 17.84 -6.52
C PRO A 852 25.81 18.10 -7.65
N LEU A 853 25.39 18.95 -8.59
CA LEU A 853 26.23 19.28 -9.73
C LEU A 853 27.45 20.09 -9.31
N LEU A 854 27.25 21.08 -8.43
CA LEU A 854 28.33 21.92 -7.95
C LEU A 854 28.90 21.34 -6.66
N THR A 855 30.21 21.23 -6.59
CA THR A 855 30.87 20.67 -5.42
C THR A 855 31.19 21.75 -4.40
N ASP A 856 31.52 21.30 -3.20
CA ASP A 856 31.82 22.22 -2.10
C ASP A 856 33.03 23.09 -2.41
N GLU A 857 34.05 22.53 -3.07
CA GLU A 857 35.21 23.33 -3.42
C GLU A 857 34.84 24.44 -4.39
N MET A 858 33.98 24.14 -5.37
CA MET A 858 33.54 25.17 -6.31
C MET A 858 32.73 26.25 -5.60
N ILE A 859 31.84 25.85 -4.68
CA ILE A 859 31.06 26.83 -3.95
C ILE A 859 31.96 27.71 -3.09
N ALA A 860 32.98 27.11 -2.46
CA ALA A 860 33.92 27.88 -1.67
C ALA A 860 34.72 28.84 -2.55
N GLN A 861 35.09 28.42 -3.75
CA GLN A 861 35.77 29.31 -4.67
C GLN A 861 34.89 30.50 -5.06
N TYR A 862 33.61 30.23 -5.33
CA TYR A 862 32.67 31.32 -5.62
C TYR A 862 32.61 32.30 -4.46
N THR A 863 32.49 31.79 -3.24
CA THR A 863 32.40 32.67 -2.07
C THR A 863 33.68 33.47 -1.89
N SER A 864 34.84 32.84 -2.08
CA SER A 864 36.11 33.55 -1.95
C SER A 864 36.23 34.65 -3.00
N ALA A 865 35.78 34.37 -4.23
CA ALA A 865 35.80 35.40 -5.26
C ALA A 865 34.91 36.57 -4.88
N LEU A 866 33.72 36.28 -4.34
CA LEU A 866 32.83 37.36 -3.91
C LEU A 866 33.48 38.20 -2.82
N LEU A 867 34.10 37.54 -1.84
CA LEU A 867 34.72 38.27 -0.73
C LEU A 867 35.88 39.13 -1.22
N ALA A 868 36.74 38.57 -2.07
CA ALA A 868 37.88 39.32 -2.57
C ALA A 868 37.44 40.52 -3.39
N GLY A 869 36.48 40.32 -4.29
CA GLY A 869 35.97 41.43 -5.07
C GLY A 869 35.38 42.51 -4.19
N THR A 870 34.59 42.11 -3.19
CA THR A 870 34.02 43.09 -2.27
C THR A 870 35.10 43.91 -1.60
N ILE A 871 36.08 43.23 -0.99
CA ILE A 871 37.10 43.94 -0.21
C ILE A 871 37.91 44.87 -1.11
N THR A 872 38.29 44.41 -2.29
CA THR A 872 39.18 45.21 -3.13
C THR A 872 38.47 46.26 -3.97
N SER A 873 37.15 46.18 -4.15
CA SER A 873 36.50 47.14 -5.03
C SER A 873 35.40 47.94 -4.36
N GLY A 874 34.53 47.29 -3.59
CA GLY A 874 33.33 47.95 -3.10
C GLY A 874 32.10 47.37 -3.74
N TRP A 875 31.23 48.24 -4.28
CA TRP A 875 30.06 47.77 -5.01
C TRP A 875 30.26 47.91 -6.52
N THR A 876 31.45 48.23 -6.98
CA THR A 876 31.71 48.51 -8.37
C THR A 876 31.73 47.27 -9.24
N PHE A 877 32.18 46.13 -8.73
CA PHE A 877 32.31 44.94 -9.55
C PHE A 877 30.99 44.24 -9.80
N GLY A 878 29.91 44.67 -9.14
CA GLY A 878 28.58 44.17 -9.42
C GLY A 878 27.83 44.95 -10.47
N ALA A 879 28.43 45.98 -11.07
CA ALA A 879 27.76 46.80 -12.06
C ALA A 879 28.60 47.05 -13.30
N GLY A 880 29.75 46.41 -13.44
CA GLY A 880 30.60 46.59 -14.58
C GLY A 880 32.02 46.14 -14.33
N PRO A 881 32.99 46.92 -14.81
CA PRO A 881 34.41 46.60 -14.56
C PRO A 881 34.80 46.95 -13.13
N ALA A 882 35.49 46.04 -12.47
CA ALA A 882 35.92 46.26 -11.10
C ALA A 882 36.95 47.38 -11.04
N LEU A 883 36.82 48.26 -10.05
CA LEU A 883 37.73 49.37 -9.85
C LEU A 883 38.24 49.34 -8.42
N GLN A 884 39.53 49.59 -8.25
CA GLN A 884 40.12 49.53 -6.92
C GLN A 884 39.93 50.85 -6.18
N ILE A 885 39.87 50.75 -4.87
CA ILE A 885 39.78 51.90 -3.97
C ILE A 885 40.23 51.44 -2.60
N PRO A 886 41.03 52.22 -1.87
CA PRO A 886 41.47 51.79 -0.55
C PRO A 886 40.30 51.57 0.41
N PHE A 887 40.47 50.57 1.28
CA PHE A 887 39.42 50.16 2.20
C PHE A 887 38.96 51.25 3.15
N PRO A 888 39.84 52.06 3.75
CA PRO A 888 39.34 53.18 4.57
C PRO A 888 38.45 54.14 3.77
N MET A 889 38.77 54.40 2.51
CA MET A 889 37.92 55.29 1.72
C MET A 889 36.60 54.62 1.38
N GLN A 890 36.61 53.31 1.12
CA GLN A 890 35.34 52.60 0.90
C GLN A 890 34.47 52.66 2.16
N MET A 891 35.10 52.47 3.33
CA MET A 891 34.37 52.63 4.58
C MET A 891 33.83 54.04 4.73
N ALA A 892 34.61 55.05 4.35
CA ALA A 892 34.15 56.44 4.46
C ALA A 892 32.93 56.68 3.60
N TYR A 893 32.93 56.15 2.37
CA TYR A 893 31.77 56.35 1.51
C TYR A 893 30.54 55.60 2.02
N ARG A 894 30.70 54.33 2.43
CA ARG A 894 29.58 53.62 3.01
C ARG A 894 29.11 54.26 4.31
N PHE A 895 29.99 55.01 4.96
CA PHE A 895 29.68 55.65 6.24
C PHE A 895 28.92 56.94 6.01
N ASN A 896 29.27 57.65 4.93
CA ASN A 896 28.50 58.76 4.41
C ASN A 896 27.19 58.33 3.78
N GLY A 897 27.02 57.04 3.51
CA GLY A 897 25.80 56.56 2.92
C GLY A 897 24.63 56.39 3.88
N ILE A 898 24.82 56.68 5.16
CA ILE A 898 23.75 56.61 6.15
C ILE A 898 23.53 57.93 6.87
N GLY A 899 24.24 58.99 6.51
CA GLY A 899 23.97 60.30 7.05
C GLY A 899 24.96 60.82 8.06
N VAL A 900 26.18 60.29 8.05
CA VAL A 900 27.26 60.76 8.92
C VAL A 900 28.44 61.16 8.05
N THR A 901 29.01 62.33 8.32
CA THR A 901 30.12 62.80 7.52
C THR A 901 31.35 61.94 7.75
N GLN A 902 32.26 61.98 6.77
CA GLN A 902 33.40 61.06 6.72
C GLN A 902 34.52 61.41 7.70
N ASN A 903 34.57 62.67 8.15
CA ASN A 903 35.62 63.04 9.10
C ASN A 903 35.51 62.24 10.39
N VAL A 904 34.30 61.81 10.75
CA VAL A 904 34.11 60.99 11.94
C VAL A 904 34.93 59.72 11.85
N LEU A 905 34.82 59.01 10.72
CA LEU A 905 35.59 57.79 10.55
C LEU A 905 37.07 58.09 10.38
N TYR A 906 37.41 59.15 9.64
CA TYR A 906 38.82 59.49 9.47
C TYR A 906 39.48 59.87 10.78
N GLU A 907 38.70 60.21 11.81
CA GLU A 907 39.26 60.52 13.12
C GLU A 907 39.06 59.41 14.15
N ASN A 908 38.24 58.40 13.87
CA ASN A 908 38.07 57.29 14.80
C ASN A 908 38.35 55.95 14.13
N GLN A 909 39.22 55.96 13.11
CA GLN A 909 39.55 54.75 12.36
C GLN A 909 40.03 53.62 13.26
N LYS A 910 40.99 53.90 14.15
CA LYS A 910 41.58 52.82 14.93
C LYS A 910 40.56 52.21 15.90
N LEU A 911 39.77 53.05 16.56
CA LEU A 911 38.74 52.54 17.45
C LEU A 911 37.71 51.70 16.69
N ILE A 912 37.32 52.16 15.50
CA ILE A 912 36.37 51.40 14.69
C ILE A 912 36.95 50.05 14.31
N ALA A 913 38.23 50.03 13.92
CA ALA A 913 38.87 48.76 13.57
C ALA A 913 38.91 47.80 14.75
N ASN A 914 39.24 48.32 15.93
CA ASN A 914 39.26 47.47 17.13
C ASN A 914 37.88 46.89 17.41
N GLN A 915 36.84 47.73 17.32
CA GLN A 915 35.48 47.24 17.55
C GLN A 915 35.10 46.15 16.54
N PHE A 916 35.46 46.36 15.27
CA PHE A 916 35.13 45.38 14.25
C PHE A 916 35.82 44.04 14.51
N ASN A 917 37.11 44.09 14.87
CA ASN A 917 37.84 42.85 15.14
C ASN A 917 37.25 42.11 16.34
N SER A 918 36.98 42.84 17.42
CA SER A 918 36.37 42.21 18.59
C SER A 918 35.01 41.61 18.24
N ALA A 919 34.25 42.30 17.39
CA ALA A 919 32.95 41.80 16.98
C ALA A 919 33.08 40.47 16.21
N ILE A 920 34.05 40.39 15.31
CA ILE A 920 34.26 39.14 14.57
C ILE A 920 34.62 38.00 15.52
N GLY A 921 35.53 38.28 16.45
CA GLY A 921 35.91 37.25 17.42
C GLY A 921 34.72 36.76 18.22
N LYS A 922 33.91 37.69 18.71
CA LYS A 922 32.73 37.31 19.48
C LYS A 922 31.73 36.54 18.62
N ILE A 923 31.63 36.86 17.33
CA ILE A 923 30.78 36.06 16.44
C ILE A 923 31.22 34.61 16.44
N GLN A 924 32.52 34.38 16.23
CA GLN A 924 32.98 32.99 16.19
C GLN A 924 32.68 32.30 17.52
N ASP A 925 33.00 32.97 18.62
CA ASP A 925 32.80 32.36 19.94
C ASP A 925 31.33 32.03 20.18
N SER A 926 30.44 32.99 19.94
CA SER A 926 29.02 32.80 20.23
C SER A 926 28.42 31.74 19.32
N LEU A 927 28.79 31.76 18.03
CA LEU A 927 28.26 30.76 17.12
C LEU A 927 28.68 29.36 17.53
N SER A 928 29.94 29.20 17.96
CA SER A 928 30.37 27.91 18.46
C SER A 928 29.63 27.52 19.74
N SER A 929 29.44 28.49 20.65
CA SER A 929 28.95 28.16 21.99
C SER A 929 27.46 27.85 21.99
N THR A 930 26.69 28.55 21.16
CA THR A 930 25.24 28.39 21.19
C THR A 930 24.87 26.93 20.92
N PRO A 931 23.97 26.34 21.72
CA PRO A 931 23.67 24.92 21.53
C PRO A 931 23.04 24.59 20.19
N SER A 932 21.97 25.30 19.82
CA SER A 932 21.26 25.03 18.57
C SER A 932 21.06 26.35 17.81
N ALA A 933 22.07 26.72 17.03
CA ALA A 933 21.96 27.86 16.13
C ALA A 933 21.79 27.45 14.68
N LEU A 934 22.09 26.19 14.34
CA LEU A 934 22.00 25.70 12.97
C LEU A 934 20.75 24.85 12.77
N GLY A 935 19.68 25.14 13.50
CA GLY A 935 18.46 24.36 13.38
C GLY A 935 17.83 24.47 12.00
N LYS A 936 17.97 25.62 11.37
CA LYS A 936 17.32 25.84 10.08
C LYS A 936 17.88 24.94 8.99
N LEU A 937 19.04 24.34 9.23
CA LEU A 937 19.63 23.36 8.32
C LEU A 937 19.53 21.94 8.85
N GLN A 938 19.70 21.79 10.17
CA GLN A 938 19.57 20.47 10.78
C GLN A 938 18.18 19.91 10.57
N ASP A 939 17.15 20.78 10.57
CA ASP A 939 15.80 20.30 10.34
C ASP A 939 15.60 19.86 8.91
N VAL A 940 16.27 20.51 7.94
CA VAL A 940 16.22 20.03 6.56
C VAL A 940 16.76 18.61 6.48
N VAL A 941 17.94 18.41 7.07
CA VAL A 941 18.54 17.07 7.04
C VAL A 941 17.63 16.06 7.72
N ASN A 942 17.08 16.42 8.87
CA ASN A 942 16.23 15.50 9.62
C ASN A 942 14.96 15.17 8.85
N GLN A 943 14.35 16.16 8.20
CA GLN A 943 13.14 15.90 7.45
C GLN A 943 13.40 14.95 6.30
N ASN A 944 14.50 15.16 5.57
CA ASN A 944 14.84 14.21 4.50
C ASN A 944 15.01 12.80 5.06
N ALA A 945 15.75 12.68 6.16
CA ALA A 945 16.00 11.36 6.74
C ALA A 945 14.70 10.70 7.17
N GLN A 946 13.82 11.45 7.84
CA GLN A 946 12.57 10.88 8.32
C GLN A 946 11.67 10.45 7.17
N ALA A 947 11.60 11.26 6.12
CA ALA A 947 10.77 10.88 4.97
C ALA A 947 11.27 9.59 4.35
N LEU A 948 12.59 9.49 4.12
CA LEU A 948 13.12 8.27 3.52
C LEU A 948 12.92 7.07 4.43
N ASN A 949 13.11 7.25 5.75
CA ASN A 949 12.95 6.15 6.69
C ASN A 949 11.52 5.65 6.70
N THR A 950 10.55 6.56 6.72
CA THR A 950 9.14 6.15 6.70
C THR A 950 8.82 5.42 5.40
N LEU A 951 9.32 5.93 4.27
CA LEU A 951 9.06 5.27 3.00
C LEU A 951 9.60 3.84 3.00
N VAL A 952 10.82 3.65 3.53
CA VAL A 952 11.38 2.30 3.60
C VAL A 952 10.56 1.42 4.53
N LYS A 953 10.22 1.94 5.71
CA LYS A 953 9.50 1.14 6.70
C LYS A 953 8.11 0.74 6.24
N GLN A 954 7.52 1.48 5.30
CA GLN A 954 6.19 1.15 4.84
C GLN A 954 6.11 -0.18 4.10
N LEU A 955 7.24 -0.78 3.73
CA LEU A 955 7.23 -2.00 2.94
C LEU A 955 6.86 -3.24 3.75
N SER A 956 6.78 -3.16 5.07
CA SER A 956 6.54 -4.32 5.91
C SER A 956 5.09 -4.44 6.36
N SER A 957 4.19 -3.65 5.81
CA SER A 957 2.78 -3.69 6.17
C SER A 957 2.01 -4.50 5.13
N ASN A 958 1.19 -5.44 5.60
CA ASN A 958 0.48 -6.33 4.69
C ASN A 958 -0.76 -5.70 4.08
N PHE A 959 -1.23 -4.57 4.62
CA PHE A 959 -2.37 -3.83 4.05
C PHE A 959 -3.60 -4.73 3.91
N GLY A 960 -3.80 -5.61 4.88
CA GLY A 960 -4.95 -6.50 4.87
C GLY A 960 -4.79 -7.75 4.04
N ALA A 961 -3.63 -7.97 3.44
CA ALA A 961 -3.39 -9.18 2.67
C ALA A 961 -3.07 -10.34 3.61
N ILE A 962 -2.85 -11.52 3.03
CA ILE A 962 -2.52 -12.69 3.82
C ILE A 962 -1.15 -12.52 4.48
N SER A 963 -0.19 -11.99 3.73
CA SER A 963 1.15 -11.77 4.27
C SER A 963 1.77 -10.59 3.53
N SER A 964 2.98 -10.22 3.95
CA SER A 964 3.67 -9.07 3.41
C SER A 964 4.83 -9.44 2.50
N VAL A 965 4.95 -10.71 2.10
CA VAL A 965 6.04 -11.16 1.25
C VAL A 965 5.45 -11.72 -0.04
N LEU A 966 5.86 -11.15 -1.17
CA LEU A 966 5.32 -11.56 -2.46
C LEU A 966 5.65 -13.03 -2.74
N ASN A 967 6.89 -13.42 -2.48
CA ASN A 967 7.28 -14.81 -2.73
C ASN A 967 6.54 -15.77 -1.80
N ASP A 968 6.33 -15.37 -0.54
CA ASP A 968 5.56 -16.20 0.38
C ASP A 968 4.13 -16.37 -0.10
N ILE A 969 3.52 -15.30 -0.61
CA ILE A 969 2.18 -15.43 -1.17
C ILE A 969 2.18 -16.35 -2.38
N LEU A 970 3.18 -16.20 -3.25
CA LEU A 970 3.22 -16.97 -4.49
C LEU A 970 3.44 -18.45 -4.23
N SER A 971 4.28 -18.80 -3.26
CA SER A 971 4.71 -20.17 -3.05
C SER A 971 3.69 -21.02 -2.30
N ARG A 972 2.47 -20.52 -2.10
CA ARG A 972 1.46 -21.29 -1.39
C ARG A 972 0.11 -21.24 -2.10
N LEU A 973 -0.09 -20.23 -2.95
CA LEU A 973 -1.42 -19.86 -3.39
C LEU A 973 -1.57 -19.98 -4.90
N ASP A 974 -2.79 -20.31 -5.31
CA ASP A 974 -3.15 -20.34 -6.71
C ASP A 974 -3.15 -18.91 -7.27
N PRO A 975 -2.65 -18.72 -8.49
CA PRO A 975 -2.58 -17.37 -9.08
C PRO A 975 -3.93 -16.65 -9.11
N PRO A 976 -5.06 -17.36 -9.30
CA PRO A 976 -6.35 -16.62 -9.24
C PRO A 976 -6.56 -15.82 -7.96
N GLU A 977 -6.15 -16.32 -6.80
CA GLU A 977 -6.27 -15.57 -5.55
C GLU A 977 -5.03 -14.75 -5.24
N ALA A 978 -3.86 -15.21 -5.68
CA ALA A 978 -2.68 -14.36 -5.64
C ALA A 978 -2.94 -13.05 -6.36
N GLU A 979 -3.82 -13.07 -7.36
CA GLU A 979 -4.23 -11.83 -8.03
C GLU A 979 -4.80 -10.84 -7.03
N VAL A 980 -5.77 -11.28 -6.21
CA VAL A 980 -6.40 -10.39 -5.25
C VAL A 980 -5.39 -9.89 -4.23
N GLN A 981 -4.58 -10.81 -3.69
CA GLN A 981 -3.62 -10.40 -2.66
C GLN A 981 -2.59 -9.41 -3.20
N ILE A 982 -2.06 -9.68 -4.39
CA ILE A 982 -1.08 -8.79 -4.99
C ILE A 982 -1.72 -7.46 -5.34
N ASP A 983 -3.00 -7.45 -5.73
CA ASP A 983 -3.68 -6.18 -5.97
C ASP A 983 -3.76 -5.35 -4.70
N ARG A 984 -4.06 -5.99 -3.57
CA ARG A 984 -4.08 -5.27 -2.30
C ARG A 984 -2.71 -4.66 -1.99
N LEU A 985 -1.66 -5.46 -2.12
CA LEU A 985 -0.32 -4.97 -1.83
C LEU A 985 0.07 -3.84 -2.77
N ILE A 986 -0.26 -3.98 -4.06
CA ILE A 986 0.04 -2.95 -5.03
C ILE A 986 -0.65 -1.65 -4.67
N THR A 987 -1.92 -1.73 -4.30
CA THR A 987 -2.66 -0.52 -3.93
C THR A 987 -1.99 0.17 -2.74
N GLY A 988 -1.64 -0.59 -1.71
CA GLY A 988 -1.02 0.01 -0.55
C GLY A 988 0.30 0.71 -0.88
N ARG A 989 1.17 0.00 -1.61
CA ARG A 989 2.48 0.57 -1.89
C ARG A 989 2.39 1.76 -2.83
N LEU A 990 1.47 1.72 -3.80
CA LEU A 990 1.26 2.84 -4.69
C LEU A 990 0.79 4.07 -3.92
N GLN A 991 -0.13 3.87 -2.96
CA GLN A 991 -0.58 4.99 -2.14
C GLN A 991 0.56 5.59 -1.33
N SER A 992 1.43 4.73 -0.78
CA SER A 992 2.57 5.23 -0.02
C SER A 992 3.49 6.08 -0.90
N LEU A 993 3.78 5.60 -2.12
CA LEU A 993 4.60 6.38 -3.03
C LEU A 993 3.97 7.72 -3.37
N GLN A 994 2.66 7.73 -3.63
CA GLN A 994 1.98 8.97 -3.96
C GLN A 994 2.10 9.98 -2.83
N THR A 995 1.89 9.53 -1.60
CA THR A 995 2.00 10.43 -0.45
C THR A 995 3.41 11.01 -0.34
N TYR A 996 4.43 10.16 -0.49
CA TYR A 996 5.80 10.64 -0.40
C TYR A 996 6.07 11.70 -1.46
N VAL A 997 5.64 11.46 -2.69
CA VAL A 997 5.92 12.41 -3.77
C VAL A 997 5.23 13.74 -3.52
N THR A 998 3.97 13.71 -3.07
CA THR A 998 3.27 14.96 -2.81
C THR A 998 3.95 15.78 -1.72
N GLN A 999 4.34 15.11 -0.63
CA GLN A 999 5.03 15.82 0.45
C GLN A 999 6.33 16.44 -0.06
N GLN A 1000 7.06 15.69 -0.88
CA GLN A 1000 8.31 16.22 -1.44
C GLN A 1000 8.05 17.44 -2.31
N LEU A 1001 6.99 17.43 -3.10
CA LEU A 1001 6.66 18.58 -3.92
C LEU A 1001 6.42 19.82 -3.07
N ILE A 1002 5.64 19.68 -2.00
CA ILE A 1002 5.35 20.85 -1.17
C ILE A 1002 6.61 21.38 -0.51
N ARG A 1003 7.44 20.49 0.04
CA ARG A 1003 8.67 20.94 0.68
C ARG A 1003 9.61 21.58 -0.34
N ALA A 1004 9.62 21.08 -1.57
CA ALA A 1004 10.42 21.70 -2.62
C ALA A 1004 9.97 23.11 -2.91
N ALA A 1005 8.65 23.33 -2.93
CA ALA A 1005 8.14 24.70 -3.13
C ALA A 1005 8.62 25.63 -2.02
N GLU A 1006 8.53 25.18 -0.77
CA GLU A 1006 8.99 26.00 0.34
C GLU A 1006 10.50 26.32 0.20
N ILE A 1007 11.29 25.32 -0.14
CA ILE A 1007 12.73 25.52 -0.31
C ILE A 1007 13.02 26.50 -1.44
N ARG A 1008 12.25 26.44 -2.53
CA ARG A 1008 12.46 27.39 -3.61
C ARG A 1008 12.16 28.82 -3.17
N ALA A 1009 11.12 29.00 -2.36
CA ALA A 1009 10.85 30.33 -1.83
C ALA A 1009 12.03 30.84 -1.01
N SER A 1010 12.56 29.98 -0.14
CA SER A 1010 13.70 30.38 0.67
C SER A 1010 14.93 30.70 -0.18
N ALA A 1011 15.15 29.92 -1.24
CA ALA A 1011 16.29 30.15 -2.12
C ALA A 1011 16.17 31.49 -2.85
N ASN A 1012 14.96 31.82 -3.28
CA ASN A 1012 14.75 33.13 -3.92
C ASN A 1012 15.03 34.26 -2.95
N LEU A 1013 14.59 34.11 -1.70
CA LEU A 1013 14.91 35.14 -0.70
C LEU A 1013 16.42 35.27 -0.50
N ALA A 1014 17.12 34.14 -0.44
CA ALA A 1014 18.57 34.18 -0.25
C ALA A 1014 19.27 34.86 -1.42
N ALA A 1015 18.84 34.56 -2.65
CA ALA A 1015 19.43 35.20 -3.81
C ALA A 1015 19.21 36.71 -3.78
N THR A 1016 18.00 37.13 -3.43
CA THR A 1016 17.72 38.56 -3.35
C THR A 1016 18.61 39.23 -2.30
N LYS A 1017 18.75 38.60 -1.13
CA LYS A 1017 19.54 39.20 -0.07
C LYS A 1017 21.01 39.27 -0.47
N MET A 1018 21.53 38.22 -1.10
CA MET A 1018 22.90 38.25 -1.60
C MET A 1018 23.11 39.42 -2.54
N SER A 1019 22.23 39.54 -3.54
CA SER A 1019 22.38 40.60 -4.54
C SER A 1019 22.30 41.98 -3.89
N GLU A 1020 21.37 42.19 -2.97
CA GLU A 1020 21.11 43.53 -2.47
C GLU A 1020 21.97 43.95 -1.30
N CYS A 1021 22.62 43.01 -0.60
CA CYS A 1021 23.42 43.39 0.55
C CYS A 1021 24.88 42.97 0.50
N VAL A 1022 25.26 42.06 -0.39
CA VAL A 1022 26.67 41.81 -0.62
C VAL A 1022 27.21 42.70 -1.71
N LEU A 1023 26.43 42.91 -2.77
CA LEU A 1023 26.85 43.68 -3.93
C LEU A 1023 26.54 45.18 -3.80
N GLY A 1024 25.91 45.60 -2.71
CA GLY A 1024 25.61 47.01 -2.52
C GLY A 1024 25.05 47.25 -1.14
N GLN A 1025 24.90 48.54 -0.81
CA GLN A 1025 24.41 48.96 0.48
C GLN A 1025 22.90 49.21 0.39
N SER A 1026 22.15 48.67 1.34
CA SER A 1026 20.70 48.67 1.29
C SER A 1026 20.11 49.76 2.16
N LYS A 1027 19.02 50.36 1.69
CA LYS A 1027 18.27 51.35 2.44
C LYS A 1027 17.03 50.77 3.11
N ARG A 1028 16.65 49.53 2.77
CA ARG A 1028 15.48 48.90 3.38
C ARG A 1028 15.79 48.59 4.84
N VAL A 1029 15.03 49.20 5.75
CA VAL A 1029 15.29 49.02 7.17
C VAL A 1029 14.95 47.61 7.60
N ASP A 1030 15.81 47.04 8.45
CA ASP A 1030 15.66 45.72 9.05
C ASP A 1030 15.69 44.62 8.00
N PHE A 1031 16.16 44.91 6.78
CA PHE A 1031 16.31 43.89 5.76
C PHE A 1031 17.62 43.14 5.90
N CYS A 1032 18.66 43.80 6.41
CA CYS A 1032 19.98 43.22 6.55
C CYS A 1032 20.55 43.53 7.93
N GLY A 1033 19.76 43.29 8.96
CA GLY A 1033 20.22 43.46 10.32
C GLY A 1033 19.58 44.66 11.00
N LYS A 1034 19.65 44.66 12.33
CA LYS A 1034 19.07 45.73 13.13
C LYS A 1034 20.06 46.89 13.19
N GLY A 1035 19.71 48.02 12.59
CA GLY A 1035 20.53 49.20 12.59
C GLY A 1035 20.75 49.69 11.18
N TYR A 1036 21.61 50.69 11.05
CA TYR A 1036 21.96 51.25 9.75
C TYR A 1036 22.99 50.35 9.09
N HIS A 1037 22.63 49.79 7.94
CA HIS A 1037 23.45 48.75 7.32
C HIS A 1037 24.72 49.34 6.71
N LEU A 1038 25.80 48.58 6.81
CA LEU A 1038 27.09 48.97 6.23
C LEU A 1038 27.56 48.01 5.15
N MET A 1039 27.59 46.70 5.43
CA MET A 1039 27.95 45.69 4.43
C MET A 1039 27.62 44.31 4.98
N SER A 1040 28.06 43.29 4.25
CA SER A 1040 27.83 41.91 4.65
C SER A 1040 28.86 41.03 3.97
N PHE A 1041 29.04 39.81 4.51
CA PHE A 1041 29.98 38.83 3.97
C PHE A 1041 29.31 37.47 3.99
N PRO A 1042 29.30 36.74 2.88
CA PRO A 1042 28.69 35.42 2.86
C PRO A 1042 29.69 34.32 3.22
N GLN A 1043 29.14 33.20 3.69
CA GLN A 1043 29.91 32.00 3.96
C GLN A 1043 29.07 30.79 3.58
N SER A 1044 29.72 29.81 2.95
CA SER A 1044 29.01 28.61 2.54
C SER A 1044 28.66 27.75 3.75
N ALA A 1045 27.75 26.82 3.55
CA ALA A 1045 27.31 25.91 4.60
C ALA A 1045 26.58 24.75 3.94
N PRO A 1046 26.43 23.63 4.63
CA PRO A 1046 25.68 22.50 4.04
C PRO A 1046 24.23 22.87 3.81
N HIS A 1047 23.81 22.76 2.55
CA HIS A 1047 22.44 23.02 2.13
C HIS A 1047 22.00 24.46 2.39
N GLY A 1048 22.93 25.40 2.48
CA GLY A 1048 22.52 26.76 2.81
C GLY A 1048 23.68 27.72 2.75
N VAL A 1049 23.46 28.89 3.35
CA VAL A 1049 24.42 29.98 3.35
C VAL A 1049 24.16 30.84 4.56
N VAL A 1050 25.21 31.51 5.06
CA VAL A 1050 25.07 32.41 6.21
C VAL A 1050 25.65 33.75 5.83
N PHE A 1051 25.08 34.81 6.41
CA PHE A 1051 25.53 36.17 6.17
C PHE A 1051 25.99 36.79 7.47
N LEU A 1052 26.96 37.71 7.37
CA LEU A 1052 27.50 38.43 8.52
C LEU A 1052 27.22 39.91 8.31
N HIS A 1053 26.03 40.35 8.73
CA HIS A 1053 25.66 41.74 8.55
C HIS A 1053 26.43 42.63 9.52
N VAL A 1054 26.97 43.74 9.01
CA VAL A 1054 27.68 44.72 9.82
C VAL A 1054 26.87 46.00 9.81
N THR A 1055 26.45 46.46 10.99
CA THR A 1055 25.53 47.58 11.13
C THR A 1055 26.16 48.67 11.99
N TYR A 1056 25.40 49.75 12.20
CA TYR A 1056 25.83 50.89 12.99
C TYR A 1056 24.73 51.21 13.98
N VAL A 1057 25.08 51.43 15.25
CA VAL A 1057 24.13 51.66 16.31
C VAL A 1057 24.59 52.83 17.18
N PRO A 1058 23.79 53.88 17.35
CA PRO A 1058 24.15 54.95 18.28
C PRO A 1058 24.13 54.47 19.72
N ALA A 1059 24.94 55.10 20.57
CA ALA A 1059 25.19 54.60 21.91
C ALA A 1059 24.67 55.49 23.03
N GLN A 1060 25.10 56.76 23.09
CA GLN A 1060 24.88 57.60 24.26
C GLN A 1060 24.14 58.87 23.86
N GLU A 1061 23.19 59.29 24.70
CA GLU A 1061 22.31 60.40 24.37
C GLU A 1061 22.54 61.58 25.31
N LYS A 1062 21.90 62.70 25.00
CA LYS A 1062 21.94 63.89 25.83
C LYS A 1062 20.68 64.72 25.60
N ASN A 1063 20.27 65.46 26.62
CA ASN A 1063 19.19 66.44 26.48
C ASN A 1063 19.64 67.62 25.64
N PHE A 1064 18.72 68.16 24.85
CA PHE A 1064 18.96 69.41 24.13
C PHE A 1064 17.63 70.10 23.86
N THR A 1065 17.71 71.40 23.56
CA THR A 1065 16.55 72.20 23.19
C THR A 1065 16.73 72.71 21.76
N THR A 1066 15.64 72.73 21.00
CA THR A 1066 15.68 73.00 19.58
C THR A 1066 14.89 74.26 19.24
N ALA A 1067 14.78 74.54 17.94
CA ALA A 1067 14.00 75.63 17.39
C ALA A 1067 13.80 75.40 15.89
N PRO A 1068 12.57 75.47 15.39
CA PRO A 1068 12.36 75.23 13.96
C PRO A 1068 13.02 76.25 13.05
N ALA A 1069 13.30 77.44 13.54
CA ALA A 1069 13.89 78.49 12.72
C ALA A 1069 14.56 79.51 13.62
N ILE A 1070 15.35 80.39 13.00
CA ILE A 1070 16.11 81.42 13.71
C ILE A 1070 15.89 82.73 12.96
N CYS A 1071 15.03 83.60 13.48
CA CYS A 1071 14.84 84.91 12.90
C CYS A 1071 16.01 85.83 13.26
N HIS A 1072 16.56 86.50 12.25
CA HIS A 1072 17.72 87.38 12.45
C HIS A 1072 17.36 88.84 12.22
N ASP A 1073 16.86 89.20 11.04
CA ASP A 1073 16.52 90.59 10.75
C ASP A 1073 15.12 90.65 10.15
N GLY A 1074 14.17 89.96 10.76
CA GLY A 1074 12.85 89.81 10.19
C GLY A 1074 12.75 88.72 9.14
N LYS A 1075 13.81 87.96 8.92
CA LYS A 1075 13.83 86.88 7.95
C LYS A 1075 14.12 85.56 8.65
N ALA A 1076 13.33 84.55 8.35
CA ALA A 1076 13.48 83.23 8.96
C ALA A 1076 14.63 82.48 8.32
N HIS A 1077 15.38 81.75 9.15
CA HIS A 1077 16.49 80.93 8.69
C HIS A 1077 16.24 79.49 9.10
N PHE A 1078 16.18 78.61 8.10
CA PHE A 1078 16.04 77.18 8.32
C PHE A 1078 17.36 76.48 8.06
N PRO A 1079 17.65 75.38 8.76
CA PRO A 1079 18.95 74.71 8.57
C PRO A 1079 19.02 74.01 7.22
N ARG A 1080 20.08 74.29 6.48
CA ARG A 1080 20.26 73.65 5.18
C ARG A 1080 20.39 72.13 5.32
N GLU A 1081 21.18 71.68 6.30
CA GLU A 1081 21.33 70.26 6.56
C GLU A 1081 21.73 70.09 8.02
N GLY A 1082 20.82 69.56 8.82
CA GLY A 1082 21.04 69.37 10.24
C GLY A 1082 19.85 69.87 11.03
N VAL A 1083 20.06 70.05 12.33
CA VAL A 1083 19.01 70.47 13.25
C VAL A 1083 19.59 71.49 14.22
N PHE A 1084 18.81 72.54 14.51
CA PHE A 1084 19.26 73.56 15.44
C PHE A 1084 19.22 73.03 16.87
N VAL A 1085 20.32 73.22 17.60
CA VAL A 1085 20.39 72.81 19.00
C VAL A 1085 21.03 73.94 19.80
N SER A 1086 20.78 73.92 21.11
CA SER A 1086 21.30 74.92 22.01
C SER A 1086 21.68 74.26 23.33
N ASN A 1087 22.84 74.64 23.86
CA ASN A 1087 23.32 74.13 25.13
C ASN A 1087 22.80 74.92 26.32
N GLY A 1088 21.71 75.67 26.13
CA GLY A 1088 21.13 76.50 27.16
C GLY A 1088 21.56 77.95 27.12
N THR A 1089 22.73 78.23 26.53
CA THR A 1089 23.23 79.60 26.43
C THR A 1089 23.51 80.02 24.99
N HIS A 1090 24.07 79.15 24.17
CA HIS A 1090 24.43 79.46 22.80
C HIS A 1090 23.71 78.52 21.86
N TRP A 1091 23.65 78.89 20.58
CA TRP A 1091 22.91 78.13 19.58
C TRP A 1091 23.86 77.63 18.50
N PHE A 1092 23.72 76.37 18.13
CA PHE A 1092 24.52 75.75 17.07
C PHE A 1092 23.62 74.93 16.16
N VAL A 1093 24.21 74.44 15.08
CA VAL A 1093 23.57 73.54 14.14
C VAL A 1093 24.41 72.28 14.04
N THR A 1094 23.77 71.12 14.03
CA THR A 1094 24.49 69.86 14.01
C THR A 1094 23.68 68.82 13.26
N GLN A 1095 24.38 67.78 12.81
CA GLN A 1095 23.74 66.68 12.11
C GLN A 1095 22.96 65.81 13.10
N ARG A 1096 22.15 64.91 12.56
CA ARG A 1096 21.16 64.21 13.36
C ARG A 1096 21.68 62.96 14.06
N ASN A 1097 22.64 62.26 13.47
CA ASN A 1097 23.05 60.95 13.99
C ASN A 1097 24.35 60.98 14.79
N PHE A 1098 24.98 62.14 14.95
CA PHE A 1098 26.23 62.22 15.69
C PHE A 1098 26.43 63.66 16.13
N TYR A 1099 26.53 63.88 17.43
CA TYR A 1099 26.61 65.24 17.97
C TYR A 1099 27.93 65.88 17.56
N GLU A 1100 27.84 66.94 16.74
CA GLU A 1100 29.02 67.70 16.33
C GLU A 1100 28.57 69.12 16.06
N PRO A 1101 28.64 70.00 17.07
CA PRO A 1101 28.14 71.36 16.88
C PRO A 1101 29.00 72.17 15.94
N GLN A 1102 28.33 73.06 15.20
CA GLN A 1102 29.01 74.01 14.33
C GLN A 1102 28.40 75.38 14.54
N ILE A 1103 29.22 76.42 14.38
CA ILE A 1103 28.75 77.78 14.58
C ILE A 1103 27.84 78.17 13.42
N ILE A 1104 26.76 78.90 13.73
CA ILE A 1104 25.78 79.27 12.72
C ILE A 1104 26.36 80.34 11.81
N THR A 1105 26.29 80.09 10.49
CA THR A 1105 26.73 81.05 9.48
C THR A 1105 25.63 81.22 8.45
N THR A 1106 25.95 81.92 7.38
CA THR A 1106 24.98 82.15 6.30
C THR A 1106 24.95 81.03 5.28
N ASP A 1107 25.90 80.10 5.33
CA ASP A 1107 25.94 78.98 4.40
C ASP A 1107 25.34 77.71 4.97
N ASN A 1108 25.15 77.63 6.28
CA ASN A 1108 24.44 76.51 6.89
C ASN A 1108 22.93 76.68 6.87
N THR A 1109 22.44 77.87 6.51
CA THR A 1109 21.02 78.17 6.54
C THR A 1109 20.59 78.82 5.24
N PHE A 1110 19.31 78.67 4.91
CA PHE A 1110 18.71 79.36 3.79
C PHE A 1110 17.46 80.08 4.26
N VAL A 1111 17.18 81.22 3.64
CA VAL A 1111 16.13 82.13 4.08
C VAL A 1111 14.87 81.91 3.25
N SER A 1112 13.73 81.83 3.92
CA SER A 1112 12.45 81.68 3.25
C SER A 1112 11.43 82.56 3.95
N GLY A 1113 11.03 83.65 3.30
CA GLY A 1113 10.01 84.51 3.84
C GLY A 1113 10.45 85.26 5.09
N ASN A 1114 9.47 85.75 5.83
CA ASN A 1114 9.68 86.51 7.05
C ASN A 1114 9.38 85.65 8.26
N CYS A 1115 9.70 86.16 9.44
CA CYS A 1115 9.63 85.40 10.68
C CYS A 1115 8.41 85.77 11.52
N ASP A 1116 7.28 86.02 10.88
CA ASP A 1116 6.02 86.26 11.58
C ASP A 1116 5.05 85.10 11.48
N VAL A 1117 5.32 84.11 10.63
CA VAL A 1117 4.38 83.02 10.41
C VAL A 1117 4.82 81.71 11.06
N VAL A 1118 6.12 81.44 11.15
CA VAL A 1118 6.59 80.18 11.72
C VAL A 1118 6.45 80.23 13.23
N ILE A 1119 5.80 79.21 13.80
CA ILE A 1119 5.59 79.14 15.24
C ILE A 1119 6.78 78.45 15.88
N GLY A 1120 7.05 78.81 17.14
CA GLY A 1120 8.18 78.25 17.85
C GLY A 1120 9.52 78.81 17.43
N ILE A 1121 9.54 79.87 16.63
CA ILE A 1121 10.79 80.43 16.14
C ILE A 1121 11.52 81.14 17.27
N VAL A 1122 12.83 80.92 17.35
CA VAL A 1122 13.67 81.52 18.37
C VAL A 1122 14.66 82.43 17.66
N ASN A 1123 14.64 83.72 18.00
CA ASN A 1123 15.48 84.70 17.33
C ASN A 1123 16.85 84.83 17.97
N ASN A 1124 17.86 84.98 17.11
CA ASN A 1124 19.26 85.02 17.49
C ASN A 1124 20.02 85.83 16.45
N THR A 1125 21.35 85.68 16.42
CA THR A 1125 22.21 86.40 15.49
C THR A 1125 22.91 85.40 14.57
N VAL A 1126 22.87 85.63 13.26
CA VAL A 1126 23.58 84.82 12.28
C VAL A 1126 24.76 85.62 11.76
N TYR A 1127 25.95 85.02 11.81
CA TYR A 1127 27.18 85.71 11.44
C TYR A 1127 27.56 85.37 10.01
N ASP A 1128 27.90 86.41 9.24
CA ASP A 1128 28.31 86.24 7.85
C ASP A 1128 29.82 86.12 7.79
N PRO A 1129 30.37 85.00 7.34
CA PRO A 1129 31.84 84.86 7.29
C PRO A 1129 32.52 85.88 6.39
N LEU A 1130 31.85 86.34 5.33
CA LEU A 1130 32.51 87.19 4.35
C LEU A 1130 32.74 88.60 4.86
N GLN A 1131 31.84 89.12 5.70
CA GLN A 1131 31.94 90.53 6.10
C GLN A 1131 33.22 90.83 6.88
N PRO A 1132 33.61 90.09 7.91
CA PRO A 1132 34.91 90.37 8.54
C PRO A 1132 36.09 90.17 7.61
N GLU A 1133 35.98 89.25 6.66
CA GLU A 1133 37.05 88.97 5.72
C GLU A 1133 37.20 90.10 4.69
N ALA B 16 -62.76 24.27 -13.74
CA ALA B 16 -62.20 25.42 -13.04
C ALA B 16 -60.81 25.12 -12.51
N TYR B 17 -59.89 26.07 -12.68
CA TYR B 17 -58.50 25.91 -12.28
C TYR B 17 -58.15 26.93 -11.20
N THR B 18 -57.39 26.48 -10.20
CA THR B 18 -56.95 27.33 -9.11
C THR B 18 -55.44 27.15 -8.94
N ASN B 19 -54.77 28.22 -8.53
CA ASN B 19 -53.31 28.24 -8.46
C ASN B 19 -52.86 27.91 -7.04
N SER B 20 -52.03 26.88 -6.91
CA SER B 20 -51.47 26.47 -5.63
C SER B 20 -50.21 27.28 -5.37
N PHE B 21 -50.37 28.38 -4.61
CA PHE B 21 -49.26 29.30 -4.40
C PHE B 21 -48.09 28.65 -3.68
N THR B 22 -48.27 28.32 -2.41
CA THR B 22 -47.21 27.69 -1.63
C THR B 22 -47.70 26.59 -0.69
N ARG B 23 -49.00 26.31 -0.64
CA ARG B 23 -49.53 25.36 0.31
C ARG B 23 -49.02 23.95 0.02
N GLY B 24 -48.96 23.14 1.07
CA GLY B 24 -48.60 21.74 0.92
C GLY B 24 -47.19 21.39 1.33
N VAL B 25 -46.75 21.91 2.48
CA VAL B 25 -45.43 21.61 3.02
C VAL B 25 -45.62 20.86 4.33
N TYR B 26 -45.01 19.67 4.44
CA TYR B 26 -45.16 18.81 5.60
C TYR B 26 -43.78 18.40 6.09
N TYR B 27 -43.76 17.61 7.18
CA TYR B 27 -42.51 17.14 7.77
C TYR B 27 -42.13 15.82 7.14
N PRO B 28 -41.05 15.75 6.36
CA PRO B 28 -40.70 14.47 5.71
C PRO B 28 -40.40 13.36 6.69
N ASP B 29 -39.79 13.67 7.83
CA ASP B 29 -39.41 12.66 8.82
C ASP B 29 -39.68 13.23 10.20
N LYS B 30 -39.17 12.56 11.22
CA LYS B 30 -39.35 12.94 12.61
C LYS B 30 -38.02 13.07 13.33
N VAL B 31 -37.09 13.77 12.70
CA VAL B 31 -35.80 14.09 13.30
C VAL B 31 -35.79 15.59 13.58
N PHE B 32 -35.65 15.95 14.85
CA PHE B 32 -35.65 17.36 15.23
C PHE B 32 -34.41 18.05 14.69
N ARG B 33 -34.59 19.28 14.20
CA ARG B 33 -33.50 20.09 13.69
C ARG B 33 -33.77 21.54 14.05
N SER B 34 -32.70 22.32 14.14
CA SER B 34 -32.82 23.71 14.59
C SER B 34 -31.90 24.61 13.78
N SER B 35 -32.50 25.60 13.13
CA SER B 35 -31.77 26.67 12.42
C SER B 35 -30.80 26.09 11.38
N VAL B 36 -31.21 25.02 10.71
CA VAL B 36 -30.41 24.37 9.68
C VAL B 36 -31.25 24.24 8.42
N LEU B 37 -30.61 24.43 7.27
CA LEU B 37 -31.28 24.28 5.97
C LEU B 37 -30.95 22.90 5.44
N HIS B 38 -31.92 21.99 5.51
CA HIS B 38 -31.75 20.61 5.09
C HIS B 38 -32.43 20.38 3.76
N SER B 39 -31.78 19.61 2.88
CA SER B 39 -32.32 19.29 1.57
C SER B 39 -33.04 17.95 1.63
N THR B 40 -34.22 17.90 1.00
CA THR B 40 -35.06 16.71 1.03
C THR B 40 -35.57 16.41 -0.37
N GLN B 41 -35.65 15.11 -0.67
CA GLN B 41 -36.20 14.62 -1.92
C GLN B 41 -37.37 13.71 -1.62
N ASP B 42 -38.56 14.09 -2.09
CA ASP B 42 -39.77 13.31 -1.83
C ASP B 42 -40.85 13.79 -2.79
N LEU B 43 -42.08 13.32 -2.58
CA LEU B 43 -43.19 13.72 -3.41
C LEU B 43 -43.84 14.98 -2.85
N PHE B 44 -44.00 16.00 -3.69
CA PHE B 44 -44.63 17.24 -3.28
C PHE B 44 -45.40 17.80 -4.46
N LEU B 45 -46.37 18.65 -4.16
CA LEU B 45 -47.00 19.44 -5.22
C LEU B 45 -46.13 20.64 -5.54
N PRO B 46 -45.78 20.86 -6.81
CA PRO B 46 -44.89 21.97 -7.15
C PRO B 46 -45.55 23.31 -6.89
N PHE B 47 -44.70 24.31 -6.61
CA PHE B 47 -45.19 25.66 -6.40
C PHE B 47 -45.80 26.22 -7.66
N PHE B 48 -46.89 26.98 -7.50
CA PHE B 48 -47.57 27.64 -8.61
C PHE B 48 -48.10 26.63 -9.62
N SER B 49 -48.84 25.64 -9.14
CA SER B 49 -49.49 24.66 -9.98
C SER B 49 -51.00 24.93 -10.03
N ASN B 50 -51.62 24.39 -11.08
CA ASN B 50 -53.05 24.60 -11.32
C ASN B 50 -53.83 23.47 -10.66
N VAL B 51 -54.79 23.85 -9.81
CA VAL B 51 -55.58 22.91 -9.03
C VAL B 51 -57.01 22.93 -9.53
N THR B 52 -57.54 21.76 -9.87
CA THR B 52 -58.91 21.65 -10.34
C THR B 52 -59.89 21.97 -9.22
N TRP B 53 -60.94 22.72 -9.56
CA TRP B 53 -61.96 23.12 -8.61
C TRP B 53 -63.27 22.44 -8.99
N PHE B 54 -63.90 21.79 -8.02
CA PHE B 54 -65.10 21.01 -8.25
C PHE B 54 -66.27 21.58 -7.46
N HIS B 55 -67.48 21.22 -7.90
CA HIS B 55 -68.71 21.61 -7.24
C HIS B 55 -69.62 20.40 -7.09
N ALA B 56 -70.50 20.46 -6.09
CA ALA B 56 -71.47 19.41 -5.84
C ALA B 56 -72.87 19.79 -6.29
N ILE B 57 -72.98 20.58 -7.35
CA ILE B 57 -74.27 21.00 -7.87
C ILE B 57 -74.61 20.25 -9.16
N ASN B 70 -70.07 14.58 -9.05
CA ASN B 70 -68.85 14.31 -8.30
C ASN B 70 -68.30 12.93 -8.65
N PRO B 71 -67.63 12.82 -9.80
CA PRO B 71 -67.13 11.51 -10.24
C PRO B 71 -65.98 11.04 -9.37
N VAL B 72 -65.59 9.79 -9.60
CA VAL B 72 -64.45 9.19 -8.90
C VAL B 72 -63.17 9.64 -9.60
N LEU B 73 -62.24 10.19 -8.82
CA LEU B 73 -61.02 10.74 -9.40
C LEU B 73 -59.85 9.79 -9.18
N PRO B 74 -58.90 9.73 -10.12
CA PRO B 74 -57.83 8.74 -10.01
C PRO B 74 -56.84 9.05 -8.90
N PHE B 75 -56.48 8.03 -8.13
CA PHE B 75 -55.38 8.10 -7.17
C PHE B 75 -54.13 7.49 -7.81
N ASN B 76 -53.57 8.23 -8.79
CA ASN B 76 -52.47 7.70 -9.58
C ASN B 76 -51.18 7.64 -8.78
N ASP B 77 -50.72 8.79 -8.27
CA ASP B 77 -49.46 8.83 -7.54
C ASP B 77 -49.50 9.75 -6.32
N GLY B 78 -50.68 10.19 -5.89
CA GLY B 78 -50.79 11.07 -4.75
C GLY B 78 -51.76 12.21 -4.97
N VAL B 79 -52.45 12.63 -3.92
CA VAL B 79 -53.46 13.69 -4.03
C VAL B 79 -53.34 14.63 -2.84
N TYR B 80 -53.46 15.92 -3.11
CA TYR B 80 -53.53 16.95 -2.08
C TYR B 80 -54.95 17.49 -2.04
N PHE B 81 -55.68 17.17 -0.99
CA PHE B 81 -57.10 17.54 -0.86
C PHE B 81 -57.24 18.66 0.17
N ALA B 82 -58.04 19.67 -0.17
CA ALA B 82 -58.34 20.75 0.74
C ALA B 82 -59.71 21.32 0.37
N SER B 83 -60.44 21.77 1.40
CA SER B 83 -61.78 22.32 1.17
C SER B 83 -62.10 23.25 2.33
N THR B 84 -62.33 24.52 2.02
CA THR B 84 -62.73 25.48 3.04
C THR B 84 -64.11 25.10 3.56
N GLU B 85 -64.17 24.57 4.77
CA GLU B 85 -65.41 24.06 5.34
C GLU B 85 -65.68 24.71 6.69
N LYS B 86 -66.94 25.10 6.89
CA LYS B 86 -67.34 25.65 8.18
C LYS B 86 -68.63 25.00 8.70
N SER B 87 -69.11 23.93 8.08
CA SER B 87 -70.33 23.25 8.54
C SER B 87 -70.16 21.74 8.67
N ASN B 88 -68.97 21.21 8.43
CA ASN B 88 -68.69 19.77 8.53
C ASN B 88 -69.64 18.96 7.65
N ILE B 89 -69.75 19.39 6.39
CA ILE B 89 -70.53 18.66 5.41
C ILE B 89 -69.73 17.51 4.81
N ILE B 90 -68.50 17.77 4.42
CA ILE B 90 -67.61 16.71 3.93
C ILE B 90 -67.05 15.97 5.14
N ARG B 91 -67.40 14.68 5.27
CA ARG B 91 -67.07 13.91 6.46
C ARG B 91 -66.46 12.55 6.11
N GLY B 92 -66.02 12.35 4.88
CA GLY B 92 -65.51 11.04 4.53
C GLY B 92 -64.71 11.05 3.25
N TRP B 93 -64.02 9.94 3.02
CA TRP B 93 -63.24 9.73 1.81
C TRP B 93 -63.32 8.25 1.45
N ILE B 94 -63.36 7.97 0.14
CA ILE B 94 -63.48 6.61 -0.33
C ILE B 94 -62.42 6.34 -1.39
N PHE B 95 -61.53 5.39 -1.12
CA PHE B 95 -60.46 5.03 -2.03
C PHE B 95 -60.68 3.62 -2.56
N GLY B 96 -59.96 3.29 -3.63
CA GLY B 96 -60.03 1.94 -4.17
C GLY B 96 -59.95 1.87 -5.67
N THR B 97 -59.50 0.71 -6.17
CA THR B 97 -59.39 0.51 -7.61
C THR B 97 -60.74 0.22 -8.27
N THR B 98 -61.59 -0.55 -7.60
CA THR B 98 -62.83 -1.04 -8.21
C THR B 98 -64.08 -0.53 -7.51
N LEU B 99 -64.12 -0.58 -6.17
CA LEU B 99 -65.27 -0.12 -5.38
C LEU B 99 -66.53 -0.94 -5.66
N ASP B 100 -66.36 -2.17 -6.14
CA ASP B 100 -67.49 -3.03 -6.47
C ASP B 100 -67.67 -4.17 -5.46
N SER B 101 -67.04 -4.07 -4.29
CA SER B 101 -67.05 -5.06 -3.21
C SER B 101 -66.30 -6.33 -3.59
N LYS B 102 -65.77 -6.43 -4.82
CA LYS B 102 -64.96 -7.60 -5.19
C LYS B 102 -63.68 -7.66 -4.37
N THR B 103 -63.03 -6.53 -4.16
CA THR B 103 -61.81 -6.45 -3.38
C THR B 103 -61.98 -5.40 -2.28
N GLN B 104 -61.11 -5.49 -1.28
CA GLN B 104 -61.20 -4.57 -0.15
C GLN B 104 -60.91 -3.14 -0.57
N SER B 105 -61.68 -2.21 -0.03
CA SER B 105 -61.52 -0.79 -0.32
C SER B 105 -61.33 -0.01 0.97
N LEU B 106 -61.35 1.32 0.89
CA LEU B 106 -61.12 2.17 2.06
C LEU B 106 -62.37 3.00 2.30
N LEU B 107 -62.93 2.89 3.50
CA LEU B 107 -64.10 3.66 3.92
C LEU B 107 -63.69 4.45 5.16
N ILE B 108 -63.33 5.71 4.96
CA ILE B 108 -62.89 6.59 6.03
C ILE B 108 -64.01 7.56 6.35
N VAL B 109 -64.35 7.68 7.63
CA VAL B 109 -65.39 8.60 8.07
C VAL B 109 -64.97 9.30 9.35
N VAL B 116 -62.48 6.58 12.11
CA VAL B 116 -63.06 5.27 11.83
C VAL B 116 -62.65 4.80 10.44
N ILE B 117 -61.69 3.86 10.40
CA ILE B 117 -61.20 3.36 9.13
C ILE B 117 -61.52 1.87 9.01
N LYS B 118 -62.17 1.49 7.91
CA LYS B 118 -62.61 0.12 7.68
C LYS B 118 -62.12 -0.32 6.31
N VAL B 119 -61.03 -1.10 6.28
CA VAL B 119 -60.51 -1.61 5.02
C VAL B 119 -61.39 -2.72 4.49
N CYS B 120 -62.22 -3.32 5.34
CA CYS B 120 -63.16 -4.35 4.90
C CYS B 120 -64.27 -3.73 4.06
N ASN B 154 -64.25 -10.91 2.75
CA ASN B 154 -63.39 -11.27 3.87
C ASN B 154 -62.70 -10.04 4.46
N CYS B 155 -63.14 -9.62 5.64
CA CYS B 155 -62.53 -8.47 6.30
C CYS B 155 -61.07 -8.74 6.60
N THR B 156 -60.21 -7.76 6.27
CA THR B 156 -58.77 -7.93 6.40
C THR B 156 -58.17 -6.99 7.43
N PHE B 157 -58.38 -5.68 7.32
CA PHE B 157 -57.84 -4.71 8.25
C PHE B 157 -58.96 -3.83 8.76
N GLU B 158 -59.08 -3.71 10.09
CA GLU B 158 -60.14 -2.95 10.74
C GLU B 158 -59.57 -1.98 11.75
N TYR B 159 -58.54 -1.23 11.35
CA TYR B 159 -57.87 -0.31 12.27
C TYR B 159 -58.70 0.94 12.52
N VAL B 160 -59.79 0.80 13.26
CA VAL B 160 -60.66 1.91 13.60
C VAL B 160 -59.97 2.71 14.71
N SER B 161 -59.52 3.91 14.38
CA SER B 161 -58.84 4.76 15.35
C SER B 161 -59.70 5.96 15.75
N LYS B 176 -64.03 29.69 7.65
CA LYS B 176 -63.49 30.31 8.85
C LYS B 176 -62.28 29.54 9.36
N ASN B 177 -62.17 28.27 8.95
CA ASN B 177 -61.04 27.43 9.29
C ASN B 177 -60.61 26.65 8.05
N LEU B 178 -59.31 26.62 7.79
CA LEU B 178 -58.75 25.89 6.65
C LEU B 178 -58.43 24.47 7.10
N ARG B 179 -59.06 23.49 6.49
CA ARG B 179 -58.77 22.09 6.75
C ARG B 179 -58.00 21.51 5.57
N GLU B 180 -56.79 21.03 5.84
CA GLU B 180 -55.92 20.51 4.81
C GLU B 180 -55.67 19.02 5.03
N PHE B 181 -55.47 18.29 3.93
CA PHE B 181 -55.22 16.86 4.00
C PHE B 181 -54.31 16.46 2.85
N VAL B 182 -53.25 15.72 3.19
CA VAL B 182 -52.33 15.17 2.20
C VAL B 182 -52.43 13.66 2.29
N PHE B 183 -52.76 13.03 1.17
CA PHE B 183 -52.94 11.58 1.11
C PHE B 183 -51.81 10.98 0.27
N LYS B 184 -51.09 10.03 0.86
CA LYS B 184 -50.00 9.36 0.17
C LYS B 184 -49.79 7.99 0.79
N ASN B 185 -49.56 6.99 -0.06
CA ASN B 185 -49.35 5.62 0.37
C ASN B 185 -48.02 5.14 -0.19
N ILE B 186 -47.05 4.92 0.69
CA ILE B 186 -45.69 4.58 0.29
C ILE B 186 -45.23 3.38 1.11
N ASP B 187 -44.68 2.37 0.42
CA ASP B 187 -44.06 1.22 1.07
C ASP B 187 -45.03 0.51 2.02
N GLY B 188 -46.28 0.38 1.59
CA GLY B 188 -47.27 -0.32 2.37
C GLY B 188 -47.87 0.47 3.51
N TYR B 189 -47.47 1.72 3.68
CA TYR B 189 -47.95 2.55 4.78
C TYR B 189 -48.77 3.71 4.22
N PHE B 190 -49.97 3.88 4.76
CA PHE B 190 -50.85 4.98 4.36
C PHE B 190 -50.56 6.18 5.25
N LYS B 191 -50.04 7.26 4.65
CA LYS B 191 -49.64 8.45 5.38
C LYS B 191 -50.69 9.53 5.23
N ILE B 192 -51.09 10.12 6.34
CA ILE B 192 -52.08 11.18 6.37
C ILE B 192 -51.47 12.39 7.07
N TYR B 193 -51.57 13.56 6.45
CA TYR B 193 -51.07 14.80 7.00
C TYR B 193 -52.19 15.83 7.02
N SER B 194 -52.19 16.68 8.04
CA SER B 194 -53.27 17.65 8.17
C SER B 194 -52.80 18.84 9.00
N LYS B 195 -53.54 19.93 8.88
CA LYS B 195 -53.29 21.15 9.63
C LYS B 195 -54.50 22.08 9.53
N HIS B 196 -54.96 22.61 10.65
CA HIS B 196 -56.17 23.44 10.70
C HIS B 196 -55.77 24.85 11.11
N THR B 197 -55.99 25.80 10.20
CA THR B 197 -55.67 27.20 10.48
C THR B 197 -56.83 28.11 10.08
N PRO B 198 -57.24 29.01 10.96
CA PRO B 198 -58.27 29.99 10.58
C PRO B 198 -57.76 30.92 9.49
N ILE B 199 -58.70 31.38 8.66
CA ILE B 199 -58.37 32.31 7.57
C ILE B 199 -59.60 33.17 7.30
N ASN B 200 -59.37 34.31 6.66
CA ASN B 200 -60.45 35.17 6.17
C ASN B 200 -60.32 35.30 4.66
N LEU B 201 -60.84 34.31 3.95
CA LEU B 201 -60.86 34.26 2.49
C LEU B 201 -61.86 33.20 2.06
N VAL B 202 -62.46 33.42 0.89
CA VAL B 202 -63.50 32.53 0.41
C VAL B 202 -63.29 32.06 -1.03
N ARG B 203 -62.44 32.70 -1.83
CA ARG B 203 -62.40 32.41 -3.26
C ARG B 203 -61.40 31.31 -3.60
N ASP B 204 -60.22 31.33 -2.99
CA ASP B 204 -59.14 30.43 -3.36
C ASP B 204 -58.23 30.18 -2.16
N LEU B 205 -57.19 29.39 -2.39
CA LEU B 205 -56.24 29.09 -1.33
C LEU B 205 -55.44 30.34 -1.01
N PRO B 206 -55.35 30.75 0.25
CA PRO B 206 -54.63 31.98 0.58
C PRO B 206 -53.13 31.82 0.44
N GLN B 207 -52.45 32.95 0.35
CA GLN B 207 -51.00 32.98 0.25
C GLN B 207 -50.40 33.00 1.65
N GLY B 208 -49.73 31.90 2.02
CA GLY B 208 -49.12 31.80 3.33
C GLY B 208 -48.45 30.46 3.54
N PHE B 209 -47.51 30.39 4.48
CA PHE B 209 -46.73 29.18 4.73
C PHE B 209 -47.19 28.54 6.03
N SER B 210 -47.38 27.21 5.98
CA SER B 210 -47.78 26.46 7.16
C SER B 210 -47.32 25.01 7.01
N ALA B 211 -46.72 24.47 8.06
CA ALA B 211 -46.25 23.10 8.04
C ALA B 211 -47.37 22.14 8.48
N LEU B 212 -47.36 20.95 7.89
CA LEU B 212 -48.36 19.92 8.18
C LEU B 212 -47.69 18.77 8.90
N GLU B 213 -48.34 18.28 9.96
CA GLU B 213 -47.79 17.23 10.79
C GLU B 213 -48.51 15.92 10.53
N PRO B 214 -47.80 14.81 10.37
CA PRO B 214 -48.46 13.53 10.12
C PRO B 214 -49.30 13.10 11.33
N LEU B 215 -50.36 12.35 11.04
CA LEU B 215 -51.27 11.87 12.09
C LEU B 215 -51.21 10.36 12.24
N VAL B 216 -51.45 9.61 11.16
CA VAL B 216 -51.51 8.16 11.22
C VAL B 216 -50.69 7.56 10.09
N ASP B 217 -50.27 6.31 10.29
CA ASP B 217 -49.57 5.54 9.28
C ASP B 217 -50.05 4.10 9.37
N LEU B 218 -50.71 3.62 8.32
CA LEU B 218 -51.37 2.33 8.35
C LEU B 218 -50.61 1.32 7.50
N PRO B 219 -50.07 0.26 8.10
CA PRO B 219 -49.32 -0.77 7.34
C PRO B 219 -50.25 -1.79 6.68
N ILE B 220 -50.87 -1.38 5.58
CA ILE B 220 -51.85 -2.21 4.89
C ILE B 220 -51.28 -2.87 3.65
N GLY B 221 -50.50 -2.12 2.86
CA GLY B 221 -49.90 -2.67 1.66
C GLY B 221 -50.88 -3.11 0.60
N ILE B 222 -51.85 -2.25 0.28
CA ILE B 222 -52.88 -2.57 -0.70
C ILE B 222 -52.68 -1.72 -1.95
N ASN B 223 -53.51 -1.98 -2.95
CA ASN B 223 -53.41 -1.33 -4.26
C ASN B 223 -54.57 -0.36 -4.44
N ILE B 224 -54.26 0.90 -4.72
CA ILE B 224 -55.25 1.95 -4.91
C ILE B 224 -54.93 2.70 -6.21
N THR B 225 -55.98 2.97 -6.99
CA THR B 225 -55.83 3.78 -8.21
C THR B 225 -56.87 4.87 -8.38
N ARG B 226 -57.98 4.82 -7.64
CA ARG B 226 -59.03 5.83 -7.77
C ARG B 226 -59.52 6.21 -6.38
N PHE B 227 -60.22 7.35 -6.31
CA PHE B 227 -60.82 7.79 -5.06
C PHE B 227 -61.97 8.74 -5.35
N GLN B 228 -62.90 8.81 -4.40
CA GLN B 228 -63.98 9.78 -4.45
C GLN B 228 -64.36 10.16 -3.03
N THR B 229 -64.93 11.36 -2.87
CA THR B 229 -65.25 11.86 -1.55
C THR B 229 -66.55 11.26 -1.04
N LEU B 230 -66.56 10.90 0.25
CA LEU B 230 -67.76 10.39 0.90
C LEU B 230 -68.48 11.56 1.56
N LEU B 231 -69.38 12.18 0.80
CA LEU B 231 -70.17 13.29 1.30
C LEU B 231 -71.27 12.77 2.21
N ALA B 232 -71.40 13.40 3.38
CA ALA B 232 -72.41 12.99 4.35
C ALA B 232 -73.71 13.78 4.15
N ALA B 252 -70.77 23.26 -2.61
CA ALA B 252 -69.62 22.62 -1.99
C ALA B 252 -68.37 22.81 -2.83
N ALA B 253 -67.33 23.37 -2.22
CA ALA B 253 -66.07 23.65 -2.89
C ALA B 253 -64.97 22.77 -2.32
N TYR B 254 -64.22 22.09 -3.20
CA TYR B 254 -63.07 21.32 -2.79
C TYR B 254 -62.08 21.25 -3.95
N TYR B 255 -60.81 21.05 -3.62
CA TYR B 255 -59.73 21.12 -4.59
C TYR B 255 -58.96 19.80 -4.61
N VAL B 256 -58.40 19.48 -5.77
CA VAL B 256 -57.65 18.24 -5.98
C VAL B 256 -56.33 18.60 -6.64
N GLY B 257 -55.22 18.30 -5.96
CA GLY B 257 -53.90 18.55 -6.49
C GLY B 257 -53.01 17.32 -6.43
N TYR B 258 -52.08 17.19 -7.36
CA TYR B 258 -51.27 15.98 -7.48
C TYR B 258 -49.80 16.26 -7.18
N LEU B 259 -49.21 15.38 -6.38
CA LEU B 259 -47.81 15.53 -5.96
C LEU B 259 -46.86 15.04 -7.04
N GLN B 260 -45.65 15.58 -7.01
CA GLN B 260 -44.59 15.24 -7.95
C GLN B 260 -43.32 14.91 -7.18
N PRO B 261 -42.46 14.06 -7.74
CA PRO B 261 -41.19 13.75 -7.07
C PRO B 261 -40.22 14.91 -7.14
N ARG B 262 -40.39 15.88 -6.24
CA ARG B 262 -39.64 17.12 -6.27
C ARG B 262 -38.50 17.11 -5.24
N THR B 263 -37.56 18.02 -5.43
CA THR B 263 -36.46 18.24 -4.49
C THR B 263 -36.65 19.62 -3.86
N PHE B 264 -36.56 19.67 -2.53
CA PHE B 264 -36.84 20.89 -1.80
C PHE B 264 -35.69 21.21 -0.85
N LEU B 265 -35.74 22.43 -0.30
CA LEU B 265 -34.77 22.92 0.67
C LEU B 265 -35.54 23.50 1.85
N LEU B 266 -35.51 22.81 2.99
CA LEU B 266 -36.34 23.15 4.12
C LEU B 266 -35.58 24.05 5.09
N LYS B 267 -36.20 25.16 5.47
CA LYS B 267 -35.62 26.10 6.43
C LYS B 267 -36.34 25.92 7.77
N TYR B 268 -35.63 25.35 8.75
CA TYR B 268 -36.15 25.25 10.09
C TYR B 268 -35.86 26.53 10.87
N ASN B 269 -36.22 26.53 12.14
CA ASN B 269 -35.96 27.65 13.04
C ASN B 269 -35.35 27.13 14.33
N GLU B 270 -35.07 28.06 15.26
CA GLU B 270 -34.49 27.67 16.53
C GLU B 270 -35.42 26.82 17.37
N ASN B 271 -36.72 26.82 17.09
CA ASN B 271 -37.68 26.01 17.81
C ASN B 271 -38.04 24.73 17.06
N GLY B 272 -37.34 24.42 15.98
CA GLY B 272 -37.58 23.20 15.24
C GLY B 272 -38.90 23.15 14.50
N THR B 273 -39.32 24.26 13.89
CA THR B 273 -40.54 24.32 13.10
C THR B 273 -40.20 24.76 11.69
N ILE B 274 -40.83 24.12 10.71
CA ILE B 274 -40.61 24.49 9.31
C ILE B 274 -41.24 25.84 9.06
N THR B 275 -40.43 26.82 8.67
CA THR B 275 -40.90 28.18 8.45
C THR B 275 -40.90 28.60 7.00
N ASP B 276 -40.06 28.00 6.16
CA ASP B 276 -39.99 28.38 4.75
C ASP B 276 -39.37 27.23 3.99
N ALA B 277 -39.60 27.23 2.67
CA ALA B 277 -39.06 26.20 1.80
C ALA B 277 -38.77 26.81 0.44
N VAL B 278 -37.93 26.11 -0.33
CA VAL B 278 -37.50 26.56 -1.65
C VAL B 278 -37.72 25.42 -2.63
N ASP B 279 -38.39 25.71 -3.74
CA ASP B 279 -38.60 24.74 -4.80
C ASP B 279 -37.38 24.74 -5.71
N CYS B 280 -36.59 23.67 -5.64
CA CYS B 280 -35.27 23.67 -6.26
C CYS B 280 -35.32 23.64 -7.78
N ALA B 281 -36.40 23.14 -8.39
CA ALA B 281 -36.49 22.98 -9.83
C ALA B 281 -37.67 23.75 -10.42
N LEU B 282 -37.87 24.98 -9.96
CA LEU B 282 -38.91 25.84 -10.53
C LEU B 282 -38.34 26.79 -11.58
N ASP B 283 -37.41 27.63 -11.18
CA ASP B 283 -36.84 28.64 -12.07
C ASP B 283 -35.35 28.75 -11.75
N PRO B 284 -34.57 29.34 -12.66
CA PRO B 284 -33.12 29.43 -12.41
C PRO B 284 -32.74 30.13 -11.12
N LEU B 285 -33.51 31.12 -10.67
CA LEU B 285 -33.17 31.80 -9.42
C LEU B 285 -33.28 30.86 -8.23
N SER B 286 -34.40 30.14 -8.12
CA SER B 286 -34.55 29.18 -7.04
C SER B 286 -33.56 28.02 -7.18
N GLU B 287 -33.22 27.66 -8.42
CA GLU B 287 -32.23 26.61 -8.62
C GLU B 287 -30.86 27.05 -8.11
N THR B 288 -30.50 28.31 -8.36
CA THR B 288 -29.27 28.85 -7.79
C THR B 288 -29.33 28.88 -6.27
N LYS B 289 -30.49 29.27 -5.71
CA LYS B 289 -30.65 29.29 -4.27
C LYS B 289 -30.40 27.92 -3.66
N CYS B 290 -30.99 26.87 -4.24
CA CYS B 290 -30.78 25.53 -3.72
C CYS B 290 -29.42 24.96 -4.12
N THR B 291 -28.72 25.58 -5.06
CA THR B 291 -27.35 25.19 -5.34
C THR B 291 -26.40 25.74 -4.28
N LEU B 292 -26.63 26.97 -3.83
CA LEU B 292 -25.74 27.60 -2.86
C LEU B 292 -26.14 27.32 -1.41
N LYS B 293 -27.24 26.62 -1.17
CA LYS B 293 -27.71 26.28 0.17
C LYS B 293 -27.91 27.54 1.02
N SER B 294 -28.63 28.51 0.45
CA SER B 294 -28.94 29.73 1.18
C SER B 294 -30.16 30.38 0.56
N PHE B 295 -30.91 31.10 1.38
CA PHE B 295 -32.12 31.79 0.93
C PHE B 295 -31.83 33.18 0.38
N THR B 296 -30.58 33.64 0.48
CA THR B 296 -30.20 34.93 -0.07
C THR B 296 -28.86 34.79 -0.79
N VAL B 297 -28.82 35.21 -2.05
CA VAL B 297 -27.61 35.15 -2.85
C VAL B 297 -27.26 36.57 -3.28
N GLU B 298 -25.98 36.93 -3.12
CA GLU B 298 -25.53 38.27 -3.44
C GLU B 298 -25.21 38.39 -4.93
N LYS B 299 -24.81 39.60 -5.33
CA LYS B 299 -24.55 39.87 -6.74
C LYS B 299 -23.37 39.05 -7.24
N GLY B 300 -23.52 38.46 -8.42
CA GLY B 300 -22.47 37.67 -9.02
C GLY B 300 -23.02 36.75 -10.08
N ILE B 301 -22.11 35.93 -10.62
CA ILE B 301 -22.44 34.93 -11.62
C ILE B 301 -22.05 33.57 -11.07
N TYR B 302 -22.95 32.61 -11.18
CA TYR B 302 -22.78 31.30 -10.56
C TYR B 302 -23.03 30.19 -11.57
N GLN B 303 -22.22 29.15 -11.51
CA GLN B 303 -22.38 27.97 -12.36
C GLN B 303 -23.14 26.92 -11.59
N THR B 304 -24.20 26.39 -12.20
CA THR B 304 -25.13 25.52 -11.49
C THR B 304 -25.20 24.11 -12.05
N SER B 305 -25.48 23.96 -13.34
CA SER B 305 -25.72 22.64 -13.90
C SER B 305 -25.07 22.55 -15.28
N ASN B 306 -25.38 21.47 -16.00
CA ASN B 306 -24.82 21.23 -17.32
C ASN B 306 -25.94 20.76 -18.24
N PHE B 307 -26.02 21.34 -19.42
CA PHE B 307 -27.03 20.95 -20.39
C PHE B 307 -26.47 19.97 -21.41
N ARG B 308 -27.35 19.12 -21.93
CA ARG B 308 -26.97 18.14 -22.94
C ARG B 308 -28.16 17.89 -23.84
N VAL B 309 -27.97 18.06 -25.15
CA VAL B 309 -29.04 17.76 -26.10
C VAL B 309 -29.31 16.27 -26.10
N GLN B 310 -30.58 15.90 -26.04
CA GLN B 310 -30.94 14.50 -25.87
C GLN B 310 -31.18 13.82 -27.21
N PRO B 311 -31.00 12.51 -27.26
CA PRO B 311 -31.25 11.78 -28.51
C PRO B 311 -32.72 11.83 -28.91
N THR B 312 -32.94 11.77 -30.22
CA THR B 312 -34.28 11.86 -30.79
C THR B 312 -34.89 10.50 -31.12
N GLU B 313 -34.12 9.60 -31.71
CA GLU B 313 -34.61 8.26 -32.02
C GLU B 313 -33.47 7.26 -31.86
N SER B 314 -33.76 6.00 -32.16
CA SER B 314 -32.83 4.90 -31.97
C SER B 314 -32.54 4.21 -33.30
N ILE B 315 -31.26 3.88 -33.51
CA ILE B 315 -30.79 3.26 -34.74
C ILE B 315 -30.15 1.92 -34.39
N VAL B 316 -30.22 0.99 -35.34
CA VAL B 316 -29.58 -0.31 -35.20
C VAL B 316 -29.17 -0.79 -36.57
N ARG B 317 -28.03 -1.46 -36.64
CA ARG B 317 -27.50 -1.98 -37.89
C ARG B 317 -26.96 -3.38 -37.67
N PHE B 318 -27.42 -4.32 -38.49
CA PHE B 318 -27.04 -5.72 -38.36
C PHE B 318 -26.72 -6.27 -39.75
N PRO B 319 -25.97 -7.37 -39.85
CA PRO B 319 -25.77 -7.98 -41.16
C PRO B 319 -27.04 -8.67 -41.65
N ASN B 320 -26.99 -9.23 -42.85
CA ASN B 320 -28.19 -9.85 -43.43
C ASN B 320 -27.95 -11.27 -43.89
N ILE B 321 -28.11 -12.23 -42.96
CA ILE B 321 -27.96 -13.64 -43.27
C ILE B 321 -29.14 -14.37 -42.65
N THR B 322 -29.72 -15.32 -43.40
CA THR B 322 -30.94 -16.00 -43.00
C THR B 322 -30.75 -17.47 -42.66
N ASN B 323 -29.63 -18.07 -43.04
CA ASN B 323 -29.39 -19.48 -42.74
C ASN B 323 -29.20 -19.67 -41.23
N LEU B 324 -29.86 -20.68 -40.68
CA LEU B 324 -29.81 -20.89 -39.25
C LEU B 324 -28.56 -21.69 -38.89
N CYS B 325 -27.98 -21.34 -37.74
CA CYS B 325 -26.79 -22.04 -37.28
C CYS B 325 -27.12 -23.50 -37.00
N PRO B 326 -26.17 -24.39 -37.23
CA PRO B 326 -26.38 -25.82 -37.01
C PRO B 326 -26.24 -26.23 -35.55
N PHE B 327 -26.87 -25.45 -34.67
CA PHE B 327 -26.95 -25.86 -33.27
C PHE B 327 -27.74 -27.14 -33.11
N GLY B 328 -28.55 -27.50 -34.11
CA GLY B 328 -29.36 -28.69 -34.00
C GLY B 328 -28.54 -29.96 -33.95
N GLU B 329 -27.48 -30.03 -34.77
CA GLU B 329 -26.75 -31.28 -34.89
C GLU B 329 -25.70 -31.45 -33.79
N VAL B 330 -25.12 -30.36 -33.30
CA VAL B 330 -24.12 -30.48 -32.24
C VAL B 330 -24.73 -31.10 -30.99
N PHE B 331 -25.85 -30.56 -30.53
CA PHE B 331 -26.46 -31.04 -29.30
C PHE B 331 -27.16 -32.37 -29.50
N ASN B 332 -27.61 -32.67 -30.70
CA ASN B 332 -28.50 -33.80 -30.92
C ASN B 332 -27.81 -34.92 -31.68
N ALA B 333 -26.48 -34.96 -31.64
CA ALA B 333 -25.75 -36.01 -32.36
C ALA B 333 -25.91 -37.35 -31.66
N THR B 334 -25.76 -38.42 -32.44
CA THR B 334 -25.96 -39.77 -31.92
C THR B 334 -24.83 -40.22 -31.00
N ARG B 335 -23.59 -39.92 -31.36
CA ARG B 335 -22.45 -40.46 -30.63
C ARG B 335 -21.47 -39.34 -30.31
N PHE B 336 -21.19 -39.14 -29.03
CA PHE B 336 -20.18 -38.20 -28.57
C PHE B 336 -18.85 -38.91 -28.33
N ALA B 337 -17.76 -38.17 -28.52
CA ALA B 337 -16.43 -38.74 -28.43
C ALA B 337 -15.95 -38.79 -26.98
N SER B 338 -14.81 -39.45 -26.79
CA SER B 338 -14.22 -39.56 -25.47
C SER B 338 -13.69 -38.21 -25.00
N VAL B 339 -13.38 -38.14 -23.70
CA VAL B 339 -12.92 -36.88 -23.15
C VAL B 339 -11.54 -36.51 -23.67
N TYR B 340 -10.68 -37.50 -23.89
CA TYR B 340 -9.30 -37.22 -24.28
C TYR B 340 -9.14 -37.01 -25.78
N ALA B 341 -10.18 -37.23 -26.58
CA ALA B 341 -10.15 -36.99 -28.01
C ALA B 341 -11.31 -36.08 -28.41
N TRP B 342 -11.52 -35.03 -27.62
CA TRP B 342 -12.70 -34.21 -27.76
C TRP B 342 -12.74 -33.49 -29.09
N ASN B 343 -13.93 -33.48 -29.70
CA ASN B 343 -14.13 -32.84 -30.98
C ASN B 343 -14.11 -31.32 -30.84
N ARG B 344 -14.23 -30.66 -31.99
CA ARG B 344 -14.26 -29.21 -32.04
C ARG B 344 -14.83 -28.80 -33.39
N LYS B 345 -15.85 -27.95 -33.35
CA LYS B 345 -16.52 -27.53 -34.57
C LYS B 345 -16.60 -26.02 -34.62
N ARG B 346 -16.38 -25.47 -35.81
CA ARG B 346 -16.48 -24.04 -36.05
C ARG B 346 -17.83 -23.72 -36.65
N ILE B 347 -18.53 -22.77 -36.04
CA ILE B 347 -19.82 -22.31 -36.54
C ILE B 347 -19.67 -20.86 -36.96
N SER B 348 -20.09 -20.54 -38.18
CA SER B 348 -19.92 -19.20 -38.70
C SER B 348 -20.94 -18.95 -39.80
N ASN B 349 -21.11 -17.67 -40.12
CA ASN B 349 -21.99 -17.22 -41.21
C ASN B 349 -23.41 -17.72 -41.03
N CYS B 350 -23.95 -17.51 -39.83
CA CYS B 350 -25.32 -17.88 -39.53
C CYS B 350 -25.80 -17.07 -38.34
N VAL B 351 -27.12 -17.01 -38.19
CA VAL B 351 -27.75 -16.32 -37.08
C VAL B 351 -28.07 -17.35 -36.00
N ALA B 352 -27.71 -17.04 -34.77
CA ALA B 352 -27.82 -17.97 -33.66
C ALA B 352 -28.89 -17.49 -32.70
N ASP B 353 -29.83 -18.38 -32.37
CA ASP B 353 -30.90 -18.08 -31.43
C ASP B 353 -30.68 -18.92 -30.18
N TYR B 354 -30.19 -18.28 -29.12
CA TYR B 354 -29.86 -18.98 -27.89
C TYR B 354 -31.02 -19.09 -26.92
N SER B 355 -32.14 -18.42 -27.21
CA SER B 355 -33.29 -18.52 -26.31
C SER B 355 -33.84 -19.93 -26.27
N VAL B 356 -33.86 -20.61 -27.42
CA VAL B 356 -34.37 -21.97 -27.45
C VAL B 356 -33.53 -22.88 -26.58
N LEU B 357 -32.21 -22.69 -26.59
CA LEU B 357 -31.36 -23.44 -25.68
C LEU B 357 -31.68 -23.10 -24.24
N TYR B 358 -31.73 -21.81 -23.90
CA TYR B 358 -31.83 -21.46 -22.49
C TYR B 358 -33.16 -21.90 -21.88
N ASN B 359 -34.27 -21.70 -22.59
CA ASN B 359 -35.55 -22.12 -22.02
C ASN B 359 -35.94 -23.53 -22.44
N SER B 360 -35.02 -24.47 -22.25
CA SER B 360 -35.26 -25.86 -22.61
C SER B 360 -35.56 -26.74 -21.40
N ALA B 361 -35.02 -26.39 -20.24
CA ALA B 361 -35.30 -27.08 -18.99
C ALA B 361 -34.84 -28.53 -19.00
N SER B 362 -34.19 -28.96 -20.08
CA SER B 362 -33.65 -30.30 -20.17
C SER B 362 -32.16 -30.35 -19.89
N PHE B 363 -31.56 -29.25 -19.47
CA PHE B 363 -30.13 -29.18 -19.15
C PHE B 363 -29.95 -29.08 -17.64
N SER B 364 -29.09 -29.94 -17.10
CA SER B 364 -28.84 -29.92 -15.67
C SER B 364 -28.06 -28.68 -15.26
N THR B 365 -27.07 -28.28 -16.05
CA THR B 365 -26.17 -27.19 -15.72
C THR B 365 -26.04 -26.25 -16.90
N PHE B 366 -26.18 -24.95 -16.65
CA PHE B 366 -25.99 -23.91 -17.66
C PHE B 366 -25.28 -22.75 -16.99
N LYS B 367 -23.97 -22.75 -17.04
CA LYS B 367 -23.16 -21.77 -16.34
C LYS B 367 -22.41 -20.92 -17.36
N CYS B 368 -22.39 -19.61 -17.15
CA CYS B 368 -21.84 -18.68 -18.11
C CYS B 368 -20.80 -17.78 -17.46
N TYR B 369 -19.62 -17.71 -18.05
CA TYR B 369 -18.51 -16.90 -17.57
C TYR B 369 -18.27 -15.76 -18.54
N GLY B 370 -18.16 -14.55 -18.02
CA GLY B 370 -17.86 -13.38 -18.83
C GLY B 370 -19.03 -12.77 -19.57
N VAL B 371 -19.96 -13.61 -20.05
CA VAL B 371 -21.15 -13.16 -20.76
C VAL B 371 -22.35 -13.78 -20.09
N SER B 372 -23.36 -12.97 -19.78
CA SER B 372 -24.54 -13.47 -19.10
C SER B 372 -25.58 -13.94 -20.10
N PRO B 373 -26.28 -15.04 -19.83
CA PRO B 373 -27.37 -15.46 -20.71
C PRO B 373 -28.53 -14.50 -20.59
N THR B 374 -29.55 -14.74 -21.40
CA THR B 374 -30.72 -13.87 -21.60
C THR B 374 -30.31 -12.59 -22.33
N LYS B 375 -29.04 -12.42 -22.66
CA LYS B 375 -28.59 -11.30 -23.47
C LYS B 375 -27.65 -11.74 -24.57
N LEU B 376 -27.50 -13.04 -24.79
CA LEU B 376 -26.62 -13.52 -25.85
C LEU B 376 -27.12 -13.10 -27.21
N ASN B 377 -28.42 -13.15 -27.42
CA ASN B 377 -28.96 -12.91 -28.76
C ASN B 377 -28.95 -11.43 -29.12
N ASP B 378 -28.36 -10.58 -28.27
CA ASP B 378 -28.29 -9.16 -28.59
C ASP B 378 -26.97 -8.79 -29.25
N LEU B 379 -25.87 -9.38 -28.80
CA LEU B 379 -24.56 -8.92 -29.24
C LEU B 379 -23.97 -9.81 -30.33
N CYS B 380 -23.08 -9.23 -31.12
CA CYS B 380 -22.44 -9.93 -32.24
C CYS B 380 -20.96 -10.13 -31.93
N PHE B 381 -20.43 -11.26 -32.37
CA PHE B 381 -19.06 -11.67 -32.12
C PHE B 381 -18.58 -12.67 -33.16
N THR B 382 -17.26 -12.73 -33.31
CA THR B 382 -16.60 -13.19 -34.53
C THR B 382 -16.86 -14.65 -34.88
N ASN B 383 -16.41 -15.57 -34.03
CA ASN B 383 -16.65 -16.98 -34.26
C ASN B 383 -16.82 -17.70 -32.93
N VAL B 384 -17.57 -18.78 -32.96
CA VAL B 384 -17.80 -19.60 -31.77
C VAL B 384 -16.96 -20.86 -31.91
N TYR B 385 -16.96 -21.66 -30.86
CA TYR B 385 -16.35 -22.97 -30.93
C TYR B 385 -17.08 -23.90 -29.99
N ALA B 386 -17.62 -24.98 -30.56
CA ALA B 386 -18.40 -25.94 -29.79
C ALA B 386 -17.55 -27.18 -29.57
N ASP B 387 -17.21 -27.45 -28.32
CA ASP B 387 -16.44 -28.62 -27.93
C ASP B 387 -17.34 -29.57 -27.17
N SER B 388 -17.29 -30.86 -27.51
CA SER B 388 -18.20 -31.83 -26.95
C SER B 388 -17.47 -33.10 -26.54
N PHE B 389 -17.96 -33.74 -25.50
CA PHE B 389 -17.39 -34.99 -24.98
C PHE B 389 -18.33 -35.49 -23.89
N VAL B 390 -18.05 -36.69 -23.37
CA VAL B 390 -18.87 -37.32 -22.34
C VAL B 390 -17.97 -37.76 -21.20
N ILE B 391 -18.36 -37.43 -19.97
CA ILE B 391 -17.57 -37.71 -18.78
C ILE B 391 -18.51 -38.21 -17.68
N ARG B 392 -17.92 -38.50 -16.52
CA ARG B 392 -18.66 -38.97 -15.37
C ARG B 392 -19.43 -37.82 -14.73
N GLY B 393 -20.52 -38.17 -14.05
CA GLY B 393 -21.39 -37.13 -13.51
C GLY B 393 -20.72 -36.27 -12.46
N ASP B 394 -19.91 -36.88 -11.60
CA ASP B 394 -19.33 -36.15 -10.48
C ASP B 394 -18.33 -35.10 -10.95
N GLU B 395 -17.55 -35.41 -11.96
CA GLU B 395 -16.45 -34.56 -12.39
C GLU B 395 -16.87 -33.31 -13.11
N VAL B 396 -18.16 -33.00 -13.25
CA VAL B 396 -18.59 -31.84 -14.02
C VAL B 396 -18.03 -30.56 -13.44
N ARG B 397 -17.83 -30.50 -12.12
CA ARG B 397 -17.36 -29.28 -11.50
C ARG B 397 -15.94 -28.93 -11.90
N GLN B 398 -15.21 -29.84 -12.55
CA GLN B 398 -13.85 -29.54 -12.99
C GLN B 398 -13.81 -28.79 -14.30
N ILE B 399 -14.93 -28.65 -14.99
CA ILE B 399 -14.99 -27.91 -16.25
C ILE B 399 -15.34 -26.46 -15.89
N ALA B 400 -14.32 -25.68 -15.57
CA ALA B 400 -14.46 -24.29 -15.16
C ALA B 400 -13.07 -23.68 -15.04
N PRO B 401 -12.93 -22.37 -15.21
CA PRO B 401 -11.59 -21.78 -15.12
C PRO B 401 -11.02 -21.91 -13.72
N GLY B 402 -9.72 -22.17 -13.65
CA GLY B 402 -9.05 -22.21 -12.37
C GLY B 402 -9.26 -23.46 -11.54
N GLN B 403 -9.86 -24.50 -12.11
CA GLN B 403 -10.05 -25.76 -11.40
C GLN B 403 -8.97 -26.76 -11.77
N THR B 404 -8.63 -27.62 -10.81
CA THR B 404 -7.52 -28.56 -10.97
C THR B 404 -7.98 -29.97 -10.63
N GLY B 405 -7.36 -30.95 -11.26
CA GLY B 405 -7.70 -32.33 -11.05
C GLY B 405 -7.26 -33.17 -12.22
N LYS B 406 -7.73 -34.42 -12.22
CA LYS B 406 -7.37 -35.35 -13.29
C LYS B 406 -7.80 -34.81 -14.65
N ILE B 407 -9.07 -34.43 -14.76
CA ILE B 407 -9.58 -33.93 -16.03
C ILE B 407 -8.90 -32.62 -16.41
N ALA B 408 -9.03 -31.61 -15.56
CA ALA B 408 -8.49 -30.29 -15.86
C ALA B 408 -6.98 -30.25 -15.85
N ASP B 409 -6.31 -31.38 -15.68
CA ASP B 409 -4.85 -31.44 -15.79
C ASP B 409 -4.39 -32.24 -17.00
N TYR B 410 -4.92 -33.45 -17.19
CA TYR B 410 -4.42 -34.32 -18.24
C TYR B 410 -5.36 -34.47 -19.42
N ASN B 411 -6.59 -33.95 -19.35
CA ASN B 411 -7.55 -34.22 -20.40
C ASN B 411 -8.02 -32.98 -21.13
N TYR B 412 -8.51 -31.96 -20.42
CA TYR B 412 -9.13 -30.81 -21.08
C TYR B 412 -9.04 -29.62 -20.17
N LYS B 413 -8.21 -28.64 -20.51
CA LYS B 413 -7.96 -27.49 -19.66
C LYS B 413 -8.45 -26.21 -20.33
N LEU B 414 -9.19 -25.41 -19.57
CA LEU B 414 -9.74 -24.10 -19.93
C LEU B 414 -8.83 -22.98 -19.45
N PRO B 415 -8.64 -21.94 -20.24
CA PRO B 415 -7.79 -20.83 -19.81
C PRO B 415 -8.45 -20.04 -18.71
N ASP B 416 -7.66 -19.12 -18.13
CA ASP B 416 -8.16 -18.29 -17.04
C ASP B 416 -8.97 -17.10 -17.52
N ASP B 417 -8.89 -16.76 -18.80
CA ASP B 417 -9.66 -15.66 -19.39
C ASP B 417 -10.81 -16.18 -20.24
N PHE B 418 -11.47 -17.24 -19.78
CA PHE B 418 -12.54 -17.84 -20.56
C PHE B 418 -13.69 -16.86 -20.73
N THR B 419 -14.33 -16.90 -21.90
CA THR B 419 -15.49 -16.07 -22.20
C THR B 419 -16.48 -16.94 -22.96
N GLY B 420 -17.37 -17.59 -22.22
CA GLY B 420 -18.28 -18.53 -22.85
C GLY B 420 -19.22 -19.12 -21.83
N CYS B 421 -19.88 -20.21 -22.23
CA CYS B 421 -20.89 -20.85 -21.40
C CYS B 421 -20.70 -22.36 -21.44
N VAL B 422 -21.08 -23.02 -20.36
CA VAL B 422 -20.92 -24.46 -20.20
C VAL B 422 -22.29 -25.08 -19.99
N ILE B 423 -22.59 -26.13 -20.75
CA ILE B 423 -23.87 -26.81 -20.69
C ILE B 423 -23.61 -28.29 -20.47
N ALA B 424 -24.43 -28.92 -19.63
CA ALA B 424 -24.31 -30.35 -19.37
C ALA B 424 -25.66 -30.91 -19.00
N TRP B 425 -25.87 -32.18 -19.35
CA TRP B 425 -27.14 -32.82 -19.03
C TRP B 425 -26.94 -34.33 -18.95
N ASN B 426 -27.59 -34.93 -17.97
CA ASN B 426 -27.47 -36.36 -17.73
C ASN B 426 -27.97 -37.14 -18.94
N SER B 427 -27.29 -38.25 -19.24
CA SER B 427 -27.62 -39.07 -20.40
C SER B 427 -27.55 -40.54 -20.05
N ASN B 428 -28.07 -40.92 -18.88
CA ASN B 428 -27.88 -42.27 -18.37
C ASN B 428 -28.58 -43.33 -19.22
N ASN B 429 -29.46 -42.94 -20.14
CA ASN B 429 -30.23 -43.90 -20.90
C ASN B 429 -29.77 -44.03 -22.34
N LEU B 430 -28.63 -43.44 -22.69
CA LEU B 430 -28.11 -43.56 -24.05
C LEU B 430 -26.67 -44.07 -24.06
N ASP B 431 -25.90 -43.67 -23.06
CA ASP B 431 -24.47 -43.93 -23.04
C ASP B 431 -24.08 -45.10 -22.16
N SER B 432 -25.05 -45.87 -21.67
CA SER B 432 -24.78 -47.03 -20.83
C SER B 432 -25.28 -48.28 -21.52
N LYS B 433 -24.68 -49.41 -21.17
CA LYS B 433 -25.04 -50.70 -21.75
C LYS B 433 -25.24 -51.71 -20.62
N VAL B 434 -25.97 -52.78 -20.95
CA VAL B 434 -26.23 -53.82 -19.96
C VAL B 434 -24.94 -54.50 -19.53
N GLY B 435 -24.08 -54.83 -20.49
CA GLY B 435 -22.83 -55.50 -20.19
C GLY B 435 -21.69 -54.61 -19.76
N GLY B 436 -21.94 -53.32 -19.62
CA GLY B 436 -20.89 -52.38 -19.26
C GLY B 436 -20.23 -51.76 -20.46
N ASN B 437 -20.31 -50.44 -20.57
CA ASN B 437 -19.77 -49.74 -21.73
C ASN B 437 -18.30 -49.45 -21.50
N TYR B 438 -17.44 -50.04 -22.34
CA TYR B 438 -16.00 -49.83 -22.28
C TYR B 438 -15.48 -49.07 -23.48
N ASN B 439 -16.33 -48.30 -24.14
CA ASN B 439 -15.93 -47.48 -25.28
C ASN B 439 -15.67 -46.04 -24.90
N TYR B 440 -15.67 -45.72 -23.61
CA TYR B 440 -15.34 -44.38 -23.15
C TYR B 440 -14.13 -44.45 -22.24
N LEU B 441 -13.09 -43.72 -22.59
CA LEU B 441 -11.81 -43.79 -21.90
C LEU B 441 -11.41 -42.40 -21.42
N TYR B 442 -10.34 -42.35 -20.63
CA TYR B 442 -9.81 -41.10 -20.15
C TYR B 442 -8.37 -41.32 -19.72
N ARG B 443 -7.55 -40.29 -19.92
CA ARG B 443 -6.13 -40.38 -19.62
C ARG B 443 -5.89 -40.22 -18.13
N LEU B 444 -4.93 -40.96 -17.60
CA LEU B 444 -4.68 -40.98 -16.17
C LEU B 444 -3.29 -40.49 -15.79
N PHE B 445 -2.26 -40.83 -16.56
CA PHE B 445 -0.89 -40.42 -16.27
C PHE B 445 -0.36 -39.55 -17.39
N ARG B 446 0.36 -38.50 -17.03
CA ARG B 446 1.05 -37.68 -18.01
C ARG B 446 2.26 -37.05 -17.35
N LYS B 447 3.27 -36.73 -18.17
CA LYS B 447 4.51 -36.19 -17.63
C LYS B 447 4.30 -34.80 -17.02
N SER B 448 3.56 -33.94 -17.70
CA SER B 448 3.33 -32.59 -17.21
C SER B 448 1.96 -32.11 -17.67
N ASN B 449 1.43 -31.12 -16.96
CA ASN B 449 0.08 -30.65 -17.20
C ASN B 449 -0.08 -30.08 -18.59
N LEU B 450 -1.32 -29.79 -18.95
CA LEU B 450 -1.66 -29.33 -20.28
C LEU B 450 -1.77 -27.82 -20.33
N LYS B 451 -1.44 -27.26 -21.48
CA LYS B 451 -1.75 -25.87 -21.75
C LYS B 451 -3.20 -25.74 -22.22
N PRO B 452 -3.80 -24.57 -22.06
CA PRO B 452 -5.21 -24.42 -22.41
C PRO B 452 -5.48 -24.77 -23.87
N PHE B 453 -6.59 -25.47 -24.09
CA PHE B 453 -7.10 -25.80 -25.42
C PHE B 453 -6.13 -26.65 -26.23
N GLU B 454 -5.24 -27.38 -25.56
CA GLU B 454 -4.32 -28.28 -26.23
C GLU B 454 -4.79 -29.71 -26.05
N ARG B 455 -4.79 -30.46 -27.14
CA ARG B 455 -5.30 -31.83 -27.14
C ARG B 455 -4.14 -32.80 -27.32
N ASP B 456 -4.16 -33.88 -26.54
CA ASP B 456 -3.20 -34.96 -26.67
C ASP B 456 -3.94 -36.23 -27.06
N ILE B 457 -3.35 -37.02 -27.95
CA ILE B 457 -3.99 -38.22 -28.46
C ILE B 457 -3.10 -39.46 -28.40
N SER B 458 -1.79 -39.30 -28.19
CA SER B 458 -0.89 -40.43 -28.22
C SER B 458 -1.20 -41.42 -27.10
N THR B 459 -0.81 -42.67 -27.31
CA THR B 459 -1.05 -43.76 -26.38
C THR B 459 0.23 -44.55 -26.12
N GLU B 460 1.32 -43.85 -25.87
CA GLU B 460 2.57 -44.54 -25.55
C GLU B 460 2.61 -44.91 -24.07
N ILE B 461 3.43 -45.91 -23.76
CA ILE B 461 3.43 -46.49 -22.42
C ILE B 461 4.15 -45.57 -21.45
N TYR B 462 3.48 -45.26 -20.35
CA TYR B 462 4.05 -44.39 -19.34
C TYR B 462 5.19 -45.07 -18.61
N GLN B 463 6.18 -44.29 -18.21
CA GLN B 463 7.34 -44.80 -17.49
C GLN B 463 7.30 -44.23 -16.07
N ALA B 464 6.73 -45.00 -15.15
CA ALA B 464 6.50 -44.52 -13.79
C ALA B 464 7.66 -44.77 -12.85
N GLY B 465 8.77 -45.31 -13.34
CA GLY B 465 9.88 -45.64 -12.46
C GLY B 465 11.25 -45.36 -13.04
N SER B 466 12.28 -45.89 -12.39
CA SER B 466 13.65 -45.65 -12.82
C SER B 466 14.02 -46.42 -14.07
N THR B 467 13.61 -47.68 -14.17
CA THR B 467 14.01 -48.52 -15.28
C THR B 467 13.23 -48.15 -16.53
N PRO B 468 13.88 -47.77 -17.63
CA PRO B 468 13.15 -47.46 -18.86
C PRO B 468 12.37 -48.68 -19.36
N CYS B 469 11.20 -48.41 -19.94
CA CYS B 469 10.30 -49.48 -20.36
C CYS B 469 10.52 -49.93 -21.78
N ASN B 470 11.17 -49.12 -22.62
CA ASN B 470 11.49 -49.48 -24.00
C ASN B 470 10.23 -49.76 -24.83
N GLY B 471 9.08 -49.28 -24.37
CA GLY B 471 7.86 -49.42 -25.12
C GLY B 471 7.11 -50.71 -24.93
N VAL B 472 7.34 -51.43 -23.84
CA VAL B 472 6.56 -52.63 -23.50
C VAL B 472 6.04 -52.47 -22.08
N GLU B 473 4.81 -52.91 -21.86
CA GLU B 473 4.19 -52.71 -20.56
C GLU B 473 4.60 -53.81 -19.58
N GLY B 474 4.67 -53.43 -18.32
CA GLY B 474 5.08 -54.35 -17.27
C GLY B 474 5.04 -53.65 -15.93
N PHE B 475 5.76 -54.22 -14.97
CA PHE B 475 5.88 -53.58 -13.67
C PHE B 475 6.48 -52.20 -13.81
N ASN B 476 5.82 -51.21 -13.22
CA ASN B 476 6.22 -49.81 -13.33
C ASN B 476 6.20 -49.32 -14.78
N CYS B 477 5.41 -49.98 -15.62
CA CYS B 477 5.21 -49.58 -17.02
C CYS B 477 3.72 -49.73 -17.31
N TYR B 478 2.97 -48.66 -17.07
CA TYR B 478 1.52 -48.71 -17.10
C TYR B 478 0.97 -48.17 -18.41
N PHE B 479 -0.12 -48.76 -18.88
CA PHE B 479 -0.87 -48.16 -19.97
C PHE B 479 -1.51 -46.87 -19.49
N PRO B 480 -1.50 -45.80 -20.29
CA PRO B 480 -1.90 -44.49 -19.80
C PRO B 480 -3.39 -44.18 -19.92
N LEU B 481 -4.22 -45.15 -20.30
CA LEU B 481 -5.64 -44.91 -20.50
C LEU B 481 -6.45 -45.90 -19.68
N GLN B 482 -7.62 -45.46 -19.21
CA GLN B 482 -8.48 -46.28 -18.39
C GLN B 482 -9.92 -46.07 -18.79
N SER B 483 -10.77 -47.03 -18.43
CA SER B 483 -12.16 -47.06 -18.87
C SER B 483 -13.11 -46.64 -17.75
N TYR B 484 -14.18 -45.93 -18.13
CA TYR B 484 -15.15 -45.48 -17.15
C TYR B 484 -16.06 -46.62 -16.71
N GLY B 485 -16.46 -47.49 -17.63
CA GLY B 485 -17.32 -48.59 -17.29
C GLY B 485 -18.69 -48.18 -16.82
N PHE B 486 -19.48 -47.59 -17.71
CA PHE B 486 -20.80 -47.12 -17.35
C PHE B 486 -21.80 -48.28 -17.32
N GLN B 487 -22.73 -48.21 -16.39
CA GLN B 487 -23.77 -49.22 -16.22
C GLN B 487 -25.09 -48.54 -15.88
N PRO B 488 -26.21 -49.16 -16.24
CA PRO B 488 -27.52 -48.55 -15.91
C PRO B 488 -27.82 -48.51 -14.43
N THR B 489 -27.12 -49.28 -13.61
CA THR B 489 -27.42 -49.37 -12.19
C THR B 489 -26.47 -48.57 -11.33
N ASN B 490 -25.59 -47.77 -11.93
CA ASN B 490 -24.65 -46.98 -11.15
C ASN B 490 -25.36 -45.84 -10.44
N GLY B 491 -24.71 -45.31 -9.41
CA GLY B 491 -25.25 -44.17 -8.71
C GLY B 491 -25.21 -42.91 -9.55
N VAL B 492 -26.00 -41.92 -9.14
CA VAL B 492 -26.12 -40.69 -9.92
C VAL B 492 -24.79 -39.95 -9.96
N GLY B 493 -23.91 -40.20 -8.99
CA GLY B 493 -22.59 -39.63 -9.08
C GLY B 493 -21.69 -40.29 -10.10
N TYR B 494 -22.08 -41.47 -10.59
CA TYR B 494 -21.26 -42.24 -11.52
C TYR B 494 -22.02 -42.54 -12.81
N GLN B 495 -22.77 -41.58 -13.31
CA GLN B 495 -23.53 -41.80 -14.54
C GLN B 495 -23.02 -40.88 -15.64
N PRO B 496 -23.13 -41.30 -16.90
CA PRO B 496 -22.57 -40.49 -17.99
C PRO B 496 -23.28 -39.15 -18.13
N TYR B 497 -22.49 -38.11 -18.36
CA TYR B 497 -22.98 -36.77 -18.61
C TYR B 497 -22.38 -36.26 -19.90
N ARG B 498 -23.20 -35.61 -20.72
CA ARG B 498 -22.73 -34.97 -21.94
C ARG B 498 -22.47 -33.50 -21.66
N VAL B 499 -21.41 -32.97 -22.26
CA VAL B 499 -21.00 -31.60 -22.01
C VAL B 499 -20.67 -30.92 -23.33
N VAL B 500 -21.08 -29.67 -23.49
CA VAL B 500 -20.78 -28.87 -24.66
C VAL B 500 -20.32 -27.51 -24.20
N VAL B 501 -19.12 -27.11 -24.60
CA VAL B 501 -18.53 -25.84 -24.21
C VAL B 501 -18.56 -24.92 -25.41
N LEU B 502 -19.10 -23.72 -25.24
CA LEU B 502 -19.13 -22.71 -26.27
C LEU B 502 -18.10 -21.64 -25.95
N SER B 503 -17.19 -21.40 -26.88
CA SER B 503 -16.13 -20.41 -26.68
C SER B 503 -16.32 -19.29 -27.67
N PHE B 504 -16.68 -18.12 -27.18
CA PHE B 504 -16.80 -16.93 -28.00
C PHE B 504 -15.45 -16.22 -28.04
N GLU B 505 -15.27 -15.37 -29.04
CA GLU B 505 -14.07 -14.55 -29.15
C GLU B 505 -14.47 -13.12 -29.46
N LEU B 506 -14.53 -12.29 -28.43
CA LEU B 506 -14.95 -10.91 -28.57
C LEU B 506 -13.77 -9.99 -28.79
N ALA B 509 -12.59 -6.94 -36.30
CA ALA B 509 -12.81 -8.05 -37.21
C ALA B 509 -14.28 -8.15 -37.59
N PRO B 510 -14.57 -8.57 -38.83
CA PRO B 510 -15.96 -8.69 -39.26
C PRO B 510 -16.68 -9.85 -38.59
N ALA B 511 -17.56 -9.55 -37.65
CA ALA B 511 -18.33 -10.59 -37.00
C ALA B 511 -19.23 -11.28 -38.00
N THR B 512 -19.49 -12.56 -37.78
CA THR B 512 -20.27 -13.33 -38.73
C THR B 512 -21.42 -14.10 -38.11
N VAL B 513 -21.48 -14.22 -36.78
CA VAL B 513 -22.55 -14.94 -36.11
C VAL B 513 -23.09 -14.08 -34.98
N CYS B 514 -24.40 -13.89 -34.95
CA CYS B 514 -25.07 -13.26 -33.82
C CYS B 514 -26.58 -13.36 -33.96
N GLY B 515 -27.29 -12.71 -33.04
CA GLY B 515 -28.68 -12.96 -32.79
C GLY B 515 -29.59 -12.42 -33.87
N PRO B 516 -30.88 -12.72 -33.73
CA PRO B 516 -31.85 -12.42 -34.80
C PRO B 516 -32.47 -11.04 -34.74
N LYS B 517 -31.91 -10.11 -33.98
CA LYS B 517 -32.46 -8.75 -33.93
C LYS B 517 -32.41 -8.12 -35.32
N LYS B 518 -33.49 -7.44 -35.69
CA LYS B 518 -33.59 -6.85 -37.01
C LYS B 518 -32.91 -5.49 -37.05
N SER B 519 -32.51 -5.08 -38.25
CA SER B 519 -31.86 -3.80 -38.46
C SER B 519 -32.87 -2.75 -38.89
N THR B 520 -32.49 -1.49 -38.73
CA THR B 520 -33.33 -0.35 -39.11
C THR B 520 -32.52 0.55 -40.05
N ASN B 521 -33.07 1.71 -40.37
CA ASN B 521 -32.43 2.65 -41.28
C ASN B 521 -31.59 3.66 -40.51
N LEU B 522 -30.65 4.26 -41.22
CA LEU B 522 -29.71 5.21 -40.65
C LEU B 522 -30.17 6.65 -40.90
N VAL B 523 -29.73 7.54 -40.01
CA VAL B 523 -30.11 8.95 -40.06
C VAL B 523 -28.83 9.78 -40.01
N LYS B 524 -28.91 11.00 -40.54
CA LYS B 524 -27.76 11.88 -40.64
C LYS B 524 -28.02 13.18 -39.89
N ASN B 525 -26.93 13.71 -39.31
CA ASN B 525 -26.94 15.04 -38.68
C ASN B 525 -28.00 15.15 -37.59
N LYS B 526 -28.19 14.06 -36.84
CA LYS B 526 -29.15 14.04 -35.75
C LYS B 526 -28.54 13.31 -34.57
N CYS B 527 -28.60 13.92 -33.38
CA CYS B 527 -28.11 13.27 -32.18
C CYS B 527 -28.97 12.06 -31.86
N VAL B 528 -28.44 10.87 -32.09
CA VAL B 528 -29.16 9.61 -31.86
C VAL B 528 -28.23 8.63 -31.17
N ASN B 529 -28.81 7.55 -30.67
CA ASN B 529 -28.06 6.42 -30.11
C ASN B 529 -28.07 5.28 -31.13
N PHE B 530 -26.90 4.70 -31.36
CA PHE B 530 -26.71 3.74 -32.44
C PHE B 530 -26.39 2.35 -31.88
N ASN B 531 -26.41 1.37 -32.78
CA ASN B 531 -26.10 -0.01 -32.42
C ASN B 531 -25.52 -0.68 -33.66
N PHE B 532 -24.19 -0.74 -33.74
CA PHE B 532 -23.48 -1.36 -34.86
C PHE B 532 -22.79 -2.62 -34.34
N ASN B 533 -23.40 -3.78 -34.59
CA ASN B 533 -22.88 -5.06 -34.14
C ASN B 533 -22.63 -5.06 -32.64
N GLY B 534 -23.58 -4.50 -31.88
CA GLY B 534 -23.47 -4.44 -30.44
C GLY B 534 -22.79 -3.21 -29.90
N LEU B 535 -22.12 -2.43 -30.74
CA LEU B 535 -21.47 -1.21 -30.31
C LEU B 535 -22.52 -0.12 -30.09
N THR B 536 -22.69 0.30 -28.85
CA THR B 536 -23.66 1.32 -28.49
C THR B 536 -22.97 2.64 -28.18
N GLY B 537 -23.76 3.71 -28.20
CA GLY B 537 -23.23 5.03 -27.93
C GLY B 537 -24.24 6.09 -28.32
N THR B 538 -23.79 7.34 -28.27
CA THR B 538 -24.62 8.48 -28.66
C THR B 538 -23.78 9.49 -29.43
N GLY B 539 -24.38 10.08 -30.45
CA GLY B 539 -23.67 11.06 -31.25
C GLY B 539 -24.48 11.41 -32.48
N VAL B 540 -23.88 12.26 -33.31
CA VAL B 540 -24.46 12.67 -34.58
C VAL B 540 -23.72 11.95 -35.70
N LEU B 541 -24.48 11.41 -36.65
CA LEU B 541 -23.93 10.61 -37.74
C LEU B 541 -23.73 11.53 -38.95
N THR B 542 -22.48 11.94 -39.17
CA THR B 542 -22.15 12.83 -40.28
C THR B 542 -21.22 12.11 -41.24
N GLU B 543 -21.23 12.55 -42.49
CA GLU B 543 -20.34 12.00 -43.50
C GLU B 543 -18.89 12.34 -43.18
N SER B 544 -17.99 11.44 -43.54
CA SER B 544 -16.57 11.60 -43.28
C SER B 544 -15.78 11.43 -44.55
N ASN B 545 -14.64 12.14 -44.62
CA ASN B 545 -13.72 12.05 -45.74
C ASN B 545 -12.57 11.10 -45.46
N LYS B 546 -12.62 10.35 -44.36
CA LYS B 546 -11.51 9.46 -44.01
C LYS B 546 -11.36 8.37 -45.06
N LYS B 547 -10.11 8.08 -45.40
CA LYS B 547 -9.78 7.09 -46.42
C LYS B 547 -9.40 5.78 -45.74
N PHE B 548 -10.42 5.04 -45.29
CA PHE B 548 -10.17 3.72 -44.76
C PHE B 548 -9.67 2.79 -45.87
N LEU B 549 -8.68 1.98 -45.53
CA LEU B 549 -8.23 0.93 -46.42
C LEU B 549 -9.33 -0.12 -46.54
N PRO B 550 -9.33 -0.91 -47.62
CA PRO B 550 -10.42 -1.88 -47.83
C PRO B 550 -10.60 -2.84 -46.67
N PHE B 551 -9.53 -3.22 -45.97
CA PHE B 551 -9.66 -4.05 -44.78
C PHE B 551 -9.88 -3.24 -43.51
N GLN B 552 -9.68 -1.93 -43.55
CA GLN B 552 -9.90 -1.11 -42.36
C GLN B 552 -11.37 -1.10 -41.98
N GLN B 553 -11.63 -1.26 -40.67
CA GLN B 553 -12.99 -1.40 -40.16
C GLN B 553 -13.43 -0.20 -39.33
N PHE B 554 -12.68 0.14 -38.28
CA PHE B 554 -13.07 1.19 -37.33
C PHE B 554 -12.01 2.27 -37.27
N GLY B 555 -12.31 3.31 -36.51
CA GLY B 555 -11.34 4.34 -36.21
C GLY B 555 -11.41 4.70 -34.74
N ARG B 556 -10.24 4.85 -34.14
CA ARG B 556 -10.12 4.97 -32.69
C ARG B 556 -9.55 6.33 -32.32
N ASP B 557 -9.98 6.84 -31.17
CA ASP B 557 -9.47 8.08 -30.62
C ASP B 557 -8.37 7.80 -29.62
N ILE B 558 -7.71 8.87 -29.16
CA ILE B 558 -6.66 8.74 -28.16
C ILE B 558 -7.22 8.16 -26.88
N ALA B 559 -8.41 8.61 -26.47
CA ALA B 559 -9.06 8.12 -25.26
C ALA B 559 -9.79 6.79 -25.48
N ASP B 560 -9.47 6.07 -26.55
CA ASP B 560 -10.06 4.76 -26.85
C ASP B 560 -11.58 4.87 -27.03
N THR B 561 -11.98 5.73 -27.96
CA THR B 561 -13.37 5.87 -28.36
C THR B 561 -13.47 5.84 -29.87
N THR B 562 -14.59 5.34 -30.36
CA THR B 562 -14.80 5.23 -31.81
C THR B 562 -14.99 6.62 -32.42
N ASP B 563 -14.29 6.87 -33.53
CA ASP B 563 -14.42 8.12 -34.26
C ASP B 563 -15.09 7.97 -35.61
N ALA B 564 -15.02 6.80 -36.24
CA ALA B 564 -15.68 6.56 -37.51
C ALA B 564 -16.15 5.12 -37.56
N VAL B 565 -17.25 4.88 -38.27
CA VAL B 565 -17.87 3.57 -38.34
C VAL B 565 -18.13 3.22 -39.79
N ARG B 566 -17.96 1.94 -40.12
CA ARG B 566 -18.23 1.39 -41.44
C ARG B 566 -19.52 0.58 -41.34
N ASP B 567 -20.56 1.02 -42.05
CA ASP B 567 -21.86 0.40 -41.94
C ASP B 567 -21.80 -1.05 -42.43
N PRO B 568 -22.45 -2.00 -41.74
CA PRO B 568 -22.36 -3.40 -42.18
C PRO B 568 -23.09 -3.67 -43.48
N GLN B 569 -24.32 -3.18 -43.62
CA GLN B 569 -25.11 -3.43 -44.83
C GLN B 569 -24.46 -2.81 -46.05
N THR B 570 -24.32 -1.49 -46.07
CA THR B 570 -23.73 -0.77 -47.18
C THR B 570 -22.39 -0.21 -46.73
N LEU B 571 -21.32 -0.57 -47.44
CA LEU B 571 -19.99 -0.13 -47.06
C LEU B 571 -19.85 1.37 -47.29
N GLU B 572 -19.90 2.15 -46.22
CA GLU B 572 -19.73 3.60 -46.30
C GLU B 572 -19.22 4.09 -44.96
N ILE B 573 -18.41 5.14 -44.99
CA ILE B 573 -17.69 5.57 -43.80
C ILE B 573 -18.38 6.79 -43.20
N LEU B 574 -18.85 6.66 -41.97
CA LEU B 574 -19.52 7.73 -41.25
C LEU B 574 -18.58 8.36 -40.24
N ASP B 575 -18.95 9.55 -39.77
CA ASP B 575 -18.19 10.28 -38.78
C ASP B 575 -19.04 10.49 -37.53
N ILE B 576 -18.47 10.18 -36.38
CA ILE B 576 -19.16 10.31 -35.09
C ILE B 576 -18.62 11.53 -34.37
N THR B 577 -19.53 12.41 -33.95
CA THR B 577 -19.19 13.59 -33.20
C THR B 577 -20.10 13.61 -31.97
N PRO B 578 -19.55 13.81 -30.78
CA PRO B 578 -20.41 13.83 -29.58
C PRO B 578 -21.41 14.97 -29.64
N CYS B 579 -22.59 14.72 -29.09
CA CYS B 579 -23.64 15.73 -29.09
C CYS B 579 -23.26 16.90 -28.18
N SER B 580 -23.92 18.03 -28.42
CA SER B 580 -23.54 19.27 -27.73
C SER B 580 -23.76 19.15 -26.23
N PHE B 581 -22.90 19.82 -25.49
CA PHE B 581 -22.97 19.83 -24.02
C PHE B 581 -22.25 21.09 -23.53
N GLY B 582 -22.29 21.29 -22.23
CA GLY B 582 -21.65 22.45 -21.62
C GLY B 582 -22.36 22.84 -20.34
N GLY B 583 -21.74 23.78 -19.64
CA GLY B 583 -22.29 24.27 -18.39
C GLY B 583 -23.17 25.49 -18.57
N VAL B 584 -24.00 25.76 -17.56
CA VAL B 584 -24.91 26.88 -17.55
C VAL B 584 -24.55 27.79 -16.38
N SER B 585 -24.69 29.09 -16.59
CA SER B 585 -24.39 30.08 -15.57
C SER B 585 -25.57 31.04 -15.44
N VAL B 586 -25.84 31.48 -14.21
CA VAL B 586 -26.96 32.36 -13.92
C VAL B 586 -26.41 33.69 -13.45
N ILE B 587 -26.74 34.76 -14.16
CA ILE B 587 -26.32 36.10 -13.79
C ILE B 587 -27.43 36.74 -12.97
N THR B 588 -27.11 37.14 -11.74
CA THR B 588 -28.12 37.62 -10.82
C THR B 588 -27.59 38.81 -10.03
N PRO B 589 -28.33 39.91 -9.96
CA PRO B 589 -27.99 40.96 -8.99
C PRO B 589 -28.34 40.52 -7.59
N GLY B 590 -28.11 41.37 -6.60
CA GLY B 590 -28.51 41.04 -5.24
C GLY B 590 -30.00 40.85 -5.12
N THR B 591 -30.43 39.82 -4.40
CA THR B 591 -31.85 39.63 -4.16
C THR B 591 -32.45 40.82 -3.42
N ASN B 592 -31.63 41.52 -2.63
CA ASN B 592 -32.08 42.72 -1.94
C ASN B 592 -32.42 43.85 -2.90
N THR B 593 -32.04 43.74 -4.17
CA THR B 593 -32.37 44.74 -5.18
C THR B 593 -33.49 44.29 -6.11
N SER B 594 -33.42 43.06 -6.62
CA SER B 594 -34.43 42.55 -7.54
C SER B 594 -34.38 41.03 -7.53
N ASN B 595 -35.10 40.43 -8.48
CA ASN B 595 -35.11 38.98 -8.64
C ASN B 595 -35.03 38.58 -10.11
N GLN B 596 -34.67 39.51 -10.99
CA GLN B 596 -34.49 39.19 -12.40
C GLN B 596 -33.19 38.46 -12.62
N VAL B 597 -33.20 37.50 -13.55
CA VAL B 597 -32.04 36.68 -13.84
C VAL B 597 -31.85 36.58 -15.34
N ALA B 598 -30.63 36.24 -15.75
CA ALA B 598 -30.29 36.02 -17.14
C ALA B 598 -29.31 34.86 -17.23
N VAL B 599 -29.70 33.80 -17.94
CA VAL B 599 -28.90 32.59 -18.02
C VAL B 599 -27.91 32.73 -19.17
N LEU B 600 -26.86 31.91 -19.14
CA LEU B 600 -25.81 31.94 -20.14
C LEU B 600 -25.37 30.51 -20.42
N TYR B 601 -25.75 29.99 -21.58
CA TYR B 601 -25.25 28.71 -22.03
C TYR B 601 -23.85 28.87 -22.61
N GLN B 602 -22.93 28.02 -22.18
CA GLN B 602 -21.51 28.20 -22.45
C GLN B 602 -21.10 27.38 -23.66
N ASP B 603 -20.45 28.05 -24.62
CA ASP B 603 -19.89 27.41 -25.80
C ASP B 603 -20.96 26.65 -26.59
N VAL B 604 -22.00 27.36 -26.99
CA VAL B 604 -23.03 26.83 -27.87
C VAL B 604 -23.76 28.01 -28.50
N ASN B 605 -24.22 27.81 -29.73
CA ASN B 605 -24.96 28.84 -30.44
C ASN B 605 -26.45 28.73 -30.11
N CYS B 606 -27.18 29.80 -30.41
CA CYS B 606 -28.60 29.89 -30.06
C CYS B 606 -29.46 29.10 -31.04
N THR B 607 -29.13 27.83 -31.19
CA THR B 607 -29.86 26.93 -32.08
C THR B 607 -30.33 25.65 -31.39
N GLU B 608 -29.53 25.10 -30.48
CA GLU B 608 -29.93 23.87 -29.80
C GLU B 608 -31.02 24.14 -28.76
N VAL B 609 -30.91 25.24 -28.03
CA VAL B 609 -31.89 25.58 -27.02
C VAL B 609 -33.23 25.92 -27.66
N ASN B 630 -33.39 39.91 -25.48
CA ASN B 630 -34.00 38.60 -25.38
C ASN B 630 -32.96 37.51 -25.57
N VAL B 631 -32.77 37.10 -26.83
CA VAL B 631 -31.79 36.08 -27.19
C VAL B 631 -30.64 36.77 -27.92
N PHE B 632 -29.42 36.59 -27.43
CA PHE B 632 -28.26 37.27 -27.96
C PHE B 632 -27.11 36.28 -28.06
N GLN B 633 -26.24 36.50 -29.04
CA GLN B 633 -25.09 35.64 -29.28
C GLN B 633 -23.83 36.39 -28.87
N THR B 634 -23.00 35.75 -28.05
CA THR B 634 -21.78 36.34 -27.55
C THR B 634 -20.59 35.49 -27.96
N ARG B 635 -19.39 35.99 -27.65
CA ARG B 635 -18.18 35.22 -27.91
C ARG B 635 -18.09 34.00 -27.00
N ALA B 636 -18.79 34.00 -25.86
CA ALA B 636 -18.73 32.90 -24.92
C ALA B 636 -19.86 31.90 -25.07
N GLY B 637 -21.00 32.31 -25.61
CA GLY B 637 -22.11 31.41 -25.81
C GLY B 637 -23.41 32.17 -25.94
N CYS B 638 -24.52 31.42 -25.85
CA CYS B 638 -25.85 31.98 -26.03
C CYS B 638 -26.31 32.63 -24.73
N LEU B 639 -26.71 33.89 -24.82
CA LEU B 639 -27.15 34.67 -23.66
C LEU B 639 -28.64 34.96 -23.79
N ILE B 640 -29.40 34.58 -22.77
CA ILE B 640 -30.85 34.73 -22.78
C ILE B 640 -31.27 35.53 -21.56
N GLY B 641 -32.05 36.59 -21.77
CA GLY B 641 -32.57 37.40 -20.70
C GLY B 641 -31.95 38.77 -20.53
N ALA B 642 -31.14 39.21 -21.48
CA ALA B 642 -30.49 40.52 -21.38
C ALA B 642 -30.60 41.25 -22.71
N GLU B 643 -30.44 42.56 -22.66
CA GLU B 643 -30.50 43.41 -23.84
C GLU B 643 -29.13 44.02 -24.09
N HIS B 644 -28.63 43.85 -25.32
CA HIS B 644 -27.32 44.38 -25.68
C HIS B 644 -27.37 45.90 -25.81
N VAL B 645 -26.27 46.55 -25.45
CA VAL B 645 -26.17 48.01 -25.46
C VAL B 645 -24.93 48.41 -26.22
N ASN B 646 -25.06 49.43 -27.07
CA ASN B 646 -23.91 49.92 -27.85
C ASN B 646 -22.93 50.67 -26.96
N ASN B 647 -23.41 51.27 -25.87
CA ASN B 647 -22.56 52.03 -24.99
C ASN B 647 -21.61 51.12 -24.22
N SER B 648 -20.57 51.72 -23.65
CA SER B 648 -19.59 51.01 -22.84
C SER B 648 -19.47 51.66 -21.47
N TYR B 649 -19.28 50.83 -20.45
CA TYR B 649 -19.19 51.29 -19.07
C TYR B 649 -18.12 50.48 -18.37
N GLU B 650 -18.09 50.59 -17.04
CA GLU B 650 -17.16 49.82 -16.22
C GLU B 650 -17.77 48.49 -15.85
N CYS B 651 -16.94 47.44 -15.85
CA CYS B 651 -17.42 46.09 -15.61
C CYS B 651 -17.94 45.94 -14.18
N ASP B 652 -19.09 45.29 -14.05
CA ASP B 652 -19.67 44.98 -12.75
C ASP B 652 -19.69 43.47 -12.50
N ILE B 653 -20.29 42.70 -13.40
CA ILE B 653 -20.25 41.25 -13.34
C ILE B 653 -19.54 40.74 -14.59
N PRO B 654 -18.35 40.16 -14.48
CA PRO B 654 -17.65 39.67 -15.67
C PRO B 654 -18.42 38.53 -16.33
N ILE B 655 -18.33 38.48 -17.66
CA ILE B 655 -18.98 37.47 -18.46
C ILE B 655 -17.96 36.65 -19.26
N GLY B 656 -17.07 37.32 -19.96
CA GLY B 656 -16.06 36.65 -20.76
C GLY B 656 -15.79 37.35 -22.07
N ALA B 657 -14.52 37.35 -22.50
CA ALA B 657 -14.11 37.99 -23.74
C ALA B 657 -14.48 39.46 -23.79
N GLY B 658 -14.34 40.15 -22.67
CA GLY B 658 -14.58 41.58 -22.62
C GLY B 658 -16.00 42.01 -22.39
N ILE B 659 -16.93 41.07 -22.17
CA ILE B 659 -18.34 41.39 -21.95
C ILE B 659 -18.63 41.39 -20.46
N CYS B 660 -19.48 42.31 -20.03
CA CYS B 660 -19.93 42.38 -18.63
C CYS B 660 -21.38 42.79 -18.59
N ALA B 661 -22.01 42.53 -17.46
CA ALA B 661 -23.43 42.84 -17.26
C ALA B 661 -23.63 43.54 -15.93
N SER B 662 -24.70 44.32 -15.86
CA SER B 662 -25.05 45.05 -14.65
C SER B 662 -26.53 45.39 -14.67
N TYR B 663 -27.06 45.69 -13.49
CA TYR B 663 -28.49 45.95 -13.31
C TYR B 663 -28.71 47.47 -13.22
N GLN B 664 -29.01 48.07 -14.37
CA GLN B 664 -29.30 49.49 -14.43
C GLN B 664 -30.56 49.72 -15.25
N THR B 665 -31.28 50.80 -14.95
CA THR B 665 -32.51 51.12 -15.63
C THR B 665 -32.28 51.41 -17.12
N SER B 678 -36.98 51.96 -16.27
CA SER B 678 -37.27 50.54 -16.38
C SER B 678 -36.03 49.71 -16.08
N GLN B 679 -35.97 49.16 -14.86
CA GLN B 679 -34.83 48.35 -14.45
C GLN B 679 -34.78 47.06 -15.25
N SER B 680 -33.57 46.68 -15.67
CA SER B 680 -33.37 45.48 -16.46
C SER B 680 -31.92 45.05 -16.31
N ILE B 681 -31.50 44.13 -17.18
CA ILE B 681 -30.13 43.63 -17.21
C ILE B 681 -29.57 43.89 -18.61
N ILE B 682 -28.41 44.53 -18.66
CA ILE B 682 -27.79 44.93 -19.92
C ILE B 682 -26.40 44.32 -20.03
N ALA B 683 -26.03 43.90 -21.23
CA ALA B 683 -24.71 43.36 -21.52
C ALA B 683 -23.95 44.36 -22.38
N TYR B 684 -22.73 44.69 -21.99
CA TYR B 684 -21.95 45.73 -22.65
C TYR B 684 -20.48 45.34 -22.66
N THR B 685 -19.73 45.97 -23.56
CA THR B 685 -18.30 45.75 -23.66
C THR B 685 -17.58 46.49 -22.55
N MET B 686 -16.56 45.86 -21.98
CA MET B 686 -15.76 46.50 -20.95
C MET B 686 -15.05 47.72 -21.52
N SER B 687 -14.91 48.76 -20.70
CA SER B 687 -14.15 49.96 -21.05
C SER B 687 -13.01 50.13 -20.06
N LEU B 688 -11.83 50.47 -20.58
CA LEU B 688 -10.64 50.59 -19.75
C LEU B 688 -10.61 51.85 -18.91
N GLY B 689 -11.44 52.85 -19.24
CA GLY B 689 -11.48 54.09 -18.51
C GLY B 689 -11.57 55.27 -19.45
N ALA B 690 -11.37 56.47 -18.89
CA ALA B 690 -11.51 57.69 -19.66
C ALA B 690 -10.24 57.98 -20.43
N GLU B 691 -10.41 58.29 -21.72
CA GLU B 691 -9.27 58.68 -22.54
C GLU B 691 -8.75 60.05 -22.10
N ASN B 692 -7.43 60.19 -22.09
CA ASN B 692 -6.80 61.42 -21.60
C ASN B 692 -5.45 61.57 -22.28
N SER B 693 -5.32 62.59 -23.11
CA SER B 693 -4.05 62.91 -23.74
C SER B 693 -3.42 64.11 -23.03
N VAL B 694 -2.09 64.15 -23.05
CA VAL B 694 -1.33 65.22 -22.42
C VAL B 694 -0.66 66.04 -23.50
N ALA B 695 -0.73 67.36 -23.37
CA ALA B 695 -0.22 68.28 -24.40
C ALA B 695 1.30 68.28 -24.32
N TYR B 696 1.92 67.34 -25.01
CA TYR B 696 3.37 67.23 -25.01
C TYR B 696 3.98 68.20 -26.01
N SER B 697 4.82 69.09 -25.51
CA SER B 697 5.63 69.97 -26.34
C SER B 697 7.10 69.65 -26.06
N ASN B 698 7.99 70.47 -26.62
CA ASN B 698 9.41 70.27 -26.39
C ASN B 698 10.06 71.40 -25.61
N ASN B 699 9.28 72.40 -25.18
CA ASN B 699 9.80 73.40 -24.25
C ASN B 699 8.77 73.82 -23.21
N SER B 700 7.86 72.91 -22.83
CA SER B 700 6.80 73.21 -21.88
C SER B 700 6.84 72.23 -20.73
N ILE B 701 6.48 72.72 -19.53
CA ILE B 701 6.46 71.91 -18.32
C ILE B 701 5.18 72.25 -17.55
N ALA B 702 4.83 71.37 -16.61
CA ALA B 702 3.70 71.58 -15.72
C ALA B 702 4.16 71.38 -14.28
N ILE B 703 3.83 72.31 -13.41
CA ILE B 703 4.30 72.27 -12.02
C ILE B 703 3.14 72.42 -11.06
N PRO B 704 3.03 71.56 -10.05
CA PRO B 704 1.94 71.69 -9.08
C PRO B 704 2.09 72.94 -8.21
N THR B 705 0.94 73.43 -7.75
CA THR B 705 0.89 74.59 -6.86
C THR B 705 0.17 74.32 -5.55
N ASN B 706 -0.56 73.23 -5.42
CA ASN B 706 -1.28 72.88 -4.21
C ASN B 706 -1.30 71.37 -4.08
N PHE B 707 -1.32 70.88 -2.84
CA PHE B 707 -1.15 69.46 -2.58
C PHE B 707 -2.36 68.89 -1.85
N THR B 708 -2.25 67.63 -1.45
CA THR B 708 -3.33 66.92 -0.78
C THR B 708 -2.74 65.72 -0.04
N ILE B 709 -3.08 65.59 1.24
CA ILE B 709 -2.66 64.44 2.04
C ILE B 709 -3.88 63.55 2.24
N SER B 710 -3.69 62.25 2.01
CA SER B 710 -4.79 61.30 1.98
C SER B 710 -4.46 60.10 2.86
N VAL B 711 -5.43 59.20 3.00
CA VAL B 711 -5.27 57.98 3.77
C VAL B 711 -5.92 56.84 3.00
N THR B 712 -5.25 55.69 2.99
CA THR B 712 -5.77 54.50 2.33
C THR B 712 -5.54 53.29 3.23
N THR B 713 -6.41 52.31 3.11
CA THR B 713 -6.36 51.11 3.93
C THR B 713 -5.73 49.97 3.14
N GLU B 714 -4.99 49.12 3.84
CA GLU B 714 -4.44 47.90 3.28
C GLU B 714 -4.71 46.77 4.27
N ILE B 715 -5.19 45.64 3.77
CA ILE B 715 -5.67 44.55 4.61
C ILE B 715 -4.90 43.28 4.24
N LEU B 716 -4.43 42.55 5.25
CA LEU B 716 -3.60 41.38 5.03
C LEU B 716 -3.88 40.30 6.06
N PRO B 717 -4.32 39.12 5.66
CA PRO B 717 -4.44 38.02 6.61
C PRO B 717 -3.08 37.57 7.11
N VAL B 718 -3.04 37.08 8.34
CA VAL B 718 -1.80 36.70 9.00
C VAL B 718 -1.80 35.24 9.46
N SER B 719 -2.87 34.81 10.12
CA SER B 719 -2.90 33.47 10.69
C SER B 719 -4.24 32.80 10.39
N MET B 720 -4.22 31.48 10.39
CA MET B 720 -5.40 30.65 10.21
C MET B 720 -5.77 30.04 11.55
N THR B 721 -6.94 29.40 11.62
CA THR B 721 -7.38 28.74 12.82
C THR B 721 -6.71 27.37 12.94
N LYS B 722 -6.01 27.16 14.05
CA LYS B 722 -5.25 25.94 14.27
C LYS B 722 -6.13 24.86 14.87
N THR B 723 -5.92 23.62 14.43
CA THR B 723 -6.72 22.49 14.87
C THR B 723 -5.83 21.26 14.93
N SER B 724 -6.45 20.11 15.19
CA SER B 724 -5.77 18.83 15.29
C SER B 724 -6.82 17.74 15.41
N VAL B 725 -6.44 16.52 15.01
CA VAL B 725 -7.36 15.40 15.02
C VAL B 725 -6.71 14.21 15.71
N ASP B 726 -7.55 13.26 16.09
CA ASP B 726 -7.13 11.96 16.59
C ASP B 726 -7.58 10.94 15.55
N CYS B 727 -6.64 10.49 14.72
CA CYS B 727 -6.98 9.68 13.55
C CYS B 727 -7.77 8.44 13.93
N THR B 728 -7.27 7.68 14.91
CA THR B 728 -7.89 6.42 15.23
C THR B 728 -9.29 6.62 15.80
N MET B 729 -9.48 7.66 16.61
CA MET B 729 -10.84 7.94 17.10
C MET B 729 -11.76 8.32 15.96
N TYR B 730 -11.30 9.19 15.07
CA TYR B 730 -12.15 9.63 13.96
C TYR B 730 -12.51 8.47 13.04
N ILE B 731 -11.63 7.50 12.90
CA ILE B 731 -11.88 6.42 11.95
C ILE B 731 -12.66 5.29 12.60
N CYS B 732 -12.27 4.87 13.80
CA CYS B 732 -12.80 3.69 14.46
C CYS B 732 -13.22 4.03 15.88
N GLY B 733 -13.99 5.10 16.06
CA GLY B 733 -14.39 5.53 17.38
C GLY B 733 -14.97 4.45 18.26
N ASP B 734 -14.20 4.06 19.28
CA ASP B 734 -14.61 3.06 20.27
C ASP B 734 -14.96 1.72 19.60
N SER B 735 -13.95 1.13 18.98
CA SER B 735 -14.11 -0.20 18.38
C SER B 735 -12.75 -0.87 18.32
N THR B 736 -12.54 -1.84 19.21
CA THR B 736 -11.23 -2.50 19.31
C THR B 736 -10.89 -3.26 18.03
N GLU B 737 -11.87 -3.97 17.46
CA GLU B 737 -11.59 -4.71 16.24
C GLU B 737 -11.32 -3.77 15.07
N CYS B 738 -12.01 -2.64 15.02
CA CYS B 738 -11.77 -1.68 13.95
C CYS B 738 -10.36 -1.09 14.08
N SER B 739 -9.95 -0.78 15.31
CA SER B 739 -8.58 -0.28 15.51
C SER B 739 -7.54 -1.36 15.16
N ASN B 740 -7.83 -2.61 15.48
CA ASN B 740 -6.92 -3.69 15.11
C ASN B 740 -6.79 -3.81 13.60
N LEU B 741 -7.91 -3.68 12.88
CA LEU B 741 -7.85 -3.67 11.42
C LEU B 741 -7.06 -2.47 10.90
N LEU B 742 -7.24 -1.31 11.54
CA LEU B 742 -6.50 -0.12 11.13
C LEU B 742 -5.00 -0.28 11.36
N LEU B 743 -4.62 -1.08 12.35
CA LEU B 743 -3.20 -1.26 12.66
C LEU B 743 -2.42 -1.86 11.50
N GLN B 744 -3.08 -2.47 10.52
CA GLN B 744 -2.44 -3.12 9.41
C GLN B 744 -2.16 -2.19 8.24
N TYR B 745 -2.05 -0.88 8.50
CA TYR B 745 -1.85 0.08 7.42
C TYR B 745 -0.61 0.94 7.59
N GLY B 746 0.07 0.87 8.73
CA GLY B 746 1.34 1.58 8.87
C GLY B 746 1.22 2.92 9.58
N SER B 747 2.09 3.85 9.20
CA SER B 747 2.30 5.10 9.92
C SER B 747 1.54 6.27 9.30
N PHE B 748 0.44 5.99 8.58
CA PHE B 748 -0.40 7.05 8.05
C PHE B 748 -0.84 8.00 9.15
N CYS B 749 -1.29 7.44 10.27
CA CYS B 749 -1.79 8.24 11.38
C CYS B 749 -0.73 9.17 11.93
N THR B 750 0.47 8.63 12.16
CA THR B 750 1.55 9.46 12.71
C THR B 750 1.92 10.56 11.73
N GLN B 751 1.94 10.25 10.43
CA GLN B 751 2.25 11.27 9.44
C GLN B 751 1.23 12.40 9.48
N LEU B 752 -0.06 12.05 9.54
CA LEU B 752 -1.11 13.06 9.53
C LEU B 752 -1.05 13.93 10.79
N ASN B 753 -0.87 13.31 11.95
CA ASN B 753 -0.78 14.07 13.19
C ASN B 753 0.42 15.00 13.18
N ARG B 754 1.56 14.52 12.67
CA ARG B 754 2.75 15.35 12.59
C ARG B 754 2.53 16.55 11.68
N ALA B 755 1.88 16.32 10.54
CA ALA B 755 1.61 17.42 9.61
C ALA B 755 0.73 18.48 10.27
N LEU B 756 -0.35 18.05 10.94
CA LEU B 756 -1.23 19.02 11.58
C LEU B 756 -0.52 19.79 12.68
N THR B 757 0.31 19.10 13.47
CA THR B 757 1.06 19.78 14.51
C THR B 757 2.00 20.83 13.93
N GLY B 758 2.69 20.48 12.84
CA GLY B 758 3.55 21.44 12.18
C GLY B 758 2.78 22.66 11.70
N ILE B 759 1.59 22.44 11.16
CA ILE B 759 0.78 23.57 10.68
C ILE B 759 0.43 24.50 11.84
N ALA B 760 0.01 23.94 12.96
CA ALA B 760 -0.39 24.77 14.11
C ALA B 760 0.80 25.58 14.63
N VAL B 761 1.96 24.93 14.78
CA VAL B 761 3.15 25.64 15.23
C VAL B 761 3.50 26.75 14.25
N GLU B 762 3.34 26.49 12.96
CA GLU B 762 3.64 27.51 11.96
C GLU B 762 2.72 28.72 12.11
N GLN B 763 1.43 28.48 12.40
CA GLN B 763 0.52 29.60 12.59
C GLN B 763 0.94 30.47 13.76
N ASP B 764 1.30 29.83 14.88
CA ASP B 764 1.76 30.60 16.03
C ASP B 764 3.02 31.39 15.70
N LYS B 765 3.94 30.77 14.95
CA LYS B 765 5.17 31.45 14.57
C LYS B 765 4.89 32.64 13.65
N ASN B 766 3.91 32.49 12.75
CA ASN B 766 3.52 33.60 11.88
C ASN B 766 3.08 34.79 12.71
N THR B 767 2.17 34.56 13.66
CA THR B 767 1.68 35.67 14.47
C THR B 767 2.83 36.31 15.26
N GLN B 768 3.69 35.48 15.84
CA GLN B 768 4.81 35.98 16.62
C GLN B 768 5.72 36.86 15.76
N GLU B 769 6.05 36.39 14.55
CA GLU B 769 6.95 37.13 13.67
C GLU B 769 6.34 38.45 13.23
N VAL B 770 5.04 38.45 12.91
CA VAL B 770 4.42 39.68 12.43
C VAL B 770 4.38 40.72 13.54
N PHE B 771 4.01 40.32 14.76
CA PHE B 771 3.71 41.33 15.78
C PHE B 771 4.86 41.61 16.74
N ALA B 772 5.53 40.59 17.27
CA ALA B 772 6.52 40.80 18.33
C ALA B 772 7.83 41.25 17.71
N GLN B 773 7.91 42.55 17.41
CA GLN B 773 9.12 43.12 16.84
C GLN B 773 9.76 44.19 17.71
N VAL B 774 9.02 44.81 18.62
CA VAL B 774 9.56 45.83 19.52
C VAL B 774 9.71 45.20 20.91
N LYS B 775 10.89 45.38 21.50
CA LYS B 775 11.19 44.70 22.76
C LYS B 775 10.42 45.31 23.92
N GLN B 776 10.41 46.63 24.03
CA GLN B 776 9.95 47.32 25.23
C GLN B 776 8.50 47.77 25.07
N ILE B 777 8.01 48.51 26.05
CA ILE B 777 6.65 49.03 26.07
C ILE B 777 6.71 50.55 26.24
N TYR B 778 6.22 51.26 25.23
CA TYR B 778 6.13 52.72 25.27
C TYR B 778 4.70 53.14 25.54
N LYS B 779 4.54 54.36 26.04
CA LYS B 779 3.23 54.91 26.33
C LYS B 779 3.21 56.40 26.02
N THR B 780 2.06 56.85 25.53
CA THR B 780 1.92 58.24 25.13
C THR B 780 1.85 59.15 26.37
N PRO B 781 2.34 60.37 26.26
CA PRO B 781 2.25 61.30 27.39
C PRO B 781 0.80 61.63 27.68
N PRO B 782 0.48 61.98 28.94
CA PRO B 782 -0.92 62.24 29.29
C PRO B 782 -1.54 63.43 28.57
N ILE B 783 -0.73 64.35 28.07
CA ILE B 783 -1.23 65.56 27.40
C ILE B 783 -0.95 65.42 25.91
N LYS B 784 -2.01 65.52 25.11
CA LYS B 784 -1.91 65.36 23.65
C LYS B 784 -1.77 66.74 23.01
N ASP B 785 -0.54 67.25 23.02
CA ASP B 785 -0.19 68.51 22.38
C ASP B 785 0.74 68.20 21.22
N PHE B 786 0.14 67.91 20.06
CA PHE B 786 0.88 67.48 18.88
C PHE B 786 0.84 68.53 17.77
N GLY B 787 0.75 69.79 18.15
CA GLY B 787 0.76 70.86 17.17
C GLY B 787 -0.46 70.93 16.29
N GLY B 788 -1.54 70.27 16.67
CA GLY B 788 -2.79 70.29 15.91
C GLY B 788 -3.25 68.94 15.40
N PHE B 789 -2.36 67.95 15.38
CA PHE B 789 -2.74 66.61 14.93
C PHE B 789 -3.52 65.90 16.02
N ASN B 790 -4.47 65.06 15.62
CA ASN B 790 -5.43 64.46 16.54
C ASN B 790 -5.50 62.96 16.26
N PHE B 791 -4.92 62.17 17.16
CA PHE B 791 -4.82 60.73 17.01
C PHE B 791 -5.87 59.98 17.81
N SER B 792 -6.95 60.64 18.22
CA SER B 792 -7.93 60.02 19.10
C SER B 792 -8.53 58.76 18.51
N GLN B 793 -8.61 58.69 17.18
CA GLN B 793 -9.27 57.55 16.54
C GLN B 793 -8.40 56.30 16.54
N ILE B 794 -7.09 56.43 16.74
CA ILE B 794 -6.20 55.28 16.60
C ILE B 794 -5.61 54.89 17.95
N LEU B 795 -5.47 55.87 18.85
CA LEU B 795 -4.93 55.57 20.17
C LEU B 795 -5.94 54.76 20.98
N PRO B 796 -5.47 53.94 21.93
CA PRO B 796 -6.40 53.11 22.71
C PRO B 796 -7.31 53.94 23.60
N ASP B 797 -8.51 53.41 23.84
CA ASP B 797 -9.52 54.10 24.62
C ASP B 797 -9.48 53.59 26.05
N PRO B 798 -9.11 54.41 27.03
CA PRO B 798 -9.05 53.91 28.42
C PRO B 798 -10.39 53.49 28.98
N SER B 799 -11.48 54.12 28.55
CA SER B 799 -12.78 53.85 29.14
C SER B 799 -13.32 52.47 28.78
N LYS B 800 -12.87 51.90 27.67
CA LYS B 800 -13.36 50.59 27.26
C LYS B 800 -12.88 49.51 28.23
N PRO B 801 -13.67 48.43 28.38
CA PRO B 801 -13.19 47.31 29.21
C PRO B 801 -11.90 46.70 28.69
N SER B 802 -11.76 46.62 27.37
CA SER B 802 -10.51 46.21 26.73
C SER B 802 -9.97 47.42 25.98
N LYS B 803 -8.70 47.76 26.23
CA LYS B 803 -8.17 49.00 25.71
C LYS B 803 -7.94 48.92 24.21
N ARG B 804 -9.02 49.13 23.45
CA ARG B 804 -9.00 49.08 22.00
C ARG B 804 -9.39 50.43 21.44
N SER B 805 -8.82 50.77 20.29
CA SER B 805 -9.19 51.99 19.61
C SER B 805 -10.60 51.87 19.06
N PRO B 806 -11.27 53.00 18.82
CA PRO B 806 -12.60 52.93 18.17
C PRO B 806 -12.57 52.23 16.82
N ILE B 807 -11.52 52.46 16.03
CA ILE B 807 -11.39 51.78 14.74
C ILE B 807 -11.23 50.28 14.96
N GLU B 808 -10.44 49.88 15.96
CA GLU B 808 -10.28 48.47 16.26
C GLU B 808 -11.61 47.85 16.67
N ASP B 809 -12.39 48.57 17.48
CA ASP B 809 -13.69 48.08 17.90
C ASP B 809 -14.62 47.88 16.71
N LEU B 810 -14.63 48.86 15.80
CA LEU B 810 -15.45 48.72 14.59
C LEU B 810 -14.98 47.53 13.75
N LEU B 811 -13.66 47.34 13.65
CA LEU B 811 -13.15 46.21 12.89
C LEU B 811 -13.58 44.88 13.50
N PHE B 812 -13.50 44.76 14.82
CA PHE B 812 -13.88 43.52 15.48
C PHE B 812 -15.38 43.28 15.45
N ASN B 813 -16.18 44.34 15.32
CA ASN B 813 -17.63 44.16 15.24
C ASN B 813 -18.08 43.68 13.86
N LYS B 814 -17.41 44.09 12.79
CA LYS B 814 -17.86 43.74 11.44
C LYS B 814 -17.61 42.29 11.08
N VAL B 815 -16.48 41.72 11.49
CA VAL B 815 -16.15 40.34 11.16
C VAL B 815 -16.96 39.42 12.05
N THR B 816 -17.66 38.47 11.45
CA THR B 816 -18.48 37.53 12.19
C THR B 816 -17.65 36.40 12.80
N PHE B 844 -16.89 18.18 17.53
CA PHE B 844 -15.84 17.51 18.29
C PHE B 844 -15.97 15.99 18.15
N ASN B 845 -15.97 15.52 16.90
CA ASN B 845 -16.03 14.08 16.62
C ASN B 845 -14.62 13.53 16.39
N GLY B 846 -13.83 13.55 17.46
CA GLY B 846 -12.45 13.14 17.40
C GLY B 846 -11.49 14.23 16.98
N LEU B 847 -11.99 15.42 16.67
CA LEU B 847 -11.17 16.54 16.25
C LEU B 847 -11.50 17.76 17.10
N THR B 848 -10.49 18.57 17.39
CA THR B 848 -10.65 19.71 18.28
C THR B 848 -10.14 20.97 17.58
N VAL B 849 -10.30 22.10 18.26
CA VAL B 849 -9.74 23.37 17.83
C VAL B 849 -8.88 23.92 18.96
N LEU B 850 -7.87 24.68 18.63
CA LEU B 850 -6.98 25.12 19.68
C LEU B 850 -6.92 26.65 19.73
N PRO B 851 -6.68 27.21 20.91
CA PRO B 851 -6.62 28.67 21.03
C PRO B 851 -5.24 29.18 20.67
N PRO B 852 -5.13 30.43 20.23
CA PRO B 852 -3.82 31.01 19.94
C PRO B 852 -3.00 31.21 21.20
N LEU B 853 -1.68 31.16 21.03
CA LEU B 853 -0.79 31.36 22.17
C LEU B 853 -0.88 32.79 22.69
N LEU B 854 -0.97 33.77 21.79
CA LEU B 854 -1.14 35.16 22.17
C LEU B 854 -2.62 35.53 22.13
N THR B 855 -3.00 36.46 22.99
CA THR B 855 -4.38 36.91 23.08
C THR B 855 -4.55 38.26 22.39
N ASP B 856 -5.81 38.60 22.12
CA ASP B 856 -6.12 39.86 21.44
C ASP B 856 -5.68 41.06 22.27
N GLU B 857 -5.76 40.96 23.60
CA GLU B 857 -5.29 42.04 24.45
C GLU B 857 -3.79 42.26 24.28
N MET B 858 -3.02 41.18 24.25
CA MET B 858 -1.58 41.32 24.07
C MET B 858 -1.24 41.86 22.68
N ILE B 859 -1.97 41.42 21.66
CA ILE B 859 -1.75 41.95 20.32
C ILE B 859 -2.03 43.44 20.27
N ALA B 860 -3.14 43.86 20.88
CA ALA B 860 -3.49 45.28 20.90
C ALA B 860 -2.46 46.08 21.67
N GLN B 861 -1.89 45.50 22.73
CA GLN B 861 -0.86 46.21 23.48
C GLN B 861 0.42 46.36 22.66
N TYR B 862 0.78 45.33 21.90
CA TYR B 862 1.88 45.47 20.95
C TYR B 862 1.64 46.60 19.96
N THR B 863 0.43 46.64 19.37
CA THR B 863 0.13 47.70 18.42
C THR B 863 0.18 49.08 19.06
N SER B 864 -0.33 49.19 20.29
CA SER B 864 -0.28 50.46 21.00
C SER B 864 1.16 50.90 21.26
N ALA B 865 2.02 49.96 21.64
CA ALA B 865 3.43 50.30 21.84
C ALA B 865 4.07 50.78 20.55
N LEU B 866 3.76 50.11 19.44
CA LEU B 866 4.30 50.54 18.15
C LEU B 866 3.84 51.96 17.82
N LEU B 867 2.55 52.24 18.02
CA LEU B 867 2.03 53.57 17.73
C LEU B 867 2.68 54.63 18.61
N ALA B 868 2.81 54.36 19.91
CA ALA B 868 3.42 55.33 20.80
C ALA B 868 4.87 55.60 20.40
N GLY B 869 5.61 54.54 20.05
CA GLY B 869 6.99 54.73 19.63
C GLY B 869 7.11 55.57 18.39
N THR B 870 6.29 55.26 17.36
CA THR B 870 6.41 56.00 16.11
C THR B 870 5.88 57.43 16.24
N ILE B 871 5.05 57.69 17.24
CA ILE B 871 4.57 59.06 17.45
C ILE B 871 5.61 59.89 18.20
N THR B 872 6.18 59.32 19.26
CA THR B 872 7.05 60.11 20.13
C THR B 872 8.52 60.06 19.74
N SER B 873 8.92 59.20 18.80
CA SER B 873 10.33 59.06 18.49
C SER B 873 10.69 59.14 17.01
N GLY B 874 9.80 58.79 16.10
CA GLY B 874 10.13 58.77 14.69
C GLY B 874 10.49 57.37 14.24
N TRP B 875 11.63 57.24 13.57
CA TRP B 875 12.15 55.93 13.18
C TRP B 875 13.39 55.52 13.95
N THR B 876 13.77 56.26 14.99
CA THR B 876 15.00 55.95 15.72
C THR B 876 14.86 54.74 16.62
N PHE B 877 13.66 54.49 17.13
CA PHE B 877 13.46 53.38 18.06
C PHE B 877 13.48 52.02 17.37
N GLY B 878 13.42 51.99 16.04
CA GLY B 878 13.60 50.76 15.30
C GLY B 878 15.02 50.44 14.93
N ALA B 879 15.92 51.42 15.06
CA ALA B 879 17.34 51.23 14.77
C ALA B 879 18.15 51.10 16.04
N GLY B 880 17.91 51.94 17.03
CA GLY B 880 18.60 51.86 18.29
C GLY B 880 17.73 52.26 19.46
N PRO B 881 18.31 52.97 20.42
CA PRO B 881 17.50 53.52 21.51
C PRO B 881 16.62 54.65 21.03
N ALA B 882 15.44 54.76 21.61
CA ALA B 882 14.48 55.78 21.18
C ALA B 882 14.96 57.16 21.57
N LEU B 883 14.76 58.11 20.67
CA LEU B 883 15.10 59.52 20.90
C LEU B 883 13.86 60.36 20.66
N GLN B 884 13.63 61.34 21.54
CA GLN B 884 12.45 62.18 21.42
C GLN B 884 12.69 63.31 20.44
N ILE B 885 11.63 63.69 19.73
CA ILE B 885 11.67 64.78 18.76
C ILE B 885 10.25 65.29 18.56
N PRO B 886 10.04 66.60 18.48
CA PRO B 886 8.69 67.12 18.27
C PRO B 886 8.09 66.64 16.95
N PHE B 887 6.79 66.38 16.98
CA PHE B 887 6.07 65.85 15.82
C PHE B 887 6.11 66.77 14.61
N PRO B 888 5.93 68.09 14.73
CA PRO B 888 6.10 68.95 13.54
C PRO B 888 7.50 68.84 12.93
N MET B 889 8.54 68.70 13.75
CA MET B 889 9.87 68.52 13.20
C MET B 889 10.00 67.18 12.48
N GLN B 890 9.41 66.12 13.05
CA GLN B 890 9.42 64.83 12.36
C GLN B 890 8.72 64.93 11.01
N MET B 891 7.57 65.60 10.99
CA MET B 891 6.84 65.75 9.74
C MET B 891 7.62 66.58 8.73
N ALA B 892 8.32 67.62 9.20
CA ALA B 892 9.16 68.41 8.31
C ALA B 892 10.25 67.57 7.69
N TYR B 893 10.87 66.70 8.49
CA TYR B 893 11.89 65.81 7.94
C TYR B 893 11.30 64.84 6.93
N ARG B 894 10.09 64.35 7.18
CA ARG B 894 9.48 63.43 6.23
C ARG B 894 9.12 64.13 4.92
N PHE B 895 8.67 65.39 4.98
CA PHE B 895 8.53 66.17 3.75
C PHE B 895 9.87 66.34 3.05
N ASN B 896 10.93 66.62 3.81
CA ASN B 896 12.25 66.72 3.21
C ASN B 896 12.69 65.38 2.61
N GLY B 897 12.05 64.28 3.01
CA GLY B 897 12.39 62.98 2.45
C GLY B 897 11.87 62.75 1.06
N ILE B 898 10.87 63.51 0.61
CA ILE B 898 10.31 63.35 -0.71
C ILE B 898 10.63 64.53 -1.62
N GLY B 899 11.60 65.36 -1.25
CA GLY B 899 12.02 66.46 -2.09
C GLY B 899 11.27 67.76 -1.92
N VAL B 900 10.61 67.96 -0.79
CA VAL B 900 9.90 69.20 -0.49
C VAL B 900 10.53 69.82 0.75
N THR B 901 10.84 71.12 0.67
CA THR B 901 11.57 71.78 1.73
C THR B 901 10.69 71.98 2.97
N GLN B 902 11.36 72.22 4.10
CA GLN B 902 10.70 72.30 5.40
C GLN B 902 9.74 73.49 5.51
N ASN B 903 10.04 74.59 4.82
CA ASN B 903 9.22 75.79 4.96
C ASN B 903 7.78 75.54 4.54
N VAL B 904 7.56 74.60 3.61
CA VAL B 904 6.20 74.32 3.17
C VAL B 904 5.34 73.86 4.33
N LEU B 905 5.83 72.88 5.09
CA LEU B 905 5.10 72.45 6.28
C LEU B 905 5.07 73.54 7.34
N TYR B 906 6.21 74.20 7.57
CA TYR B 906 6.26 75.19 8.64
C TYR B 906 5.34 76.38 8.37
N GLU B 907 4.88 76.54 7.14
CA GLU B 907 3.94 77.60 6.81
C GLU B 907 2.52 77.12 6.55
N ASN B 908 2.32 75.83 6.24
CA ASN B 908 0.99 75.28 6.03
C ASN B 908 0.60 74.28 7.13
N GLN B 909 1.21 74.42 8.30
CA GLN B 909 0.94 73.51 9.42
C GLN B 909 -0.55 73.36 9.71
N LYS B 910 -1.26 74.47 9.83
CA LYS B 910 -2.67 74.42 10.22
C LYS B 910 -3.50 73.67 9.18
N LEU B 911 -3.33 74.02 7.91
CA LEU B 911 -4.11 73.40 6.86
C LEU B 911 -3.78 71.91 6.73
N ILE B 912 -2.51 71.56 6.87
CA ILE B 912 -2.11 70.16 6.77
C ILE B 912 -2.70 69.35 7.92
N ALA B 913 -2.67 69.90 9.14
CA ALA B 913 -3.26 69.21 10.27
C ALA B 913 -4.76 69.01 10.08
N ASN B 914 -5.44 70.05 9.58
CA ASN B 914 -6.87 69.92 9.33
C ASN B 914 -7.17 68.85 8.29
N GLN B 915 -6.37 68.83 7.21
CA GLN B 915 -6.56 67.81 6.18
C GLN B 915 -6.35 66.41 6.75
N PHE B 916 -5.33 66.24 7.59
CA PHE B 916 -5.05 64.94 8.18
C PHE B 916 -6.20 64.47 9.05
N ASN B 917 -6.71 65.36 9.91
CA ASN B 917 -7.82 64.99 10.78
C ASN B 917 -9.06 64.64 9.97
N SER B 918 -9.38 65.45 8.95
CA SER B 918 -10.53 65.16 8.11
C SER B 918 -10.37 63.84 7.39
N ALA B 919 -9.15 63.53 6.94
CA ALA B 919 -8.90 62.27 6.26
C ALA B 919 -9.13 61.08 7.18
N ILE B 920 -8.67 61.18 8.44
CA ILE B 920 -8.93 60.09 9.38
C ILE B 920 -10.42 59.92 9.62
N GLY B 921 -11.14 61.02 9.82
CA GLY B 921 -12.57 60.92 10.00
C GLY B 921 -13.25 60.25 8.82
N LYS B 922 -12.86 60.65 7.60
CA LYS B 922 -13.45 60.07 6.40
C LYS B 922 -13.11 58.59 6.27
N ILE B 923 -11.91 58.19 6.66
CA ILE B 923 -11.55 56.78 6.56
C ILE B 923 -12.40 55.95 7.53
N GLN B 924 -12.64 56.48 8.73
CA GLN B 924 -13.52 55.79 9.67
C GLN B 924 -14.92 55.65 9.09
N ASP B 925 -15.46 56.74 8.55
CA ASP B 925 -16.81 56.71 8.02
C ASP B 925 -16.93 55.75 6.82
N SER B 926 -15.94 55.78 5.92
CA SER B 926 -15.99 54.92 4.74
C SER B 926 -15.87 53.45 5.13
N LEU B 927 -14.98 53.15 6.08
CA LEU B 927 -14.86 51.77 6.55
C LEU B 927 -16.16 51.28 7.17
N SER B 928 -16.81 52.14 7.96
CA SER B 928 -18.10 51.75 8.53
C SER B 928 -19.16 51.55 7.44
N SER B 929 -19.16 52.44 6.43
CA SER B 929 -20.23 52.44 5.45
C SER B 929 -20.12 51.28 4.46
N THR B 930 -18.90 50.97 4.03
CA THR B 930 -18.72 49.97 2.98
C THR B 930 -19.26 48.62 3.44
N PRO B 931 -20.11 47.97 2.65
CA PRO B 931 -20.71 46.70 3.13
C PRO B 931 -19.71 45.59 3.31
N SER B 932 -18.92 45.27 2.27
CA SER B 932 -17.95 44.18 2.34
C SER B 932 -16.59 44.69 1.84
N ALA B 933 -15.83 45.32 2.74
CA ALA B 933 -14.43 45.61 2.51
C ALA B 933 -13.53 44.74 3.37
N LEU B 934 -14.11 43.91 4.24
CA LEU B 934 -13.38 42.98 5.10
C LEU B 934 -13.46 41.55 4.58
N GLY B 935 -13.82 41.38 3.31
CA GLY B 935 -13.90 40.04 2.75
C GLY B 935 -12.56 39.33 2.76
N LYS B 936 -11.47 40.11 2.66
CA LYS B 936 -10.13 39.54 2.72
C LYS B 936 -9.92 38.72 3.99
N LEU B 937 -10.51 39.16 5.11
CA LEU B 937 -10.41 38.42 6.35
C LEU B 937 -11.60 37.49 6.58
N GLN B 938 -12.76 37.80 5.98
CA GLN B 938 -13.93 36.95 6.13
C GLN B 938 -13.75 35.62 5.42
N ASP B 939 -13.04 35.61 4.29
CA ASP B 939 -12.89 34.38 3.53
C ASP B 939 -12.07 33.34 4.29
N VAL B 940 -11.15 33.77 5.15
CA VAL B 940 -10.39 32.83 5.97
C VAL B 940 -11.33 32.02 6.85
N VAL B 941 -12.22 32.71 7.57
CA VAL B 941 -13.17 32.05 8.45
C VAL B 941 -14.11 31.16 7.64
N ASN B 942 -14.57 31.67 6.50
CA ASN B 942 -15.48 30.88 5.66
C ASN B 942 -14.81 29.59 5.20
N GLN B 943 -13.55 29.67 4.75
CA GLN B 943 -12.85 28.48 4.29
C GLN B 943 -12.65 27.48 5.42
N ASN B 944 -12.25 27.96 6.60
CA ASN B 944 -12.06 27.05 7.72
C ASN B 944 -13.36 26.34 8.08
N ALA B 945 -14.45 27.09 8.18
CA ALA B 945 -15.73 26.49 8.51
C ALA B 945 -16.17 25.49 7.46
N GLN B 946 -16.00 25.83 6.18
CA GLN B 946 -16.41 24.94 5.11
C GLN B 946 -15.63 23.63 5.14
N ALA B 947 -14.31 23.72 5.33
CA ALA B 947 -13.49 22.52 5.37
C ALA B 947 -13.87 21.63 6.54
N LEU B 948 -14.05 22.23 7.73
CA LEU B 948 -14.44 21.44 8.88
C LEU B 948 -15.80 20.79 8.69
N ASN B 949 -16.76 21.53 8.13
CA ASN B 949 -18.09 20.98 7.92
C ASN B 949 -18.07 19.83 6.94
N THR B 950 -17.31 19.97 5.84
CA THR B 950 -17.22 18.88 4.87
C THR B 950 -16.60 17.65 5.49
N LEU B 951 -15.50 17.84 6.24
CA LEU B 951 -14.84 16.70 6.87
C LEU B 951 -15.77 15.99 7.84
N VAL B 952 -16.51 16.76 8.64
CA VAL B 952 -17.43 16.14 9.59
C VAL B 952 -18.54 15.40 8.86
N LYS B 953 -19.13 16.02 7.85
CA LYS B 953 -20.25 15.40 7.15
C LYS B 953 -19.84 14.15 6.38
N GLN B 954 -18.56 14.04 6.01
CA GLN B 954 -18.13 12.86 5.27
C GLN B 954 -18.30 11.55 6.02
N LEU B 955 -18.71 11.59 7.29
CA LEU B 955 -18.90 10.39 8.08
C LEU B 955 -20.25 9.70 7.84
N SER B 956 -21.13 10.31 7.06
CA SER B 956 -22.47 9.77 6.84
C SER B 956 -22.59 8.96 5.56
N SER B 957 -21.50 8.76 4.83
CA SER B 957 -21.51 8.02 3.58
C SER B 957 -21.06 6.59 3.82
N ASN B 958 -21.81 5.63 3.28
CA ASN B 958 -21.50 4.22 3.50
C ASN B 958 -20.38 3.71 2.62
N PHE B 959 -19.99 4.45 1.59
CA PHE B 959 -18.90 4.09 0.69
C PHE B 959 -19.09 2.73 0.05
N GLY B 960 -20.33 2.27 -0.09
CA GLY B 960 -20.64 1.01 -0.73
C GLY B 960 -21.01 -0.11 0.21
N ALA B 961 -20.84 0.07 1.51
CA ALA B 961 -21.18 -0.97 2.46
C ALA B 961 -22.69 -1.01 2.69
N ILE B 962 -23.11 -1.89 3.60
CA ILE B 962 -24.54 -2.04 3.92
C ILE B 962 -25.03 -0.98 4.88
N SER B 963 -24.14 -0.25 5.54
CA SER B 963 -24.53 0.80 6.48
C SER B 963 -23.34 1.72 6.68
N SER B 964 -23.60 2.84 7.34
CA SER B 964 -22.56 3.83 7.62
C SER B 964 -22.36 4.06 9.12
N VAL B 965 -22.82 3.13 9.95
CA VAL B 965 -22.67 3.23 11.39
C VAL B 965 -22.03 1.95 11.92
N LEU B 966 -20.89 2.11 12.60
CA LEU B 966 -20.01 0.98 12.90
C LEU B 966 -20.66 -0.01 13.85
N ASN B 967 -21.29 0.50 14.91
CA ASN B 967 -21.87 -0.39 15.91
C ASN B 967 -22.98 -1.24 15.33
N ASP B 968 -23.86 -0.64 14.52
CA ASP B 968 -24.91 -1.42 13.87
C ASP B 968 -24.31 -2.41 12.89
N ILE B 969 -23.26 -2.01 12.17
CA ILE B 969 -22.62 -2.94 11.24
C ILE B 969 -22.08 -4.16 11.99
N LEU B 970 -21.44 -3.95 13.13
CA LEU B 970 -20.83 -5.05 13.86
C LEU B 970 -21.78 -5.76 14.80
N SER B 971 -23.01 -5.27 14.97
CA SER B 971 -23.99 -5.87 15.87
C SER B 971 -25.00 -6.74 15.13
N ARG B 972 -24.75 -7.04 13.87
CA ARG B 972 -25.65 -7.87 13.08
C ARG B 972 -24.97 -8.98 12.30
N LEU B 973 -23.66 -8.93 12.13
CA LEU B 973 -22.97 -9.86 11.25
C LEU B 973 -21.82 -10.53 12.00
N ASP B 974 -21.38 -11.67 11.46
CA ASP B 974 -20.22 -12.35 11.97
C ASP B 974 -18.95 -11.59 11.62
N PRO B 975 -17.87 -11.80 12.37
CA PRO B 975 -16.61 -11.10 12.11
C PRO B 975 -16.09 -11.29 10.69
N PRO B 976 -16.20 -12.49 10.08
CA PRO B 976 -15.62 -12.67 8.74
C PRO B 976 -16.15 -11.70 7.68
N GLU B 977 -17.38 -11.21 7.83
CA GLU B 977 -17.95 -10.25 6.90
C GLU B 977 -18.00 -8.83 7.46
N ALA B 978 -18.17 -8.70 8.78
CA ALA B 978 -18.03 -7.40 9.41
C ALA B 978 -16.66 -6.81 9.12
N GLU B 979 -15.62 -7.64 9.01
CA GLU B 979 -14.29 -7.13 8.71
C GLU B 979 -14.22 -6.57 7.30
N VAL B 980 -14.90 -7.21 6.33
CA VAL B 980 -14.93 -6.67 4.98
C VAL B 980 -15.61 -5.31 4.96
N GLN B 981 -16.78 -5.22 5.58
CA GLN B 981 -17.49 -3.95 5.60
C GLN B 981 -16.66 -2.86 6.29
N ILE B 982 -16.04 -3.21 7.43
CA ILE B 982 -15.26 -2.25 8.17
C ILE B 982 -14.04 -1.81 7.36
N ASP B 983 -13.45 -2.73 6.60
CA ASP B 983 -12.33 -2.36 5.74
C ASP B 983 -12.77 -1.34 4.69
N ARG B 984 -13.95 -1.55 4.11
CA ARG B 984 -14.45 -0.57 3.14
C ARG B 984 -14.60 0.81 3.77
N LEU B 985 -15.25 0.87 4.94
CA LEU B 985 -15.41 2.16 5.61
C LEU B 985 -14.08 2.80 5.97
N ILE B 986 -13.12 2.02 6.46
CA ILE B 986 -11.86 2.64 6.88
C ILE B 986 -11.09 3.16 5.66
N THR B 987 -11.16 2.46 4.53
CA THR B 987 -10.55 2.99 3.32
C THR B 987 -11.16 4.35 2.96
N GLY B 988 -12.49 4.42 2.93
CA GLY B 988 -13.12 5.69 2.58
C GLY B 988 -12.75 6.82 3.52
N ARG B 989 -12.81 6.55 4.83
CA ARG B 989 -12.57 7.60 5.80
C ARG B 989 -11.11 8.04 5.81
N LEU B 990 -10.18 7.09 5.63
CA LEU B 990 -8.78 7.46 5.54
C LEU B 990 -8.53 8.34 4.34
N GLN B 991 -9.16 8.03 3.19
CA GLN B 991 -8.99 8.89 2.02
C GLN B 991 -9.51 10.30 2.29
N SER B 992 -10.67 10.40 2.94
CA SER B 992 -11.23 11.73 3.24
C SER B 992 -10.30 12.53 4.15
N LEU B 993 -9.78 11.89 5.19
CA LEU B 993 -8.86 12.59 6.09
C LEU B 993 -7.60 13.03 5.35
N GLN B 994 -7.08 12.16 4.46
CA GLN B 994 -5.89 12.50 3.70
C GLN B 994 -6.09 13.74 2.86
N THR B 995 -7.22 13.80 2.13
CA THR B 995 -7.44 14.96 1.27
C THR B 995 -7.64 16.23 2.09
N TYR B 996 -8.30 16.13 3.25
CA TYR B 996 -8.42 17.30 4.11
C TYR B 996 -7.05 17.82 4.53
N VAL B 997 -6.16 16.92 4.95
CA VAL B 997 -4.84 17.35 5.42
C VAL B 997 -4.05 18.00 4.29
N THR B 998 -4.12 17.42 3.09
CA THR B 998 -3.39 18.00 1.96
C THR B 998 -3.88 19.42 1.65
N GLN B 999 -5.20 19.61 1.64
CA GLN B 999 -5.75 20.94 1.41
C GLN B 999 -5.26 21.92 2.48
N GLN B 1000 -5.24 21.48 3.74
CA GLN B 1000 -4.79 22.38 4.81
C GLN B 1000 -3.34 22.78 4.61
N LEU B 1001 -2.49 21.85 4.21
CA LEU B 1001 -1.08 22.18 3.96
C LEU B 1001 -0.97 23.24 2.85
N ILE B 1002 -1.70 23.04 1.76
CA ILE B 1002 -1.58 23.96 0.63
C ILE B 1002 -2.07 25.35 1.03
N ARG B 1003 -3.13 25.43 1.84
CA ARG B 1003 -3.60 26.74 2.30
C ARG B 1003 -2.61 27.38 3.26
N ALA B 1004 -1.97 26.57 4.12
CA ALA B 1004 -1.00 27.11 5.07
C ALA B 1004 0.16 27.76 4.35
N ALA B 1005 0.58 27.19 3.21
CA ALA B 1005 1.66 27.82 2.46
C ALA B 1005 1.32 29.26 2.04
N GLU B 1006 0.12 29.46 1.48
CA GLU B 1006 -0.30 30.80 1.07
C GLU B 1006 -0.44 31.75 2.26
N ILE B 1007 -0.99 31.25 3.37
CA ILE B 1007 -1.11 32.10 4.55
C ILE B 1007 0.26 32.54 5.03
N ARG B 1008 1.25 31.64 4.99
CA ARG B 1008 2.60 32.00 5.40
C ARG B 1008 3.19 33.05 4.48
N ALA B 1009 2.96 32.92 3.17
CA ALA B 1009 3.45 33.94 2.25
C ALA B 1009 2.86 35.31 2.57
N SER B 1010 1.55 35.35 2.84
CA SER B 1010 0.91 36.60 3.21
C SER B 1010 1.48 37.17 4.51
N ALA B 1011 1.73 36.30 5.48
CA ALA B 1011 2.30 36.76 6.75
C ALA B 1011 3.70 37.34 6.56
N ASN B 1012 4.50 36.72 5.70
CA ASN B 1012 5.83 37.28 5.42
C ASN B 1012 5.72 38.64 4.76
N LEU B 1013 4.78 38.79 3.81
CA LEU B 1013 4.59 40.10 3.21
C LEU B 1013 4.17 41.13 4.25
N ALA B 1014 3.27 40.76 5.16
CA ALA B 1014 2.84 41.69 6.20
C ALA B 1014 3.99 42.09 7.12
N ALA B 1015 4.84 41.13 7.48
CA ALA B 1015 6.00 41.44 8.32
C ALA B 1015 6.95 42.40 7.62
N THR B 1016 7.21 42.17 6.33
CA THR B 1016 8.08 43.07 5.58
C THR B 1016 7.48 44.47 5.52
N LYS B 1017 6.17 44.56 5.26
CA LYS B 1017 5.53 45.87 5.17
C LYS B 1017 5.57 46.59 6.49
N MET B 1018 5.31 45.89 7.60
CA MET B 1018 5.39 46.50 8.91
C MET B 1018 6.79 47.05 9.16
N SER B 1019 7.81 46.21 8.95
CA SER B 1019 9.18 46.62 9.23
C SER B 1019 9.58 47.83 8.38
N GLU B 1020 9.18 47.86 7.12
CA GLU B 1020 9.72 48.85 6.21
C GLU B 1020 8.87 50.12 6.09
N CYS B 1021 7.61 50.10 6.53
CA CYS B 1021 6.77 51.28 6.43
C CYS B 1021 6.20 51.78 7.74
N VAL B 1022 6.32 51.03 8.83
CA VAL B 1022 5.97 51.55 10.15
C VAL B 1022 7.20 52.01 10.90
N LEU B 1023 8.32 51.32 10.71
CA LEU B 1023 9.57 51.67 11.36
C LEU B 1023 10.42 52.63 10.53
N GLY B 1024 9.96 53.01 9.34
CA GLY B 1024 10.73 53.92 8.51
C GLY B 1024 9.93 54.37 7.32
N GLN B 1025 10.56 55.23 6.51
CA GLN B 1025 9.93 55.80 5.33
C GLN B 1025 10.45 55.10 4.08
N SER B 1026 9.54 54.64 3.23
CA SER B 1026 9.87 53.80 2.09
C SER B 1026 9.90 54.61 0.81
N LYS B 1027 10.83 54.27 -0.08
CA LYS B 1027 10.93 54.88 -1.40
C LYS B 1027 10.51 53.93 -2.51
N ARG B 1028 10.00 52.75 -2.18
CA ARG B 1028 9.47 51.85 -3.19
C ARG B 1028 8.07 52.31 -3.58
N VAL B 1029 7.91 52.68 -4.85
CA VAL B 1029 6.66 53.28 -5.30
C VAL B 1029 5.53 52.26 -5.26
N ASP B 1030 4.35 52.72 -4.84
CA ASP B 1030 3.15 51.89 -4.74
C ASP B 1030 3.35 50.66 -3.87
N PHE B 1031 4.33 50.70 -2.97
CA PHE B 1031 4.52 49.64 -2.00
C PHE B 1031 3.74 49.89 -0.72
N CYS B 1032 3.55 51.15 -0.35
CA CYS B 1032 2.83 51.52 0.86
C CYS B 1032 1.86 52.65 0.57
N GLY B 1033 1.08 52.50 -0.49
CA GLY B 1033 0.06 53.46 -0.86
C GLY B 1033 0.43 54.24 -2.11
N LYS B 1034 -0.60 54.77 -2.76
CA LYS B 1034 -0.42 55.53 -3.99
C LYS B 1034 0.04 56.95 -3.68
N GLY B 1035 1.17 57.34 -4.21
CA GLY B 1035 1.74 58.65 -3.99
C GLY B 1035 3.03 58.57 -3.20
N TYR B 1036 3.58 59.74 -2.92
CA TYR B 1036 4.81 59.82 -2.15
C TYR B 1036 4.52 59.49 -0.69
N HIS B 1037 5.04 58.36 -0.22
CA HIS B 1037 4.71 57.85 1.10
C HIS B 1037 5.31 58.72 2.19
N LEU B 1038 4.53 58.96 3.24
CA LEU B 1038 4.96 59.74 4.40
C LEU B 1038 5.12 58.88 5.65
N MET B 1039 4.07 58.18 6.07
CA MET B 1039 4.13 57.36 7.28
C MET B 1039 2.87 56.49 7.32
N SER B 1040 2.85 55.56 8.27
CA SER B 1040 1.77 54.57 8.31
C SER B 1040 1.54 54.11 9.73
N PHE B 1041 0.34 53.56 9.97
CA PHE B 1041 -0.10 53.13 11.29
C PHE B 1041 -0.67 51.72 11.23
N PRO B 1042 -0.31 50.85 12.16
CA PRO B 1042 -0.90 49.51 12.19
C PRO B 1042 -2.11 49.43 13.11
N GLN B 1043 -3.02 48.52 12.76
CA GLN B 1043 -4.18 48.22 13.57
C GLN B 1043 -4.41 46.71 13.58
N SER B 1044 -4.96 46.22 14.68
CA SER B 1044 -5.23 44.79 14.79
C SER B 1044 -6.55 44.45 14.11
N ALA B 1045 -6.78 43.15 13.96
CA ALA B 1045 -7.98 42.62 13.34
C ALA B 1045 -8.00 41.11 13.56
N PRO B 1046 -9.14 40.47 13.41
CA PRO B 1046 -9.19 39.00 13.51
C PRO B 1046 -8.45 38.36 12.35
N HIS B 1047 -7.40 37.60 12.68
CA HIS B 1047 -6.59 36.88 11.69
C HIS B 1047 -5.97 37.83 10.67
N GLY B 1048 -5.49 38.99 11.11
CA GLY B 1048 -4.83 39.87 10.18
C GLY B 1048 -4.47 41.20 10.81
N VAL B 1049 -4.02 42.11 9.93
CA VAL B 1049 -3.68 43.48 10.31
C VAL B 1049 -4.35 44.43 9.33
N VAL B 1050 -4.29 45.71 9.65
CA VAL B 1050 -4.77 46.77 8.78
C VAL B 1050 -3.79 47.93 8.86
N PHE B 1051 -3.32 48.41 7.72
CA PHE B 1051 -2.41 49.53 7.66
C PHE B 1051 -3.14 50.77 7.14
N LEU B 1052 -2.85 51.92 7.74
CA LEU B 1052 -3.43 53.19 7.34
C LEU B 1052 -2.30 54.03 6.74
N HIS B 1053 -2.07 53.87 5.44
CA HIS B 1053 -0.99 54.60 4.79
C HIS B 1053 -1.36 56.06 4.62
N VAL B 1054 -0.38 56.94 4.84
CA VAL B 1054 -0.55 58.38 4.69
C VAL B 1054 0.37 58.84 3.57
N THR B 1055 -0.22 59.41 2.53
CA THR B 1055 0.50 59.75 1.32
C THR B 1055 0.46 61.27 1.10
N TYR B 1056 0.95 61.69 -0.07
CA TYR B 1056 1.00 63.09 -0.44
C TYR B 1056 0.75 63.18 -1.94
N VAL B 1057 -0.30 63.90 -2.35
CA VAL B 1057 -0.71 63.95 -3.73
C VAL B 1057 -0.78 65.40 -4.19
N PRO B 1058 -0.03 65.80 -5.23
CA PRO B 1058 -0.20 67.14 -5.79
C PRO B 1058 -1.58 67.31 -6.40
N ALA B 1059 -2.10 68.54 -6.34
CA ALA B 1059 -3.49 68.79 -6.70
C ALA B 1059 -3.64 69.68 -7.93
N GLN B 1060 -3.08 70.89 -7.93
CA GLN B 1060 -3.36 71.88 -8.96
C GLN B 1060 -2.09 72.20 -9.72
N GLU B 1061 -2.14 72.06 -11.04
CA GLU B 1061 -0.98 72.24 -11.90
C GLU B 1061 -1.19 73.40 -12.86
N LYS B 1062 -0.11 74.14 -13.10
CA LYS B 1062 -0.08 75.20 -14.09
C LYS B 1062 1.15 75.03 -14.96
N ASN B 1063 1.03 75.37 -16.24
CA ASN B 1063 2.08 75.10 -17.21
C ASN B 1063 2.92 76.34 -17.50
N PHE B 1064 4.22 76.13 -17.69
CA PHE B 1064 5.15 77.21 -18.01
C PHE B 1064 6.05 76.79 -19.16
N THR B 1065 7.08 77.57 -19.44
CA THR B 1065 8.10 77.23 -20.42
C THR B 1065 9.46 77.12 -19.74
N THR B 1066 10.28 76.21 -20.23
CA THR B 1066 11.54 75.87 -19.59
C THR B 1066 12.70 76.08 -20.55
N ALA B 1067 13.91 75.77 -20.07
CA ALA B 1067 15.14 75.86 -20.83
C ALA B 1067 16.23 75.06 -20.12
N PRO B 1068 16.93 74.18 -20.82
CA PRO B 1068 17.94 73.34 -20.16
C PRO B 1068 19.10 74.12 -19.57
N ALA B 1069 19.40 75.30 -20.07
CA ALA B 1069 20.55 76.05 -19.58
C ALA B 1069 20.32 77.53 -19.84
N ILE B 1070 21.12 78.36 -19.18
CA ILE B 1070 21.05 79.81 -19.29
C ILE B 1070 22.45 80.31 -19.62
N CYS B 1071 22.60 80.96 -20.77
CA CYS B 1071 23.87 81.55 -21.13
C CYS B 1071 23.95 82.99 -20.64
N HIS B 1072 25.03 83.31 -19.92
CA HIS B 1072 25.17 84.65 -19.38
C HIS B 1072 26.33 85.42 -20.03
N ASP B 1073 27.54 84.85 -19.94
CA ASP B 1073 28.73 85.52 -20.48
C ASP B 1073 29.58 84.55 -21.29
N GLY B 1074 28.94 83.78 -22.17
CA GLY B 1074 29.65 82.78 -22.94
C GLY B 1074 29.85 81.47 -22.23
N LYS B 1075 29.39 81.34 -20.99
CA LYS B 1075 29.46 80.09 -20.24
C LYS B 1075 28.06 79.66 -19.82
N ALA B 1076 27.83 78.36 -19.88
CA ALA B 1076 26.51 77.82 -19.57
C ALA B 1076 26.27 77.82 -18.07
N HIS B 1077 24.99 77.74 -17.69
CA HIS B 1077 24.57 77.63 -16.31
C HIS B 1077 23.50 76.56 -16.20
N PHE B 1078 23.60 75.76 -15.14
CA PHE B 1078 22.65 74.68 -14.89
C PHE B 1078 22.15 74.80 -13.47
N PRO B 1079 20.90 74.39 -13.20
CA PRO B 1079 20.35 74.54 -11.85
C PRO B 1079 20.94 73.51 -10.91
N ARG B 1080 21.35 73.96 -9.73
CA ARG B 1080 21.89 73.04 -8.73
C ARG B 1080 20.82 72.04 -8.31
N GLU B 1081 19.64 72.53 -7.96
CA GLU B 1081 18.48 71.68 -7.69
C GLU B 1081 17.24 72.42 -8.18
N GLY B 1082 16.42 71.74 -8.96
CA GLY B 1082 15.21 72.34 -9.50
C GLY B 1082 15.31 72.51 -11.00
N VAL B 1083 14.39 73.31 -11.52
CA VAL B 1083 14.25 73.50 -12.96
C VAL B 1083 14.02 74.98 -13.26
N PHE B 1084 14.59 75.45 -14.37
CA PHE B 1084 14.37 76.82 -14.79
C PHE B 1084 12.98 76.98 -15.39
N VAL B 1085 12.23 77.98 -14.93
CA VAL B 1085 10.89 78.26 -15.44
C VAL B 1085 10.79 79.74 -15.75
N SER B 1086 9.80 80.06 -16.59
CA SER B 1086 9.53 81.44 -16.97
C SER B 1086 8.05 81.61 -17.23
N ASN B 1087 7.53 82.78 -16.88
CA ASN B 1087 6.15 83.15 -17.18
C ASN B 1087 6.03 83.95 -18.46
N GLY B 1088 7.12 84.11 -19.22
CA GLY B 1088 7.11 84.86 -20.45
C GLY B 1088 7.81 86.20 -20.41
N THR B 1089 8.02 86.76 -19.22
CA THR B 1089 8.71 88.04 -19.10
C THR B 1089 9.94 87.99 -18.20
N HIS B 1090 10.07 86.97 -17.37
CA HIS B 1090 11.23 86.86 -16.48
C HIS B 1090 11.46 85.39 -16.19
N TRP B 1091 12.71 85.07 -15.84
CA TRP B 1091 13.13 83.68 -15.64
C TRP B 1091 13.42 83.42 -14.17
N PHE B 1092 12.88 82.32 -13.65
CA PHE B 1092 13.09 81.90 -12.28
C PHE B 1092 13.57 80.46 -12.25
N VAL B 1093 14.01 80.02 -11.07
CA VAL B 1093 14.32 78.62 -10.80
C VAL B 1093 13.44 78.18 -9.64
N THR B 1094 12.87 76.98 -9.76
CA THR B 1094 11.91 76.52 -8.78
C THR B 1094 12.09 75.03 -8.55
N GLN B 1095 11.39 74.52 -7.54
CA GLN B 1095 11.39 73.10 -7.21
C GLN B 1095 10.67 72.32 -8.30
N ARG B 1096 10.58 71.00 -8.11
CA ARG B 1096 9.92 70.15 -9.08
C ARG B 1096 8.63 69.53 -8.58
N ASN B 1097 8.22 69.80 -7.35
CA ASN B 1097 6.97 69.26 -6.83
C ASN B 1097 6.10 70.29 -6.12
N PHE B 1098 6.54 71.54 -6.03
CA PHE B 1098 5.74 72.59 -5.41
C PHE B 1098 6.26 73.92 -5.94
N TYR B 1099 5.43 74.61 -6.71
CA TYR B 1099 5.88 75.82 -7.38
C TYR B 1099 6.24 76.90 -6.36
N GLU B 1100 7.48 77.36 -6.43
CA GLU B 1100 7.97 78.42 -5.54
C GLU B 1100 9.16 79.11 -6.21
N PRO B 1101 8.90 80.17 -6.98
CA PRO B 1101 9.99 80.78 -7.75
C PRO B 1101 11.04 81.44 -6.86
N GLN B 1102 12.27 81.45 -7.36
CA GLN B 1102 13.37 82.14 -6.71
C GLN B 1102 14.17 82.87 -7.76
N ILE B 1103 14.85 83.94 -7.34
CA ILE B 1103 15.61 84.76 -8.28
C ILE B 1103 16.91 84.06 -8.64
N ILE B 1104 17.21 84.01 -9.94
CA ILE B 1104 18.39 83.31 -10.42
C ILE B 1104 19.64 84.07 -9.98
N THR B 1105 20.59 83.35 -9.41
CA THR B 1105 21.83 83.94 -8.94
C THR B 1105 22.93 82.88 -8.97
N THR B 1106 24.06 83.18 -8.35
CA THR B 1106 25.26 82.36 -8.50
C THR B 1106 25.37 81.22 -7.49
N ASP B 1107 24.45 81.11 -6.55
CA ASP B 1107 24.47 79.98 -5.62
C ASP B 1107 23.44 78.92 -5.96
N ASN B 1108 22.47 79.23 -6.82
CA ASN B 1108 21.51 78.25 -7.30
C ASN B 1108 21.99 77.51 -8.53
N THR B 1109 23.08 77.95 -9.15
CA THR B 1109 23.55 77.39 -10.41
C THR B 1109 25.04 77.12 -10.35
N PHE B 1110 25.49 76.23 -11.23
CA PHE B 1110 26.90 75.95 -11.40
C PHE B 1110 27.25 76.01 -12.89
N VAL B 1111 28.42 76.54 -13.18
CA VAL B 1111 28.87 76.75 -14.56
C VAL B 1111 29.55 75.49 -15.07
N SER B 1112 29.40 75.24 -16.37
CA SER B 1112 30.02 74.10 -17.01
C SER B 1112 30.04 74.28 -18.53
N GLY B 1113 31.23 74.26 -19.12
CA GLY B 1113 31.35 74.36 -20.56
C GLY B 1113 31.01 75.75 -21.08
N ASN B 1114 30.57 75.79 -22.34
CA ASN B 1114 30.24 77.04 -23.01
C ASN B 1114 28.79 77.01 -23.49
N CYS B 1115 28.41 78.01 -24.29
CA CYS B 1115 27.04 78.13 -24.79
C CYS B 1115 26.89 77.59 -26.20
N ASP B 1116 27.90 76.90 -26.73
CA ASP B 1116 27.88 76.40 -28.09
C ASP B 1116 27.71 74.88 -28.18
N VAL B 1117 27.42 74.21 -27.06
CA VAL B 1117 27.30 72.76 -27.01
C VAL B 1117 25.89 72.33 -26.65
N VAL B 1118 25.24 73.06 -25.75
CA VAL B 1118 23.90 72.67 -25.30
C VAL B 1118 22.87 73.08 -26.35
N ILE B 1119 21.87 72.21 -26.53
CA ILE B 1119 20.77 72.46 -27.46
C ILE B 1119 19.58 73.00 -26.67
N GLY B 1120 19.09 74.17 -27.06
CA GLY B 1120 17.97 74.80 -26.40
C GLY B 1120 18.34 75.84 -25.37
N ILE B 1121 19.61 76.26 -25.30
CA ILE B 1121 20.02 77.22 -24.29
C ILE B 1121 19.43 78.59 -24.61
N VAL B 1122 19.18 79.38 -23.57
CA VAL B 1122 18.50 80.66 -23.69
C VAL B 1122 19.31 81.73 -22.95
N ASN B 1123 19.40 82.92 -23.55
CA ASN B 1123 20.11 84.02 -22.93
C ASN B 1123 19.33 84.61 -21.76
N ASN B 1124 20.04 85.01 -20.71
CA ASN B 1124 19.42 85.66 -19.56
C ASN B 1124 20.53 86.19 -18.66
N THR B 1125 20.21 87.19 -17.84
CA THR B 1125 21.18 87.72 -16.89
C THR B 1125 21.22 86.88 -15.62
N VAL B 1126 22.40 86.75 -15.04
CA VAL B 1126 22.60 86.05 -13.77
C VAL B 1126 23.54 86.93 -12.95
N TYR B 1127 22.99 87.61 -11.95
CA TYR B 1127 23.77 88.64 -11.25
C TYR B 1127 24.56 88.04 -10.09
N ASP B 1128 25.61 88.74 -9.70
CA ASP B 1128 26.44 88.36 -8.57
C ASP B 1128 25.94 89.06 -7.32
N PRO B 1129 25.59 88.33 -6.25
CA PRO B 1129 25.11 89.00 -5.03
C PRO B 1129 26.10 89.97 -4.43
N LEU B 1130 27.40 89.71 -4.56
CA LEU B 1130 28.42 90.58 -3.97
C LEU B 1130 28.75 91.78 -4.85
N GLN B 1131 28.13 91.91 -6.01
CA GLN B 1131 28.40 93.02 -6.91
C GLN B 1131 27.74 94.31 -6.45
N PRO B 1132 26.45 94.31 -6.07
CA PRO B 1132 25.87 95.57 -5.54
C PRO B 1132 26.57 96.07 -4.28
N GLU B 1133 27.06 95.16 -3.44
CA GLU B 1133 27.76 95.54 -2.22
C GLU B 1133 29.22 95.84 -2.49
N ALA C 16 25.01 -17.26 -47.86
CA ALA C 16 25.38 -15.85 -47.85
C ALA C 16 24.49 -15.06 -46.91
N TYR C 17 25.02 -13.97 -46.37
CA TYR C 17 24.33 -13.14 -45.39
C TYR C 17 24.17 -11.72 -45.91
N THR C 18 22.98 -11.16 -45.73
CA THR C 18 22.69 -9.78 -46.09
C THR C 18 21.90 -9.15 -44.95
N ASN C 19 22.03 -7.83 -44.82
CA ASN C 19 21.42 -7.10 -43.71
C ASN C 19 20.02 -6.64 -44.11
N SER C 20 19.03 -7.03 -43.31
CA SER C 20 17.67 -6.53 -43.49
C SER C 20 17.61 -5.09 -42.98
N PHE C 21 17.82 -4.13 -43.88
CA PHE C 21 18.06 -2.75 -43.50
C PHE C 21 16.89 -2.12 -42.75
N THR C 22 15.75 -1.96 -43.42
CA THR C 22 14.62 -1.27 -42.81
C THR C 22 13.27 -1.91 -43.08
N ARG C 23 13.21 -3.00 -43.82
CA ARG C 23 11.95 -3.60 -44.20
C ARG C 23 11.51 -4.65 -43.19
N GLY C 24 10.23 -4.98 -43.23
CA GLY C 24 9.69 -6.02 -42.35
C GLY C 24 8.57 -5.55 -41.45
N VAL C 25 8.08 -4.34 -41.66
CA VAL C 25 6.99 -3.79 -40.86
C VAL C 25 5.66 -4.08 -41.54
N TYR C 26 4.61 -4.16 -40.74
CA TYR C 26 3.29 -4.49 -41.26
C TYR C 26 2.23 -3.87 -40.34
N TYR C 27 1.03 -3.74 -40.89
CA TYR C 27 -0.09 -3.22 -40.11
C TYR C 27 -0.52 -4.24 -39.07
N PRO C 28 -0.50 -3.91 -37.78
CA PRO C 28 -0.85 -4.90 -36.76
C PRO C 28 -2.34 -5.13 -36.60
N ASP C 29 -3.18 -4.17 -36.97
CA ASP C 29 -4.62 -4.27 -36.76
C ASP C 29 -5.34 -3.64 -37.95
N LYS C 30 -6.68 -3.63 -37.86
CA LYS C 30 -7.54 -3.00 -38.85
C LYS C 30 -8.17 -1.74 -38.29
N VAL C 31 -7.45 -1.05 -37.40
CA VAL C 31 -7.94 0.16 -36.73
C VAL C 31 -7.25 1.35 -37.38
N PHE C 32 -8.06 2.33 -37.79
CA PHE C 32 -7.54 3.46 -38.55
C PHE C 32 -7.04 4.55 -37.62
N ARG C 33 -5.77 4.88 -37.73
CA ARG C 33 -5.15 5.97 -36.98
C ARG C 33 -4.36 6.84 -37.95
N SER C 34 -4.45 8.16 -37.77
CA SER C 34 -3.80 9.09 -38.68
C SER C 34 -3.13 10.22 -37.91
N SER C 35 -1.95 10.63 -38.38
CA SER C 35 -1.20 11.74 -37.79
C SER C 35 -0.94 11.53 -36.31
N VAL C 36 -0.65 10.29 -35.92
CA VAL C 36 -0.39 9.94 -34.53
C VAL C 36 0.86 9.07 -34.47
N LEU C 37 1.45 9.01 -33.28
CA LEU C 37 2.58 8.13 -32.99
C LEU C 37 2.08 7.03 -32.05
N HIS C 38 2.19 5.79 -32.49
CA HIS C 38 1.68 4.64 -31.75
C HIS C 38 2.80 3.70 -31.38
N SER C 39 2.76 3.20 -30.15
CA SER C 39 3.73 2.23 -29.65
C SER C 39 3.02 0.91 -29.40
N THR C 40 3.52 -0.15 -30.01
CA THR C 40 2.91 -1.47 -29.89
C THR C 40 3.99 -2.52 -29.71
N GLN C 41 3.61 -3.63 -29.08
CA GLN C 41 4.50 -4.76 -28.87
C GLN C 41 3.93 -5.99 -29.57
N ASP C 42 4.71 -6.59 -30.44
CA ASP C 42 4.31 -7.77 -31.20
C ASP C 42 5.57 -8.38 -31.80
N LEU C 43 5.39 -9.36 -32.68
CA LEU C 43 6.50 -10.04 -33.33
C LEU C 43 6.87 -9.29 -34.61
N PHE C 44 8.13 -8.91 -34.75
CA PHE C 44 8.59 -8.17 -35.91
C PHE C 44 9.99 -8.63 -36.29
N LEU C 45 10.41 -8.24 -37.50
CA LEU C 45 11.75 -8.52 -37.98
C LEU C 45 12.68 -7.42 -37.48
N PRO C 46 13.65 -7.71 -36.61
CA PRO C 46 14.54 -6.66 -36.11
C PRO C 46 15.36 -6.03 -37.22
N PHE C 47 15.64 -4.74 -37.06
CA PHE C 47 16.36 -4.00 -38.08
C PHE C 47 17.80 -4.46 -38.17
N PHE C 48 18.35 -4.39 -39.39
CA PHE C 48 19.75 -4.75 -39.66
C PHE C 48 20.05 -6.16 -39.19
N SER C 49 19.20 -7.10 -39.57
CA SER C 49 19.36 -8.51 -39.24
C SER C 49 19.93 -9.27 -40.42
N ASN C 50 20.78 -10.25 -40.12
CA ASN C 50 21.39 -11.08 -41.15
C ASN C 50 20.37 -12.03 -41.73
N VAL C 51 20.15 -11.94 -43.04
CA VAL C 51 19.23 -12.81 -43.74
C VAL C 51 20.02 -13.91 -44.43
N THR C 52 19.33 -14.99 -44.79
CA THR C 52 19.95 -16.12 -45.46
C THR C 52 19.64 -16.07 -46.95
N TRP C 53 20.65 -16.35 -47.76
CA TRP C 53 20.55 -16.22 -49.21
C TRP C 53 20.58 -17.60 -49.85
N PHE C 54 19.63 -17.85 -50.75
CA PHE C 54 19.61 -19.04 -51.57
C PHE C 54 19.40 -18.66 -53.03
N HIS C 55 19.99 -19.45 -53.93
CA HIS C 55 19.88 -19.23 -55.36
C HIS C 55 19.35 -20.48 -56.03
N ALA C 56 18.65 -20.28 -57.14
CA ALA C 56 18.03 -21.36 -57.89
C ALA C 56 18.96 -21.94 -58.96
N ILE C 57 20.27 -21.80 -58.77
CA ILE C 57 21.25 -22.38 -59.69
C ILE C 57 21.67 -23.71 -59.09
N HIS C 58 20.93 -24.76 -59.44
CA HIS C 58 21.17 -26.11 -58.93
C HIS C 58 21.18 -26.15 -57.41
N ASN C 70 15.64 -27.00 -52.90
CA ASN C 70 14.76 -26.59 -51.81
C ASN C 70 15.04 -27.39 -50.55
N PRO C 71 15.99 -26.91 -49.74
CA PRO C 71 16.32 -27.61 -48.49
C PRO C 71 15.22 -27.49 -47.45
N VAL C 72 15.44 -28.05 -46.27
CA VAL C 72 14.50 -27.96 -45.16
C VAL C 72 14.88 -26.75 -44.33
N LEU C 73 13.92 -25.83 -44.17
CA LEU C 73 14.17 -24.61 -43.41
C LEU C 73 13.20 -24.54 -42.24
N PRO C 74 13.69 -24.42 -41.01
CA PRO C 74 12.79 -24.36 -39.85
C PRO C 74 11.91 -23.12 -39.89
N PHE C 75 10.75 -23.24 -39.24
CA PHE C 75 9.72 -22.21 -39.20
C PHE C 75 9.36 -21.90 -37.75
N ASN C 76 10.38 -21.64 -36.93
CA ASN C 76 10.20 -21.54 -35.48
C ASN C 76 9.16 -20.49 -35.11
N ASP C 77 9.30 -19.26 -35.60
CA ASP C 77 8.33 -18.22 -35.27
C ASP C 77 7.77 -17.50 -36.49
N GLY C 78 8.60 -17.25 -37.51
CA GLY C 78 8.15 -16.51 -38.65
C GLY C 78 9.27 -16.23 -39.64
N VAL C 79 8.92 -16.11 -40.92
CA VAL C 79 9.89 -15.92 -41.98
C VAL C 79 9.51 -14.70 -42.81
N TYR C 80 10.48 -13.84 -43.09
CA TYR C 80 10.30 -12.74 -44.03
C TYR C 80 10.86 -13.19 -45.36
N PHE C 81 10.03 -13.86 -46.15
CA PHE C 81 10.41 -14.40 -47.44
C PHE C 81 10.13 -13.36 -48.52
N ALA C 82 11.19 -12.83 -49.13
CA ALA C 82 11.08 -11.89 -50.23
C ALA C 82 11.90 -12.44 -51.40
N SER C 83 11.25 -12.55 -52.56
CA SER C 83 11.89 -13.07 -53.75
C SER C 83 11.69 -12.09 -54.90
N THR C 84 12.71 -11.94 -55.73
CA THR C 84 12.64 -11.04 -56.89
C THR C 84 12.38 -11.82 -58.17
N GLY C 92 4.81 -21.89 -55.78
CA GLY C 92 4.03 -22.48 -54.71
C GLY C 92 4.77 -22.53 -53.38
N TRP C 93 4.12 -23.11 -52.38
CA TRP C 93 4.70 -23.22 -51.05
C TRP C 93 4.18 -24.47 -50.37
N ILE C 94 4.93 -24.92 -49.36
CA ILE C 94 4.51 -26.02 -48.50
C ILE C 94 5.15 -25.83 -47.13
N PHE C 95 4.34 -25.96 -46.09
CA PHE C 95 4.79 -25.76 -44.71
C PHE C 95 4.39 -26.99 -43.90
N GLY C 96 5.36 -27.89 -43.68
CA GLY C 96 5.11 -29.12 -42.97
C GLY C 96 5.81 -29.18 -41.62
N THR C 97 5.35 -30.12 -40.80
CA THR C 97 5.99 -30.40 -39.51
C THR C 97 6.89 -31.63 -39.58
N THR C 98 6.33 -32.76 -39.98
CA THR C 98 7.12 -33.98 -40.18
C THR C 98 7.24 -34.34 -41.65
N LEU C 99 6.15 -34.16 -42.42
CA LEU C 99 6.12 -34.41 -43.86
C LEU C 99 6.49 -35.86 -44.18
N ASP C 100 5.68 -36.77 -43.65
CA ASP C 100 5.82 -38.19 -43.93
C ASP C 100 4.47 -38.78 -44.32
N SER C 101 3.59 -37.94 -44.86
CA SER C 101 2.23 -38.33 -45.23
C SER C 101 1.46 -38.87 -44.02
N LYS C 102 1.82 -38.37 -42.85
CA LYS C 102 1.12 -38.73 -41.62
C LYS C 102 0.43 -37.50 -41.04
N THR C 103 1.21 -36.46 -40.76
CA THR C 103 0.67 -35.15 -40.39
C THR C 103 0.75 -34.22 -41.60
N GLN C 104 -0.20 -34.38 -42.51
CA GLN C 104 -0.19 -33.69 -43.79
C GLN C 104 -0.14 -32.17 -43.61
N SER C 105 0.58 -31.51 -44.52
CA SER C 105 0.92 -30.10 -44.37
C SER C 105 -0.07 -29.16 -45.04
N LEU C 106 0.33 -27.89 -45.14
CA LEU C 106 -0.46 -26.84 -45.78
C LEU C 106 0.16 -26.52 -47.13
N LEU C 107 -0.66 -26.49 -48.17
CA LEU C 107 -0.20 -26.29 -49.54
C LEU C 107 -0.82 -25.01 -50.10
N ILE C 108 0.00 -24.21 -50.76
CA ILE C 108 -0.46 -22.98 -51.40
C ILE C 108 -0.09 -23.02 -52.88
N VAL C 109 -1.04 -22.69 -53.74
CA VAL C 109 -0.80 -22.65 -55.18
C VAL C 109 -0.83 -21.21 -55.67
N VAL C 116 -5.51 -20.38 -54.68
CA VAL C 116 -6.04 -21.71 -54.43
C VAL C 116 -5.28 -22.36 -53.29
N ILE C 117 -5.87 -22.35 -52.10
CA ILE C 117 -5.24 -22.89 -50.90
C ILE C 117 -6.02 -24.11 -50.44
N LYS C 118 -5.34 -25.24 -50.31
CA LYS C 118 -5.95 -26.47 -49.82
C LYS C 118 -5.12 -26.99 -48.65
N VAL C 119 -5.72 -27.03 -47.47
CA VAL C 119 -5.08 -27.51 -46.26
C VAL C 119 -5.79 -28.80 -45.86
N CYS C 120 -5.24 -29.93 -46.27
CA CYS C 120 -5.83 -31.23 -46.01
C CYS C 120 -4.89 -32.02 -45.11
N GLU C 121 -5.02 -31.82 -43.80
CA GLU C 121 -4.21 -32.55 -42.83
C GLU C 121 -4.65 -34.00 -42.75
N CYS C 155 -9.67 -33.70 -45.22
CA CYS C 155 -9.23 -32.31 -45.23
C CYS C 155 -9.73 -31.57 -43.98
N THR C 156 -9.15 -30.41 -43.71
CA THR C 156 -9.59 -29.58 -42.59
C THR C 156 -9.92 -28.16 -43.00
N PHE C 157 -9.45 -27.68 -44.15
CA PHE C 157 -9.86 -26.39 -44.67
C PHE C 157 -9.47 -26.31 -46.14
N GLU C 158 -10.20 -25.48 -46.90
CA GLU C 158 -9.86 -25.20 -48.29
C GLU C 158 -10.30 -23.78 -48.62
N TYR C 159 -9.61 -23.17 -49.59
CA TYR C 159 -9.94 -21.83 -50.03
C TYR C 159 -9.50 -21.66 -51.48
N VAL C 160 -10.22 -20.81 -52.20
CA VAL C 160 -9.91 -20.49 -53.60
C VAL C 160 -9.86 -18.98 -53.75
N SER C 161 -8.80 -18.49 -54.39
CA SER C 161 -8.64 -17.06 -54.61
C SER C 161 -9.02 -16.68 -56.04
N LYS C 176 13.26 -7.04 -60.86
CA LYS C 176 12.82 -5.69 -60.53
C LYS C 176 11.63 -5.71 -59.57
N ASN C 177 10.66 -6.58 -59.86
CA ASN C 177 9.44 -6.64 -59.05
C ASN C 177 9.72 -7.26 -57.69
N LEU C 178 9.97 -6.42 -56.70
CA LEU C 178 10.24 -6.90 -55.35
C LEU C 178 8.95 -7.40 -54.70
N ARG C 179 8.74 -8.72 -54.73
CA ARG C 179 7.54 -9.33 -54.17
C ARG C 179 7.88 -9.87 -52.79
N GLU C 180 7.72 -9.02 -51.77
CA GLU C 180 8.00 -9.39 -50.40
C GLU C 180 6.76 -9.96 -49.74
N PHE C 181 6.95 -10.99 -48.93
CA PHE C 181 5.86 -11.64 -48.23
C PHE C 181 6.26 -11.90 -46.79
N VAL C 182 5.26 -11.93 -45.91
CA VAL C 182 5.46 -12.23 -44.49
C VAL C 182 4.50 -13.35 -44.11
N PHE C 183 5.03 -14.37 -43.44
CA PHE C 183 4.23 -15.51 -43.00
C PHE C 183 4.53 -15.78 -41.54
N LYS C 184 3.46 -15.98 -40.74
CA LYS C 184 3.63 -16.29 -39.33
C LYS C 184 2.37 -16.98 -38.83
N ASN C 185 2.52 -17.67 -37.70
CA ASN C 185 1.41 -18.38 -37.05
C ASN C 185 1.49 -18.13 -35.56
N ILE C 186 0.40 -17.65 -34.97
CA ILE C 186 0.35 -17.33 -33.55
C ILE C 186 -1.05 -17.64 -33.03
N ASP C 187 -1.13 -18.49 -32.01
CA ASP C 187 -2.38 -18.78 -31.30
C ASP C 187 -3.50 -19.20 -32.25
N GLY C 188 -3.20 -20.16 -33.11
CA GLY C 188 -4.19 -20.65 -34.05
C GLY C 188 -4.56 -19.69 -35.14
N TYR C 189 -3.72 -18.68 -35.40
CA TYR C 189 -3.98 -17.67 -36.43
C TYR C 189 -2.83 -17.62 -37.40
N PHE C 190 -3.13 -17.77 -38.69
CA PHE C 190 -2.12 -17.75 -39.75
C PHE C 190 -2.19 -16.42 -40.47
N LYS C 191 -1.04 -15.74 -40.57
CA LYS C 191 -0.96 -14.42 -41.18
C LYS C 191 -0.15 -14.48 -42.47
N ILE C 192 -0.66 -13.81 -43.50
CA ILE C 192 0.03 -13.67 -44.77
C ILE C 192 -0.01 -12.22 -45.19
N TYR C 193 1.15 -11.68 -45.57
CA TYR C 193 1.27 -10.29 -45.97
C TYR C 193 1.98 -10.23 -47.31
N SER C 194 1.74 -9.16 -48.07
CA SER C 194 2.27 -9.08 -49.42
C SER C 194 2.53 -7.64 -49.80
N LYS C 195 3.38 -7.47 -50.82
CA LYS C 195 3.68 -6.19 -51.42
C LYS C 195 4.41 -6.39 -52.75
N HIS C 196 3.93 -5.74 -53.81
CA HIS C 196 4.50 -5.90 -55.14
C HIS C 196 4.97 -4.53 -55.64
N THR C 197 6.29 -4.32 -55.66
CA THR C 197 6.88 -3.07 -56.10
C THR C 197 7.99 -3.37 -57.10
N PRO C 198 8.06 -2.64 -58.22
CA PRO C 198 9.11 -2.82 -59.22
C PRO C 198 10.43 -2.14 -58.83
N PRO C 206 17.29 -3.46 -50.73
CA PRO C 206 17.10 -2.02 -50.89
C PRO C 206 16.80 -1.32 -49.57
N GLN C 207 17.30 -0.09 -49.43
CA GLN C 207 17.07 0.70 -48.21
C GLN C 207 15.86 1.60 -48.44
N GLY C 208 14.69 1.04 -48.18
CA GLY C 208 13.45 1.77 -48.31
C GLY C 208 12.45 1.29 -47.28
N PHE C 209 11.32 1.99 -47.21
CA PHE C 209 10.27 1.68 -46.25
C PHE C 209 9.04 1.18 -46.98
N SER C 210 8.46 0.08 -46.49
CA SER C 210 7.27 -0.51 -47.08
C SER C 210 6.46 -1.17 -45.97
N ALA C 211 5.15 -0.93 -45.99
CA ALA C 211 4.23 -1.51 -45.01
C ALA C 211 3.33 -2.52 -45.70
N LEU C 212 3.09 -3.64 -45.05
CA LEU C 212 2.30 -4.73 -45.63
C LEU C 212 1.02 -4.92 -44.83
N GLU C 213 -0.09 -5.11 -45.54
CA GLU C 213 -1.38 -5.35 -44.96
C GLU C 213 -1.72 -6.84 -44.96
N PRO C 214 -2.47 -7.31 -43.97
CA PRO C 214 -2.75 -8.75 -43.86
C PRO C 214 -3.73 -9.22 -44.93
N LEU C 215 -3.36 -10.28 -45.64
CA LEU C 215 -4.21 -10.90 -46.63
C LEU C 215 -4.34 -12.39 -46.35
N VAL C 216 -5.53 -12.93 -46.62
CA VAL C 216 -5.83 -14.35 -46.49
C VAL C 216 -5.40 -14.84 -45.12
N ASP C 217 -5.84 -14.12 -44.07
CA ASP C 217 -5.57 -14.57 -42.71
C ASP C 217 -6.43 -15.80 -42.41
N LEU C 218 -5.84 -16.80 -41.75
CA LEU C 218 -6.52 -18.08 -41.60
C LEU C 218 -6.45 -18.57 -40.15
N PRO C 219 -7.55 -18.56 -39.42
CA PRO C 219 -7.59 -19.06 -38.03
C PRO C 219 -7.91 -20.55 -37.92
N ILE C 220 -6.92 -21.40 -38.18
CA ILE C 220 -7.12 -22.84 -38.13
C ILE C 220 -6.53 -23.45 -36.86
N GLY C 221 -5.23 -23.28 -36.64
CA GLY C 221 -4.57 -23.92 -35.53
C GLY C 221 -3.78 -25.16 -35.90
N ILE C 222 -2.98 -25.06 -36.95
CA ILE C 222 -2.16 -26.17 -37.42
C ILE C 222 -0.73 -26.00 -36.89
N ASN C 223 -0.13 -27.11 -36.49
CA ASN C 223 1.24 -27.11 -35.97
C ASN C 223 2.22 -27.20 -37.14
N ILE C 224 3.01 -26.15 -37.33
CA ILE C 224 3.98 -26.08 -38.42
C ILE C 224 5.35 -25.76 -37.82
N THR C 225 6.37 -26.49 -38.28
CA THR C 225 7.73 -26.28 -37.80
C THR C 225 8.78 -26.11 -38.89
N ARG C 226 8.44 -26.36 -40.15
CA ARG C 226 9.41 -26.25 -41.24
C ARG C 226 8.88 -25.34 -42.35
N PHE C 227 9.72 -25.11 -43.35
CA PHE C 227 9.41 -24.20 -44.45
C PHE C 227 10.13 -24.69 -45.70
N GLN C 228 9.37 -24.97 -46.75
CA GLN C 228 9.91 -25.40 -48.03
C GLN C 228 9.18 -24.69 -49.16
N THR C 229 9.92 -24.07 -50.05
CA THR C 229 9.32 -23.44 -51.22
C THR C 229 9.08 -24.47 -52.31
N LEU C 230 8.06 -24.24 -53.12
CA LEU C 230 7.67 -25.16 -54.19
C LEU C 230 7.68 -24.41 -55.52
N LEU C 231 8.47 -24.90 -56.47
CA LEU C 231 8.52 -24.31 -57.80
C LEU C 231 8.19 -25.35 -58.87
N ALA C 252 17.46 -16.73 -60.41
CA ALA C 252 16.40 -16.59 -59.42
C ALA C 252 16.96 -16.71 -58.00
N ALA C 253 17.12 -15.58 -57.33
CA ALA C 253 17.65 -15.52 -55.98
C ALA C 253 16.62 -14.91 -55.04
N TYR C 254 16.59 -15.42 -53.81
CA TYR C 254 15.67 -14.94 -52.79
C TYR C 254 16.40 -14.88 -51.45
N TYR C 255 15.69 -14.38 -50.44
CA TYR C 255 16.26 -14.21 -49.10
C TYR C 255 15.28 -14.68 -48.05
N VAL C 256 15.81 -15.17 -46.94
CA VAL C 256 15.02 -15.71 -45.85
C VAL C 256 15.53 -15.14 -44.53
N GLY C 257 14.62 -14.69 -43.67
CA GLY C 257 14.97 -14.15 -42.39
C GLY C 257 14.01 -14.66 -41.33
N TYR C 258 14.27 -14.25 -40.08
CA TYR C 258 13.44 -14.67 -38.96
C TYR C 258 13.15 -13.47 -38.06
N LEU C 259 11.98 -13.50 -37.45
CA LEU C 259 11.44 -12.38 -36.69
C LEU C 259 11.42 -12.68 -35.20
N GLN C 260 11.44 -11.61 -34.40
CA GLN C 260 11.65 -11.67 -32.97
C GLN C 260 10.59 -10.82 -32.26
N PRO C 261 10.32 -11.11 -30.98
CA PRO C 261 9.36 -10.29 -30.21
C PRO C 261 9.94 -8.94 -29.79
N ARG C 262 9.88 -7.97 -30.71
CA ARG C 262 10.44 -6.65 -30.50
C ARG C 262 9.34 -5.61 -30.38
N THR C 263 9.56 -4.63 -29.51
CA THR C 263 8.63 -3.52 -29.33
C THR C 263 8.96 -2.42 -30.33
N PHE C 264 7.94 -1.96 -31.04
CA PHE C 264 8.13 -1.01 -32.13
C PHE C 264 7.25 0.22 -31.90
N LEU C 265 7.77 1.38 -32.31
CA LEU C 265 7.04 2.63 -32.28
C LEU C 265 6.68 3.01 -33.72
N LEU C 266 5.39 3.12 -34.00
CA LEU C 266 4.90 3.34 -35.35
C LEU C 266 4.53 4.79 -35.57
N LYS C 267 4.66 5.24 -36.82
CA LYS C 267 4.29 6.59 -37.21
C LYS C 267 3.23 6.50 -38.30
N TYR C 268 2.11 7.19 -38.08
CA TYR C 268 1.03 7.27 -39.04
C TYR C 268 0.96 8.68 -39.60
N ASN C 269 0.81 8.80 -40.92
CA ASN C 269 0.65 10.10 -41.55
C ASN C 269 -0.84 10.46 -41.59
N GLU C 270 -1.17 11.53 -42.32
CA GLU C 270 -2.55 11.98 -42.38
C GLU C 270 -3.46 10.96 -43.04
N ASN C 271 -2.94 10.19 -43.99
CA ASN C 271 -3.74 9.18 -44.69
C ASN C 271 -3.76 7.85 -43.98
N GLY C 272 -3.14 7.73 -42.81
CA GLY C 272 -3.12 6.48 -42.09
C GLY C 272 -2.20 5.43 -42.66
N THR C 273 -1.11 5.84 -43.31
CA THR C 273 -0.14 4.91 -43.88
C THR C 273 1.12 4.89 -43.01
N ILE C 274 1.58 3.69 -42.70
CA ILE C 274 2.79 3.54 -41.88
C ILE C 274 3.99 3.96 -42.73
N THR C 275 4.60 5.09 -42.37
CA THR C 275 5.71 5.64 -43.11
C THR C 275 7.04 5.58 -42.37
N ASP C 276 7.03 5.34 -41.05
CA ASP C 276 8.25 5.25 -40.28
C ASP C 276 8.05 4.29 -39.12
N ALA C 277 9.15 3.74 -38.63
CA ALA C 277 9.11 2.82 -37.50
C ALA C 277 10.42 2.95 -36.72
N VAL C 278 10.36 2.56 -35.45
CA VAL C 278 11.50 2.66 -34.55
C VAL C 278 11.66 1.34 -33.82
N ASP C 279 12.87 0.80 -33.85
CA ASP C 279 13.22 -0.40 -33.09
C ASP C 279 13.67 0.05 -31.71
N CYS C 280 12.79 -0.09 -30.72
CA CYS C 280 13.02 0.46 -29.39
C CYS C 280 14.05 -0.34 -28.59
N ALA C 281 14.77 -1.27 -29.22
CA ALA C 281 15.77 -2.05 -28.50
C ALA C 281 17.05 -2.24 -29.31
N LEU C 282 17.30 -1.40 -30.31
CA LEU C 282 18.50 -1.54 -31.14
C LEU C 282 19.69 -0.80 -30.54
N ASP C 283 19.57 0.51 -30.38
CA ASP C 283 20.66 1.34 -29.91
C ASP C 283 20.12 2.42 -29.00
N PRO C 284 21.00 3.03 -28.17
CA PRO C 284 20.51 4.03 -27.22
C PRO C 284 19.80 5.22 -27.85
N LEU C 285 20.18 5.60 -29.07
CA LEU C 285 19.45 6.69 -29.73
C LEU C 285 18.00 6.30 -29.98
N SER C 286 17.78 5.08 -30.46
CA SER C 286 16.40 4.61 -30.65
C SER C 286 15.68 4.47 -29.31
N GLU C 287 16.40 4.07 -28.27
CA GLU C 287 15.78 4.00 -26.94
C GLU C 287 15.32 5.37 -26.48
N THR C 288 16.15 6.40 -26.69
CA THR C 288 15.77 7.76 -26.32
C THR C 288 14.57 8.23 -27.13
N LYS C 289 14.57 7.94 -28.44
CA LYS C 289 13.42 8.31 -29.27
C LYS C 289 12.15 7.63 -28.76
N CYS C 290 12.25 6.34 -28.42
CA CYS C 290 11.10 5.59 -27.95
C CYS C 290 10.58 6.14 -26.63
N THR C 291 11.48 6.51 -25.72
CA THR C 291 11.05 7.03 -24.43
C THR C 291 10.60 8.48 -24.48
N LEU C 292 10.98 9.22 -25.52
CA LEU C 292 10.48 10.59 -25.68
C LEU C 292 9.30 10.68 -26.63
N LYS C 293 8.90 9.59 -27.27
CA LYS C 293 7.71 9.55 -28.12
C LYS C 293 7.80 10.56 -29.26
N SER C 294 8.98 10.68 -29.85
CA SER C 294 9.18 11.56 -30.99
C SER C 294 10.38 11.07 -31.78
N PHE C 295 10.44 11.48 -33.04
CA PHE C 295 11.53 11.10 -33.94
C PHE C 295 12.68 12.09 -33.92
N THR C 296 12.57 13.20 -33.20
CA THR C 296 13.64 14.16 -33.03
C THR C 296 13.78 14.48 -31.54
N VAL C 297 15.03 14.64 -31.09
CA VAL C 297 15.32 14.99 -29.71
C VAL C 297 16.30 16.15 -29.70
N GLU C 298 16.37 16.82 -28.56
CA GLU C 298 17.26 17.96 -28.36
C GLU C 298 18.43 17.56 -27.46
N LYS C 299 19.35 18.50 -27.29
CA LYS C 299 20.52 18.24 -26.46
C LYS C 299 20.12 18.02 -25.01
N GLY C 300 20.93 17.26 -24.30
CA GLY C 300 20.71 17.03 -22.88
C GLY C 300 20.85 15.56 -22.54
N ILE C 301 20.79 15.28 -21.25
CA ILE C 301 20.84 13.93 -20.73
C ILE C 301 19.43 13.47 -20.42
N TYR C 302 19.10 12.25 -20.85
CA TYR C 302 17.78 11.69 -20.68
C TYR C 302 17.88 10.32 -20.02
N GLN C 303 16.96 10.05 -19.11
CA GLN C 303 16.89 8.74 -18.47
C GLN C 303 16.18 7.77 -19.40
N THR C 304 16.73 6.57 -19.57
CA THR C 304 16.20 5.61 -20.53
C THR C 304 15.68 4.34 -19.88
N SER C 305 16.45 3.73 -19.00
CA SER C 305 16.05 2.48 -18.36
C SER C 305 16.88 2.28 -17.11
N ASN C 306 16.78 1.09 -16.52
CA ASN C 306 17.51 0.75 -15.31
C ASN C 306 18.17 -0.61 -15.51
N PHE C 307 19.37 -0.76 -14.96
CA PHE C 307 20.10 -2.01 -15.03
C PHE C 307 20.17 -2.65 -13.65
N ARG C 308 20.24 -3.98 -13.63
CA ARG C 308 20.29 -4.74 -12.39
C ARG C 308 21.23 -5.92 -12.59
N VAL C 309 22.33 -5.95 -11.82
CA VAL C 309 23.23 -7.08 -11.88
C VAL C 309 22.56 -8.29 -11.23
N GLN C 310 22.61 -9.42 -11.92
CA GLN C 310 21.91 -10.61 -11.49
C GLN C 310 22.79 -11.48 -10.61
N PRO C 311 22.19 -12.28 -9.73
CA PRO C 311 22.98 -13.21 -8.92
C PRO C 311 23.66 -14.26 -9.77
N THR C 312 24.81 -14.73 -9.27
CA THR C 312 25.63 -15.67 -10.03
C THR C 312 25.40 -17.11 -9.58
N GLU C 313 25.54 -17.39 -8.29
CA GLU C 313 25.45 -18.73 -7.76
C GLU C 313 24.90 -18.71 -6.33
N SER C 314 24.40 -19.87 -5.90
CA SER C 314 23.82 -19.99 -4.56
C SER C 314 24.84 -20.52 -3.57
N ILE C 315 24.66 -20.15 -2.30
CA ILE C 315 25.56 -20.57 -1.23
C ILE C 315 24.71 -20.96 -0.02
N VAL C 316 24.93 -22.17 0.48
CA VAL C 316 24.28 -22.66 1.71
C VAL C 316 25.35 -23.19 2.64
N ARG C 317 25.31 -22.79 3.90
CA ARG C 317 26.32 -23.23 4.85
C ARG C 317 25.66 -23.61 6.17
N PHE C 318 26.36 -24.48 6.92
CA PHE C 318 25.90 -25.00 8.21
C PHE C 318 27.11 -25.27 9.09
N PRO C 319 26.94 -25.36 10.41
CA PRO C 319 28.09 -25.68 11.26
C PRO C 319 28.50 -27.13 11.17
N ASN C 320 29.55 -27.51 11.88
CA ASN C 320 30.10 -28.86 11.78
C ASN C 320 29.20 -29.87 12.48
N ILE C 321 29.49 -31.15 12.25
CA ILE C 321 28.56 -32.21 12.63
C ILE C 321 28.67 -32.57 14.10
N THR C 322 29.86 -32.44 14.70
CA THR C 322 30.09 -32.76 16.10
C THR C 322 29.69 -34.21 16.44
N ASN C 323 29.05 -34.38 17.59
CA ASN C 323 28.76 -35.72 18.10
C ASN C 323 27.79 -36.46 17.21
N LEU C 324 28.03 -37.75 17.02
CA LEU C 324 27.15 -38.62 16.26
C LEU C 324 26.43 -39.59 17.18
N CYS C 325 25.31 -40.12 16.69
CA CYS C 325 24.59 -41.12 17.46
C CYS C 325 25.38 -42.43 17.50
N PRO C 326 25.45 -43.09 18.64
CA PRO C 326 26.32 -44.25 18.78
C PRO C 326 25.76 -45.52 18.17
N PHE C 327 25.48 -45.50 16.87
CA PHE C 327 25.05 -46.74 16.20
C PHE C 327 26.12 -47.82 16.26
N GLY C 328 27.39 -47.43 16.31
CA GLY C 328 28.45 -48.41 16.26
C GLY C 328 28.41 -49.39 17.42
N GLU C 329 28.22 -48.88 18.64
CA GLU C 329 28.15 -49.75 19.80
C GLU C 329 26.88 -50.58 19.82
N VAL C 330 25.79 -50.08 19.24
CA VAL C 330 24.56 -50.85 19.21
C VAL C 330 24.68 -52.02 18.25
N PHE C 331 25.13 -51.75 17.03
CA PHE C 331 25.18 -52.80 16.02
C PHE C 331 26.36 -53.74 16.20
N ASN C 332 27.45 -53.24 16.78
CA ASN C 332 28.74 -53.90 16.74
C ASN C 332 29.08 -54.56 18.08
N ALA C 333 28.13 -54.59 19.00
CA ALA C 333 28.38 -55.14 20.32
C ALA C 333 28.62 -56.65 20.25
N THR C 334 29.14 -57.20 21.34
CA THR C 334 29.51 -58.61 21.35
C THR C 334 28.35 -59.52 21.75
N ARG C 335 27.44 -59.05 22.61
CA ARG C 335 26.41 -59.92 23.16
C ARG C 335 25.03 -59.33 22.87
N PHE C 336 24.12 -60.18 22.42
CA PHE C 336 22.71 -59.85 22.31
C PHE C 336 21.89 -60.71 23.27
N ALA C 337 20.90 -60.09 23.90
CA ALA C 337 20.02 -60.78 24.81
C ALA C 337 18.99 -61.63 24.04
N SER C 338 18.41 -62.59 24.74
CA SER C 338 17.41 -63.44 24.14
C SER C 338 16.17 -62.63 23.79
N VAL C 339 15.28 -63.26 23.00
CA VAL C 339 14.12 -62.53 22.50
C VAL C 339 13.15 -62.19 23.63
N TYR C 340 12.89 -63.13 24.54
CA TYR C 340 11.86 -62.92 25.55
C TYR C 340 12.23 -61.84 26.56
N ALA C 341 13.50 -61.48 26.67
CA ALA C 341 13.94 -60.38 27.51
C ALA C 341 14.62 -59.31 26.69
N TRP C 342 14.02 -58.94 25.56
CA TRP C 342 14.66 -58.08 24.58
C TRP C 342 15.05 -56.74 25.18
N ASN C 343 16.24 -56.27 24.82
CA ASN C 343 16.75 -55.01 25.34
C ASN C 343 16.02 -53.83 24.72
N ARG C 344 16.43 -52.62 25.09
CA ARG C 344 15.85 -51.40 24.57
C ARG C 344 16.78 -50.25 24.92
N LYS C 345 16.80 -49.23 24.09
CA LYS C 345 17.73 -48.11 24.26
C LYS C 345 17.07 -46.81 23.87
N ARG C 346 17.50 -45.73 24.50
CA ARG C 346 17.09 -44.38 24.11
C ARG C 346 18.24 -43.72 23.37
N ILE C 347 17.92 -43.06 22.26
CA ILE C 347 18.89 -42.31 21.48
C ILE C 347 18.30 -40.95 21.17
N SER C 348 19.05 -39.89 21.45
CA SER C 348 18.56 -38.53 21.23
C SER C 348 19.73 -37.57 21.23
N ASN C 349 19.42 -36.32 20.86
CA ASN C 349 20.37 -35.21 20.96
C ASN C 349 21.65 -35.50 20.19
N CYS C 350 21.49 -36.06 19.00
CA CYS C 350 22.64 -36.38 18.17
C CYS C 350 22.20 -36.38 16.71
N VAL C 351 23.17 -36.27 15.82
CA VAL C 351 22.94 -36.35 14.39
C VAL C 351 23.29 -37.76 13.95
N ALA C 352 22.36 -38.40 13.25
CA ALA C 352 22.50 -39.79 12.84
C ALA C 352 22.60 -39.87 11.33
N ASP C 353 23.60 -40.58 10.83
CA ASP C 353 23.77 -40.80 9.41
C ASP C 353 23.22 -42.19 9.10
N TYR C 354 22.03 -42.23 8.52
CA TYR C 354 21.45 -43.47 8.07
C TYR C 354 22.05 -43.95 6.76
N SER C 355 22.67 -43.06 5.99
CA SER C 355 23.19 -43.44 4.68
C SER C 355 24.32 -44.44 4.82
N VAL C 356 25.18 -44.29 5.83
CA VAL C 356 26.32 -45.20 5.96
C VAL C 356 25.86 -46.63 6.20
N LEU C 357 24.89 -46.81 7.11
CA LEU C 357 24.38 -48.15 7.34
C LEU C 357 23.57 -48.65 6.16
N TYR C 358 22.90 -47.73 5.46
CA TYR C 358 22.11 -48.14 4.30
C TYR C 358 23.00 -48.71 3.20
N ASN C 359 24.06 -48.00 2.84
CA ASN C 359 24.94 -48.44 1.76
C ASN C 359 26.12 -49.25 2.30
N SER C 360 25.83 -50.26 3.10
CA SER C 360 26.85 -51.19 3.57
C SER C 360 26.80 -52.54 2.88
N ALA C 361 25.65 -52.93 2.34
CA ALA C 361 25.49 -54.15 1.56
C ALA C 361 25.84 -55.39 2.37
N SER C 362 25.99 -55.24 3.68
CA SER C 362 26.27 -56.36 4.57
C SER C 362 25.04 -56.83 5.32
N PHE C 363 23.85 -56.37 4.93
CA PHE C 363 22.62 -56.69 5.63
C PHE C 363 21.73 -57.56 4.75
N SER C 364 21.32 -58.70 5.29
CA SER C 364 20.47 -59.61 4.54
C SER C 364 19.10 -59.00 4.26
N THR C 365 18.50 -58.35 5.26
CA THR C 365 17.14 -57.83 5.13
C THR C 365 17.10 -56.40 5.63
N PHE C 366 16.53 -55.51 4.82
CA PHE C 366 16.37 -54.09 5.16
C PHE C 366 15.01 -53.67 4.62
N LYS C 367 13.98 -53.79 5.44
CA LYS C 367 12.63 -53.45 5.06
C LYS C 367 12.16 -52.26 5.87
N CYS C 368 11.51 -51.31 5.20
CA CYS C 368 11.04 -50.10 5.85
C CYS C 368 9.53 -50.02 5.69
N TYR C 369 8.86 -49.51 6.72
CA TYR C 369 7.42 -49.41 6.75
C TYR C 369 7.04 -47.96 7.05
N GLY C 370 6.10 -47.42 6.26
CA GLY C 370 5.60 -46.09 6.46
C GLY C 370 6.54 -44.97 6.04
N VAL C 371 7.84 -45.22 5.96
CA VAL C 371 8.82 -44.20 5.62
C VAL C 371 9.78 -44.78 4.58
N SER C 372 9.90 -44.10 3.44
CA SER C 372 10.74 -44.49 2.32
C SER C 372 12.21 -44.29 2.65
N PRO C 373 13.06 -45.26 2.30
CA PRO C 373 14.50 -45.11 2.55
C PRO C 373 15.12 -44.08 1.64
N THR C 374 16.41 -43.81 1.85
CA THR C 374 17.23 -42.89 1.05
C THR C 374 16.79 -41.44 1.20
N LYS C 375 15.70 -41.18 1.90
CA LYS C 375 15.28 -39.83 2.21
C LYS C 375 15.14 -39.58 3.70
N LEU C 376 15.48 -40.56 4.55
CA LEU C 376 15.49 -40.35 5.98
C LEU C 376 16.45 -39.25 6.38
N ASN C 377 17.43 -38.95 5.52
CA ASN C 377 18.47 -37.99 5.87
C ASN C 377 17.91 -36.62 6.20
N ASP C 378 16.69 -36.31 5.73
CA ASP C 378 16.09 -35.00 6.00
C ASP C 378 14.69 -35.19 6.57
N LEU C 379 14.62 -35.48 7.86
CA LEU C 379 13.38 -35.48 8.64
C LEU C 379 13.78 -35.44 10.11
N CYS C 380 13.29 -34.46 10.85
CA CYS C 380 13.66 -34.32 12.25
C CYS C 380 12.58 -34.91 13.14
N PHE C 381 13.00 -35.73 14.09
CA PHE C 381 12.11 -36.58 14.87
C PHE C 381 12.27 -36.30 16.35
N THR C 382 11.26 -36.69 17.12
CA THR C 382 11.32 -36.54 18.57
C THR C 382 12.28 -37.55 19.19
N ASN C 383 12.19 -38.80 18.79
CA ASN C 383 12.92 -39.87 19.46
C ASN C 383 13.08 -41.07 18.53
N VAL C 384 13.98 -41.97 18.91
CA VAL C 384 14.16 -43.25 18.22
C VAL C 384 14.33 -44.33 19.27
N TYR C 385 14.29 -45.58 18.83
CA TYR C 385 14.46 -46.71 19.72
C TYR C 385 15.15 -47.84 18.97
N ALA C 386 15.98 -48.58 19.68
CA ALA C 386 16.80 -49.63 19.09
C ALA C 386 16.58 -50.92 19.85
N ASP C 387 15.59 -51.70 19.41
CA ASP C 387 15.31 -53.00 19.99
C ASP C 387 16.15 -54.06 19.29
N SER C 388 16.88 -54.85 20.07
CA SER C 388 17.79 -55.84 19.51
C SER C 388 17.59 -57.18 20.20
N PHE C 389 17.74 -58.25 19.43
CA PHE C 389 17.63 -59.62 19.93
C PHE C 389 18.08 -60.55 18.82
N VAL C 390 18.01 -61.86 19.07
CA VAL C 390 18.38 -62.87 18.09
C VAL C 390 17.30 -63.94 18.06
N ILE C 391 16.90 -64.34 16.86
CA ILE C 391 15.89 -65.38 16.66
C ILE C 391 16.37 -66.31 15.54
N ARG C 392 15.58 -67.34 15.29
CA ARG C 392 15.91 -68.31 14.25
C ARG C 392 15.87 -67.64 12.88
N GLY C 393 16.75 -68.11 11.99
CA GLY C 393 16.91 -67.45 10.70
C GLY C 393 15.67 -67.51 9.84
N ASP C 394 15.08 -68.69 9.73
CA ASP C 394 13.92 -68.85 8.86
C ASP C 394 12.73 -68.04 9.35
N GLU C 395 12.71 -67.70 10.64
CA GLU C 395 11.54 -67.08 11.24
C GLU C 395 11.56 -65.57 11.19
N VAL C 396 12.55 -64.96 10.52
CA VAL C 396 12.65 -63.51 10.51
C VAL C 396 11.44 -62.88 9.84
N ARG C 397 10.80 -63.59 8.92
CA ARG C 397 9.64 -63.02 8.22
C ARG C 397 8.44 -62.83 9.13
N GLN C 398 8.43 -63.44 10.31
CA GLN C 398 7.30 -63.30 11.22
C GLN C 398 7.27 -61.93 11.90
N ILE C 399 8.38 -61.21 11.95
CA ILE C 399 8.42 -59.91 12.60
C ILE C 399 7.98 -58.86 11.60
N ALA C 400 6.67 -58.67 11.49
CA ALA C 400 6.07 -57.70 10.58
C ALA C 400 4.80 -57.16 11.20
N PRO C 401 4.39 -55.95 10.83
CA PRO C 401 3.22 -55.35 11.46
C PRO C 401 1.91 -55.98 11.02
N GLY C 402 1.56 -57.11 11.65
CA GLY C 402 0.27 -57.72 11.39
C GLY C 402 0.30 -59.22 11.23
N GLN C 403 1.47 -59.82 11.36
CA GLN C 403 1.62 -61.26 11.24
C GLN C 403 1.22 -61.94 12.55
N THR C 404 1.19 -63.26 12.50
CA THR C 404 0.85 -64.06 13.68
C THR C 404 1.73 -65.29 13.72
N GLY C 405 1.91 -65.82 14.93
CA GLY C 405 2.81 -66.93 15.16
C GLY C 405 3.27 -66.91 16.60
N LYS C 406 4.06 -67.92 16.96
CA LYS C 406 4.51 -68.04 18.34
C LYS C 406 5.32 -66.82 18.77
N ILE C 407 6.34 -66.47 17.98
CA ILE C 407 7.19 -65.34 18.34
C ILE C 407 6.41 -64.04 18.32
N ALA C 408 5.69 -63.79 17.22
CA ALA C 408 4.95 -62.53 17.11
C ALA C 408 3.82 -62.41 18.11
N ASP C 409 3.39 -63.51 18.70
CA ASP C 409 2.26 -63.50 19.62
C ASP C 409 2.67 -63.52 21.08
N TYR C 410 3.87 -64.02 21.40
CA TYR C 410 4.26 -64.14 22.79
C TYR C 410 5.56 -63.43 23.14
N ASN C 411 6.32 -62.92 22.17
CA ASN C 411 7.64 -62.40 22.47
C ASN C 411 7.86 -60.99 21.95
N TYR C 412 7.33 -60.65 20.78
CA TYR C 412 7.54 -59.31 20.23
C TYR C 412 6.45 -59.05 19.20
N LYS C 413 5.57 -58.11 19.49
CA LYS C 413 4.45 -57.79 18.60
C LYS C 413 4.56 -56.35 18.14
N LEU C 414 4.61 -56.15 16.84
CA LEU C 414 4.63 -54.78 16.34
C LEU C 414 3.22 -54.26 16.19
N PRO C 415 2.99 -52.97 16.41
CA PRO C 415 1.65 -52.40 16.23
C PRO C 415 1.31 -52.26 14.76
N ASP C 416 0.01 -52.05 14.51
CA ASP C 416 -0.46 -51.85 13.15
C ASP C 416 0.09 -50.57 12.53
N ASP C 417 0.48 -49.58 13.34
CA ASP C 417 0.96 -48.30 12.85
C ASP C 417 2.47 -48.18 13.00
N PHE C 418 3.20 -49.26 12.75
CA PHE C 418 4.66 -49.21 12.83
C PHE C 418 5.21 -48.16 11.90
N THR C 419 6.23 -47.45 12.37
CA THR C 419 6.85 -46.36 11.61
C THR C 419 8.37 -46.49 11.80
N GLY C 420 9.00 -47.21 10.89
CA GLY C 420 10.43 -47.40 10.99
C GLY C 420 10.91 -48.46 10.03
N CYS C 421 12.09 -49.00 10.32
CA CYS C 421 12.74 -49.97 9.45
C CYS C 421 13.22 -51.14 10.28
N VAL C 422 13.46 -52.27 9.62
CA VAL C 422 13.88 -53.50 10.26
C VAL C 422 15.15 -53.99 9.59
N ILE C 423 16.15 -54.36 10.39
CA ILE C 423 17.44 -54.80 9.90
C ILE C 423 17.75 -56.17 10.48
N ALA C 424 18.35 -57.04 9.67
CA ALA C 424 18.75 -58.35 10.13
C ALA C 424 19.83 -58.91 9.22
N TRP C 425 20.61 -59.84 9.74
CA TRP C 425 21.65 -60.51 8.95
C TRP C 425 22.08 -61.79 9.65
N ASN C 426 22.70 -62.68 8.88
CA ASN C 426 23.20 -63.92 9.43
C ASN C 426 24.43 -63.68 10.29
N SER C 427 24.53 -64.43 11.39
CA SER C 427 25.70 -64.40 12.25
C SER C 427 26.06 -65.80 12.71
N ASN C 428 26.01 -66.77 11.80
CA ASN C 428 26.24 -68.16 12.18
C ASN C 428 27.64 -68.39 12.73
N ASN C 429 28.58 -67.51 12.44
CA ASN C 429 29.98 -67.71 12.82
C ASN C 429 30.39 -66.90 14.05
N LEU C 430 29.44 -66.35 14.78
CA LEU C 430 29.74 -65.73 16.07
C LEU C 430 28.95 -66.31 17.22
N ASP C 431 27.67 -66.63 17.01
CA ASP C 431 26.78 -67.00 18.09
C ASP C 431 26.58 -68.51 18.23
N SER C 432 27.26 -69.30 17.41
CA SER C 432 27.15 -70.75 17.47
C SER C 432 28.42 -71.34 18.02
N LYS C 433 28.27 -72.26 18.97
CA LYS C 433 29.39 -72.97 19.56
C LYS C 433 29.30 -74.44 19.21
N VAL C 434 30.45 -75.12 19.28
CA VAL C 434 30.49 -76.53 18.91
C VAL C 434 29.66 -77.37 19.88
N GLY C 435 29.64 -77.00 21.15
CA GLY C 435 28.88 -77.73 22.13
C GLY C 435 27.41 -77.43 22.18
N GLY C 436 26.96 -76.45 21.39
CA GLY C 436 25.56 -76.07 21.40
C GLY C 436 25.29 -74.96 22.39
N ASN C 437 24.87 -73.81 21.90
CA ASN C 437 24.62 -72.65 22.75
C ASN C 437 23.27 -72.82 23.42
N TYR C 438 23.27 -72.81 24.76
CA TYR C 438 22.05 -72.95 25.53
C TYR C 438 21.73 -71.69 26.32
N ASN C 439 22.27 -70.55 25.89
CA ASN C 439 22.02 -69.29 26.56
C ASN C 439 20.94 -68.46 25.88
N TYR C 440 20.23 -69.03 24.91
CA TYR C 440 19.17 -68.33 24.21
C TYR C 440 17.85 -69.07 24.41
N LEU C 441 16.84 -68.34 24.88
CA LEU C 441 15.58 -68.91 25.30
C LEU C 441 14.45 -68.20 24.56
N TYR C 442 13.28 -68.82 24.54
CA TYR C 442 12.10 -68.18 23.95
C TYR C 442 10.86 -68.82 24.55
N ARG C 443 9.83 -67.99 24.77
CA ARG C 443 8.60 -68.45 25.37
C ARG C 443 7.80 -69.29 24.38
N LEU C 444 7.09 -70.28 24.90
CA LEU C 444 6.29 -71.16 24.05
C LEU C 444 4.86 -71.28 24.51
N PHE C 445 4.58 -71.11 25.79
CA PHE C 445 3.21 -71.11 26.31
C PHE C 445 2.92 -69.79 27.00
N ARG C 446 1.65 -69.38 26.97
CA ARG C 446 1.22 -68.22 27.73
C ARG C 446 -0.29 -68.21 27.80
N LYS C 447 -0.82 -67.43 28.75
CA LYS C 447 -2.27 -67.32 28.90
C LYS C 447 -2.90 -66.59 27.72
N SER C 448 -2.32 -65.48 27.30
CA SER C 448 -2.93 -64.65 26.26
C SER C 448 -1.86 -63.84 25.55
N ASN C 449 -2.17 -63.42 24.32
CA ASN C 449 -1.25 -62.62 23.55
C ASN C 449 -1.03 -61.27 24.22
N LEU C 450 -0.10 -60.49 23.67
CA LEU C 450 0.29 -59.24 24.30
C LEU C 450 -0.16 -58.04 23.48
N LYS C 451 0.17 -56.86 23.99
CA LYS C 451 -0.07 -55.58 23.33
C LYS C 451 1.20 -55.21 22.58
N PRO C 452 1.18 -54.15 21.78
CA PRO C 452 2.44 -53.68 21.18
C PRO C 452 3.46 -53.30 22.25
N PHE C 453 4.72 -53.65 21.99
CA PHE C 453 5.84 -53.31 22.86
C PHE C 453 5.57 -53.74 24.31
N GLU C 454 5.43 -55.05 24.48
CA GLU C 454 5.23 -55.62 25.80
C GLU C 454 6.49 -56.34 26.26
N ARG C 455 6.55 -56.62 27.56
CA ARG C 455 7.70 -57.24 28.17
C ARG C 455 7.21 -58.31 29.13
N ASP C 456 8.01 -59.37 29.29
CA ASP C 456 7.66 -60.41 30.26
C ASP C 456 8.92 -61.17 30.63
N ILE C 457 9.21 -61.24 31.93
CA ILE C 457 10.36 -61.96 32.45
C ILE C 457 9.95 -63.07 33.40
N SER C 458 8.67 -63.13 33.79
CA SER C 458 8.20 -64.13 34.75
C SER C 458 8.45 -65.54 34.22
N THR C 459 8.79 -66.43 35.14
CA THR C 459 9.11 -67.81 34.83
C THR C 459 8.17 -68.76 35.56
N GLU C 460 6.93 -68.35 35.74
CA GLU C 460 5.95 -69.20 36.40
C GLU C 460 5.68 -70.45 35.56
N ILE C 461 5.35 -71.54 36.23
CA ILE C 461 5.07 -72.78 35.55
C ILE C 461 3.69 -72.72 34.92
N TYR C 462 3.63 -72.91 33.61
CA TYR C 462 2.38 -72.77 32.88
C TYR C 462 1.39 -73.85 33.29
N GLN C 463 0.10 -73.52 33.20
CA GLN C 463 -0.98 -74.42 33.56
C GLN C 463 -1.58 -75.00 32.28
N ALA C 464 -1.20 -76.22 31.95
CA ALA C 464 -1.74 -76.91 30.78
C ALA C 464 -2.92 -77.80 31.10
N GLY C 465 -3.35 -77.86 32.36
CA GLY C 465 -4.46 -78.71 32.75
C GLY C 465 -5.39 -77.98 33.69
N SER C 466 -6.33 -78.75 34.25
CA SER C 466 -7.27 -78.19 35.21
C SER C 466 -6.64 -78.02 36.59
N THR C 467 -5.84 -78.97 37.03
CA THR C 467 -5.30 -78.95 38.39
C THR C 467 -4.26 -77.84 38.52
N PRO C 468 -4.35 -76.98 39.52
CA PRO C 468 -3.31 -75.97 39.74
C PRO C 468 -1.96 -76.63 39.98
N CYS C 469 -0.91 -76.02 39.41
CA CYS C 469 0.44 -76.57 39.50
C CYS C 469 1.11 -76.28 40.83
N ASN C 470 0.76 -75.19 41.50
CA ASN C 470 1.25 -74.86 42.84
C ASN C 470 2.77 -74.73 42.88
N GLY C 471 3.36 -74.21 41.80
CA GLY C 471 4.78 -73.89 41.81
C GLY C 471 5.72 -75.05 41.55
N VAL C 472 5.20 -76.25 41.31
CA VAL C 472 6.02 -77.42 41.01
C VAL C 472 5.63 -77.97 39.65
N GLU C 473 6.64 -78.22 38.82
CA GLU C 473 6.38 -78.71 37.48
C GLU C 473 5.96 -80.17 37.50
N GLY C 474 5.28 -80.58 36.44
CA GLY C 474 4.79 -81.94 36.35
C GLY C 474 3.94 -82.11 35.12
N PHE C 475 3.18 -83.21 35.10
CA PHE C 475 2.28 -83.46 33.98
C PHE C 475 1.30 -82.31 33.83
N ASN C 476 1.18 -81.80 32.60
CA ASN C 476 0.30 -80.68 32.27
C ASN C 476 0.69 -79.43 33.05
N CYS C 477 1.94 -79.35 33.49
CA CYS C 477 2.51 -78.16 34.13
C CYS C 477 3.95 -78.05 33.63
N TYR C 478 4.13 -77.29 32.57
CA TYR C 478 5.38 -77.26 31.83
C TYR C 478 6.14 -75.97 32.08
N PHE C 479 7.45 -76.02 31.91
CA PHE C 479 8.25 -74.81 31.98
C PHE C 479 7.86 -73.88 30.84
N PRO C 480 7.90 -72.56 31.05
CA PRO C 480 7.42 -71.63 30.01
C PRO C 480 8.43 -71.31 28.92
N LEU C 481 9.67 -71.76 29.03
CA LEU C 481 10.71 -71.36 28.10
C LEU C 481 11.41 -72.58 27.51
N GLN C 482 12.02 -72.38 26.34
CA GLN C 482 12.78 -73.43 25.69
C GLN C 482 13.98 -72.82 24.98
N SER C 483 14.98 -73.65 24.71
CA SER C 483 16.24 -73.21 24.14
C SER C 483 16.36 -73.62 22.68
N TYR C 484 16.87 -72.69 21.86
CA TYR C 484 17.04 -72.97 20.43
C TYR C 484 18.04 -74.10 20.21
N GLY C 485 19.17 -74.07 20.91
CA GLY C 485 20.21 -75.07 20.71
C GLY C 485 20.90 -74.97 19.37
N PHE C 486 21.64 -73.89 19.15
CA PHE C 486 22.34 -73.71 17.89
C PHE C 486 23.53 -74.64 17.78
N GLN C 487 23.88 -75.00 16.55
CA GLN C 487 25.10 -75.73 16.23
C GLN C 487 25.68 -75.16 14.95
N PRO C 488 27.01 -75.11 14.83
CA PRO C 488 27.60 -74.59 13.59
C PRO C 488 27.23 -75.41 12.36
N THR C 489 27.09 -76.73 12.52
CA THR C 489 26.73 -77.61 11.41
C THR C 489 25.22 -77.80 11.34
N ASN C 490 24.53 -76.71 11.03
CA ASN C 490 23.07 -76.70 10.96
C ASN C 490 22.60 -76.09 9.65
N GLY C 491 21.38 -76.46 9.26
CA GLY C 491 20.80 -75.89 8.06
C GLY C 491 20.60 -74.39 8.19
N VAL C 492 20.72 -73.72 7.04
CA VAL C 492 20.70 -72.25 7.03
C VAL C 492 19.40 -71.71 7.60
N GLY C 493 18.31 -72.46 7.48
CA GLY C 493 17.06 -72.02 8.08
C GLY C 493 17.13 -71.96 9.58
N TYR C 494 17.80 -72.94 10.19
CA TYR C 494 17.94 -73.01 11.65
C TYR C 494 19.27 -72.40 12.08
N GLN C 495 19.49 -71.14 11.72
CA GLN C 495 20.73 -70.48 12.09
C GLN C 495 20.46 -69.10 12.66
N PRO C 496 21.32 -68.64 13.59
CA PRO C 496 21.00 -67.39 14.31
C PRO C 496 21.12 -66.18 13.41
N TYR C 497 20.13 -65.30 13.51
CA TYR C 497 20.14 -64.04 12.79
C TYR C 497 19.93 -62.89 13.77
N ARG C 498 20.92 -62.02 13.87
CA ARG C 498 20.86 -60.88 14.75
C ARG C 498 19.98 -59.81 14.14
N VAL C 499 19.00 -59.33 14.91
CA VAL C 499 17.95 -58.46 14.39
C VAL C 499 17.91 -57.17 15.20
N VAL C 500 17.72 -56.05 14.51
CA VAL C 500 17.59 -54.74 15.12
C VAL C 500 16.37 -54.07 14.51
N VAL C 501 15.51 -53.50 15.34
CA VAL C 501 14.29 -52.85 14.90
C VAL C 501 14.29 -51.41 15.39
N LEU C 502 14.06 -50.48 14.48
CA LEU C 502 13.98 -49.06 14.81
C LEU C 502 12.54 -48.61 14.73
N SER C 503 12.18 -47.64 15.56
CA SER C 503 10.83 -47.08 15.56
C SER C 503 10.92 -45.61 15.89
N PHE C 504 10.77 -44.77 14.87
CA PHE C 504 10.85 -43.33 15.07
C PHE C 504 9.58 -42.81 15.72
N GLU C 505 9.67 -41.63 16.32
CA GLU C 505 8.55 -41.05 17.05
C GLU C 505 8.48 -39.56 16.78
N LEU C 506 7.32 -38.98 17.08
CA LEU C 506 7.11 -37.54 16.98
C LEU C 506 5.91 -37.10 17.82
N ALA C 509 6.55 -30.60 21.11
CA ALA C 509 7.77 -31.39 21.22
C ALA C 509 8.87 -30.83 20.32
N PRO C 510 10.01 -30.46 20.91
CA PRO C 510 11.11 -29.90 20.12
C PRO C 510 11.90 -30.97 19.39
N ALA C 511 11.80 -31.01 18.06
CA ALA C 511 12.55 -31.98 17.29
C ALA C 511 14.05 -31.78 17.51
N THR C 512 14.75 -32.87 17.77
CA THR C 512 16.15 -32.79 18.14
C THR C 512 17.07 -33.69 17.33
N VAL C 513 16.60 -34.85 16.90
CA VAL C 513 17.44 -35.83 16.22
C VAL C 513 17.06 -35.84 14.74
N CYS C 514 18.03 -35.56 13.88
CA CYS C 514 17.86 -35.69 12.44
C CYS C 514 19.20 -35.55 11.74
N GLY C 515 19.22 -35.93 10.47
CA GLY C 515 20.43 -36.07 9.70
C GLY C 515 21.22 -34.78 9.58
N PRO C 516 22.48 -34.90 9.17
CA PRO C 516 23.35 -33.74 9.13
C PRO C 516 23.10 -32.88 7.91
N LYS C 517 23.60 -31.66 7.97
CA LYS C 517 23.61 -30.80 6.80
C LYS C 517 24.98 -30.85 6.13
N LYS C 518 25.02 -30.40 4.88
CA LYS C 518 26.25 -30.46 4.09
C LYS C 518 26.63 -29.03 3.70
N SER C 519 27.56 -28.46 4.45
CA SER C 519 28.02 -27.10 4.18
C SER C 519 28.70 -27.03 2.82
N THR C 520 28.36 -26.00 2.05
CA THR C 520 28.97 -25.78 0.76
C THR C 520 30.17 -24.86 0.92
N ASN C 521 30.74 -24.41 -0.20
CA ASN C 521 31.88 -23.51 -0.17
C ASN C 521 31.41 -22.06 -0.11
N LEU C 522 32.28 -21.21 0.42
CA LEU C 522 32.01 -19.79 0.57
C LEU C 522 32.70 -19.02 -0.55
N VAL C 523 31.92 -18.31 -1.36
CA VAL C 523 32.43 -17.49 -2.45
C VAL C 523 32.03 -16.05 -2.19
N LYS C 524 33.00 -15.16 -2.12
CA LYS C 524 32.78 -13.76 -1.81
C LYS C 524 33.08 -12.90 -3.04
N ASN C 525 32.98 -11.59 -2.84
CA ASN C 525 33.28 -10.59 -3.87
C ASN C 525 32.41 -10.75 -5.11
N LYS C 526 31.29 -11.45 -4.98
CA LYS C 526 30.40 -11.70 -6.11
C LYS C 526 28.96 -11.55 -5.67
N CYS C 527 28.09 -11.16 -6.60
CA CYS C 527 26.66 -11.02 -6.33
C CYS C 527 26.05 -12.41 -6.33
N VAL C 528 25.85 -12.98 -5.14
CA VAL C 528 25.44 -14.37 -5.01
C VAL C 528 24.18 -14.48 -4.17
N ASN C 529 23.64 -15.69 -4.07
CA ASN C 529 22.48 -16.00 -3.23
C ASN C 529 22.98 -16.77 -2.02
N PHE C 530 23.03 -16.11 -0.87
CA PHE C 530 23.59 -16.72 0.33
C PHE C 530 22.51 -17.33 1.20
N ASN C 531 22.94 -18.25 2.08
CA ASN C 531 22.04 -18.86 3.05
C ASN C 531 22.89 -19.34 4.22
N PHE C 532 22.79 -18.64 5.35
CA PHE C 532 23.52 -18.96 6.56
C PHE C 532 22.51 -19.38 7.63
N ASN C 533 22.25 -20.68 7.72
CA ASN C 533 21.33 -21.24 8.70
C ASN C 533 19.94 -20.62 8.61
N GLY C 534 19.47 -20.35 7.38
CA GLY C 534 18.16 -19.79 7.16
C GLY C 534 18.13 -18.31 6.87
N LEU C 535 19.28 -17.65 6.77
CA LEU C 535 19.34 -16.24 6.40
C LEU C 535 19.47 -16.13 4.89
N THR C 536 18.37 -15.82 4.22
CA THR C 536 18.31 -15.80 2.76
C THR C 536 18.38 -14.37 2.26
N GLY C 537 19.03 -14.19 1.11
CA GLY C 537 19.13 -12.87 0.50
C GLY C 537 20.09 -12.91 -0.67
N THR C 538 20.23 -11.74 -1.29
CA THR C 538 21.11 -11.55 -2.43
C THR C 538 22.03 -10.36 -2.15
N GLY C 539 23.32 -10.53 -2.43
CA GLY C 539 24.26 -9.46 -2.20
C GLY C 539 25.68 -9.92 -2.43
N VAL C 540 26.62 -9.03 -2.11
CA VAL C 540 28.04 -9.28 -2.27
C VAL C 540 28.65 -9.38 -0.88
N LEU C 541 29.35 -10.48 -0.62
CA LEU C 541 29.97 -10.73 0.67
C LEU C 541 31.42 -10.24 0.66
N THR C 542 31.85 -9.67 1.79
CA THR C 542 33.22 -9.19 1.91
C THR C 542 33.64 -9.23 3.37
N GLU C 543 34.95 -9.23 3.58
CA GLU C 543 35.50 -9.33 4.92
C GLU C 543 35.09 -8.12 5.76
N SER C 544 34.92 -8.35 7.06
CA SER C 544 34.52 -7.30 8.00
C SER C 544 35.47 -7.30 9.19
N ASN C 545 35.70 -6.11 9.74
CA ASN C 545 36.54 -5.93 10.92
C ASN C 545 35.72 -5.70 12.18
N LYS C 546 34.40 -5.86 12.11
CA LYS C 546 33.54 -5.65 13.26
C LYS C 546 33.81 -6.70 14.34
N LYS C 547 33.41 -6.39 15.57
CA LYS C 547 33.63 -7.29 16.70
C LYS C 547 32.26 -7.69 17.26
N PHE C 548 31.75 -8.81 16.75
CA PHE C 548 30.55 -9.40 17.31
C PHE C 548 30.82 -9.89 18.73
N LEU C 549 29.77 -9.88 19.54
CA LEU C 549 29.84 -10.51 20.85
C LEU C 549 29.88 -12.03 20.66
N PRO C 550 30.44 -12.76 21.63
CA PRO C 550 30.64 -14.20 21.45
C PRO C 550 29.37 -14.97 21.15
N PHE C 551 28.24 -14.50 21.69
CA PHE C 551 26.97 -15.19 21.51
C PHE C 551 26.11 -14.57 20.41
N GLN C 552 26.58 -13.52 19.74
CA GLN C 552 25.80 -12.85 18.71
C GLN C 552 26.10 -13.44 17.34
N GLN C 553 25.11 -13.37 16.46
CA GLN C 553 25.19 -13.98 15.14
C GLN C 553 25.27 -12.94 14.03
N PHE C 554 24.31 -12.02 13.95
CA PHE C 554 24.29 -11.06 12.87
C PHE C 554 23.95 -9.66 13.37
N GLY C 555 23.99 -8.68 12.47
CA GLY C 555 23.73 -7.29 12.83
C GLY C 555 22.60 -6.71 12.01
N ARG C 556 22.26 -5.47 12.36
CA ARG C 556 21.16 -4.76 11.72
C ARG C 556 21.55 -3.32 11.48
N ASP C 557 20.81 -2.67 10.57
CA ASP C 557 20.94 -1.26 10.29
C ASP C 557 19.85 -0.50 11.03
N ILE C 558 19.77 0.80 10.77
CA ILE C 558 18.76 1.63 11.43
C ILE C 558 17.36 1.20 11.02
N ALA C 559 17.15 0.99 9.73
CA ALA C 559 15.82 0.59 9.24
C ALA C 559 15.68 -0.93 9.14
N ASP C 560 16.04 -1.62 10.22
CA ASP C 560 15.86 -3.06 10.34
C ASP C 560 16.43 -3.81 9.12
N THR C 561 17.63 -3.41 8.72
CA THR C 561 18.28 -3.98 7.54
C THR C 561 19.54 -4.71 7.98
N THR C 562 19.65 -5.98 7.58
CA THR C 562 20.83 -6.78 7.92
C THR C 562 22.03 -6.26 7.15
N ASP C 563 23.19 -6.25 7.83
CA ASP C 563 24.44 -5.83 7.20
C ASP C 563 25.61 -6.75 7.44
N ALA C 564 25.60 -7.58 8.49
CA ALA C 564 26.71 -8.45 8.81
C ALA C 564 26.18 -9.81 9.23
N VAL C 565 27.02 -10.83 9.08
CA VAL C 565 26.66 -12.19 9.49
C VAL C 565 27.94 -12.96 9.81
N ARG C 566 27.88 -13.81 10.82
CA ARG C 566 29.04 -14.60 11.21
C ARG C 566 28.93 -16.01 10.63
N ASP C 567 29.99 -16.48 9.99
CA ASP C 567 29.97 -17.78 9.37
C ASP C 567 29.95 -18.88 10.43
N PRO C 568 29.02 -19.82 10.35
CA PRO C 568 28.97 -20.89 11.37
C PRO C 568 30.22 -21.76 11.40
N GLN C 569 30.84 -22.02 10.25
CA GLN C 569 32.01 -22.88 10.23
C GLN C 569 33.25 -22.15 10.77
N THR C 570 33.64 -21.07 10.12
CA THR C 570 34.77 -20.26 10.57
C THR C 570 34.24 -19.00 11.23
N LEU C 571 34.64 -18.77 12.47
CA LEU C 571 34.14 -17.64 13.25
C LEU C 571 34.79 -16.36 12.74
N GLU C 572 34.31 -15.89 11.59
CA GLU C 572 34.83 -14.70 10.95
C GLU C 572 33.67 -13.76 10.65
N ILE C 573 33.88 -12.46 10.86
CA ILE C 573 32.82 -11.47 10.70
C ILE C 573 32.76 -11.06 9.24
N LEU C 574 31.59 -11.20 8.63
CA LEU C 574 31.38 -10.89 7.22
C LEU C 574 30.43 -9.71 7.07
N ASP C 575 30.35 -9.19 5.84
CA ASP C 575 29.45 -8.11 5.51
C ASP C 575 28.53 -8.50 4.36
N ILE C 576 27.46 -7.73 4.20
CA ILE C 576 26.52 -7.89 3.09
C ILE C 576 26.34 -6.53 2.43
N THR C 577 26.43 -6.49 1.10
CA THR C 577 26.24 -5.28 0.33
C THR C 577 25.25 -5.57 -0.79
N PRO C 578 24.22 -4.74 -0.97
CA PRO C 578 23.22 -5.01 -2.01
C PRO C 578 23.84 -5.05 -3.39
N CYS C 579 23.28 -5.90 -4.25
CA CYS C 579 23.78 -6.04 -5.61
C CYS C 579 23.58 -4.73 -6.37
N SER C 580 24.60 -4.35 -7.15
CA SER C 580 24.63 -3.03 -7.76
C SER C 580 23.49 -2.86 -8.76
N PHE C 581 22.95 -1.64 -8.80
CA PHE C 581 21.86 -1.30 -9.70
C PHE C 581 21.84 0.21 -9.87
N GLY C 582 21.02 0.67 -10.81
CA GLY C 582 20.93 2.09 -11.07
C GLY C 582 20.26 2.35 -12.41
N GLY C 583 20.28 3.62 -12.80
CA GLY C 583 19.68 4.06 -14.04
C GLY C 583 20.71 4.23 -15.16
N VAL C 584 20.20 4.38 -16.37
CA VAL C 584 21.00 4.50 -17.57
C VAL C 584 20.69 5.84 -18.23
N SER C 585 21.72 6.63 -18.52
CA SER C 585 21.56 7.95 -19.10
C SER C 585 22.29 8.02 -20.42
N VAL C 586 21.66 8.65 -21.41
CA VAL C 586 22.20 8.78 -22.75
C VAL C 586 22.42 10.25 -23.04
N ILE C 587 23.63 10.61 -23.48
CA ILE C 587 24.01 11.97 -23.77
C ILE C 587 24.07 12.12 -25.29
N THR C 588 23.26 13.02 -25.83
CA THR C 588 23.24 13.24 -27.26
C THR C 588 23.16 14.73 -27.55
N PRO C 589 23.78 15.18 -28.65
CA PRO C 589 23.52 16.54 -29.14
C PRO C 589 22.21 16.56 -29.92
N GLY C 590 21.90 17.71 -30.54
CA GLY C 590 20.72 17.78 -31.38
C GLY C 590 20.79 16.80 -32.53
N THR C 591 19.69 16.10 -32.81
CA THR C 591 19.66 15.19 -33.94
C THR C 591 19.90 15.94 -35.25
N ASN C 592 19.53 17.22 -35.31
CA ASN C 592 19.83 18.04 -36.48
C ASN C 592 21.32 18.29 -36.64
N THR C 593 22.14 17.98 -35.63
CA THR C 593 23.57 18.18 -35.69
C THR C 593 24.34 16.90 -35.99
N SER C 594 24.09 15.83 -35.24
CA SER C 594 24.83 14.59 -35.43
C SER C 594 23.99 13.43 -34.93
N ASN C 595 24.62 12.24 -34.86
CA ASN C 595 23.97 11.05 -34.35
C ASN C 595 24.81 10.26 -33.35
N GLN C 596 26.09 10.60 -33.18
CA GLN C 596 26.91 9.92 -32.20
C GLN C 596 26.46 10.28 -30.78
N VAL C 597 26.42 9.28 -29.91
CA VAL C 597 25.94 9.45 -28.54
C VAL C 597 26.92 8.82 -27.58
N ALA C 598 26.81 9.22 -26.31
CA ALA C 598 27.56 8.62 -25.23
C ALA C 598 26.60 8.20 -24.12
N VAL C 599 26.95 7.13 -23.42
CA VAL C 599 26.08 6.56 -22.41
C VAL C 599 26.75 6.69 -21.04
N LEU C 600 25.94 6.82 -20.00
CA LEU C 600 26.42 6.97 -18.64
C LEU C 600 25.70 5.99 -17.73
N TYR C 601 26.46 5.29 -16.90
CA TYR C 601 25.91 4.35 -15.93
C TYR C 601 25.99 4.97 -14.54
N GLN C 602 24.88 4.92 -13.82
CA GLN C 602 24.68 5.76 -12.64
C GLN C 602 25.38 5.16 -11.43
N ASP C 603 26.46 5.81 -10.99
CA ASP C 603 27.09 5.56 -9.69
C ASP C 603 27.44 4.08 -9.48
N VAL C 604 28.03 3.47 -10.51
CA VAL C 604 28.53 2.11 -10.41
C VAL C 604 29.93 2.05 -10.97
N ASN C 605 30.73 1.15 -10.40
CA ASN C 605 32.06 0.90 -10.93
C ASN C 605 31.95 0.28 -12.31
N CYS C 606 32.93 0.59 -13.16
CA CYS C 606 32.83 0.21 -14.56
C CYS C 606 33.29 -1.21 -14.84
N THR C 607 33.84 -1.91 -13.85
CA THR C 607 34.30 -3.28 -14.10
C THR C 607 33.15 -4.26 -14.14
N GLU C 608 31.98 -3.89 -13.60
CA GLU C 608 30.84 -4.81 -13.59
C GLU C 608 30.30 -5.02 -15.00
N VAL C 609 30.07 -3.95 -15.74
CA VAL C 609 29.47 -4.05 -17.07
C VAL C 609 30.46 -4.61 -18.07
N ASN C 630 38.61 4.55 -24.44
CA ASN C 630 37.26 4.96 -24.85
C ASN C 630 36.27 4.74 -23.71
N VAL C 631 36.71 4.02 -22.68
CA VAL C 631 35.92 3.76 -21.49
C VAL C 631 36.54 4.55 -20.34
N PHE C 632 35.77 5.46 -19.76
CA PHE C 632 36.29 6.42 -18.79
C PHE C 632 35.49 6.35 -17.50
N GLN C 633 36.17 6.52 -16.38
CA GLN C 633 35.56 6.45 -15.05
C GLN C 633 35.56 7.83 -14.42
N THR C 634 34.43 8.22 -13.83
CA THR C 634 34.28 9.52 -13.22
C THR C 634 33.55 9.35 -11.89
N ARG C 635 33.19 10.47 -11.26
CA ARG C 635 32.54 10.45 -9.96
C ARG C 635 31.11 9.90 -10.04
N ALA C 636 30.39 10.22 -11.11
CA ALA C 636 28.99 9.82 -11.23
C ALA C 636 28.81 8.42 -11.80
N GLY C 637 29.88 7.76 -12.18
CA GLY C 637 29.78 6.42 -12.72
C GLY C 637 30.82 6.22 -13.81
N CYS C 638 30.48 5.35 -14.75
CA CYS C 638 31.33 5.06 -15.90
C CYS C 638 30.74 5.73 -17.14
N LEU C 639 31.57 6.49 -17.84
CA LEU C 639 31.19 7.17 -19.06
C LEU C 639 31.77 6.44 -20.26
N ILE C 640 30.93 6.09 -21.21
CA ILE C 640 31.31 5.28 -22.37
C ILE C 640 31.09 6.11 -23.62
N GLY C 641 32.12 6.21 -24.45
CA GLY C 641 32.01 6.89 -25.73
C GLY C 641 32.47 8.32 -25.76
N ALA C 642 33.15 8.80 -24.72
CA ALA C 642 33.61 10.17 -24.65
C ALA C 642 35.13 10.22 -24.51
N GLU C 643 35.68 11.41 -24.72
CA GLU C 643 37.12 11.64 -24.62
C GLU C 643 37.40 12.67 -23.54
N HIS C 644 38.37 12.38 -22.69
CA HIS C 644 38.72 13.27 -21.58
C HIS C 644 39.77 14.28 -22.04
N VAL C 645 39.60 15.53 -21.64
CA VAL C 645 40.51 16.61 -22.00
C VAL C 645 40.91 17.35 -20.74
N ASN C 646 42.17 17.78 -20.69
CA ASN C 646 42.67 18.48 -19.50
C ASN C 646 42.18 19.92 -19.44
N ASN C 647 42.12 20.61 -20.58
CA ASN C 647 41.75 22.01 -20.58
C ASN C 647 40.28 22.18 -20.20
N SER C 648 40.02 23.09 -19.26
CA SER C 648 38.67 23.31 -18.78
C SER C 648 37.93 24.33 -19.63
N TYR C 649 36.62 24.17 -19.72
CA TYR C 649 35.78 25.08 -20.50
C TYR C 649 34.50 25.42 -19.74
N GLU C 650 33.57 26.09 -20.40
CA GLU C 650 32.26 26.32 -19.83
C GLU C 650 31.41 25.06 -19.90
N CYS C 651 30.35 25.04 -19.09
CA CYS C 651 29.50 23.87 -19.04
C CYS C 651 28.45 23.93 -20.15
N ASP C 652 28.29 22.82 -20.87
CA ASP C 652 27.29 22.70 -21.92
C ASP C 652 26.17 21.75 -21.55
N ILE C 653 26.50 20.51 -21.18
CA ILE C 653 25.53 19.57 -20.66
C ILE C 653 26.04 19.04 -19.33
N PRO C 654 25.47 19.45 -18.21
CA PRO C 654 25.97 19.00 -16.91
C PRO C 654 25.77 17.50 -16.73
N ILE C 655 26.74 16.86 -16.08
CA ILE C 655 26.74 15.42 -15.84
C ILE C 655 26.62 15.11 -14.35
N GLY C 656 27.45 15.73 -13.54
CA GLY C 656 27.43 15.52 -12.11
C GLY C 656 28.81 15.69 -11.50
N ALA C 657 28.84 16.19 -10.27
CA ALA C 657 30.07 16.36 -9.51
C ALA C 657 31.09 17.23 -10.24
N GLY C 658 30.62 18.26 -10.94
CA GLY C 658 31.51 19.18 -11.61
C GLY C 658 31.98 18.74 -12.98
N ILE C 659 31.28 17.82 -13.63
CA ILE C 659 31.66 17.32 -14.94
C ILE C 659 30.59 17.73 -15.94
N CYS C 660 31.00 18.27 -17.07
CA CYS C 660 30.09 18.66 -18.14
C CYS C 660 30.62 18.12 -19.47
N ALA C 661 29.71 17.91 -20.41
CA ALA C 661 30.02 17.32 -21.69
C ALA C 661 29.69 18.28 -22.82
N SER C 662 30.38 18.12 -23.94
CA SER C 662 30.16 18.95 -25.12
C SER C 662 30.52 18.15 -26.36
N TYR C 663 29.96 18.57 -27.50
CA TYR C 663 30.14 17.91 -28.78
C TYR C 663 31.06 18.78 -29.62
N GLN C 664 32.34 18.41 -29.70
CA GLN C 664 33.36 19.25 -30.31
C GLN C 664 34.24 18.41 -31.23
N THR C 665 34.83 19.07 -32.21
CA THR C 665 35.72 18.41 -33.15
C THR C 665 37.18 18.55 -32.71
N SER C 678 38.09 14.50 -35.97
CA SER C 678 36.78 14.96 -36.44
C SER C 678 35.86 15.24 -35.27
N GLN C 679 34.56 15.30 -35.55
CA GLN C 679 33.57 15.57 -34.51
C GLN C 679 33.54 14.45 -33.49
N SER C 680 33.40 14.81 -32.21
CA SER C 680 33.41 13.85 -31.13
C SER C 680 32.72 14.46 -29.92
N ILE C 681 32.55 13.65 -28.88
CA ILE C 681 31.96 14.08 -27.62
C ILE C 681 33.07 14.10 -26.57
N ILE C 682 33.25 15.24 -25.93
CA ILE C 682 34.32 15.42 -24.96
C ILE C 682 33.72 15.69 -23.59
N ALA C 683 34.45 15.27 -22.55
CA ALA C 683 34.08 15.53 -21.17
C ALA C 683 35.23 16.23 -20.47
N TYR C 684 34.90 17.08 -19.50
CA TYR C 684 35.89 17.92 -18.85
C TYR C 684 35.32 18.43 -17.54
N THR C 685 36.17 19.13 -16.79
CA THR C 685 35.74 19.81 -15.58
C THR C 685 35.36 21.25 -15.91
N MET C 686 34.23 21.70 -15.38
CA MET C 686 33.74 23.03 -15.69
C MET C 686 34.67 24.10 -15.13
N SER C 687 34.73 25.23 -15.83
CA SER C 687 35.55 26.36 -15.42
C SER C 687 34.64 27.46 -14.85
N LEU C 688 35.11 28.10 -13.79
CA LEU C 688 34.33 29.10 -13.08
C LEU C 688 34.45 30.49 -13.69
N GLY C 689 35.23 30.64 -14.75
CA GLY C 689 35.33 31.90 -15.47
C GLY C 689 36.77 32.37 -15.57
N ALA C 690 36.92 33.56 -16.15
CA ALA C 690 38.23 34.13 -16.40
C ALA C 690 38.88 34.59 -15.11
N GLU C 691 40.18 34.35 -14.98
CA GLU C 691 40.92 34.76 -13.79
C GLU C 691 41.49 36.15 -13.96
N ASN C 692 41.23 37.01 -12.97
CA ASN C 692 41.90 38.31 -12.90
C ASN C 692 41.81 38.90 -11.49
N SER C 693 42.87 39.58 -11.07
CA SER C 693 42.88 40.31 -9.81
C SER C 693 42.82 41.80 -10.09
N VAL C 694 42.89 42.59 -9.03
CA VAL C 694 42.86 44.04 -9.12
C VAL C 694 44.09 44.58 -8.41
N ALA C 695 44.75 45.55 -9.05
CA ALA C 695 45.99 46.11 -8.51
C ALA C 695 45.67 47.01 -7.31
N TYR C 696 45.40 46.34 -6.18
CA TYR C 696 45.07 47.06 -4.96
C TYR C 696 46.27 47.80 -4.41
N SER C 697 46.04 49.00 -3.91
CA SER C 697 47.07 49.78 -3.23
C SER C 697 46.36 50.80 -2.35
N ASN C 698 47.06 51.27 -1.33
CA ASN C 698 46.40 52.11 -0.33
C ASN C 698 46.31 53.56 -0.78
N ASN C 699 46.88 53.88 -1.94
CA ASN C 699 46.73 55.21 -2.52
C ASN C 699 46.40 55.18 -3.99
N SER C 700 45.93 54.06 -4.53
CA SER C 700 45.56 53.99 -5.93
C SER C 700 44.04 53.94 -6.10
N ILE C 701 43.56 54.52 -7.19
CA ILE C 701 42.13 54.52 -7.48
C ILE C 701 41.95 54.61 -8.99
N ALA C 702 40.87 54.02 -9.48
CA ALA C 702 40.52 54.03 -10.89
C ALA C 702 39.18 54.72 -11.08
N ILE C 703 39.07 55.52 -12.13
CA ILE C 703 37.87 56.29 -12.41
C ILE C 703 37.54 56.16 -13.90
N PRO C 704 36.33 55.74 -14.26
CA PRO C 704 35.99 55.64 -15.68
C PRO C 704 35.94 56.99 -16.37
N THR C 705 36.32 56.99 -17.65
CA THR C 705 36.34 58.20 -18.46
C THR C 705 35.31 58.16 -19.58
N ASN C 706 34.67 57.03 -19.82
CA ASN C 706 33.62 56.91 -20.81
C ASN C 706 32.66 55.82 -20.35
N PHE C 707 31.47 55.82 -20.94
CA PHE C 707 30.38 54.97 -20.47
C PHE C 707 29.70 54.32 -21.66
N THR C 708 28.77 53.40 -21.36
CA THR C 708 27.89 52.81 -22.35
C THR C 708 26.48 52.74 -21.79
N ILE C 709 25.50 52.73 -22.68
CA ILE C 709 24.12 52.45 -22.32
C ILE C 709 23.68 51.21 -23.08
N SER C 710 23.05 50.29 -22.37
CA SER C 710 22.66 49.01 -22.94
C SER C 710 21.24 48.67 -22.54
N VAL C 711 20.68 47.66 -23.20
CA VAL C 711 19.32 47.22 -22.95
C VAL C 711 19.31 45.70 -22.85
N THR C 712 18.54 45.18 -21.91
CA THR C 712 18.44 43.74 -21.68
C THR C 712 16.97 43.33 -21.71
N THR C 713 16.74 42.04 -21.52
CA THR C 713 15.41 41.46 -21.61
C THR C 713 15.13 40.60 -20.38
N GLU C 714 13.86 40.60 -19.97
CA GLU C 714 13.43 39.83 -18.81
C GLU C 714 12.06 39.24 -19.10
N ILE C 715 11.97 37.91 -19.04
CA ILE C 715 10.74 37.18 -19.38
C ILE C 715 10.26 36.47 -18.14
N LEU C 716 8.96 36.59 -17.85
CA LEU C 716 8.38 35.92 -16.70
C LEU C 716 6.86 35.77 -16.82
N PRO C 717 6.32 34.59 -16.55
CA PRO C 717 4.89 34.36 -16.79
C PRO C 717 4.01 35.03 -15.76
N VAL C 718 2.74 35.23 -16.13
CA VAL C 718 1.74 35.81 -15.26
C VAL C 718 0.58 34.87 -15.00
N SER C 719 0.12 34.13 -16.01
CA SER C 719 -1.07 33.31 -15.85
C SER C 719 -0.98 32.09 -16.75
N MET C 720 -1.77 31.07 -16.40
CA MET C 720 -1.88 29.86 -17.17
C MET C 720 -3.32 29.72 -17.68
N THR C 721 -3.56 28.68 -18.48
CA THR C 721 -4.85 28.51 -19.14
C THR C 721 -5.84 27.90 -18.16
N LYS C 722 -6.95 28.60 -17.93
CA LYS C 722 -7.99 28.10 -17.05
C LYS C 722 -8.77 26.98 -17.73
N THR C 723 -9.37 26.11 -16.92
CA THR C 723 -10.09 24.95 -17.43
C THR C 723 -11.12 24.50 -16.40
N SER C 724 -11.90 23.49 -16.77
CA SER C 724 -12.90 22.94 -15.87
C SER C 724 -13.21 21.52 -16.33
N VAL C 725 -13.72 20.71 -15.39
CA VAL C 725 -14.03 19.32 -15.65
C VAL C 725 -15.39 19.00 -15.04
N ASP C 726 -16.21 18.26 -15.78
CA ASP C 726 -17.48 17.75 -15.27
C ASP C 726 -17.21 16.36 -14.68
N CYS C 727 -17.28 16.27 -13.36
CA CYS C 727 -16.91 15.04 -12.66
C CYS C 727 -17.77 13.87 -13.10
N THR C 728 -19.09 14.04 -13.06
CA THR C 728 -19.98 12.91 -13.35
C THR C 728 -19.82 12.47 -14.79
N MET C 729 -19.75 13.41 -15.73
CA MET C 729 -19.56 13.03 -17.12
C MET C 729 -18.24 12.28 -17.30
N TYR C 730 -17.15 12.80 -16.73
CA TYR C 730 -15.86 12.16 -16.90
C TYR C 730 -15.85 10.76 -16.33
N ILE C 731 -16.46 10.55 -15.16
CA ILE C 731 -16.34 9.27 -14.48
C ILE C 731 -17.34 8.27 -15.04
N CYS C 732 -18.61 8.64 -15.14
CA CYS C 732 -19.70 7.74 -15.50
C CYS C 732 -20.56 8.35 -16.59
N GLY C 733 -19.92 8.83 -17.66
CA GLY C 733 -20.64 9.55 -18.71
C GLY C 733 -21.89 8.86 -19.23
N ASP C 734 -23.04 9.48 -18.94
CA ASP C 734 -24.34 9.01 -19.43
C ASP C 734 -24.61 7.56 -18.98
N SER C 735 -24.67 7.37 -17.67
CA SER C 735 -24.98 6.05 -17.12
C SER C 735 -25.62 6.26 -15.75
N THR C 736 -26.94 6.01 -15.69
CA THR C 736 -27.67 6.22 -14.44
C THR C 736 -27.20 5.26 -13.35
N GLU C 737 -26.90 4.01 -13.71
CA GLU C 737 -26.40 3.06 -12.72
C GLU C 737 -25.07 3.53 -12.15
N CYS C 738 -24.17 3.99 -13.00
CA CYS C 738 -22.87 4.45 -12.53
C CYS C 738 -23.02 5.70 -11.66
N SER C 739 -23.94 6.60 -12.03
CA SER C 739 -24.19 7.77 -11.20
C SER C 739 -24.75 7.37 -9.83
N ASN C 740 -25.65 6.39 -9.81
CA ASN C 740 -26.20 5.92 -8.54
C ASN C 740 -25.11 5.32 -7.66
N LEU C 741 -24.21 4.54 -8.25
CA LEU C 741 -23.07 4.01 -7.50
C LEU C 741 -22.18 5.13 -6.98
N LEU C 742 -21.92 6.13 -7.82
CA LEU C 742 -21.07 7.25 -7.41
C LEU C 742 -21.70 8.08 -6.31
N LEU C 743 -23.04 8.06 -6.20
CA LEU C 743 -23.70 8.82 -5.16
C LEU C 743 -23.29 8.40 -3.75
N GLN C 744 -22.70 7.22 -3.60
CA GLN C 744 -22.29 6.69 -2.31
C GLN C 744 -20.88 7.09 -1.91
N TYR C 745 -20.37 8.20 -2.43
CA TYR C 745 -19.02 8.63 -2.13
C TYR C 745 -18.93 10.04 -1.57
N GLY C 746 -20.04 10.71 -1.35
CA GLY C 746 -20.02 12.00 -0.67
C GLY C 746 -19.88 13.15 -1.65
N SER C 747 -18.96 14.08 -1.34
CA SER C 747 -18.89 15.37 -2.00
C SER C 747 -17.56 15.59 -2.72
N PHE C 748 -16.95 14.50 -3.20
CA PHE C 748 -15.69 14.62 -3.90
C PHE C 748 -15.83 15.48 -5.15
N CYS C 749 -16.92 15.28 -5.90
CA CYS C 749 -17.16 16.07 -7.10
C CYS C 749 -17.25 17.55 -6.78
N THR C 750 -18.04 17.91 -5.77
CA THR C 750 -18.19 19.31 -5.42
C THR C 750 -16.87 19.92 -4.98
N GLN C 751 -16.08 19.16 -4.22
CA GLN C 751 -14.77 19.66 -3.80
C GLN C 751 -13.89 19.96 -5.01
N LEU C 752 -13.83 19.03 -5.95
CA LEU C 752 -12.98 19.22 -7.13
C LEU C 752 -13.45 20.42 -7.96
N ASN C 753 -14.76 20.53 -8.15
CA ASN C 753 -15.30 21.65 -8.93
C ASN C 753 -14.99 22.98 -8.26
N ARG C 754 -15.15 23.05 -6.94
CA ARG C 754 -14.85 24.28 -6.22
C ARG C 754 -13.38 24.65 -6.37
N ALA C 755 -12.48 23.66 -6.26
CA ALA C 755 -11.06 23.93 -6.41
C ALA C 755 -10.74 24.48 -7.79
N LEU C 756 -11.29 23.86 -8.83
CA LEU C 756 -11.00 24.31 -10.19
C LEU C 756 -11.53 25.72 -10.44
N THR C 757 -12.74 26.02 -9.95
CA THR C 757 -13.28 27.37 -10.13
C THR C 757 -12.42 28.40 -9.41
N GLY C 758 -11.96 28.08 -8.20
CA GLY C 758 -11.05 28.98 -7.51
C GLY C 758 -9.79 29.24 -8.31
N ILE C 759 -9.24 28.19 -8.93
CA ILE C 759 -8.04 28.36 -9.73
C ILE C 759 -8.30 29.32 -10.89
N ALA C 760 -9.43 29.13 -11.59
CA ALA C 760 -9.73 29.98 -12.74
C ALA C 760 -9.88 31.44 -12.33
N VAL C 761 -10.64 31.70 -11.27
CA VAL C 761 -10.83 33.09 -10.86
C VAL C 761 -9.51 33.69 -10.40
N GLU C 762 -8.64 32.90 -9.77
CA GLU C 762 -7.33 33.41 -9.39
C GLU C 762 -6.51 33.80 -10.61
N GLN C 763 -6.60 33.00 -11.68
CA GLN C 763 -5.86 33.34 -12.90
C GLN C 763 -6.31 34.69 -13.46
N ASP C 764 -7.63 34.88 -13.55
CA ASP C 764 -8.11 36.18 -14.02
C ASP C 764 -7.66 37.31 -13.10
N LYS C 765 -7.71 37.08 -11.78
CA LYS C 765 -7.34 38.11 -10.83
C LYS C 765 -5.87 38.50 -10.99
N ASN C 766 -4.98 37.52 -11.17
CA ASN C 766 -3.57 37.87 -11.25
C ASN C 766 -3.22 38.54 -12.57
N THR C 767 -3.87 38.15 -13.67
CA THR C 767 -3.67 38.88 -14.91
C THR C 767 -4.09 40.34 -14.77
N GLN C 768 -5.26 40.57 -14.15
CA GLN C 768 -5.72 41.93 -13.95
C GLN C 768 -4.79 42.70 -13.02
N GLU C 769 -4.28 42.03 -11.98
CA GLU C 769 -3.36 42.68 -11.06
C GLU C 769 -2.08 43.12 -11.76
N VAL C 770 -1.54 42.29 -12.65
CA VAL C 770 -0.32 42.65 -13.35
C VAL C 770 -0.56 43.81 -14.30
N PHE C 771 -1.66 43.78 -15.05
CA PHE C 771 -1.78 44.77 -16.13
C PHE C 771 -2.58 46.01 -15.74
N ALA C 772 -3.80 45.86 -15.22
CA ALA C 772 -4.65 47.02 -14.98
C ALA C 772 -4.24 47.78 -13.73
N GLN C 773 -3.21 48.61 -13.84
CA GLN C 773 -2.79 49.43 -12.71
C GLN C 773 -3.17 50.89 -12.87
N VAL C 774 -3.33 51.36 -14.11
CA VAL C 774 -3.78 52.72 -14.38
C VAL C 774 -5.12 52.64 -15.11
N LYS C 775 -5.98 53.63 -14.86
CA LYS C 775 -7.31 53.67 -15.46
C LYS C 775 -7.37 54.59 -16.67
N GLN C 776 -6.82 55.80 -16.56
CA GLN C 776 -6.83 56.73 -17.68
C GLN C 776 -5.98 56.19 -18.82
N ILE C 777 -6.45 56.42 -20.05
CA ILE C 777 -5.78 55.96 -21.26
C ILE C 777 -5.09 57.16 -21.89
N TYR C 778 -3.77 57.06 -22.07
CA TYR C 778 -2.98 58.12 -22.67
C TYR C 778 -2.65 57.76 -24.11
N LYS C 779 -2.32 58.80 -24.89
CA LYS C 779 -1.99 58.61 -26.30
C LYS C 779 -0.76 59.44 -26.63
N THR C 780 0.06 58.90 -27.52
CA THR C 780 1.29 59.55 -27.95
C THR C 780 0.99 60.65 -28.97
N PRO C 781 1.80 61.71 -29.00
CA PRO C 781 1.55 62.79 -29.94
C PRO C 781 1.72 62.30 -31.36
N PRO C 782 0.97 62.87 -32.31
CA PRO C 782 1.12 62.46 -33.72
C PRO C 782 2.51 62.75 -34.26
N ILE C 783 3.15 63.82 -33.80
CA ILE C 783 4.49 64.19 -34.25
C ILE C 783 5.51 63.56 -33.31
N LYS C 784 6.35 62.69 -33.85
CA LYS C 784 7.36 61.99 -33.07
C LYS C 784 8.63 62.84 -33.05
N ASP C 785 8.81 63.60 -31.97
CA ASP C 785 9.99 64.44 -31.82
C ASP C 785 10.43 64.35 -30.36
N PHE C 786 11.43 63.50 -30.09
CA PHE C 786 11.94 63.29 -28.75
C PHE C 786 13.43 63.59 -28.65
N GLY C 787 13.93 64.54 -29.44
CA GLY C 787 15.33 64.91 -29.36
C GLY C 787 16.29 63.84 -29.82
N GLY C 788 15.95 63.09 -30.86
CA GLY C 788 16.83 62.09 -31.43
C GLY C 788 16.48 60.67 -31.07
N PHE C 789 15.68 60.46 -30.03
CA PHE C 789 15.29 59.12 -29.64
C PHE C 789 14.23 58.58 -30.60
N ASN C 790 14.20 57.26 -30.74
CA ASN C 790 13.35 56.59 -31.73
C ASN C 790 12.67 55.40 -31.06
N PHE C 791 11.37 55.52 -30.81
CA PHE C 791 10.59 54.50 -30.12
C PHE C 791 9.72 53.71 -31.10
N SER C 792 10.07 53.74 -32.38
CA SER C 792 9.26 53.08 -33.39
C SER C 792 9.18 51.57 -33.18
N GLN C 793 10.20 50.98 -32.54
CA GLN C 793 10.21 49.55 -32.36
C GLN C 793 9.22 49.11 -31.29
N ILE C 794 8.93 49.96 -30.31
CA ILE C 794 8.08 49.58 -29.20
C ILE C 794 6.68 50.17 -29.29
N LEU C 795 6.50 51.31 -29.95
CA LEU C 795 5.18 51.90 -30.06
C LEU C 795 4.32 51.07 -31.02
N PRO C 796 2.99 51.11 -30.85
CA PRO C 796 2.12 50.32 -31.71
C PRO C 796 2.11 50.83 -33.15
N ASP C 797 1.80 49.92 -34.08
CA ASP C 797 1.76 50.23 -35.49
C ASP C 797 0.32 50.33 -35.95
N PRO C 798 -0.17 51.50 -36.35
CA PRO C 798 -1.58 51.62 -36.77
C PRO C 798 -1.94 50.78 -37.98
N SER C 799 -1.02 50.58 -38.92
CA SER C 799 -1.35 49.86 -40.14
C SER C 799 -1.70 48.40 -39.88
N LYS C 800 -1.17 47.81 -38.82
CA LYS C 800 -1.45 46.42 -38.49
C LYS C 800 -2.91 46.30 -38.04
N PRO C 801 -3.59 45.21 -38.42
CA PRO C 801 -4.95 45.00 -37.90
C PRO C 801 -5.01 44.98 -36.38
N SER C 802 -4.02 44.40 -35.72
CA SER C 802 -3.91 44.46 -34.26
C SER C 802 -2.89 45.52 -33.91
N LYS C 803 -3.32 46.55 -33.20
CA LYS C 803 -2.49 47.73 -32.95
C LYS C 803 -1.41 47.36 -31.93
N ARG C 804 -0.40 46.62 -32.41
CA ARG C 804 0.68 46.19 -31.54
C ARG C 804 2.02 46.39 -32.24
N SER C 805 3.06 46.50 -31.42
CA SER C 805 4.38 46.83 -31.91
C SER C 805 4.98 45.68 -32.71
N PRO C 806 5.97 45.96 -33.57
CA PRO C 806 6.68 44.87 -34.25
C PRO C 806 7.33 43.87 -33.29
N ILE C 807 7.88 44.32 -32.17
CA ILE C 807 8.46 43.39 -31.22
C ILE C 807 7.38 42.49 -30.62
N GLU C 808 6.23 43.07 -30.29
CA GLU C 808 5.12 42.27 -29.79
C GLU C 808 4.65 41.28 -30.85
N ASP C 809 4.65 41.69 -32.12
CA ASP C 809 4.26 40.79 -33.19
C ASP C 809 5.23 39.61 -33.29
N LEU C 810 6.53 39.89 -33.21
CA LEU C 810 7.51 38.81 -33.25
C LEU C 810 7.36 37.87 -32.06
N LEU C 811 7.12 38.42 -30.87
CA LEU C 811 6.91 37.59 -29.69
C LEU C 811 5.67 36.72 -29.85
N PHE C 812 4.60 37.28 -30.40
CA PHE C 812 3.39 36.51 -30.62
C PHE C 812 3.62 35.40 -31.63
N ASN C 813 4.42 35.66 -32.67
CA ASN C 813 4.68 34.66 -33.67
C ASN C 813 5.56 33.53 -33.14
N LYS C 814 6.53 33.87 -32.28
CA LYS C 814 7.51 32.88 -31.84
C LYS C 814 6.91 31.79 -30.96
N VAL C 815 5.88 32.09 -30.17
CA VAL C 815 5.30 31.15 -29.23
C VAL C 815 4.17 30.40 -29.91
N THR C 816 4.22 29.07 -29.85
CA THR C 816 3.19 28.25 -30.47
C THR C 816 2.12 27.83 -29.46
N PHE C 844 -12.94 16.09 -24.95
CA PHE C 844 -14.38 16.27 -24.89
C PHE C 844 -15.06 15.15 -24.11
N ASN C 845 -14.42 14.70 -23.04
CA ASN C 845 -14.99 13.73 -22.11
C ASN C 845 -15.43 14.39 -20.82
N GLY C 846 -15.96 15.62 -20.91
CA GLY C 846 -16.33 16.40 -19.75
C GLY C 846 -15.38 17.53 -19.44
N LEU C 847 -14.24 17.61 -20.13
CA LEU C 847 -13.26 18.66 -19.90
C LEU C 847 -13.40 19.74 -20.98
N THR C 848 -13.33 20.99 -20.55
CA THR C 848 -13.46 22.14 -21.43
C THR C 848 -12.34 23.13 -21.12
N VAL C 849 -12.23 24.15 -21.97
CA VAL C 849 -11.29 25.24 -21.78
C VAL C 849 -12.07 26.55 -21.83
N LEU C 850 -11.86 27.40 -20.85
CA LEU C 850 -12.61 28.64 -20.78
C LEU C 850 -11.77 29.80 -21.28
N PRO C 851 -12.40 30.82 -21.87
CA PRO C 851 -11.64 31.96 -22.39
C PRO C 851 -11.30 32.95 -21.29
N PRO C 852 -10.16 33.63 -21.40
CA PRO C 852 -9.85 34.68 -20.43
C PRO C 852 -10.81 35.85 -20.54
N LEU C 853 -11.09 36.46 -19.39
CA LEU C 853 -11.99 37.61 -19.38
C LEU C 853 -11.38 38.80 -20.12
N LEU C 854 -10.08 39.03 -19.92
CA LEU C 854 -9.40 40.15 -20.53
C LEU C 854 -8.74 39.68 -21.83
N THR C 855 -8.98 40.40 -22.92
CA THR C 855 -8.54 39.97 -24.24
C THR C 855 -7.21 40.60 -24.61
N ASP C 856 -6.61 40.06 -25.68
CA ASP C 856 -5.28 40.48 -26.10
C ASP C 856 -5.25 41.92 -26.57
N GLU C 857 -6.28 42.37 -27.27
CA GLU C 857 -6.33 43.77 -27.69
C GLU C 857 -6.42 44.69 -26.48
N MET C 858 -7.18 44.30 -25.47
CA MET C 858 -7.28 45.12 -24.27
C MET C 858 -5.95 45.17 -23.53
N ILE C 859 -5.25 44.03 -23.47
CA ILE C 859 -3.93 44.01 -22.84
C ILE C 859 -2.97 44.91 -23.60
N ALA C 860 -3.01 44.86 -24.93
CA ALA C 860 -2.14 45.72 -25.73
C ALA C 860 -2.47 47.18 -25.52
N GLN C 861 -3.76 47.51 -25.36
CA GLN C 861 -4.14 48.89 -25.09
C GLN C 861 -3.60 49.36 -23.74
N TYR C 862 -3.71 48.51 -22.71
CA TYR C 862 -3.08 48.81 -21.43
C TYR C 862 -1.58 49.09 -21.59
N THR C 863 -0.89 48.22 -22.32
CA THR C 863 0.55 48.39 -22.49
C THR C 863 0.88 49.68 -23.21
N SER C 864 0.13 50.00 -24.27
CA SER C 864 0.38 51.22 -25.02
C SER C 864 0.10 52.45 -24.16
N ALA C 865 -0.93 52.41 -23.33
CA ALA C 865 -1.21 53.53 -22.44
C ALA C 865 -0.07 53.72 -21.45
N LEU C 866 0.42 52.63 -20.87
CA LEU C 866 1.56 52.74 -19.94
C LEU C 866 2.77 53.33 -20.64
N LEU C 867 3.05 52.88 -21.86
CA LEU C 867 4.22 53.35 -22.59
C LEU C 867 4.10 54.82 -22.93
N ALA C 868 2.92 55.25 -23.38
CA ALA C 868 2.73 56.67 -23.69
C ALA C 868 2.87 57.53 -22.44
N GLY C 869 2.31 57.06 -21.32
CA GLY C 869 2.44 57.81 -20.08
C GLY C 869 3.89 57.96 -19.66
N THR C 870 4.67 56.88 -19.74
CA THR C 870 6.06 56.97 -19.28
C THR C 870 6.93 57.75 -20.24
N ILE C 871 6.60 57.77 -21.53
CA ILE C 871 7.40 58.57 -22.47
C ILE C 871 7.02 60.04 -22.46
N THR C 872 5.80 60.40 -22.05
CA THR C 872 5.41 61.80 -22.08
C THR C 872 5.39 62.47 -20.72
N SER C 873 5.43 61.72 -19.62
CA SER C 873 5.31 62.34 -18.31
C SER C 873 6.44 62.00 -17.36
N GLY C 874 6.91 60.75 -17.39
CA GLY C 874 7.89 60.31 -16.42
C GLY C 874 7.28 59.43 -15.36
N TRP C 875 7.64 59.64 -14.10
CA TRP C 875 7.05 58.89 -13.00
C TRP C 875 5.84 59.57 -12.37
N THR C 876 5.48 60.77 -12.83
CA THR C 876 4.44 61.52 -12.15
C THR C 876 3.05 60.93 -12.39
N PHE C 877 2.83 60.29 -13.54
CA PHE C 877 1.51 59.77 -13.84
C PHE C 877 1.15 58.56 -13.00
N GLY C 878 2.10 58.01 -12.26
CA GLY C 878 1.84 56.94 -11.33
C GLY C 878 1.68 57.38 -9.89
N ALA C 879 1.95 58.66 -9.60
CA ALA C 879 1.78 59.19 -8.26
C ALA C 879 0.74 60.29 -8.18
N GLY C 880 0.24 60.78 -9.31
CA GLY C 880 -0.82 61.77 -9.28
C GLY C 880 -1.28 62.17 -10.66
N PRO C 881 -1.52 63.47 -10.86
CA PRO C 881 -1.90 63.96 -12.18
C PRO C 881 -0.70 63.99 -13.11
N ALA C 882 -0.86 63.44 -14.31
CA ALA C 882 0.24 63.37 -15.25
C ALA C 882 0.68 64.77 -15.67
N LEU C 883 1.95 65.08 -15.43
CA LEU C 883 2.54 66.34 -15.85
C LEU C 883 3.55 66.08 -16.96
N GLN C 884 3.60 66.98 -17.93
CA GLN C 884 4.44 66.80 -19.10
C GLN C 884 5.80 67.46 -18.87
N ILE C 885 6.85 66.78 -19.32
CA ILE C 885 8.21 67.33 -19.30
C ILE C 885 8.88 66.95 -20.61
N PRO C 886 9.84 67.73 -21.10
CA PRO C 886 10.62 67.29 -22.26
C PRO C 886 11.42 66.04 -21.94
N PHE C 887 11.51 65.15 -22.94
CA PHE C 887 12.20 63.88 -22.76
C PHE C 887 13.69 64.04 -22.45
N PRO C 888 14.45 64.93 -23.12
CA PRO C 888 15.83 65.13 -22.69
C PRO C 888 15.96 65.57 -21.24
N MET C 889 15.01 66.37 -20.76
CA MET C 889 15.05 66.79 -19.37
C MET C 889 14.74 65.63 -18.42
N GLN C 890 13.80 64.76 -18.82
CA GLN C 890 13.55 63.56 -18.04
C GLN C 890 14.80 62.68 -17.97
N MET C 891 15.47 62.52 -19.10
CA MET C 891 16.71 61.74 -19.14
C MET C 891 17.77 62.38 -18.25
N ALA C 892 17.86 63.71 -18.26
CA ALA C 892 18.83 64.39 -17.42
C ALA C 892 18.55 64.16 -15.95
N TYR C 893 17.27 64.19 -15.56
CA TYR C 893 16.91 63.89 -14.18
C TYR C 893 17.30 62.46 -13.81
N ARG C 894 17.07 61.52 -14.73
CA ARG C 894 17.40 60.13 -14.42
C ARG C 894 18.92 59.91 -14.35
N PHE C 895 19.70 60.64 -15.15
CA PHE C 895 21.15 60.67 -14.95
C PHE C 895 21.49 61.23 -13.57
N ASN C 896 20.81 62.30 -13.16
CA ASN C 896 21.05 62.86 -11.84
C ASN C 896 20.68 61.88 -10.74
N GLY C 897 19.83 60.90 -11.04
CA GLY C 897 19.42 59.92 -10.04
C GLY C 897 20.45 58.85 -9.73
N ILE C 898 21.55 58.77 -10.48
CA ILE C 898 22.59 57.78 -10.22
C ILE C 898 23.92 58.49 -9.99
N GLY C 899 23.88 59.72 -9.49
CA GLY C 899 25.10 60.41 -9.13
C GLY C 899 25.90 60.96 -10.28
N VAL C 900 25.28 61.18 -11.43
CA VAL C 900 25.95 61.78 -12.59
C VAL C 900 25.25 63.07 -12.93
N THR C 901 26.01 64.15 -13.10
CA THR C 901 25.43 65.46 -13.36
C THR C 901 24.81 65.50 -14.75
N GLN C 902 23.90 66.46 -14.94
CA GLN C 902 23.09 66.55 -16.15
C GLN C 902 23.85 67.10 -17.35
N ASN C 903 24.95 67.82 -17.13
CA ASN C 903 25.69 68.37 -18.26
C ASN C 903 26.24 67.26 -19.15
N VAL C 904 26.49 66.08 -18.58
CA VAL C 904 26.94 64.95 -19.38
C VAL C 904 25.94 64.64 -20.48
N LEU C 905 24.67 64.50 -20.11
CA LEU C 905 23.62 64.34 -21.11
C LEU C 905 23.53 65.55 -22.02
N TYR C 906 23.53 66.75 -21.44
CA TYR C 906 23.27 67.94 -22.23
C TYR C 906 24.33 68.18 -23.29
N GLU C 907 25.52 67.59 -23.13
CA GLU C 907 26.57 67.73 -24.14
C GLU C 907 26.96 66.41 -24.78
N ASN C 908 26.26 65.31 -24.49
CA ASN C 908 26.44 64.07 -25.23
C ASN C 908 25.11 63.51 -25.72
N GLN C 909 24.12 64.39 -25.88
CA GLN C 909 22.78 63.99 -26.30
C GLN C 909 22.80 63.15 -27.58
N LYS C 910 23.49 63.62 -28.62
CA LYS C 910 23.44 62.93 -29.91
C LYS C 910 24.03 61.54 -29.80
N LEU C 911 25.19 61.43 -29.15
CA LEU C 911 25.84 60.14 -28.99
C LEU C 911 24.98 59.18 -28.18
N ILE C 912 24.38 59.67 -27.09
CA ILE C 912 23.56 58.82 -26.24
C ILE C 912 22.33 58.34 -27.00
N ALA C 913 21.70 59.22 -27.78
CA ALA C 913 20.54 58.82 -28.57
C ALA C 913 20.93 57.78 -29.61
N ASN C 914 22.08 57.96 -30.27
CA ASN C 914 22.51 56.99 -31.26
C ASN C 914 22.74 55.62 -30.61
N GLN C 915 23.41 55.61 -29.45
CA GLN C 915 23.68 54.34 -28.77
C GLN C 915 22.39 53.67 -28.31
N PHE C 916 21.44 54.46 -27.82
CA PHE C 916 20.14 53.90 -27.41
C PHE C 916 19.41 53.27 -28.59
N ASN C 917 19.36 53.97 -29.72
CA ASN C 917 18.68 53.43 -30.90
C ASN C 917 19.37 52.17 -31.39
N SER C 918 20.71 52.17 -31.42
CA SER C 918 21.43 50.98 -31.86
C SER C 918 21.16 49.79 -30.95
N ALA C 919 21.11 50.03 -29.63
CA ALA C 919 20.84 48.96 -28.69
C ALA C 919 19.43 48.40 -28.88
N ILE C 920 18.46 49.27 -29.11
CA ILE C 920 17.09 48.79 -29.36
C ILE C 920 17.06 47.94 -30.63
N GLY C 921 17.75 48.38 -31.68
CA GLY C 921 17.82 47.57 -32.89
C GLY C 921 18.48 46.23 -32.67
N LYS C 922 19.54 46.21 -31.87
CA LYS C 922 20.21 44.96 -31.54
C LYS C 922 19.28 44.01 -30.83
N ILE C 923 18.47 44.52 -29.89
CA ILE C 923 17.51 43.67 -29.21
C ILE C 923 16.48 43.14 -30.19
N GLN C 924 15.99 44.00 -31.09
CA GLN C 924 15.02 43.54 -32.08
C GLN C 924 15.59 42.40 -32.91
N ASP C 925 16.85 42.50 -33.32
CA ASP C 925 17.48 41.44 -34.10
C ASP C 925 17.67 40.17 -33.26
N SER C 926 18.22 40.32 -32.06
CA SER C 926 18.62 39.18 -31.23
C SER C 926 17.46 38.48 -30.55
N LEU C 927 16.27 39.08 -30.52
CA LEU C 927 15.14 38.43 -29.88
C LEU C 927 14.81 37.12 -30.56
N SER C 928 14.84 37.10 -31.89
CA SER C 928 14.67 35.88 -32.66
C SER C 928 16.05 35.23 -32.85
N SER C 929 16.13 34.23 -33.72
CA SER C 929 17.40 33.58 -34.08
C SER C 929 18.03 32.91 -32.86
N THR C 930 17.21 32.56 -31.90
CA THR C 930 17.66 31.77 -30.76
C THR C 930 16.49 31.00 -30.15
N PRO C 931 16.48 29.67 -30.25
CA PRO C 931 15.35 28.90 -29.73
C PRO C 931 15.52 28.52 -28.26
N SER C 932 15.96 29.46 -27.43
CA SER C 932 16.08 29.19 -26.01
C SER C 932 15.69 30.40 -25.17
N ALA C 933 14.96 31.34 -25.76
CA ALA C 933 14.60 32.57 -25.08
C ALA C 933 13.22 32.56 -24.46
N LEU C 934 12.21 32.07 -25.18
CA LEU C 934 10.84 32.02 -24.68
C LEU C 934 10.51 30.67 -24.05
N GLY C 935 11.53 29.97 -23.54
CA GLY C 935 11.29 28.71 -22.87
C GLY C 935 10.44 28.85 -21.63
N LYS C 936 10.55 29.98 -20.93
CA LYS C 936 9.80 30.17 -19.70
C LYS C 936 8.30 30.29 -19.94
N LEU C 937 7.87 30.43 -21.19
CA LEU C 937 6.47 30.39 -21.58
C LEU C 937 6.11 29.11 -22.32
N GLN C 938 7.03 28.63 -23.15
CA GLN C 938 6.82 27.36 -23.84
C GLN C 938 6.64 26.23 -22.86
N ASP C 939 7.36 26.27 -21.72
CA ASP C 939 7.21 25.22 -20.72
C ASP C 939 5.83 25.26 -20.09
N VAL C 940 5.29 26.45 -19.85
CA VAL C 940 3.93 26.56 -19.32
C VAL C 940 2.94 25.89 -20.29
N VAL C 941 3.07 26.23 -21.58
CA VAL C 941 2.16 25.66 -22.56
C VAL C 941 2.31 24.14 -22.60
N ASN C 942 3.55 23.66 -22.61
CA ASN C 942 3.79 22.22 -22.68
C ASN C 942 3.26 21.49 -21.46
N GLN C 943 3.45 22.06 -20.28
CA GLN C 943 2.97 21.42 -19.06
C GLN C 943 1.45 21.33 -19.05
N ASN C 944 0.77 22.40 -19.45
CA ASN C 944 -0.69 22.33 -19.52
C ASN C 944 -1.13 21.26 -20.51
N ALA C 945 -0.52 21.23 -21.69
CA ALA C 945 -0.89 20.23 -22.69
C ALA C 945 -0.63 18.83 -22.20
N GLN C 946 0.50 18.60 -21.53
CA GLN C 946 0.84 17.27 -21.04
C GLN C 946 -0.11 16.81 -19.95
N ALA C 947 -0.48 17.71 -19.04
CA ALA C 947 -1.43 17.34 -17.99
C ALA C 947 -2.77 16.94 -18.60
N LEU C 948 -3.28 17.74 -19.54
CA LEU C 948 -4.54 17.36 -20.19
C LEU C 948 -4.40 16.05 -20.93
N ASN C 949 -3.27 15.85 -21.61
CA ASN C 949 -3.08 14.63 -22.40
C ASN C 949 -3.06 13.39 -21.52
N THR C 950 -2.34 13.44 -20.40
CA THR C 950 -2.30 12.27 -19.53
C THR C 950 -3.66 12.03 -18.89
N LEU C 951 -4.38 13.10 -18.51
CA LEU C 951 -5.69 12.92 -17.92
C LEU C 951 -6.64 12.24 -18.90
N VAL C 952 -6.64 12.68 -20.15
CA VAL C 952 -7.55 12.07 -21.12
C VAL C 952 -7.10 10.66 -21.48
N LYS C 953 -5.79 10.42 -21.50
CA LYS C 953 -5.30 9.09 -21.85
C LYS C 953 -5.59 8.07 -20.76
N GLN C 954 -5.76 8.53 -19.51
CA GLN C 954 -5.99 7.60 -18.42
C GLN C 954 -7.31 6.86 -18.52
N LEU C 955 -8.23 7.28 -19.40
CA LEU C 955 -9.54 6.65 -19.47
C LEU C 955 -9.51 5.27 -20.15
N SER C 956 -8.40 4.90 -20.77
CA SER C 956 -8.35 3.66 -21.54
C SER C 956 -7.85 2.46 -20.74
N SER C 957 -7.48 2.65 -19.48
CA SER C 957 -6.97 1.55 -18.67
C SER C 957 -8.11 0.84 -17.94
N ASN C 958 -7.89 -0.45 -17.65
CA ASN C 958 -8.92 -1.30 -17.09
C ASN C 958 -9.05 -1.19 -15.58
N PHE C 959 -7.94 -0.93 -14.88
CA PHE C 959 -7.89 -0.90 -13.42
C PHE C 959 -8.33 -2.21 -12.79
N GLY C 960 -8.35 -3.30 -13.56
CA GLY C 960 -8.71 -4.61 -13.06
C GLY C 960 -10.02 -5.16 -13.59
N ALA C 961 -10.79 -4.38 -14.35
CA ALA C 961 -12.05 -4.85 -14.88
C ALA C 961 -11.82 -5.61 -16.19
N ILE C 962 -12.81 -6.41 -16.57
CA ILE C 962 -12.70 -7.18 -17.80
C ILE C 962 -12.73 -6.30 -19.03
N SER C 963 -13.13 -5.04 -18.89
CA SER C 963 -13.16 -4.13 -20.02
C SER C 963 -13.03 -2.70 -19.52
N SER C 964 -12.64 -1.81 -20.42
CA SER C 964 -12.50 -0.39 -20.11
C SER C 964 -13.66 0.43 -20.64
N VAL C 965 -14.75 -0.20 -21.06
CA VAL C 965 -15.93 0.49 -21.57
C VAL C 965 -17.12 0.06 -20.72
N LEU C 966 -17.62 0.97 -19.89
CA LEU C 966 -18.76 0.63 -19.05
C LEU C 966 -20.01 0.39 -19.89
N ASN C 967 -20.08 0.96 -21.09
CA ASN C 967 -21.17 0.62 -21.99
C ASN C 967 -21.12 -0.85 -22.37
N ASP C 968 -19.94 -1.37 -22.69
CA ASP C 968 -19.80 -2.79 -22.97
C ASP C 968 -20.13 -3.62 -21.74
N ILE C 969 -19.68 -3.19 -20.57
CA ILE C 969 -19.98 -3.91 -19.34
C ILE C 969 -21.48 -4.03 -19.14
N LEU C 970 -22.20 -2.91 -19.29
CA LEU C 970 -23.64 -2.91 -19.11
C LEU C 970 -24.33 -3.75 -20.17
N SER C 971 -23.85 -3.70 -21.41
CA SER C 971 -24.50 -4.43 -22.50
C SER C 971 -24.29 -5.93 -22.36
N ARG C 972 -23.19 -6.35 -21.73
CA ARG C 972 -22.83 -7.75 -21.72
C ARG C 972 -23.11 -8.46 -20.39
N LEU C 973 -23.12 -7.75 -19.26
CA LEU C 973 -23.27 -8.37 -17.95
C LEU C 973 -24.57 -7.95 -17.30
N ASP C 974 -25.07 -8.79 -16.39
CA ASP C 974 -26.21 -8.42 -15.57
C ASP C 974 -25.77 -7.49 -14.44
N PRO C 975 -26.67 -6.66 -13.93
CA PRO C 975 -26.29 -5.65 -12.92
C PRO C 975 -25.61 -6.24 -11.70
N PRO C 976 -26.08 -7.40 -11.14
CA PRO C 976 -25.42 -7.92 -9.94
C PRO C 976 -23.93 -8.17 -10.11
N GLU C 977 -23.54 -8.68 -11.28
CA GLU C 977 -22.11 -8.86 -11.55
C GLU C 977 -21.45 -7.57 -11.98
N ALA C 978 -22.16 -6.73 -12.73
CA ALA C 978 -21.56 -5.51 -13.27
C ALA C 978 -21.24 -4.50 -12.19
N GLU C 979 -21.87 -4.63 -11.02
CA GLU C 979 -21.59 -3.70 -9.93
C GLU C 979 -20.12 -3.67 -9.56
N VAL C 980 -19.48 -4.84 -9.47
CA VAL C 980 -18.08 -4.91 -9.05
C VAL C 980 -17.18 -4.22 -10.08
N GLN C 981 -17.38 -4.52 -11.36
CA GLN C 981 -16.56 -3.92 -12.40
C GLN C 981 -16.74 -2.41 -12.43
N ILE C 982 -17.99 -1.94 -12.31
CA ILE C 982 -18.25 -0.52 -12.31
C ILE C 982 -17.59 0.15 -11.11
N ASP C 983 -17.62 -0.52 -9.96
CA ASP C 983 -16.98 0.05 -8.77
C ASP C 983 -15.48 0.17 -8.96
N ARG C 984 -14.85 -0.85 -9.55
CA ARG C 984 -13.42 -0.79 -9.79
C ARG C 984 -13.06 0.38 -10.71
N LEU C 985 -13.79 0.51 -11.80
CA LEU C 985 -13.54 1.61 -12.73
C LEU C 985 -13.76 2.96 -12.05
N ILE C 986 -14.78 3.06 -11.21
CA ILE C 986 -15.08 4.30 -10.51
C ILE C 986 -13.92 4.69 -9.61
N THR C 987 -13.40 3.73 -8.85
CA THR C 987 -12.28 4.02 -7.96
C THR C 987 -11.07 4.50 -8.75
N GLY C 988 -10.74 3.82 -9.84
CA GLY C 988 -9.59 4.22 -10.62
C GLY C 988 -9.72 5.63 -11.19
N ARG C 989 -10.87 5.92 -11.80
CA ARG C 989 -11.04 7.22 -12.42
C ARG C 989 -11.08 8.33 -11.39
N LEU C 990 -11.69 8.06 -10.23
CA LEU C 990 -11.70 9.04 -9.15
C LEU C 990 -10.28 9.36 -8.69
N GLN C 991 -9.44 8.34 -8.54
CA GLN C 991 -8.06 8.58 -8.14
C GLN C 991 -7.32 9.43 -9.16
N SER C 992 -7.51 9.13 -10.45
CA SER C 992 -6.84 9.90 -11.49
C SER C 992 -7.26 11.37 -11.45
N LEU C 993 -8.56 11.61 -11.31
CA LEU C 993 -9.05 12.98 -11.23
C LEU C 993 -8.46 13.71 -10.03
N GLN C 994 -8.40 13.03 -8.88
CA GLN C 994 -7.89 13.67 -7.67
C GLN C 994 -6.44 14.08 -7.83
N THR C 995 -5.61 13.19 -8.37
CA THR C 995 -4.20 13.54 -8.51
C THR C 995 -4.00 14.67 -9.52
N TYR C 996 -4.79 14.67 -10.61
CA TYR C 996 -4.71 15.79 -11.54
C TYR C 996 -5.03 17.11 -10.86
N VAL C 997 -6.09 17.12 -10.04
CA VAL C 997 -6.49 18.35 -9.37
C VAL C 997 -5.39 18.85 -8.43
N THR C 998 -4.78 17.93 -7.67
CA THR C 998 -3.73 18.34 -6.74
C THR C 998 -2.55 18.96 -7.48
N GLN C 999 -2.12 18.32 -8.57
CA GLN C 999 -1.02 18.87 -9.36
C GLN C 999 -1.36 20.27 -9.86
N GLN C 1000 -2.58 20.46 -10.34
CA GLN C 1000 -3.00 21.77 -10.82
C GLN C 1000 -2.94 22.80 -9.70
N LEU C 1001 -3.37 22.43 -8.50
CA LEU C 1001 -3.32 23.37 -7.38
C LEU C 1001 -1.90 23.84 -7.10
N ILE C 1002 -0.95 22.90 -7.04
CA ILE C 1002 0.42 23.29 -6.72
C ILE C 1002 1.00 24.18 -7.81
N ARG C 1003 0.76 23.82 -9.08
CA ARG C 1003 1.28 24.64 -10.17
C ARG C 1003 0.67 26.03 -10.15
N ALA C 1004 -0.62 26.12 -9.80
CA ALA C 1004 -1.28 27.42 -9.71
C ALA C 1004 -0.64 28.29 -8.64
N ALA C 1005 -0.28 27.69 -7.50
CA ALA C 1005 0.40 28.46 -6.47
C ALA C 1005 1.72 29.02 -6.97
N GLU C 1006 2.50 28.20 -7.67
CA GLU C 1006 3.76 28.69 -8.22
C GLU C 1006 3.54 29.84 -9.21
N ILE C 1007 2.56 29.68 -10.09
CA ILE C 1007 2.26 30.73 -11.08
C ILE C 1007 1.84 32.01 -10.38
N ARG C 1008 1.07 31.90 -9.30
CA ARG C 1008 0.65 33.09 -8.56
C ARG C 1008 1.85 33.81 -7.97
N ALA C 1009 2.81 33.06 -7.43
CA ALA C 1009 4.02 33.70 -6.91
C ALA C 1009 4.75 34.46 -8.01
N SER C 1010 4.88 33.84 -9.18
CA SER C 1010 5.55 34.52 -10.29
C SER C 1010 4.80 35.78 -10.70
N ALA C 1011 3.46 35.72 -10.73
CA ALA C 1011 2.67 36.88 -11.11
C ALA C 1011 2.82 38.01 -10.11
N ASN C 1012 2.88 37.69 -8.82
CA ASN C 1012 3.10 38.73 -7.81
C ASN C 1012 4.46 39.39 -8.01
N LEU C 1013 5.49 38.60 -8.30
CA LEU C 1013 6.79 39.19 -8.60
C LEU C 1013 6.72 40.12 -9.81
N ALA C 1014 6.02 39.68 -10.86
CA ALA C 1014 5.90 40.50 -12.06
C ALA C 1014 5.21 41.82 -11.77
N ALA C 1015 4.13 41.78 -10.99
CA ALA C 1015 3.42 43.01 -10.65
C ALA C 1015 4.31 43.95 -9.85
N THR C 1016 5.07 43.40 -8.89
CA THR C 1016 5.98 44.25 -8.13
C THR C 1016 7.03 44.89 -9.02
N LYS C 1017 7.60 44.12 -9.95
CA LYS C 1017 8.62 44.67 -10.83
C LYS C 1017 8.05 45.75 -11.73
N MET C 1018 6.86 45.51 -12.29
CA MET C 1018 6.21 46.54 -13.12
C MET C 1018 6.03 47.82 -12.34
N SER C 1019 5.45 47.71 -11.13
CA SER C 1019 5.21 48.90 -10.33
C SER C 1019 6.49 49.64 -9.98
N GLU C 1020 7.54 48.90 -9.60
CA GLU C 1020 8.74 49.54 -9.07
C GLU C 1020 9.72 50.00 -10.13
N CYS C 1021 9.62 49.51 -11.37
CA CYS C 1021 10.58 49.91 -12.39
C CYS C 1021 10.00 50.58 -13.61
N VAL C 1022 8.74 50.30 -13.97
CA VAL C 1022 8.14 51.05 -15.07
C VAL C 1022 7.64 52.40 -14.58
N LEU C 1023 7.08 52.44 -13.37
CA LEU C 1023 6.53 53.67 -12.82
C LEU C 1023 7.56 54.53 -12.11
N GLY C 1024 8.80 54.06 -11.96
CA GLY C 1024 9.81 54.84 -11.28
C GLY C 1024 11.19 54.27 -11.51
N GLN C 1025 12.18 54.96 -10.96
CA GLN C 1025 13.58 54.56 -11.07
C GLN C 1025 13.99 53.87 -9.78
N SER C 1026 14.47 52.64 -9.90
CA SER C 1026 14.76 51.82 -8.73
C SER C 1026 16.22 51.97 -8.30
N LYS C 1027 16.43 51.96 -6.99
CA LYS C 1027 17.76 51.98 -6.41
C LYS C 1027 18.21 50.61 -5.91
N ARG C 1028 17.38 49.58 -6.04
CA ARG C 1028 17.78 48.24 -5.65
C ARG C 1028 18.72 47.66 -6.70
N VAL C 1029 19.88 47.18 -6.25
CA VAL C 1029 20.93 46.74 -7.15
C VAL C 1029 20.57 45.38 -7.75
N ASP C 1030 20.70 45.28 -9.08
CA ASP C 1030 20.44 44.06 -9.84
C ASP C 1030 18.99 43.59 -9.72
N PHE C 1031 18.07 44.49 -9.40
CA PHE C 1031 16.65 44.15 -9.38
C PHE C 1031 16.00 44.37 -10.73
N CYS C 1032 16.52 45.30 -11.52
CA CYS C 1032 15.97 45.62 -12.84
C CYS C 1032 17.09 45.74 -13.86
N GLY C 1033 17.97 44.75 -13.88
CA GLY C 1033 19.03 44.68 -14.87
C GLY C 1033 20.40 44.95 -14.26
N LYS C 1034 21.42 44.47 -14.95
CA LYS C 1034 22.79 44.62 -14.48
C LYS C 1034 23.28 46.03 -14.78
N GLY C 1035 23.60 46.78 -13.75
CA GLY C 1035 24.08 48.14 -13.88
C GLY C 1035 23.15 49.13 -13.19
N TYR C 1036 23.50 50.40 -13.34
CA TYR C 1036 22.69 51.47 -12.78
C TYR C 1036 21.43 51.64 -13.64
N HIS C 1037 20.27 51.48 -13.01
CA HIS C 1037 19.01 51.47 -13.73
C HIS C 1037 18.63 52.87 -14.20
N LEU C 1038 18.07 52.95 -15.40
CA LEU C 1038 17.59 54.21 -15.96
C LEU C 1038 16.08 54.21 -16.17
N MET C 1039 15.54 53.23 -16.86
CA MET C 1039 14.10 53.06 -17.00
C MET C 1039 13.83 51.67 -17.56
N SER C 1040 12.58 51.42 -17.94
CA SER C 1040 12.18 50.13 -18.49
C SER C 1040 10.88 50.31 -19.27
N PHE C 1041 10.63 49.37 -20.19
CA PHE C 1041 9.44 49.40 -21.02
C PHE C 1041 8.78 48.03 -21.05
N PRO C 1042 7.49 47.94 -20.74
CA PRO C 1042 6.81 46.64 -20.81
C PRO C 1042 6.38 46.30 -22.23
N GLN C 1043 6.23 45.00 -22.47
CA GLN C 1043 5.69 44.50 -23.72
C GLN C 1043 4.85 43.28 -23.42
N SER C 1044 3.73 43.16 -24.11
CA SER C 1044 2.84 42.03 -23.89
C SER C 1044 3.42 40.77 -24.51
N ALA C 1045 2.82 39.64 -24.15
CA ALA C 1045 3.24 38.33 -24.64
C ALA C 1045 2.19 37.32 -24.21
N PRO C 1046 2.12 36.16 -24.89
CA PRO C 1046 1.15 35.13 -24.48
C PRO C 1046 1.53 34.54 -23.12
N HIS C 1047 0.62 34.66 -22.17
CA HIS C 1047 0.78 34.10 -20.82
C HIS C 1047 1.96 34.72 -20.08
N GLY C 1048 2.27 36.00 -20.32
CA GLY C 1048 3.38 36.61 -19.62
C GLY C 1048 3.67 37.99 -20.13
N VAL C 1049 4.76 38.56 -19.62
CA VAL C 1049 5.23 39.90 -19.97
C VAL C 1049 6.71 39.84 -20.30
N VAL C 1050 7.19 40.90 -20.93
CA VAL C 1050 8.59 41.07 -21.25
C VAL C 1050 8.99 42.51 -20.93
N PHE C 1051 10.07 42.68 -20.18
CA PHE C 1051 10.59 43.99 -19.85
C PHE C 1051 11.88 44.25 -20.62
N LEU C 1052 12.10 45.51 -20.97
CA LEU C 1052 13.31 45.94 -21.67
C LEU C 1052 13.99 46.97 -20.78
N HIS C 1053 14.85 46.49 -19.87
CA HIS C 1053 15.53 47.38 -18.94
C HIS C 1053 16.63 48.16 -19.66
N VAL C 1054 16.81 49.41 -19.26
CA VAL C 1054 17.83 50.29 -19.83
C VAL C 1054 18.77 50.69 -18.69
N THR C 1055 20.06 50.43 -18.86
CA THR C 1055 21.03 50.59 -17.80
C THR C 1055 22.21 51.43 -18.29
N TYR C 1056 23.16 51.66 -17.38
CA TYR C 1056 24.32 52.52 -17.63
C TYR C 1056 25.56 51.79 -17.13
N VAL C 1057 26.57 51.68 -17.99
CA VAL C 1057 27.78 50.92 -17.68
C VAL C 1057 29.03 51.75 -17.99
N PRO C 1058 29.96 51.88 -17.05
CA PRO C 1058 31.23 52.55 -17.35
C PRO C 1058 32.07 51.74 -18.33
N ALA C 1059 32.91 52.45 -19.11
CA ALA C 1059 33.60 51.82 -20.22
C ALA C 1059 35.11 51.78 -20.07
N GLN C 1060 35.78 52.93 -19.89
CA GLN C 1060 37.23 53.01 -19.99
C GLN C 1060 37.80 53.63 -18.73
N GLU C 1061 38.77 52.96 -18.12
CA GLU C 1061 39.31 53.35 -16.82
C GLU C 1061 40.71 53.93 -16.96
N LYS C 1062 41.14 54.63 -15.91
CA LYS C 1062 42.50 55.13 -15.80
C LYS C 1062 42.90 55.13 -14.34
N ASN C 1063 44.20 55.05 -14.09
CA ASN C 1063 44.75 55.00 -12.75
C ASN C 1063 45.13 56.40 -12.28
N PHE C 1064 44.85 56.69 -11.00
CA PHE C 1064 45.16 57.99 -10.43
C PHE C 1064 45.65 57.79 -9.00
N THR C 1065 46.24 58.85 -8.45
CA THR C 1065 46.71 58.87 -7.07
C THR C 1065 45.78 59.74 -6.24
N THR C 1066 45.33 59.24 -5.11
CA THR C 1066 44.33 59.90 -4.30
C THR C 1066 44.88 60.21 -2.91
N ALA C 1067 44.09 60.94 -2.12
CA ALA C 1067 44.44 61.32 -0.76
C ALA C 1067 43.17 61.67 0.01
N PRO C 1068 43.02 61.15 1.24
CA PRO C 1068 41.78 61.41 1.99
C PRO C 1068 41.53 62.87 2.29
N ALA C 1069 42.57 63.67 2.51
CA ALA C 1069 42.36 65.06 2.89
C ALA C 1069 43.57 65.88 2.45
N ILE C 1070 43.41 67.20 2.49
CA ILE C 1070 44.45 68.14 2.09
C ILE C 1070 44.60 69.19 3.18
N CYS C 1071 45.84 69.40 3.63
CA CYS C 1071 46.14 70.40 4.65
C CYS C 1071 46.63 71.68 3.98
N HIS C 1072 46.01 72.80 4.31
CA HIS C 1072 46.33 74.07 3.68
C HIS C 1072 46.98 75.07 4.63
N ASP C 1073 46.31 75.41 5.73
CA ASP C 1073 46.80 76.41 6.68
C ASP C 1073 46.65 75.89 8.11
N GLY C 1074 47.07 74.65 8.33
CA GLY C 1074 46.84 74.02 9.61
C GLY C 1074 45.43 73.51 9.78
N LYS C 1075 44.62 73.52 8.73
CA LYS C 1075 43.25 73.03 8.77
C LYS C 1075 43.06 72.00 7.67
N ALA C 1076 42.37 70.91 8.00
CA ALA C 1076 42.12 69.86 7.02
C ALA C 1076 40.96 70.24 6.12
N HIS C 1077 40.94 69.66 4.92
CA HIS C 1077 39.89 69.90 3.94
C HIS C 1077 39.41 68.56 3.40
N PHE C 1078 38.10 68.39 3.32
CA PHE C 1078 37.48 67.19 2.78
C PHE C 1078 36.52 67.56 1.66
N PRO C 1079 36.39 66.73 0.63
CA PRO C 1079 35.49 67.05 -0.48
C PRO C 1079 34.03 66.83 -0.11
N ARG C 1080 33.19 67.77 -0.53
CA ARG C 1080 31.75 67.63 -0.29
C ARG C 1080 31.20 66.43 -1.03
N GLU C 1081 31.46 66.35 -2.33
CA GLU C 1081 31.02 65.21 -3.15
C GLU C 1081 32.08 64.98 -4.23
N GLY C 1082 32.85 63.91 -4.06
CA GLY C 1082 33.89 63.61 -5.02
C GLY C 1082 35.13 62.99 -4.40
N VAL C 1083 36.16 62.79 -5.22
CA VAL C 1083 37.41 62.18 -4.78
C VAL C 1083 38.55 63.14 -5.10
N PHE C 1084 39.52 63.23 -4.19
CA PHE C 1084 40.74 63.98 -4.44
C PHE C 1084 41.64 63.14 -5.34
N VAL C 1085 41.87 63.59 -6.56
CA VAL C 1085 42.70 62.86 -7.51
C VAL C 1085 43.83 63.75 -7.99
N SER C 1086 44.94 63.12 -8.35
CA SER C 1086 46.11 63.81 -8.84
C SER C 1086 46.65 63.10 -10.07
N ASN C 1087 47.12 63.88 -11.04
CA ASN C 1087 47.76 63.34 -12.23
C ASN C 1087 49.27 63.27 -12.09
N GLY C 1088 49.78 63.40 -10.86
CA GLY C 1088 51.21 63.42 -10.60
C GLY C 1088 51.78 64.80 -10.42
N THR C 1089 51.10 65.84 -10.89
CA THR C 1089 51.56 67.22 -10.74
C THR C 1089 50.61 68.06 -9.90
N HIS C 1090 49.33 68.10 -10.25
CA HIS C 1090 48.35 68.91 -9.56
C HIS C 1090 47.29 68.02 -8.92
N TRP C 1091 46.58 68.59 -7.96
CA TRP C 1091 45.50 67.90 -7.26
C TRP C 1091 44.16 68.49 -7.68
N PHE C 1092 43.23 67.63 -8.06
CA PHE C 1092 41.89 68.03 -8.45
C PHE C 1092 40.86 67.27 -7.62
N VAL C 1093 39.60 67.61 -7.80
CA VAL C 1093 38.48 66.90 -7.20
C VAL C 1093 37.48 66.59 -8.30
N THR C 1094 37.00 65.34 -8.33
CA THR C 1094 36.11 64.91 -9.39
C THR C 1094 35.08 63.94 -8.83
N GLN C 1095 33.96 63.83 -9.55
CA GLN C 1095 32.92 62.89 -9.18
C GLN C 1095 33.43 61.45 -9.40
N ARG C 1096 32.59 60.48 -9.05
CA ARG C 1096 33.05 59.10 -8.92
C ARG C 1096 32.77 58.23 -10.12
N ASN C 1097 31.75 58.52 -10.92
CA ASN C 1097 31.38 57.65 -12.03
C ASN C 1097 31.66 58.27 -13.39
N PHE C 1098 32.33 59.41 -13.44
CA PHE C 1098 32.70 60.03 -14.71
C PHE C 1098 33.82 61.01 -14.44
N TYR C 1099 34.99 60.75 -15.01
CA TYR C 1099 36.17 61.57 -14.72
C TYR C 1099 35.97 62.98 -15.25
N GLU C 1100 35.95 63.95 -14.36
CA GLU C 1100 35.79 65.36 -14.72
C GLU C 1100 36.47 66.21 -13.66
N PRO C 1101 37.74 66.55 -13.85
CA PRO C 1101 38.47 67.30 -12.83
C PRO C 1101 38.08 68.77 -12.80
N GLN C 1102 38.37 69.40 -11.66
CA GLN C 1102 38.16 70.83 -11.51
C GLN C 1102 39.06 71.33 -10.38
N ILE C 1103 39.29 72.64 -10.37
CA ILE C 1103 40.23 73.23 -9.44
C ILE C 1103 39.67 73.21 -8.02
N ILE C 1104 40.52 72.84 -7.07
CA ILE C 1104 40.11 72.79 -5.67
C ILE C 1104 39.93 74.21 -5.15
N THR C 1105 38.70 74.55 -4.80
CA THR C 1105 38.34 75.87 -4.28
C THR C 1105 37.81 75.70 -2.85
N THR C 1106 37.31 76.82 -2.30
CA THR C 1106 36.75 76.80 -0.96
C THR C 1106 35.27 76.45 -0.93
N ASP C 1107 34.62 76.35 -2.10
CA ASP C 1107 33.20 76.08 -2.17
C ASP C 1107 32.87 74.60 -2.34
N ASN C 1108 33.76 73.82 -2.94
CA ASN C 1108 33.52 72.40 -3.15
C ASN C 1108 34.08 71.53 -2.03
N THR C 1109 34.66 72.13 -0.99
CA THR C 1109 35.19 71.39 0.15
C THR C 1109 34.74 72.06 1.44
N PHE C 1110 34.87 71.33 2.54
CA PHE C 1110 34.57 71.85 3.86
C PHE C 1110 35.69 71.53 4.83
N VAL C 1111 35.91 72.44 5.77
CA VAL C 1111 36.99 72.32 6.75
C VAL C 1111 36.45 71.63 7.98
N SER C 1112 37.25 70.71 8.55
CA SER C 1112 36.85 70.00 9.75
C SER C 1112 38.09 69.50 10.47
N GLY C 1113 38.42 70.11 11.59
CA GLY C 1113 39.48 69.59 12.44
C GLY C 1113 40.87 70.16 12.19
N ASN C 1114 41.88 69.41 12.60
CA ASN C 1114 43.28 69.81 12.52
C ASN C 1114 44.00 68.96 11.47
N CYS C 1115 45.29 69.22 11.31
CA CYS C 1115 46.09 68.58 10.28
C CYS C 1115 46.94 67.43 10.81
N ASP C 1116 46.68 66.95 12.03
CA ASP C 1116 47.49 65.91 12.63
C ASP C 1116 46.69 64.72 13.14
N VAL C 1117 45.45 64.56 12.68
CA VAL C 1117 44.60 63.45 13.09
C VAL C 1117 44.41 62.45 11.96
N VAL C 1118 43.98 62.93 10.79
CA VAL C 1118 43.77 62.04 9.66
C VAL C 1118 45.10 61.45 9.21
N ILE C 1119 45.03 60.27 8.59
CA ILE C 1119 46.21 59.53 8.15
C ILE C 1119 46.23 59.55 6.62
N GLY C 1120 47.37 59.92 6.05
CA GLY C 1120 47.51 60.03 4.62
C GLY C 1120 47.28 61.43 4.06
N ILE C 1121 47.03 62.41 4.93
CA ILE C 1121 46.80 63.77 4.45
C ILE C 1121 48.05 64.31 3.77
N VAL C 1122 47.85 65.14 2.74
CA VAL C 1122 48.93 65.73 1.97
C VAL C 1122 48.77 67.25 1.99
N ASN C 1123 49.83 67.93 1.56
CA ASN C 1123 49.87 69.38 1.55
C ASN C 1123 49.70 69.91 0.13
N ASN C 1124 48.91 70.96 -0.01
CA ASN C 1124 48.65 71.58 -1.30
C ASN C 1124 48.10 72.98 -1.05
N THR C 1125 47.75 73.66 -2.14
CA THR C 1125 47.20 75.02 -2.10
C THR C 1125 45.72 74.97 -2.42
N VAL C 1126 44.92 75.66 -1.62
CA VAL C 1126 43.48 75.71 -1.80
C VAL C 1126 43.14 77.08 -2.38
N TYR C 1127 42.61 77.10 -3.60
CA TYR C 1127 42.29 78.36 -4.26
C TYR C 1127 41.13 79.06 -3.54
N ASP C 1128 41.14 80.38 -3.62
CA ASP C 1128 40.12 81.21 -3.00
C ASP C 1128 39.46 82.06 -4.08
N PRO C 1129 38.15 81.93 -4.31
CA PRO C 1129 37.55 82.58 -5.49
C PRO C 1129 37.32 84.07 -5.36
N LEU C 1130 36.96 84.57 -4.17
CA LEU C 1130 36.58 85.97 -4.05
C LEU C 1130 37.78 86.91 -3.93
N GLN C 1131 38.97 86.38 -3.65
CA GLN C 1131 40.15 87.25 -3.53
C GLN C 1131 40.49 87.99 -4.83
N PRO C 1132 40.56 87.33 -6.00
CA PRO C 1132 40.83 88.11 -7.22
C PRO C 1132 39.76 89.16 -7.52
N GLU C 1133 38.52 88.90 -7.15
CA GLU C 1133 37.45 89.87 -7.36
C GLU C 1133 37.51 90.98 -6.33
N ILE D 2 -3.24 -92.82 25.06
CA ILE D 2 -2.28 -92.32 24.10
C ILE D 2 -1.36 -93.44 23.65
N VAL D 3 -1.45 -93.81 22.37
CA VAL D 3 -0.67 -94.89 21.79
C VAL D 3 0.05 -94.36 20.57
N LEU D 4 1.33 -94.69 20.44
CA LEU D 4 2.15 -94.28 19.30
C LEU D 4 2.35 -95.45 18.36
N THR D 5 2.07 -95.24 17.08
CA THR D 5 2.15 -96.27 16.06
C THR D 5 3.11 -95.84 14.98
N GLN D 6 3.97 -96.77 14.54
CA GLN D 6 4.93 -96.49 13.49
C GLN D 6 4.40 -97.06 12.17
N SER D 7 4.31 -96.22 11.14
CA SER D 7 3.69 -96.65 9.89
C SER D 7 4.56 -97.63 9.11
N PRO D 8 5.81 -97.31 8.77
CA PRO D 8 6.61 -98.26 7.99
C PRO D 8 7.00 -99.46 8.85
N GLY D 9 7.01 -100.64 8.24
CA GLY D 9 7.39 -101.85 8.94
C GLY D 9 8.90 -102.04 9.04
N THR D 10 9.55 -102.17 7.88
CA THR D 10 10.99 -102.38 7.83
C THR D 10 11.47 -102.02 6.44
N LEU D 11 12.63 -101.37 6.36
CA LEU D 11 13.21 -100.95 5.09
C LEU D 11 14.56 -101.61 4.89
N SER D 12 14.89 -101.91 3.64
CA SER D 12 16.18 -102.48 3.26
C SER D 12 16.72 -101.68 2.09
N LEU D 13 17.71 -100.84 2.33
CA LEU D 13 18.23 -99.96 1.29
C LEU D 13 19.75 -100.07 1.17
N SER D 14 20.35 -99.18 0.40
CA SER D 14 21.77 -99.12 0.15
C SER D 14 22.26 -97.72 0.47
N PRO D 15 23.55 -97.54 0.73
CA PRO D 15 24.07 -96.19 0.98
C PRO D 15 23.83 -95.29 -0.22
N GLY D 16 23.43 -94.04 0.06
CA GLY D 16 23.29 -93.05 -0.98
C GLY D 16 21.90 -92.53 -1.24
N GLU D 17 20.90 -93.40 -1.24
CA GLU D 17 19.56 -93.02 -1.66
C GLU D 17 18.75 -92.50 -0.47
N ARG D 18 17.44 -92.37 -0.67
CA ARG D 18 16.52 -91.78 0.29
C ARG D 18 15.75 -92.84 1.05
N ALA D 19 15.47 -92.55 2.33
CA ALA D 19 14.66 -93.42 3.17
C ALA D 19 13.82 -92.55 4.10
N THR D 20 12.60 -93.01 4.35
CA THR D 20 11.63 -92.24 5.14
C THR D 20 10.94 -93.16 6.13
N LEU D 21 10.83 -92.71 7.38
CA LEU D 21 10.07 -93.40 8.41
C LEU D 21 8.91 -92.53 8.87
N SER D 22 8.02 -93.12 9.65
CA SER D 22 6.83 -92.41 10.09
C SER D 22 6.34 -92.96 11.42
N CYS D 23 5.90 -92.06 12.29
CA CYS D 23 5.31 -92.41 13.57
C CYS D 23 3.96 -91.70 13.69
N ARG D 24 2.94 -92.44 14.10
CA ARG D 24 1.58 -91.91 14.19
C ARG D 24 1.08 -92.03 15.62
N ALA D 25 0.40 -90.99 16.09
CA ALA D 25 -0.13 -90.93 17.44
C ALA D 25 -1.64 -91.13 17.45
N SER D 26 -2.15 -91.61 18.59
CA SER D 26 -3.59 -91.81 18.71
C SER D 26 -4.34 -90.48 18.67
N GLN D 27 -3.79 -89.44 19.29
CA GLN D 27 -4.45 -88.15 19.37
C GLN D 27 -3.42 -87.05 19.14
N SER D 28 -3.89 -85.81 19.14
CA SER D 28 -3.00 -84.67 18.94
C SER D 28 -2.18 -84.40 20.19
N VAL D 29 -0.96 -83.91 19.98
CA VAL D 29 -0.08 -83.58 21.09
C VAL D 29 0.18 -82.07 21.12
N SER D 30 -0.40 -81.39 22.10
CA SER D 30 -0.18 -79.96 22.25
C SER D 30 1.18 -79.64 22.85
N SER D 31 1.72 -80.54 23.68
CA SER D 31 2.99 -80.27 24.34
C SER D 31 4.14 -80.26 23.35
N THR D 32 3.98 -80.92 22.20
CA THR D 32 4.98 -80.93 21.13
C THR D 32 6.34 -81.39 21.65
N PHE D 33 6.36 -82.60 22.21
CA PHE D 33 7.54 -83.15 22.84
C PHE D 33 7.92 -84.49 22.21
N LEU D 34 7.78 -84.59 20.90
CA LEU D 34 8.20 -85.80 20.21
C LEU D 34 9.72 -85.85 20.09
N ALA D 35 10.27 -87.05 20.22
CA ALA D 35 11.71 -87.25 20.15
C ALA D 35 12.01 -88.46 19.27
N TRP D 36 13.23 -88.49 18.75
CA TRP D 36 13.69 -89.59 17.91
C TRP D 36 14.98 -90.15 18.49
N TYR D 37 15.09 -91.47 18.51
CA TYR D 37 16.25 -92.15 19.07
C TYR D 37 16.72 -93.25 18.13
N GLN D 38 18.03 -93.48 18.12
CA GLN D 38 18.64 -94.55 17.36
C GLN D 38 19.41 -95.44 18.32
N GLN D 39 19.22 -96.75 18.19
CA GLN D 39 19.88 -97.72 19.07
C GLN D 39 20.65 -98.73 18.24
N LYS D 40 21.95 -98.75 18.41
CA LYS D 40 22.82 -99.81 17.93
C LYS D 40 22.70 -101.03 18.84
N PRO D 41 22.72 -102.23 18.28
CA PRO D 41 22.61 -103.44 19.11
C PRO D 41 23.72 -103.49 20.16
N GLY D 42 23.33 -103.84 21.38
CA GLY D 42 24.26 -103.90 22.48
C GLY D 42 24.68 -102.55 23.03
N GLN D 43 24.02 -101.47 22.63
CA GLN D 43 24.39 -100.14 23.07
C GLN D 43 23.14 -99.37 23.49
N ALA D 44 23.35 -98.35 24.33
CA ALA D 44 22.25 -97.50 24.75
C ALA D 44 21.79 -96.63 23.59
N PRO D 45 20.52 -96.24 23.59
CA PRO D 45 20.01 -95.36 22.53
C PRO D 45 20.65 -93.98 22.58
N ARG D 46 20.61 -93.30 21.44
CA ARG D 46 21.17 -91.96 21.31
C ARG D 46 20.08 -91.00 20.84
N LEU D 47 20.04 -89.83 21.46
CA LEU D 47 19.07 -88.82 21.09
C LEU D 47 19.39 -88.24 19.72
N LEU D 48 18.37 -88.08 18.90
CA LEU D 48 18.53 -87.53 17.56
C LEU D 48 17.83 -86.18 17.40
N ILE D 49 16.53 -86.12 17.67
CA ILE D 49 15.73 -84.92 17.47
C ILE D 49 14.94 -84.63 18.73
N TYR D 50 14.97 -83.39 19.18
CA TYR D 50 14.13 -82.94 20.28
C TYR D 50 13.21 -81.85 19.79
N GLY D 51 11.97 -81.88 20.27
CA GLY D 51 10.98 -80.95 19.77
C GLY D 51 10.54 -81.20 18.35
N ALA D 52 10.90 -82.36 17.78
CA ALA D 52 10.48 -82.79 16.45
C ALA D 52 11.02 -81.89 15.35
N SER D 53 11.82 -80.89 15.70
CA SER D 53 12.33 -79.97 14.69
C SER D 53 13.83 -79.78 14.80
N TYR D 54 14.38 -79.87 16.01
CA TYR D 54 15.77 -79.54 16.24
C TYR D 54 16.57 -80.79 16.55
N MET D 55 17.78 -80.87 16.01
CA MET D 55 18.65 -81.99 16.31
C MET D 55 19.53 -81.68 17.51
N ALA D 56 20.00 -82.74 18.17
CA ALA D 56 20.82 -82.62 19.36
C ALA D 56 22.26 -82.27 19.00
N THR D 57 23.12 -82.34 20.00
CA THR D 57 24.53 -82.05 19.81
C THR D 57 25.19 -83.15 18.99
N GLY D 58 26.11 -82.76 18.10
CA GLY D 58 26.89 -83.71 17.34
C GLY D 58 26.07 -84.56 16.39
N ILE D 59 25.17 -83.94 15.64
CA ILE D 59 24.27 -84.62 14.73
C ILE D 59 24.54 -84.12 13.32
N PRO D 60 24.79 -84.99 12.36
CA PRO D 60 25.01 -84.53 10.98
C PRO D 60 23.73 -84.00 10.35
N ASP D 61 23.90 -83.25 9.27
CA ASP D 61 22.80 -82.63 8.56
C ASP D 61 21.97 -83.61 7.75
N ARG D 62 22.43 -84.85 7.59
CA ARG D 62 21.64 -85.85 6.86
C ARG D 62 20.33 -86.11 7.58
N PHE D 63 20.36 -86.15 8.91
CA PHE D 63 19.16 -86.35 9.70
C PHE D 63 18.22 -85.16 9.52
N SER D 64 16.93 -85.44 9.36
CA SER D 64 15.92 -84.41 9.18
C SER D 64 14.54 -85.01 9.43
N GLY D 65 13.72 -84.29 10.19
CA GLY D 65 12.38 -84.74 10.51
C GLY D 65 11.42 -83.56 10.57
N SER D 66 10.12 -83.88 10.61
CA SER D 66 9.09 -82.86 10.65
C SER D 66 7.79 -83.51 11.10
N GLY D 67 6.72 -82.72 11.07
CA GLY D 67 5.40 -83.16 11.45
C GLY D 67 4.81 -82.31 12.56
N SER D 68 3.51 -82.48 12.74
CA SER D 68 2.77 -81.77 13.77
C SER D 68 1.41 -82.41 13.92
N GLY D 69 0.88 -82.37 15.14
CA GLY D 69 -0.44 -82.92 15.39
C GLY D 69 -0.42 -84.41 15.71
N THR D 70 -0.70 -85.23 14.70
CA THR D 70 -0.72 -86.67 14.87
C THR D 70 0.19 -87.41 13.90
N ASP D 71 0.91 -86.69 13.04
CA ASP D 71 1.81 -87.30 12.07
C ASP D 71 3.21 -86.73 12.20
N PHE D 72 4.19 -87.61 12.12
CA PHE D 72 5.60 -87.24 12.26
C PHE D 72 6.42 -88.17 11.39
N THR D 73 7.59 -87.67 10.96
CA THR D 73 8.42 -88.46 10.06
C THR D 73 9.87 -88.04 10.23
N LEU D 74 10.76 -88.95 9.84
CA LEU D 74 12.19 -88.70 9.83
C LEU D 74 12.74 -89.02 8.45
N THR D 75 13.60 -88.16 7.94
CA THR D 75 14.13 -88.29 6.59
C THR D 75 15.65 -88.30 6.65
N ILE D 76 16.26 -89.27 5.98
CA ILE D 76 17.72 -89.39 5.91
C ILE D 76 18.14 -89.11 4.48
N SER D 77 19.04 -88.14 4.31
CA SER D 77 19.42 -87.71 2.97
C SER D 77 20.23 -88.77 2.24
N ARG D 78 21.22 -89.34 2.91
CA ARG D 78 22.19 -90.21 2.24
C ARG D 78 22.64 -91.26 3.25
N LEU D 79 22.28 -92.52 2.98
CA LEU D 79 22.56 -93.60 3.93
C LEU D 79 24.06 -93.91 3.98
N GLU D 80 24.46 -94.50 5.10
CA GLU D 80 25.84 -94.88 5.36
C GLU D 80 25.89 -96.33 5.80
N PRO D 81 26.95 -97.05 5.46
CA PRO D 81 27.06 -98.46 5.88
C PRO D 81 27.07 -98.67 7.39
N GLU D 82 27.27 -97.62 8.18
CA GLU D 82 27.21 -97.77 9.64
C GLU D 82 25.83 -97.47 10.21
N ASP D 83 24.85 -97.14 9.37
CA ASP D 83 23.53 -96.75 9.83
C ASP D 83 22.62 -97.93 10.16
N PHE D 84 23.16 -99.14 10.29
CA PHE D 84 22.34 -100.30 10.63
C PHE D 84 21.99 -100.24 12.11
N ALA D 85 20.76 -99.84 12.41
CA ALA D 85 20.32 -99.71 13.80
C ALA D 85 18.80 -99.69 13.81
N VAL D 86 18.24 -99.50 15.00
CA VAL D 86 16.80 -99.44 15.21
C VAL D 86 16.44 -98.04 15.68
N TYR D 87 15.30 -97.54 15.22
CA TYR D 87 14.91 -96.16 15.45
C TYR D 87 13.50 -96.12 16.04
N TYR D 88 13.32 -95.33 17.09
CA TYR D 88 12.07 -95.25 17.84
C TYR D 88 11.48 -93.85 17.75
N CYS D 89 10.27 -93.70 18.29
CA CYS D 89 9.63 -92.40 18.41
C CYS D 89 9.00 -92.31 19.79
N GLN D 90 9.33 -91.26 20.53
CA GLN D 90 8.87 -91.11 21.91
C GLN D 90 8.27 -89.72 22.09
N GLN D 91 7.29 -89.63 22.99
CA GLN D 91 6.58 -88.39 23.26
C GLN D 91 6.55 -88.13 24.75
N TYR D 92 6.23 -86.88 25.11
CA TYR D 92 6.03 -86.49 26.49
C TYR D 92 4.88 -85.49 26.56
N GLY D 93 4.25 -85.43 27.72
CA GLY D 93 3.11 -84.56 27.94
C GLY D 93 2.27 -85.06 29.09
N SER D 94 0.97 -85.22 28.87
CA SER D 94 0.12 -85.87 29.87
C SER D 94 0.45 -87.35 30.02
N SER D 95 1.25 -87.91 29.11
CA SER D 95 1.70 -89.29 29.22
C SER D 95 3.09 -89.40 28.63
N LEU D 96 3.81 -90.44 29.05
CA LEU D 96 5.17 -90.69 28.58
C LEU D 96 5.20 -92.09 27.98
N THR D 97 5.30 -92.17 26.66
CA THR D 97 5.29 -93.44 25.96
C THR D 97 6.36 -93.45 24.87
N PHE D 98 6.95 -94.63 24.66
CA PHE D 98 7.92 -94.83 23.59
C PHE D 98 7.20 -95.31 22.34
N GLY D 99 7.99 -95.78 21.35
CA GLY D 99 7.43 -96.28 20.12
C GLY D 99 7.80 -97.74 19.90
N GLY D 100 7.14 -98.35 18.92
CA GLY D 100 7.41 -99.74 18.61
C GLY D 100 8.83 -99.96 18.10
N GLY D 101 9.27 -99.10 17.19
CA GLY D 101 10.63 -99.20 16.67
C GLY D 101 10.69 -100.01 15.39
N THR D 102 11.51 -99.53 14.46
CA THR D 102 11.77 -100.21 13.20
C THR D 102 13.27 -100.39 13.03
N LYS D 103 13.67 -101.62 12.72
CA LYS D 103 15.07 -101.93 12.51
C LYS D 103 15.45 -101.64 11.06
N LEU D 104 16.63 -101.05 10.88
CA LEU D 104 17.13 -100.69 9.56
C LEU D 104 18.49 -101.36 9.36
N GLU D 105 18.68 -101.98 8.20
CA GLU D 105 19.92 -102.65 7.86
C GLU D 105 20.44 -102.13 6.53
N ILE D 106 21.77 -102.16 6.39
CA ILE D 106 22.44 -101.61 5.23
C ILE D 106 23.07 -102.77 4.44
N LYS D 107 23.32 -102.51 3.16
CA LYS D 107 23.95 -103.51 2.30
C LYS D 107 25.01 -102.85 1.40
N SER D 122 29.47 -84.81 26.95
CA SER D 122 30.31 -85.91 27.42
C SER D 122 31.13 -85.49 28.64
N GLN D 123 30.87 -84.28 29.14
CA GLN D 123 31.55 -83.78 30.32
C GLN D 123 30.98 -84.37 31.60
N VAL D 124 29.79 -84.96 31.56
CA VAL D 124 29.17 -85.60 32.71
C VAL D 124 28.92 -87.06 32.34
N GLN D 125 29.35 -87.97 33.20
CA GLN D 125 29.26 -89.40 32.94
C GLN D 125 28.35 -90.06 33.95
N LEU D 126 27.63 -91.08 33.49
CA LEU D 126 26.69 -91.83 34.32
C LEU D 126 27.23 -93.23 34.55
N GLN D 127 27.36 -93.61 35.81
CA GLN D 127 27.83 -94.92 36.19
C GLN D 127 26.71 -95.66 36.93
N GLN D 128 26.49 -96.91 36.55
CA GLN D 128 25.44 -97.72 37.13
C GLN D 128 26.04 -98.80 38.03
N SER D 129 25.39 -99.01 39.18
CA SER D 129 25.85 -100.01 40.13
C SER D 129 24.65 -100.78 40.66
N GLY D 130 24.90 -102.03 41.04
CA GLY D 130 23.85 -102.90 41.53
C GLY D 130 24.01 -104.32 41.03
N PRO D 131 23.37 -105.27 41.70
CA PRO D 131 23.50 -106.66 41.30
C PRO D 131 22.85 -106.91 39.93
N GLY D 132 23.43 -107.86 39.20
CA GLY D 132 22.87 -108.25 37.92
C GLY D 132 22.05 -109.51 38.01
N LEU D 133 22.13 -110.19 39.16
CA LEU D 133 21.37 -111.40 39.42
C LEU D 133 20.73 -111.31 40.80
N VAL D 134 19.44 -111.59 40.87
CA VAL D 134 18.68 -111.51 42.12
C VAL D 134 17.75 -112.71 42.19
N LYS D 135 17.62 -113.28 43.39
CA LYS D 135 16.72 -114.40 43.60
C LYS D 135 15.28 -113.92 43.44
N PRO D 136 14.42 -114.68 42.75
CA PRO D 136 13.01 -114.29 42.64
C PRO D 136 12.35 -114.14 44.00
N SER D 137 11.45 -113.17 44.09
CA SER D 137 10.76 -112.84 45.34
C SER D 137 11.74 -112.34 46.40
N GLN D 138 12.58 -111.39 46.02
CA GLN D 138 13.51 -110.74 46.94
C GLN D 138 13.50 -109.25 46.64
N THR D 139 14.43 -108.53 47.27
CA THR D 139 14.56 -107.09 47.10
C THR D 139 15.63 -106.78 46.05
N LEU D 140 15.30 -105.93 45.10
CA LEU D 140 16.21 -105.52 44.05
C LEU D 140 16.55 -104.04 44.21
N SER D 141 17.84 -103.74 44.33
CA SER D 141 18.29 -102.37 44.54
C SER D 141 19.35 -102.02 43.51
N LEU D 142 19.13 -100.93 42.79
CA LEU D 142 20.08 -100.43 41.80
C LEU D 142 20.46 -99.00 42.16
N THR D 143 21.70 -98.64 41.86
CA THR D 143 22.20 -97.31 42.14
C THR D 143 22.95 -96.79 40.92
N CYS D 144 22.63 -95.56 40.53
CA CYS D 144 23.26 -94.91 39.37
C CYS D 144 24.13 -93.77 39.89
N SER D 145 25.44 -93.97 39.85
CA SER D 145 26.38 -92.94 40.28
C SER D 145 26.61 -91.94 39.16
N ILE D 146 26.60 -90.67 39.50
CA ILE D 146 26.82 -89.59 38.54
C ILE D 146 28.20 -88.98 38.79
N SER D 147 28.82 -88.50 37.74
CA SER D 147 30.15 -87.88 37.82
C SER D 147 30.17 -86.65 36.93
N GLY D 148 30.47 -85.50 37.52
CA GLY D 148 30.52 -84.24 36.78
C GLY D 148 29.32 -83.34 36.99
N ASP D 149 28.40 -83.68 37.89
CA ASP D 149 27.24 -82.85 38.14
C ASP D 149 26.71 -83.14 39.54
N SER D 150 25.77 -82.32 39.97
CA SER D 150 25.12 -82.46 41.27
C SER D 150 23.78 -83.16 41.09
N VAL D 151 23.56 -84.21 41.89
CA VAL D 151 22.27 -84.90 41.87
C VAL D 151 21.15 -83.98 42.34
N SER D 152 21.49 -82.93 43.10
CA SER D 152 20.52 -81.95 43.59
C SER D 152 20.44 -80.73 42.68
N SER D 153 20.70 -80.90 41.39
CA SER D 153 20.59 -79.78 40.46
C SER D 153 19.15 -79.29 40.40
N ASN D 154 18.99 -77.96 40.48
CA ASN D 154 17.66 -77.36 40.50
C ASN D 154 17.00 -77.40 39.14
N SER D 155 17.78 -77.54 38.06
CA SER D 155 17.22 -77.47 36.72
C SER D 155 17.44 -78.76 35.96
N ALA D 156 17.20 -79.91 36.60
CA ALA D 156 17.41 -81.19 35.95
C ALA D 156 16.54 -82.24 36.60
N ALA D 157 16.33 -83.34 35.87
CA ALA D 157 15.57 -84.47 36.37
C ALA D 157 16.26 -85.76 35.95
N TRP D 158 16.20 -86.76 36.83
CA TRP D 158 16.83 -88.05 36.59
C TRP D 158 15.74 -89.11 36.49
N ASN D 159 15.81 -89.92 35.45
CA ASN D 159 14.79 -90.90 35.12
C ASN D 159 15.36 -92.31 35.26
N TRP D 160 14.45 -93.27 35.37
CA TRP D 160 14.82 -94.69 35.37
C TRP D 160 14.06 -95.37 34.25
N ILE D 161 14.78 -96.04 33.36
CA ILE D 161 14.21 -96.67 32.18
C ILE D 161 14.77 -98.08 32.07
N ARG D 162 13.92 -98.99 31.57
CA ARG D 162 14.34 -100.36 31.32
C ARG D 162 13.77 -100.83 29.99
N GLN D 163 14.47 -101.78 29.38
CA GLN D 163 14.11 -102.29 28.06
C GLN D 163 14.11 -103.81 28.09
N SER D 164 13.02 -104.40 27.59
CA SER D 164 12.91 -105.84 27.44
C SER D 164 12.32 -106.14 26.06
N PRO D 165 12.71 -107.24 25.44
CA PRO D 165 12.13 -107.60 24.14
C PRO D 165 10.62 -107.82 24.21
N SER D 166 10.12 -108.31 25.35
CA SER D 166 8.69 -108.55 25.48
C SER D 166 7.89 -107.26 25.46
N ARG D 167 8.40 -106.21 26.10
CA ARG D 167 7.67 -104.96 26.27
C ARG D 167 8.31 -103.77 25.59
N GLY D 168 9.41 -103.96 24.86
CA GLY D 168 10.08 -102.85 24.24
C GLY D 168 10.69 -101.90 25.25
N LEU D 169 10.31 -100.63 25.16
CA LEU D 169 10.78 -99.61 26.10
C LEU D 169 9.65 -99.20 27.02
N GLU D 170 9.91 -99.21 28.33
CA GLU D 170 8.90 -98.93 29.33
C GLU D 170 9.45 -98.02 30.40
N TRP D 171 8.75 -96.91 30.65
CA TRP D 171 9.17 -95.93 31.63
C TRP D 171 8.90 -96.43 33.04
N LEU D 172 9.88 -96.27 33.93
CA LEU D 172 9.78 -96.78 35.28
C LEU D 172 9.42 -95.69 36.29
N GLY D 173 10.25 -94.65 36.40
CA GLY D 173 9.99 -93.63 37.39
C GLY D 173 11.06 -92.55 37.33
N ARG D 174 10.72 -91.41 37.91
CA ARG D 174 11.62 -90.25 37.91
C ARG D 174 11.63 -89.63 39.29
N THR D 175 12.69 -88.87 39.56
CA THR D 175 12.76 -88.02 40.73
C THR D 175 13.47 -86.73 40.34
N TYR D 176 13.21 -85.67 41.11
CA TYR D 176 13.81 -84.37 40.84
C TYR D 176 13.74 -83.54 42.11
N TYR D 177 14.60 -82.52 42.17
CA TYR D 177 14.70 -81.68 43.36
C TYR D 177 14.71 -80.22 42.91
N ARG D 178 13.73 -79.45 43.39
CA ARG D 178 13.72 -78.01 43.20
C ARG D 178 13.93 -77.28 44.52
N SER D 179 13.07 -77.55 45.50
CA SER D 179 13.24 -77.16 46.89
C SER D 179 13.23 -78.35 47.82
N LYS D 180 12.36 -79.32 47.55
CA LYS D 180 12.34 -80.61 48.20
C LYS D 180 12.46 -81.68 47.12
N TRP D 181 12.31 -82.93 47.50
CA TRP D 181 12.42 -84.04 46.56
C TRP D 181 11.03 -84.53 46.15
N TYR D 182 10.87 -84.76 44.86
CA TYR D 182 9.58 -85.15 44.31
C TYR D 182 9.74 -86.46 43.57
N ASN D 183 8.70 -87.30 43.63
CA ASN D 183 8.76 -88.64 43.06
C ASN D 183 7.58 -88.86 42.13
N ASP D 184 7.81 -89.68 41.11
CA ASP D 184 6.78 -90.11 40.19
C ASP D 184 7.09 -91.53 39.73
N TYR D 185 6.05 -92.35 39.59
CA TYR D 185 6.24 -93.75 39.27
C TYR D 185 5.21 -94.20 38.25
N ALA D 186 5.52 -95.29 37.57
CA ALA D 186 4.60 -95.88 36.60
C ALA D 186 3.39 -96.48 37.31
N GLY D 187 2.22 -96.32 36.68
CA GLY D 187 0.98 -96.72 37.31
C GLY D 187 0.92 -98.20 37.65
N THR D 188 1.47 -99.05 36.78
CA THR D 188 1.45 -100.49 37.04
C THR D 188 2.27 -100.84 38.28
N VAL D 189 3.40 -100.18 38.46
CA VAL D 189 4.35 -100.55 39.50
C VAL D 189 4.34 -99.54 40.65
N LYS D 190 3.22 -98.83 40.84
CA LYS D 190 3.15 -97.87 41.95
C LYS D 190 3.35 -98.57 43.29
N SER D 191 2.71 -99.73 43.48
CA SER D 191 2.76 -100.42 44.76
C SER D 191 4.06 -101.17 44.99
N ARG D 192 4.92 -101.30 43.98
CA ARG D 192 6.11 -102.13 44.09
C ARG D 192 7.35 -101.38 43.62
N ILE D 193 7.56 -100.16 44.13
CA ILE D 193 8.64 -99.31 43.63
C ILE D 193 9.20 -98.48 44.78
N ALA D 194 10.49 -98.16 44.68
CA ALA D 194 11.16 -97.26 45.62
C ALA D 194 12.39 -96.67 44.96
N ILE D 195 12.57 -95.36 45.14
CA ILE D 195 13.74 -94.65 44.63
C ILE D 195 14.33 -93.83 45.76
N ASN D 196 15.66 -93.76 45.82
CA ASN D 196 16.34 -93.06 46.91
C ASN D 196 17.51 -92.25 46.36
N PRO D 197 17.43 -90.94 46.36
CA PRO D 197 18.59 -90.11 46.02
C PRO D 197 19.52 -89.98 47.23
N ASP D 198 20.74 -89.53 46.95
CA ASP D 198 21.73 -89.35 48.02
C ASP D 198 22.69 -88.25 47.58
N THR D 199 22.48 -87.04 48.10
CA THR D 199 23.36 -85.93 47.79
C THR D 199 24.72 -86.03 48.50
N SER D 200 24.79 -86.80 49.59
CA SER D 200 26.06 -86.94 50.29
C SER D 200 27.13 -87.56 49.40
N LYS D 201 26.78 -88.62 48.68
CA LYS D 201 27.68 -89.22 47.70
C LYS D 201 27.31 -88.84 46.27
N ASN D 202 26.38 -87.90 46.10
CA ASN D 202 25.99 -87.38 44.78
C ASN D 202 25.55 -88.51 43.86
N GLN D 203 24.60 -89.31 44.36
CA GLN D 203 24.06 -90.43 43.60
C GLN D 203 22.59 -90.59 43.91
N PHE D 204 21.90 -91.37 43.08
CA PHE D 204 20.52 -91.75 43.33
C PHE D 204 20.38 -93.24 43.10
N SER D 205 19.52 -93.88 43.89
CA SER D 205 19.39 -95.32 43.89
C SER D 205 17.95 -95.74 43.65
N LEU D 206 17.78 -96.86 42.96
CA LEU D 206 16.48 -97.45 42.68
C LEU D 206 16.33 -98.71 43.53
N HIS D 207 15.16 -98.87 44.16
CA HIS D 207 14.93 -99.97 45.06
C HIS D 207 13.61 -100.66 44.71
N LEU D 208 13.68 -101.98 44.57
CA LEU D 208 12.51 -102.81 44.30
C LEU D 208 12.31 -103.72 45.49
N ASN D 209 11.20 -103.54 46.21
CA ASN D 209 10.92 -104.40 47.36
C ASN D 209 10.70 -105.84 46.93
N SER D 210 10.03 -106.04 45.80
CA SER D 210 9.76 -107.38 45.27
C SER D 210 10.27 -107.48 43.84
N VAL D 211 10.67 -108.69 43.46
CA VAL D 211 11.16 -108.98 42.12
C VAL D 211 10.42 -110.19 41.57
N THR D 212 10.12 -110.15 40.28
CA THR D 212 9.35 -111.18 39.61
C THR D 212 10.10 -111.62 38.35
N PRO D 213 9.81 -112.83 37.85
CA PRO D 213 10.53 -113.31 36.65
C PRO D 213 10.37 -112.41 35.44
N GLU D 214 9.21 -111.77 35.28
CA GLU D 214 9.01 -110.90 34.12
C GLU D 214 9.75 -109.58 34.23
N ASP D 215 10.36 -109.29 35.40
CA ASP D 215 11.13 -108.06 35.55
C ASP D 215 12.44 -108.10 34.77
N THR D 216 12.82 -109.25 34.21
CA THR D 216 14.05 -109.35 33.43
C THR D 216 14.02 -108.38 32.26
N ALA D 217 14.92 -107.41 32.29
CA ALA D 217 14.99 -106.38 31.26
C ALA D 217 16.39 -105.76 31.31
N VAL D 218 16.63 -104.82 30.42
CA VAL D 218 17.89 -104.09 30.35
C VAL D 218 17.65 -102.69 30.89
N TYR D 219 18.38 -102.31 31.93
CA TYR D 219 18.07 -101.15 32.74
C TYR D 219 19.08 -100.04 32.52
N PHE D 220 18.58 -98.80 32.42
CA PHE D 220 19.40 -97.62 32.21
C PHE D 220 18.96 -96.51 33.15
N CYS D 221 19.88 -95.61 33.45
CA CYS D 221 19.58 -94.37 34.16
C CYS D 221 19.93 -93.20 33.26
N ALA D 222 19.03 -92.22 33.17
CA ALA D 222 19.19 -91.12 32.24
C ALA D 222 18.85 -89.81 32.93
N ARG D 223 19.39 -88.72 32.38
CA ARG D 223 19.14 -87.38 32.87
C ARG D 223 18.32 -86.59 31.86
N VAL D 224 17.42 -85.76 32.37
CA VAL D 224 16.52 -84.98 31.53
C VAL D 224 16.65 -83.51 31.92
N ILE D 225 16.71 -82.64 30.92
CA ILE D 225 16.79 -81.19 31.13
C ILE D 225 15.52 -80.56 30.59
N SER D 226 14.89 -79.71 31.40
CA SER D 226 13.59 -79.14 31.02
C SER D 226 13.69 -78.24 29.79
N VAL D 227 14.66 -77.32 29.78
CA VAL D 227 14.76 -76.37 28.67
C VAL D 227 15.17 -77.03 27.36
N ALA D 228 15.48 -78.33 27.38
CA ALA D 228 15.86 -79.06 26.19
C ALA D 228 14.72 -79.94 25.67
N GLY D 229 13.49 -79.48 25.86
CA GLY D 229 12.35 -80.24 25.36
C GLY D 229 12.12 -81.56 26.05
N TYR D 230 12.59 -81.72 27.28
CA TYR D 230 12.34 -82.92 28.07
C TYR D 230 12.84 -84.18 27.37
N ALA D 231 13.92 -84.04 26.62
CA ALA D 231 14.53 -85.18 25.92
C ALA D 231 15.49 -85.91 26.85
N PHE D 232 15.73 -87.18 26.55
CA PHE D 232 16.62 -88.01 27.35
C PHE D 232 18.05 -87.75 26.91
N ASP D 233 18.70 -86.77 27.53
CA ASP D 233 19.96 -86.24 27.02
C ASP D 233 21.11 -87.23 27.19
N ILE D 234 21.44 -87.57 28.44
CA ILE D 234 22.62 -88.37 28.75
C ILE D 234 22.17 -89.62 29.46
N TRP D 235 22.71 -90.76 29.05
CA TRP D 235 22.28 -92.06 29.53
C TRP D 235 23.36 -92.72 30.38
N GLY D 236 22.99 -93.86 30.96
CA GLY D 236 23.91 -94.64 31.76
C GLY D 236 24.56 -95.76 30.96
N GLN D 237 25.45 -96.48 31.64
CA GLN D 237 26.15 -97.59 30.99
C GLN D 237 25.20 -98.74 30.68
N GLY D 238 24.16 -98.92 31.47
CA GLY D 238 23.19 -99.96 31.23
C GLY D 238 23.56 -101.28 31.86
N THR D 239 22.66 -101.83 32.68
CA THR D 239 22.94 -103.04 33.42
C THR D 239 21.96 -104.14 33.03
N MET D 240 22.47 -105.37 33.01
CA MET D 240 21.66 -106.54 32.72
C MET D 240 21.06 -107.08 34.01
N VAL D 241 19.76 -107.40 33.96
CA VAL D 241 19.07 -108.01 35.09
C VAL D 241 18.43 -109.30 34.61
N THR D 242 18.88 -110.43 35.16
CA THR D 242 18.35 -111.75 34.82
C THR D 242 17.75 -112.36 36.07
N VAL D 243 16.51 -112.81 35.96
CA VAL D 243 15.78 -113.41 37.08
C VAL D 243 15.72 -114.91 36.83
N SER D 244 16.39 -115.68 37.69
CA SER D 244 16.42 -117.13 37.55
C SER D 244 16.71 -117.74 38.90
N SER D 245 16.42 -119.04 39.01
CA SER D 245 16.64 -119.77 40.25
C SER D 245 18.06 -120.32 40.32
N ILE E 2 5.63 -53.80 -1.05
CA ILE E 2 4.36 -53.31 -0.53
C ILE E 2 3.61 -54.44 0.13
N VAL E 3 3.04 -54.17 1.30
CA VAL E 3 2.32 -55.17 2.08
C VAL E 3 0.95 -54.61 2.44
N LEU E 4 -0.09 -55.41 2.24
CA LEU E 4 -1.45 -55.03 2.57
C LEU E 4 -1.85 -55.68 3.88
N THR E 5 -2.47 -54.90 4.77
CA THR E 5 -2.89 -55.38 6.07
C THR E 5 -4.41 -55.28 6.20
N GLN E 6 -5.06 -56.41 6.41
CA GLN E 6 -6.49 -56.44 6.64
C GLN E 6 -6.77 -55.96 8.05
N SER E 7 -7.36 -54.79 8.19
CA SER E 7 -7.44 -54.16 9.50
C SER E 7 -8.49 -54.84 10.40
N PRO E 8 -9.76 -54.91 10.03
CA PRO E 8 -10.74 -55.57 10.91
C PRO E 8 -10.59 -57.08 10.81
N GLY E 9 -10.64 -57.76 11.95
CA GLY E 9 -10.43 -59.19 11.97
C GLY E 9 -11.63 -59.99 11.52
N THR E 10 -12.73 -59.90 12.27
CA THR E 10 -13.92 -60.68 11.98
C THR E 10 -15.12 -59.93 12.54
N LEU E 11 -16.21 -59.93 11.79
CA LEU E 11 -17.42 -59.21 12.16
C LEU E 11 -18.63 -60.13 11.99
N SER E 12 -19.63 -59.95 12.85
CA SER E 12 -20.90 -60.65 12.75
C SER E 12 -22.02 -59.63 12.89
N LEU E 13 -22.94 -59.63 11.92
CA LEU E 13 -24.04 -58.67 11.94
C LEU E 13 -25.39 -59.37 11.74
N SER E 14 -26.43 -58.57 11.58
CA SER E 14 -27.79 -59.04 11.35
C SER E 14 -28.31 -58.42 10.06
N PRO E 15 -29.31 -59.01 9.42
CA PRO E 15 -29.81 -58.46 8.17
C PRO E 15 -30.31 -57.03 8.34
N GLY E 16 -30.03 -56.20 7.35
CA GLY E 16 -30.63 -54.88 7.27
C GLY E 16 -29.68 -53.70 7.40
N GLU E 17 -28.74 -53.77 8.33
CA GLU E 17 -27.90 -52.61 8.63
C GLU E 17 -26.62 -52.64 7.78
N ARG E 18 -25.66 -51.80 8.13
CA ARG E 18 -24.47 -51.58 7.34
C ARG E 18 -23.30 -52.40 7.85
N ALA E 19 -22.25 -52.46 7.02
CA ALA E 19 -21.00 -53.11 7.38
C ALA E 19 -19.85 -52.29 6.80
N THR E 20 -18.77 -52.19 7.57
CA THR E 20 -17.62 -51.38 7.20
C THR E 20 -16.36 -52.21 7.26
N LEU E 21 -15.57 -52.19 6.19
CA LEU E 21 -14.30 -52.90 6.11
C LEU E 21 -13.15 -51.92 6.14
N SER E 22 -11.94 -52.45 6.05
CA SER E 22 -10.76 -51.60 6.01
C SER E 22 -9.60 -52.36 5.40
N CYS E 23 -8.65 -51.61 4.83
CA CYS E 23 -7.44 -52.15 4.24
C CYS E 23 -6.37 -51.08 4.34
N ARG E 24 -5.21 -51.43 4.89
CA ARG E 24 -4.13 -50.49 5.11
C ARG E 24 -2.89 -50.94 4.38
N ALA E 25 -2.25 -50.00 3.69
CA ALA E 25 -1.07 -50.28 2.89
C ALA E 25 0.20 -50.00 3.68
N SER E 26 1.25 -50.77 3.39
CA SER E 26 2.54 -50.56 4.03
C SER E 26 3.11 -49.20 3.64
N GLN E 27 2.95 -48.80 2.38
CA GLN E 27 3.36 -47.48 1.93
C GLN E 27 2.51 -47.10 0.72
N SER E 28 2.83 -45.95 0.12
CA SER E 28 1.94 -45.33 -0.85
C SER E 28 1.80 -46.17 -2.11
N VAL E 29 0.57 -46.24 -2.62
CA VAL E 29 0.29 -46.88 -3.90
C VAL E 29 -0.01 -45.81 -4.95
N SER E 30 1.03 -45.40 -5.67
CA SER E 30 0.86 -44.35 -6.67
C SER E 30 0.08 -44.83 -7.89
N SER E 31 0.03 -46.14 -8.13
CA SER E 31 -0.72 -46.65 -9.27
C SER E 31 -2.21 -46.59 -9.03
N THR E 32 -2.65 -46.75 -7.77
CA THR E 32 -4.05 -46.68 -7.39
C THR E 32 -4.89 -47.70 -8.16
N PHE E 33 -4.59 -48.96 -7.93
CA PHE E 33 -5.27 -50.07 -8.59
C PHE E 33 -5.83 -51.05 -7.57
N LEU E 34 -6.40 -50.55 -6.49
CA LEU E 34 -6.96 -51.42 -5.46
C LEU E 34 -8.28 -52.02 -5.92
N ALA E 35 -8.53 -53.25 -5.49
CA ALA E 35 -9.72 -53.98 -5.89
C ALA E 35 -10.23 -54.79 -4.71
N TRP E 36 -11.44 -55.31 -4.83
CA TRP E 36 -12.10 -56.07 -3.77
C TRP E 36 -12.80 -57.27 -4.35
N TYR E 37 -12.53 -58.44 -3.78
CA TYR E 37 -13.09 -59.71 -4.24
C TYR E 37 -13.93 -60.33 -3.15
N GLN E 38 -14.97 -61.07 -3.55
CA GLN E 38 -15.82 -61.79 -2.62
C GLN E 38 -15.82 -63.26 -3.02
N GLN E 39 -15.57 -64.13 -2.04
CA GLN E 39 -15.47 -65.56 -2.32
C GLN E 39 -16.43 -66.34 -1.43
N LYS E 40 -17.35 -67.04 -2.04
CA LYS E 40 -18.17 -68.01 -1.34
C LYS E 40 -17.40 -69.32 -1.19
N PRO E 41 -17.72 -70.12 -0.18
CA PRO E 41 -17.03 -71.40 -0.01
C PRO E 41 -17.27 -72.33 -1.20
N GLY E 42 -16.22 -73.03 -1.60
CA GLY E 42 -16.32 -73.98 -2.68
C GLY E 42 -16.42 -73.38 -4.07
N GLN E 43 -16.16 -72.08 -4.22
CA GLN E 43 -16.31 -71.41 -5.50
C GLN E 43 -15.13 -70.47 -5.71
N ALA E 44 -14.93 -70.10 -6.98
CA ALA E 44 -13.89 -69.15 -7.31
C ALA E 44 -14.29 -67.75 -6.84
N PRO E 45 -13.32 -66.90 -6.53
CA PRO E 45 -13.63 -65.54 -6.13
C PRO E 45 -14.33 -64.77 -7.24
N ARG E 46 -14.91 -63.63 -6.85
CA ARG E 46 -15.65 -62.77 -7.77
C ARG E 46 -15.15 -61.34 -7.60
N LEU E 47 -15.20 -60.57 -8.67
CA LEU E 47 -14.73 -59.20 -8.61
C LEU E 47 -15.88 -58.27 -8.25
N LEU E 48 -15.60 -57.26 -7.43
CA LEU E 48 -16.59 -56.28 -7.02
C LEU E 48 -16.25 -54.87 -7.50
N ILE E 49 -15.06 -54.37 -7.21
CA ILE E 49 -14.68 -53.01 -7.50
C ILE E 49 -13.26 -52.99 -8.05
N TYR E 50 -13.00 -52.13 -9.03
CA TYR E 50 -11.66 -51.83 -9.48
C TYR E 50 -11.45 -50.32 -9.47
N GLY E 51 -10.19 -49.91 -9.38
CA GLY E 51 -9.90 -48.50 -9.22
C GLY E 51 -10.35 -47.92 -7.90
N ALA E 52 -10.81 -48.78 -6.98
CA ALA E 52 -11.25 -48.43 -5.64
C ALA E 52 -12.61 -47.76 -5.60
N SER E 53 -13.18 -47.44 -6.77
CA SER E 53 -14.48 -46.78 -6.77
C SER E 53 -15.46 -47.34 -7.78
N TYR E 54 -14.95 -47.88 -8.90
CA TYR E 54 -15.80 -48.20 -10.04
C TYR E 54 -16.37 -49.59 -9.92
N MET E 55 -17.66 -49.71 -10.22
CA MET E 55 -18.37 -50.97 -10.04
C MET E 55 -18.04 -51.95 -11.15
N ALA E 56 -18.21 -53.23 -10.84
CA ALA E 56 -17.96 -54.30 -11.78
C ALA E 56 -19.23 -54.61 -12.57
N THR E 57 -19.24 -55.74 -13.27
CA THR E 57 -20.38 -56.12 -14.09
C THR E 57 -21.45 -56.79 -13.25
N GLY E 58 -22.67 -56.28 -13.32
CA GLY E 58 -23.80 -56.90 -12.66
C GLY E 58 -23.70 -56.92 -11.14
N ILE E 59 -23.34 -55.79 -10.55
CA ILE E 59 -23.19 -55.65 -9.11
C ILE E 59 -24.22 -54.64 -8.62
N PRO E 60 -24.97 -54.93 -7.56
CA PRO E 60 -25.94 -53.96 -7.05
C PRO E 60 -25.25 -52.72 -6.50
N ASP E 61 -26.08 -51.75 -6.09
CA ASP E 61 -25.59 -50.46 -5.64
C ASP E 61 -25.26 -50.46 -4.16
N ARG E 62 -25.53 -51.55 -3.45
CA ARG E 62 -25.20 -51.61 -2.03
C ARG E 62 -23.71 -51.41 -1.80
N PHE E 63 -22.89 -51.84 -2.74
CA PHE E 63 -21.45 -51.84 -2.55
C PHE E 63 -20.86 -50.50 -2.99
N SER E 64 -20.00 -49.93 -2.15
CA SER E 64 -19.31 -48.69 -2.50
C SER E 64 -17.97 -48.66 -1.79
N GLY E 65 -16.95 -48.22 -2.52
CA GLY E 65 -15.60 -48.16 -2.00
C GLY E 65 -15.02 -46.77 -2.09
N SER E 66 -14.05 -46.49 -1.23
CA SER E 66 -13.40 -45.19 -1.23
C SER E 66 -12.03 -45.34 -0.58
N GLY E 67 -11.22 -44.30 -0.73
CA GLY E 67 -9.89 -44.27 -0.17
C GLY E 67 -8.84 -43.92 -1.21
N SER E 68 -7.65 -43.61 -0.69
CA SER E 68 -6.52 -43.23 -1.53
C SER E 68 -5.26 -43.12 -0.68
N GLY E 69 -4.10 -43.23 -1.32
CA GLY E 69 -2.85 -43.04 -0.60
C GLY E 69 -2.34 -44.30 0.07
N THR E 70 -2.61 -44.44 1.37
CA THR E 70 -2.20 -45.59 2.13
C THR E 70 -3.34 -46.24 2.91
N ASP E 71 -4.58 -45.90 2.64
CA ASP E 71 -5.73 -46.51 3.30
C ASP E 71 -6.92 -46.58 2.36
N PHE E 72 -7.76 -47.58 2.55
CA PHE E 72 -8.93 -47.81 1.72
C PHE E 72 -10.00 -48.50 2.55
N THR E 73 -11.24 -48.40 2.09
CA THR E 73 -12.36 -48.98 2.83
C THR E 73 -13.50 -49.31 1.89
N LEU E 74 -14.17 -50.42 2.17
CA LEU E 74 -15.36 -50.85 1.45
C LEU E 74 -16.53 -50.89 2.41
N THR E 75 -17.69 -50.42 1.96
CA THR E 75 -18.86 -50.30 2.80
C THR E 75 -20.05 -51.01 2.15
N ILE E 76 -20.80 -51.74 2.95
CA ILE E 76 -22.02 -52.41 2.50
C ILE E 76 -23.21 -51.67 3.08
N SER E 77 -24.10 -51.19 2.22
CA SER E 77 -25.16 -50.30 2.67
C SER E 77 -26.27 -51.07 3.39
N ARG E 78 -26.60 -52.26 2.92
CA ARG E 78 -27.75 -52.99 3.45
C ARG E 78 -27.47 -54.48 3.31
N LEU E 79 -27.25 -55.15 4.43
CA LEU E 79 -26.88 -56.55 4.39
C LEU E 79 -28.06 -57.42 3.95
N GLU E 80 -27.71 -58.56 3.36
CA GLU E 80 -28.61 -59.56 2.81
C GLU E 80 -28.11 -60.92 3.27
N PRO E 81 -28.98 -61.75 3.86
CA PRO E 81 -28.50 -62.96 4.53
C PRO E 81 -27.74 -63.95 3.66
N GLU E 82 -27.55 -63.68 2.36
CA GLU E 82 -26.71 -64.56 1.55
C GLU E 82 -25.27 -64.09 1.48
N ASP E 83 -24.94 -62.92 2.03
CA ASP E 83 -23.60 -62.35 1.91
C ASP E 83 -22.61 -62.90 2.92
N PHE E 84 -22.80 -64.10 3.46
CA PHE E 84 -21.76 -64.72 4.26
C PHE E 84 -20.67 -65.22 3.31
N ALA E 85 -19.51 -64.56 3.36
CA ALA E 85 -18.42 -64.89 2.46
C ALA E 85 -17.13 -64.30 3.05
N VAL E 86 -16.08 -64.27 2.24
CA VAL E 86 -14.80 -63.70 2.63
C VAL E 86 -14.43 -62.63 1.61
N TYR E 87 -13.83 -61.54 2.09
CA TYR E 87 -13.56 -60.38 1.27
C TYR E 87 -12.07 -60.05 1.33
N TYR E 88 -11.45 -59.91 0.17
CA TYR E 88 -10.02 -59.71 0.06
C TYR E 88 -9.70 -58.30 -0.44
N CYS E 89 -8.42 -58.05 -0.69
CA CYS E 89 -7.94 -56.70 -0.96
C CYS E 89 -6.65 -56.84 -1.75
N GLN E 90 -6.66 -56.43 -3.02
CA GLN E 90 -5.55 -56.67 -3.93
C GLN E 90 -5.08 -55.36 -4.54
N GLN E 91 -3.79 -55.30 -4.87
CA GLN E 91 -3.19 -54.12 -5.47
C GLN E 91 -2.33 -54.54 -6.66
N TYR E 92 -1.84 -53.53 -7.39
CA TYR E 92 -0.94 -53.75 -8.51
C TYR E 92 -0.07 -52.53 -8.69
N GLY E 93 1.12 -52.76 -9.25
CA GLY E 93 2.10 -51.70 -9.41
C GLY E 93 3.50 -52.27 -9.53
N SER E 94 4.42 -51.77 -8.70
CA SER E 94 5.75 -52.34 -8.67
C SER E 94 5.76 -53.78 -8.16
N SER E 95 4.66 -54.24 -7.57
CA SER E 95 4.55 -55.62 -7.14
C SER E 95 3.07 -55.98 -7.02
N LEU E 96 2.78 -57.27 -7.13
CA LEU E 96 1.41 -57.78 -7.08
C LEU E 96 1.26 -58.61 -5.82
N THR E 97 0.48 -58.11 -4.86
CA THR E 97 0.30 -58.76 -3.59
C THR E 97 -1.17 -58.71 -3.17
N PHE E 98 -1.63 -59.78 -2.54
CA PHE E 98 -3.00 -59.86 -2.05
C PHE E 98 -3.06 -59.36 -0.61
N GLY E 99 -4.19 -59.60 0.05
CA GLY E 99 -4.37 -59.25 1.44
C GLY E 99 -4.85 -60.43 2.25
N GLY E 100 -4.89 -60.24 3.57
CA GLY E 100 -5.27 -61.33 4.45
C GLY E 100 -6.70 -61.77 4.28
N GLY E 101 -7.62 -60.81 4.20
CA GLY E 101 -9.02 -61.11 4.04
C GLY E 101 -9.79 -61.06 5.34
N THR E 102 -11.08 -60.75 5.23
CA THR E 102 -11.99 -60.65 6.35
C THR E 102 -13.12 -61.64 6.20
N LYS E 103 -13.43 -62.35 7.28
CA LYS E 103 -14.58 -63.24 7.31
C LYS E 103 -15.79 -62.47 7.80
N LEU E 104 -16.91 -62.63 7.09
CA LEU E 104 -18.17 -61.98 7.44
C LEU E 104 -19.30 -62.99 7.29
N GLU E 105 -20.11 -63.12 8.33
CA GLU E 105 -21.21 -64.07 8.36
C GLU E 105 -22.44 -63.42 8.96
N ILE E 106 -23.61 -63.94 8.58
CA ILE E 106 -24.88 -63.35 8.97
C ILE E 106 -25.58 -64.31 9.92
N LYS E 107 -26.46 -63.76 10.75
CA LYS E 107 -27.26 -64.56 11.66
C LYS E 107 -28.74 -64.20 11.53
N SER E 122 -20.01 -63.33 -18.50
CA SER E 122 -20.49 -64.69 -18.72
C SER E 122 -20.35 -65.09 -20.18
N GLN E 123 -19.75 -64.21 -20.98
CA GLN E 123 -19.54 -64.47 -22.39
C GLN E 123 -18.19 -65.10 -22.69
N VAL E 124 -17.30 -65.17 -21.70
CA VAL E 124 -16.00 -65.81 -21.84
C VAL E 124 -15.82 -66.76 -20.67
N GLN E 125 -15.44 -68.01 -20.96
CA GLN E 125 -15.31 -69.04 -19.95
C GLN E 125 -13.92 -69.66 -20.04
N LEU E 126 -13.39 -70.03 -18.87
CA LEU E 126 -12.09 -70.68 -18.77
C LEU E 126 -12.31 -72.05 -18.14
N GLN E 127 -11.70 -73.08 -18.72
CA GLN E 127 -11.87 -74.45 -18.25
C GLN E 127 -10.51 -75.04 -17.91
N GLN E 128 -10.42 -75.68 -16.74
CA GLN E 128 -9.18 -76.26 -16.25
C GLN E 128 -9.22 -77.78 -16.34
N SER E 129 -8.04 -78.37 -16.53
CA SER E 129 -7.92 -79.82 -16.58
C SER E 129 -6.48 -80.20 -16.27
N GLY E 130 -6.30 -81.42 -15.76
CA GLY E 130 -4.99 -81.93 -15.43
C GLY E 130 -5.01 -82.86 -14.25
N PRO E 131 -3.87 -83.49 -13.96
CA PRO E 131 -3.81 -84.40 -12.81
C PRO E 131 -3.95 -83.66 -11.49
N GLY E 132 -4.55 -84.33 -10.52
CA GLY E 132 -4.74 -83.76 -9.20
C GLY E 132 -3.83 -84.34 -8.16
N LEU E 133 -3.12 -85.42 -8.51
CA LEU E 133 -2.19 -86.08 -7.61
C LEU E 133 -0.90 -86.36 -8.36
N VAL E 134 0.22 -86.13 -7.68
CA VAL E 134 1.54 -86.29 -8.29
C VAL E 134 2.48 -86.94 -7.29
N LYS E 135 3.33 -87.83 -7.78
CA LYS E 135 4.42 -88.37 -6.98
C LYS E 135 5.37 -87.24 -6.63
N PRO E 136 5.74 -87.06 -5.36
CA PRO E 136 6.68 -85.99 -5.01
C PRO E 136 7.96 -86.04 -5.83
N SER E 137 8.61 -84.87 -5.93
CA SER E 137 9.82 -84.69 -6.74
C SER E 137 9.57 -85.07 -8.21
N GLN E 138 8.44 -84.61 -8.74
CA GLN E 138 8.11 -84.85 -10.15
C GLN E 138 7.54 -83.59 -10.79
N THR E 139 7.01 -83.73 -12.00
CA THR E 139 6.51 -82.60 -12.77
C THR E 139 5.00 -82.46 -12.60
N LEU E 140 4.54 -81.21 -12.49
CA LEU E 140 3.13 -80.88 -12.39
C LEU E 140 2.73 -80.07 -13.62
N SER E 141 1.64 -80.48 -14.26
CA SER E 141 1.17 -79.81 -15.47
C SER E 141 -0.32 -79.58 -15.39
N LEU E 142 -0.73 -78.36 -15.74
CA LEU E 142 -2.14 -77.98 -15.81
C LEU E 142 -2.40 -77.33 -17.16
N THR E 143 -3.68 -77.13 -17.47
CA THR E 143 -4.06 -76.50 -18.73
C THR E 143 -5.37 -75.74 -18.53
N CYS E 144 -5.42 -74.52 -19.07
CA CYS E 144 -6.59 -73.65 -18.96
C CYS E 144 -7.03 -73.26 -20.36
N SER E 145 -8.07 -73.92 -20.88
CA SER E 145 -8.56 -73.66 -22.22
C SER E 145 -9.36 -72.37 -22.26
N ILE E 146 -9.42 -71.75 -23.44
CA ILE E 146 -10.10 -70.48 -23.64
C ILE E 146 -11.21 -70.70 -24.67
N SER E 147 -12.41 -70.23 -24.33
CA SER E 147 -13.56 -70.29 -25.23
C SER E 147 -14.24 -68.93 -25.24
N GLY E 148 -14.13 -68.22 -26.36
CA GLY E 148 -14.71 -66.90 -26.49
C GLY E 148 -13.72 -65.78 -26.75
N ASP E 149 -12.43 -66.08 -26.85
CA ASP E 149 -11.43 -65.06 -27.11
C ASP E 149 -10.18 -65.71 -27.70
N SER E 150 -9.27 -64.88 -28.18
CA SER E 150 -8.02 -65.33 -28.77
C SER E 150 -6.88 -65.13 -27.78
N VAL E 151 -6.13 -66.21 -27.52
CA VAL E 151 -5.08 -66.19 -26.51
C VAL E 151 -4.01 -65.15 -26.83
N SER E 152 -3.86 -64.78 -28.09
CA SER E 152 -2.87 -63.79 -28.51
C SER E 152 -3.45 -62.39 -28.59
N SER E 153 -4.45 -62.08 -27.76
CA SER E 153 -5.07 -60.76 -27.81
C SER E 153 -4.07 -59.68 -27.42
N ASN E 154 -4.26 -58.49 -27.98
CA ASN E 154 -3.32 -57.40 -27.76
C ASN E 154 -3.50 -56.75 -26.39
N SER E 155 -4.73 -56.72 -25.86
CA SER E 155 -5.01 -55.94 -24.66
C SER E 155 -5.41 -56.82 -23.49
N ALA E 156 -4.69 -57.93 -23.27
CA ALA E 156 -5.02 -58.82 -22.19
C ALA E 156 -3.76 -59.55 -21.73
N ALA E 157 -3.86 -60.19 -20.57
CA ALA E 157 -2.80 -61.00 -20.03
C ALA E 157 -3.42 -62.20 -19.32
N TRP E 158 -2.62 -63.25 -19.16
CA TRP E 158 -3.09 -64.49 -18.55
C TRP E 158 -2.17 -64.86 -17.40
N ASN E 159 -2.76 -65.06 -16.22
CA ASN E 159 -2.02 -65.24 -14.99
C ASN E 159 -2.19 -66.65 -14.46
N TRP E 160 -1.65 -66.88 -13.26
CA TRP E 160 -1.87 -68.13 -12.54
C TRP E 160 -1.88 -67.82 -11.05
N ILE E 161 -2.95 -68.19 -10.37
CA ILE E 161 -3.13 -67.92 -8.95
C ILE E 161 -3.42 -69.23 -8.24
N ARG E 162 -2.77 -69.42 -7.09
CA ARG E 162 -3.00 -70.59 -6.27
C ARG E 162 -3.28 -70.15 -4.84
N GLN E 163 -4.04 -70.97 -4.12
CA GLN E 163 -4.47 -70.63 -2.77
C GLN E 163 -4.20 -71.80 -1.84
N SER E 164 -3.60 -71.50 -0.70
CA SER E 164 -3.38 -72.46 0.38
C SER E 164 -3.73 -71.79 1.69
N PRO E 165 -4.40 -72.52 2.60
CA PRO E 165 -4.82 -71.90 3.87
C PRO E 165 -3.67 -71.35 4.69
N SER E 166 -2.49 -71.98 4.62
CA SER E 166 -1.36 -71.49 5.39
C SER E 166 -0.79 -70.21 4.82
N ARG E 167 -0.86 -70.03 3.50
CA ARG E 167 -0.27 -68.87 2.85
C ARG E 167 -1.28 -67.95 2.19
N GLY E 168 -2.56 -68.29 2.18
CA GLY E 168 -3.55 -67.42 1.57
C GLY E 168 -3.52 -67.48 0.06
N LEU E 169 -3.63 -66.30 -0.57
CA LEU E 169 -3.62 -66.17 -2.01
C LEU E 169 -2.30 -65.57 -2.46
N GLU E 170 -1.64 -66.23 -3.41
CA GLU E 170 -0.33 -65.83 -3.87
C GLU E 170 -0.28 -65.83 -5.40
N TRP E 171 0.50 -64.92 -5.95
CA TRP E 171 0.67 -64.80 -7.39
C TRP E 171 1.92 -65.56 -7.84
N LEU E 172 1.77 -66.37 -8.88
CA LEU E 172 2.86 -67.22 -9.36
C LEU E 172 3.56 -66.63 -10.58
N GLY E 173 2.83 -66.39 -11.65
CA GLY E 173 3.44 -65.88 -12.86
C GLY E 173 2.39 -65.56 -13.91
N ARG E 174 2.87 -65.10 -15.07
CA ARG E 174 1.97 -64.70 -16.14
C ARG E 174 2.71 -64.71 -17.47
N THR E 175 1.94 -64.57 -18.54
CA THR E 175 2.47 -64.42 -19.89
C THR E 175 1.49 -63.60 -20.71
N TYR E 176 2.01 -62.95 -21.75
CA TYR E 176 1.18 -62.18 -22.65
C TYR E 176 1.96 -61.88 -23.92
N TYR E 177 1.39 -61.05 -24.77
CA TYR E 177 1.94 -60.82 -26.11
C TYR E 177 1.55 -59.43 -26.58
N ARG E 178 2.55 -58.62 -26.95
CA ARG E 178 2.32 -57.34 -27.61
C ARG E 178 2.87 -57.35 -29.02
N SER E 179 4.17 -57.61 -29.15
CA SER E 179 4.80 -57.92 -30.44
C SER E 179 5.46 -59.28 -30.43
N LYS E 180 6.11 -59.65 -29.33
CA LYS E 180 6.54 -61.01 -29.07
C LYS E 180 5.99 -61.44 -27.72
N TRP E 181 6.40 -62.58 -27.21
CA TRP E 181 5.86 -63.10 -25.96
C TRP E 181 6.73 -62.69 -24.79
N TYR E 182 6.08 -62.32 -23.69
CA TYR E 182 6.76 -61.81 -22.50
C TYR E 182 6.30 -62.60 -21.29
N ASN E 183 7.22 -62.85 -20.36
CA ASN E 183 6.92 -63.62 -19.17
C ASN E 183 7.43 -62.90 -17.94
N ASP E 184 6.72 -63.11 -16.83
CA ASP E 184 7.14 -62.67 -15.50
C ASP E 184 6.82 -63.79 -14.53
N TYR E 185 7.55 -63.85 -13.42
CA TYR E 185 7.33 -64.87 -12.41
C TYR E 185 7.64 -64.30 -11.04
N ALA E 186 7.06 -64.93 -10.02
CA ALA E 186 7.28 -64.50 -8.65
C ALA E 186 8.63 -64.95 -8.15
N GLY E 187 9.20 -64.18 -7.22
CA GLY E 187 10.55 -64.44 -6.74
C GLY E 187 10.70 -65.81 -6.11
N THR E 188 9.68 -66.28 -5.40
CA THR E 188 9.77 -67.56 -4.70
C THR E 188 9.95 -68.72 -5.67
N VAL E 189 9.43 -68.58 -6.89
CA VAL E 189 9.25 -69.72 -7.77
C VAL E 189 10.06 -69.56 -9.07
N LYS E 190 10.95 -68.57 -9.14
CA LYS E 190 11.60 -68.26 -10.41
C LYS E 190 12.31 -69.47 -11.00
N SER E 191 13.08 -70.19 -10.18
CA SER E 191 13.99 -71.18 -10.72
C SER E 191 13.29 -72.38 -11.35
N ARG E 192 12.02 -72.63 -11.02
CA ARG E 192 11.43 -73.90 -11.40
C ARG E 192 10.01 -73.76 -11.94
N ILE E 193 9.74 -72.72 -12.74
CA ILE E 193 8.42 -72.51 -13.29
C ILE E 193 8.53 -72.11 -14.75
N ALA E 194 7.54 -72.50 -15.55
CA ALA E 194 7.50 -72.16 -16.97
C ALA E 194 6.07 -72.26 -17.48
N ILE E 195 5.68 -71.30 -18.31
CA ILE E 195 4.33 -71.24 -18.89
C ILE E 195 4.46 -71.18 -20.41
N ASN E 196 3.74 -72.05 -21.11
CA ASN E 196 3.80 -72.13 -22.56
C ASN E 196 2.41 -71.92 -23.14
N PRO E 197 2.21 -70.97 -24.04
CA PRO E 197 0.95 -70.85 -24.75
C PRO E 197 0.93 -71.73 -26.00
N ASP E 198 -0.28 -71.97 -26.51
CA ASP E 198 -0.47 -72.78 -27.71
C ASP E 198 -1.57 -72.14 -28.54
N THR E 199 -1.18 -71.28 -29.48
CA THR E 199 -2.16 -70.59 -30.31
C THR E 199 -2.91 -71.52 -31.25
N SER E 200 -2.32 -72.67 -31.60
CA SER E 200 -2.98 -73.58 -32.54
C SER E 200 -4.30 -74.08 -31.98
N LYS E 201 -4.31 -74.47 -30.70
CA LYS E 201 -5.53 -74.92 -30.03
C LYS E 201 -5.99 -73.98 -28.93
N ASN E 202 -5.41 -72.78 -28.85
CA ASN E 202 -5.93 -71.69 -28.04
C ASN E 202 -5.97 -72.05 -26.55
N GLN E 203 -4.83 -72.49 -26.04
CA GLN E 203 -4.69 -72.81 -24.63
C GLN E 203 -3.31 -72.42 -24.14
N PHE E 204 -3.21 -72.16 -22.85
CA PHE E 204 -1.94 -71.90 -22.19
C PHE E 204 -1.84 -72.77 -20.96
N SER E 205 -0.63 -73.22 -20.64
CA SER E 205 -0.43 -74.26 -19.64
C SER E 205 0.67 -73.85 -18.67
N LEU E 206 0.66 -74.50 -17.51
CA LEU E 206 1.62 -74.25 -16.44
C LEU E 206 2.40 -75.52 -16.16
N HIS E 207 3.72 -75.39 -16.01
CA HIS E 207 4.59 -76.52 -15.73
C HIS E 207 5.45 -76.23 -14.51
N LEU E 208 5.56 -77.23 -13.64
CA LEU E 208 6.49 -77.20 -12.51
C LEU E 208 7.33 -78.47 -12.57
N ASN E 209 8.63 -78.31 -12.82
CA ASN E 209 9.48 -79.47 -13.04
C ASN E 209 9.61 -80.33 -11.79
N SER E 210 9.78 -79.71 -10.62
CA SER E 210 9.96 -80.41 -9.37
C SER E 210 8.96 -79.93 -8.34
N VAL E 211 8.52 -80.83 -7.47
CA VAL E 211 7.47 -80.52 -6.51
C VAL E 211 7.94 -80.92 -5.12
N THR E 212 7.38 -80.26 -4.11
CA THR E 212 7.67 -80.44 -2.71
C THR E 212 6.37 -80.58 -1.95
N PRO E 213 6.39 -81.17 -0.75
CA PRO E 213 5.14 -81.40 -0.03
C PRO E 213 4.32 -80.14 0.22
N GLU E 214 4.96 -79.00 0.48
CA GLU E 214 4.22 -77.80 0.85
C GLU E 214 3.46 -77.17 -0.31
N ASP E 215 3.71 -77.59 -1.54
CA ASP E 215 3.04 -77.00 -2.69
C ASP E 215 1.58 -77.40 -2.82
N THR E 216 1.10 -78.32 -1.98
CA THR E 216 -0.31 -78.71 -2.04
C THR E 216 -1.20 -77.49 -1.87
N ALA E 217 -2.05 -77.24 -2.86
CA ALA E 217 -2.91 -76.07 -2.87
C ALA E 217 -3.93 -76.22 -3.98
N VAL E 218 -4.72 -75.17 -4.19
CA VAL E 218 -5.71 -75.11 -5.25
C VAL E 218 -5.33 -73.98 -6.20
N TYR E 219 -5.32 -74.27 -7.49
CA TYR E 219 -4.79 -73.36 -8.50
C TYR E 219 -5.91 -72.82 -9.39
N PHE E 220 -5.80 -71.55 -9.76
CA PHE E 220 -6.74 -70.92 -10.66
C PHE E 220 -6.00 -70.27 -11.82
N CYS E 221 -6.70 -70.14 -12.95
CA CYS E 221 -6.23 -69.39 -14.10
C CYS E 221 -7.16 -68.19 -14.31
N ALA E 222 -6.59 -67.03 -14.62
CA ALA E 222 -7.35 -65.80 -14.61
C ALA E 222 -7.00 -64.94 -15.81
N ARG E 223 -7.88 -63.97 -16.08
CA ARG E 223 -7.70 -63.02 -17.17
C ARG E 223 -7.75 -61.60 -16.63
N VAL E 224 -6.89 -60.73 -17.15
CA VAL E 224 -6.79 -59.35 -16.71
C VAL E 224 -6.81 -58.44 -17.93
N ILE E 225 -7.60 -57.38 -17.87
CA ILE E 225 -7.74 -56.42 -18.95
C ILE E 225 -7.08 -55.11 -18.53
N SER E 226 -6.19 -54.61 -19.39
CA SER E 226 -5.37 -53.47 -19.00
C SER E 226 -6.19 -52.20 -18.83
N VAL E 227 -7.29 -52.05 -19.57
CA VAL E 227 -8.07 -50.82 -19.48
C VAL E 227 -9.11 -50.87 -18.37
N ALA E 228 -9.27 -52.01 -17.70
CA ALA E 228 -10.24 -52.15 -16.62
C ALA E 228 -9.57 -52.13 -15.25
N GLY E 229 -8.53 -51.32 -15.07
CA GLY E 229 -7.91 -51.22 -13.78
C GLY E 229 -7.08 -52.41 -13.36
N TYR E 230 -6.65 -53.24 -14.31
CA TYR E 230 -5.80 -54.39 -14.04
C TYR E 230 -6.45 -55.33 -13.02
N ALA E 231 -7.76 -55.48 -13.10
CA ALA E 231 -8.49 -56.32 -12.16
C ALA E 231 -8.75 -57.69 -12.78
N PHE E 232 -8.73 -58.71 -11.94
CA PHE E 232 -8.94 -60.09 -12.38
C PHE E 232 -10.41 -60.26 -12.73
N ASP E 233 -10.74 -60.07 -14.01
CA ASP E 233 -12.13 -60.07 -14.44
C ASP E 233 -12.74 -61.46 -14.38
N ILE E 234 -12.16 -62.40 -15.11
CA ILE E 234 -12.73 -63.73 -15.29
C ILE E 234 -11.78 -64.75 -14.68
N TRP E 235 -12.34 -65.69 -13.92
CA TRP E 235 -11.57 -66.73 -13.27
C TRP E 235 -11.91 -68.09 -13.85
N GLY E 236 -11.24 -69.11 -13.33
CA GLY E 236 -11.43 -70.48 -13.77
C GLY E 236 -12.09 -71.33 -12.70
N GLN E 237 -12.41 -72.56 -13.11
CA GLN E 237 -13.06 -73.50 -12.20
C GLN E 237 -12.16 -73.82 -11.02
N GLY E 238 -10.88 -74.07 -11.28
CA GLY E 238 -9.94 -74.35 -10.21
C GLY E 238 -9.91 -75.80 -9.80
N THR E 239 -8.71 -76.31 -9.53
CA THR E 239 -8.53 -77.69 -9.09
C THR E 239 -7.45 -77.74 -8.03
N MET E 240 -7.50 -78.78 -7.22
CA MET E 240 -6.56 -78.96 -6.12
C MET E 240 -5.52 -80.01 -6.48
N VAL E 241 -4.31 -79.82 -5.95
CA VAL E 241 -3.20 -80.73 -6.14
C VAL E 241 -2.64 -81.08 -4.78
N THR E 242 -2.45 -82.38 -4.53
CA THR E 242 -1.96 -82.86 -3.25
C THR E 242 -0.63 -83.59 -3.45
N VAL E 243 0.34 -83.25 -2.62
CA VAL E 243 1.66 -83.87 -2.67
C VAL E 243 1.75 -84.84 -1.50
N SER E 244 1.82 -86.13 -1.81
CA SER E 244 1.84 -87.16 -0.77
C SER E 244 2.34 -88.46 -1.38
N SER E 245 2.61 -89.43 -0.52
CA SER E 245 3.08 -90.74 -0.94
C SER E 245 2.00 -91.49 -1.72
C1 NAG F . 31.08 -52.41 12.81
C2 NAG F . 31.21 -50.92 12.47
C3 NAG F . 31.47 -50.72 10.98
C4 NAG F . 32.63 -51.57 10.50
C5 NAG F . 32.41 -53.03 10.92
C6 NAG F . 33.59 -53.92 10.57
C7 NAG F . 28.83 -50.25 12.34
C8 NAG F . 27.78 -49.36 12.93
N2 NAG F . 30.04 -50.16 12.90
O3 NAG F . 31.73 -49.35 10.70
O4 NAG F . 32.70 -51.51 9.08
O5 NAG F . 32.23 -53.12 12.33
O6 NAG F . 34.82 -53.21 10.67
O7 NAG F . 28.58 -51.03 11.43
C1 NAG F . 33.83 -50.72 8.65
C2 NAG F . 33.94 -50.89 7.14
C3 NAG F . 35.09 -50.05 6.60
C4 NAG F . 34.92 -48.60 7.03
C5 NAG F . 34.75 -48.51 8.54
C6 NAG F . 34.44 -47.11 9.01
C7 NAG F . 33.18 -52.99 6.13
C8 NAG F . 33.51 -54.42 5.83
N2 NAG F . 34.11 -52.29 6.79
O3 NAG F . 35.12 -50.13 5.18
O4 NAG F . 36.05 -47.84 6.62
O5 NAG F . 33.66 -49.34 8.97
O6 NAG F . 35.33 -46.70 10.04
O7 NAG F . 32.11 -52.49 5.78
C1 NAG G . -33.00 -31.94 -30.39
C2 NAG G . -33.48 -30.65 -31.07
C3 NAG G . -34.60 -29.98 -30.26
C4 NAG G . -35.71 -30.98 -29.94
C5 NAG G . -35.13 -32.25 -29.31
C6 NAG G . -36.16 -33.33 -29.12
C7 NAG G . -31.67 -29.12 -30.30
C8 NAG G . -30.60 -28.18 -30.74
N2 NAG G . -32.39 -29.71 -31.28
O3 NAG G . -35.15 -28.91 -31.00
O4 NAG G . -36.59 -30.38 -29.00
O5 NAG G . -34.11 -32.80 -30.17
O6 NAG G . -36.99 -33.45 -30.26
O7 NAG G . -31.90 -29.35 -29.12
C1 NAG G . -37.93 -30.37 -29.54
C2 NAG G . -38.89 -30.04 -28.40
C3 NAG G . -40.32 -29.99 -28.93
C4 NAG G . -40.41 -28.99 -30.09
C5 NAG G . -39.38 -29.34 -31.16
C6 NAG G . -39.32 -28.32 -32.27
C7 NAG G . -38.76 -30.67 -26.03
C8 NAG G . -38.64 -31.80 -25.06
N2 NAG G . -38.78 -31.02 -27.33
O3 NAG G . -41.20 -29.60 -27.88
O4 NAG G . -41.72 -29.03 -30.65
O5 NAG G . -38.06 -29.39 -30.57
O6 NAG G . -40.62 -27.86 -32.63
O7 NAG G . -38.84 -29.50 -25.68
C1 NAG H . 29.00 -34.57 39.78
C2 NAG H . 29.63 -35.83 40.40
C3 NAG H . 30.29 -36.68 39.32
C4 NAG H . 29.30 -36.98 38.21
C5 NAG H . 28.69 -35.69 37.68
C6 NAG H . 27.61 -35.93 36.66
C7 NAG H . 31.71 -34.79 41.28
C8 NAG H . 32.54 -34.55 42.50
N2 NAG H . 30.58 -35.48 41.46
O3 NAG H . 30.78 -37.88 39.90
O4 NAG H . 29.96 -37.66 37.14
O5 NAG H . 28.09 -34.96 38.75
O6 NAG H . 26.44 -36.48 37.25
O7 NAG H . 32.05 -34.37 40.17
C1 NAG I . -15.93 21.54 36.14
C2 NAG I . -16.15 22.99 35.71
C3 NAG I . -16.94 23.75 36.78
C4 NAG I . -18.22 23.01 37.12
C5 NAG I . -17.91 21.56 37.51
C6 NAG I . -19.14 20.73 37.75
C7 NAG I . -14.73 24.50 34.40
C8 NAG I . -13.36 25.11 34.27
N2 NAG I . -14.89 23.67 35.43
O3 NAG I . -17.25 25.05 36.31
O4 NAG I . -18.88 23.65 38.21
O5 NAG I . -17.17 20.92 36.45
O6 NAG I . -19.84 20.47 36.54
O7 NAG I . -15.64 24.77 33.62
C1 NAG J . 5.02 73.87 24.05
C2 NAG J . 5.01 75.29 23.47
C3 NAG J . 4.79 76.30 24.59
C4 NAG J . 3.55 75.95 25.40
C5 NAG J . 3.64 74.51 25.89
C6 NAG J . 2.39 74.04 26.61
C7 NAG J . 6.30 75.66 21.42
C8 NAG J . 7.65 75.96 20.85
N2 NAG J . 6.24 75.58 22.75
O3 NAG J . 4.64 77.60 24.03
O4 NAG J . 3.43 76.82 26.51
O5 NAG J . 3.82 73.63 24.78
O6 NAG J . 2.01 74.97 27.62
O7 NAG J . 5.31 75.49 20.72
C1 NAG K . 32.71 55.91 22.90
C2 NAG K . 33.44 56.64 24.03
C3 NAG K . 34.86 56.10 24.19
C4 NAG K . 34.83 54.59 24.37
C5 NAG K . 34.07 53.94 23.22
C6 NAG K . 33.90 52.45 23.39
C7 NAG K . 34.04 58.70 22.82
C8 NAG K . 33.95 60.19 22.82
N2 NAG K . 33.45 58.08 23.84
O3 NAG K . 35.49 56.71 25.31
O4 NAG K . 36.15 54.08 24.41
O5 NAG K . 32.75 54.50 23.13
O6 NAG K . 32.57 52.12 23.79
O7 NAG K . 34.63 58.09 21.93
C1 NAG L . 44.56 39.38 12.74
C2 NAG L . 45.75 39.76 13.62
C3 NAG L . 46.58 38.53 13.95
C4 NAG L . 45.71 37.43 14.55
C5 NAG L . 44.55 37.13 13.62
C6 NAG L . 43.57 36.13 14.20
C7 NAG L . 47.22 40.64 11.84
C8 NAG L . 48.00 41.83 11.38
N2 NAG L . 46.56 40.79 13.00
O3 NAG L . 47.61 38.88 14.88
O4 NAG L . 46.47 36.25 14.76
O5 NAG L . 43.81 38.33 13.36
O6 NAG L . 43.87 35.84 15.55
O7 NAG L . 47.18 39.60 11.19
C1 NAG M . 16.47 64.07 28.88
C2 NAG M . 17.27 63.11 29.78
C3 NAG M . 16.34 62.11 30.47
C4 NAG M . 15.23 62.86 31.21
C5 NAG M . 14.50 63.80 30.25
C6 NAG M . 13.46 64.65 30.94
C7 NAG M . 18.08 61.57 28.03
C8 NAG M . 19.29 60.95 27.41
N2 NAG M . 18.31 62.41 29.04
O3 NAG M . 17.09 61.32 31.40
O4 NAG M . 14.30 61.93 31.75
O5 NAG M . 15.44 64.71 29.65
O6 NAG M . 12.76 63.92 31.94
O7 NAG M . 16.94 61.32 27.63
C1 NAG N . 13.12 88.28 19.82
C2 NAG N . 13.93 89.48 20.29
C3 NAG N . 13.34 90.04 21.57
C4 NAG N . 11.84 90.31 21.41
C5 NAG N . 11.13 89.08 20.87
C6 NAG N . 9.68 89.33 20.53
C7 NAG N . 16.33 89.64 19.79
C8 NAG N . 17.70 89.16 20.15
N2 NAG N . 15.33 89.11 20.50
O3 NAG N . 14.02 91.23 21.93
O4 NAG N . 11.28 90.67 22.66
O5 NAG N . 11.76 88.65 19.65
O6 NAG N . 9.38 88.96 19.20
O7 NAG N . 16.14 90.47 18.91
C1 NAG O . -53.71 -2.06 -9.13
C2 NAG O . -52.70 -2.92 -9.90
C3 NAG O . -52.68 -2.51 -11.37
C4 NAG O . -54.09 -2.54 -11.95
C5 NAG O . -55.03 -1.69 -11.11
C6 NAG O . -56.46 -1.77 -11.56
C7 NAG O . -50.92 -3.67 -8.39
C8 NAG O . -49.54 -3.44 -7.91
N2 NAG O . -51.38 -2.83 -9.32
O3 NAG O . -51.83 -3.39 -12.09
O4 NAG O . -54.07 -2.04 -13.29
O5 NAG O . -55.00 -2.14 -9.75
O6 NAG O . -56.59 -2.49 -12.78
O7 NAG O . -51.61 -4.60 -7.96
C1 NAG P . -23.42 27.95 -34.28
C2 NAG P . -22.49 27.22 -35.24
C3 NAG P . -21.54 28.19 -35.92
C4 NAG P . -22.32 29.34 -36.56
C5 NAG P . -23.26 29.98 -35.54
C6 NAG P . -24.15 31.04 -36.15
C7 NAG P . -22.22 24.93 -34.38
C8 NAG P . -21.31 23.99 -33.65
N2 NAG P . -21.75 26.17 -34.56
O3 NAG P . -20.77 27.52 -36.90
O4 NAG P . -21.41 30.33 -37.04
O5 NAG P . -24.13 28.98 -34.99
O6 NAG P . -25.41 31.09 -35.49
O7 NAG P . -23.33 24.59 -34.79
C1 NAG Q . 11.75 72.24 -30.39
C2 NAG Q . 10.66 73.02 -31.13
C3 NAG Q . 11.29 74.00 -32.12
C4 NAG Q . 12.32 74.87 -31.43
C5 NAG Q . 13.33 74.01 -30.66
C6 NAG Q . 14.30 74.82 -29.84
C7 NAG Q . 10.05 71.29 -32.80
C8 NAG Q . 8.91 70.47 -33.36
N2 NAG Q . 9.72 72.13 -31.81
O3 NAG Q . 10.28 74.81 -32.70
O4 NAG Q . 13.02 75.64 -32.40
O5 NAG Q . 12.63 73.15 -29.74
O6 NAG Q . 14.58 76.07 -30.46
O7 NAG Q . 11.19 71.20 -33.24
C1 NAG R . -5.14 74.17 -1.43
C2 NAG R . -5.48 75.67 -1.44
C3 NAG R . -6.25 76.05 -0.19
C4 NAG R . -7.49 75.16 -0.03
C5 NAG R . -7.06 73.70 -0.06
C6 NAG R . -8.23 72.74 -0.01
C7 NAG R . -4.16 77.53 -2.37
C8 NAG R . -2.85 78.24 -2.35
N2 NAG R . -4.27 76.47 -1.55
O3 NAG R . -6.65 77.41 -0.27
O4 NAG R . -8.14 75.44 1.19
O5 NAG R . -6.35 73.41 -1.27
O6 NAG R . -7.97 71.58 -0.79
O7 NAG R . -5.09 77.88 -3.09
C1 NAG S . -10.10 64.46 18.11
C2 NAG S . -10.42 65.65 19.01
C3 NAG S . -11.61 65.34 19.91
C4 NAG S . -12.80 64.87 19.08
C5 NAG S . -12.38 63.70 18.20
C6 NAG S . -13.47 63.25 17.26
C7 NAG S . -9.07 67.23 20.33
C8 NAG S . -7.82 67.43 21.14
N2 NAG S . -9.26 66.01 19.82
O3 NAG S . -11.97 66.52 20.64
O4 NAG S . -13.85 64.47 19.93
O5 NAG S . -11.27 64.10 17.38
O6 NAG S . -13.95 61.96 17.60
O7 NAG S . -9.87 68.14 20.14
C1 NAG T . 22.71 85.08 -26.92
C2 NAG T . 22.26 84.95 -28.37
C3 NAG T . 23.48 84.76 -29.29
C4 NAG T . 24.47 85.88 -29.06
C5 NAG T . 24.84 85.98 -27.59
C6 NAG T . 25.75 87.15 -27.28
C7 NAG T . 20.30 83.88 -29.37
C8 NAG T . 19.43 82.65 -29.40
N2 NAG T . 21.33 83.85 -28.53
O3 NAG T . 23.04 84.75 -30.64
O4 NAG T . 25.65 85.63 -29.82
O5 NAG T . 23.66 86.16 -26.80
O6 NAG T . 25.03 88.37 -27.24
O7 NAG T . 20.07 84.86 -30.07
C1 NAG U . 4.29 -29.38 -32.80
C2 NAG U . 4.04 -29.45 -31.30
C3 NAG U . 5.36 -29.61 -30.55
C4 NAG U . 6.14 -30.80 -31.09
C5 NAG U . 6.30 -30.68 -32.60
C6 NAG U . 6.96 -31.89 -33.22
C7 NAG U . 2.19 -28.32 -30.13
C8 NAG U . 1.60 -27.00 -29.74
N2 NAG U . 3.33 -28.27 -30.83
O3 NAG U . 5.10 -29.79 -29.16
O4 NAG U . 7.43 -30.86 -30.49
O5 NAG U . 5.01 -30.54 -33.22
O6 NAG U . 6.13 -32.47 -34.22
O7 NAG U . 1.66 -29.39 -29.85
C1 NAG V . 34.21 -27.80 13.81
C2 NAG V . 34.67 -27.77 12.33
C3 NAG V . 36.16 -27.42 12.23
C4 NAG V . 36.48 -26.16 13.00
C5 NAG V . 36.02 -26.31 14.45
C6 NAG V . 36.23 -25.07 15.27
C7 NAG V . 34.22 -29.15 10.34
C8 NAG V . 33.97 -30.53 9.83
N2 NAG V . 34.40 -29.03 11.67
O3 NAG V . 36.52 -27.26 10.87
O4 NAG V . 37.87 -25.91 12.98
O5 NAG V . 34.61 -26.58 14.46
O6 NAG V . 35.84 -23.90 14.56
O7 NAG V . 34.27 -28.17 9.60
C1 NAG W . 36.53 -0.77 -9.65
C2 NAG W . 37.16 -0.30 -8.33
C3 NAG W . 38.68 -0.30 -8.45
C4 NAG W . 39.17 -1.66 -8.93
C5 NAG W . 38.46 -2.05 -10.23
C6 NAG W . 38.82 -3.44 -10.71
C7 NAG W . 36.69 1.49 -6.72
C8 NAG W . 36.17 2.89 -6.53
N2 NAG W . 36.69 1.03 -7.97
O3 NAG W . 39.26 -0.01 -7.19
O4 NAG W . 40.58 -1.62 -9.17
O5 NAG W . 37.05 -2.04 -10.00
O6 NAG W . 38.96 -3.46 -12.13
O7 NAG W . 37.10 0.82 -5.77
C1 NAG X . 50.56 52.58 2.52
C2 NAG X . 51.61 52.71 1.41
C3 NAG X . 52.99 52.97 2.00
C4 NAG X . 52.95 54.15 2.97
C5 NAG X . 51.86 53.95 4.00
C6 NAG X . 51.68 55.13 4.92
C7 NAG X . 51.92 50.30 0.95
C8 NAG X . 51.87 49.23 -0.11
N2 NAG X . 51.62 51.54 0.55
O3 NAG X . 53.91 53.22 0.95
O4 NAG X . 54.21 54.27 3.63
O5 NAG X . 50.59 53.74 3.35
O6 NAG X . 50.92 56.16 4.31
O7 NAG X . 52.21 50.04 2.12
C1 NAG Y . 32.41 56.02 -25.43
C2 NAG Y . 32.70 56.61 -26.79
C3 NAG Y . 31.39 56.70 -27.58
C4 NAG Y . 30.65 55.37 -27.58
C5 NAG Y . 30.60 54.71 -26.20
C6 NAG Y . 30.16 53.28 -26.26
C7 NAG Y . 34.37 58.31 -27.38
C8 NAG Y . 34.92 57.30 -28.34
N2 NAG Y . 33.31 57.92 -26.67
O3 NAG Y . 31.68 57.10 -28.92
O4 NAG Y . 29.30 55.58 -27.99
O5 NAG Y . 31.90 54.72 -25.59
O6 NAG Y . 30.31 52.74 -27.57
O7 NAG Y . 34.87 59.43 -27.25
C1 NAG Z . 13.27 55.46 -36.53
C2 NAG Z . 13.84 56.24 -37.71
C3 NAG Z . 13.15 55.83 -39.01
C4 NAG Z . 13.21 54.31 -39.18
C5 NAG Z . 12.65 53.63 -37.93
C6 NAG Z . 12.77 52.12 -38.00
C7 NAG Z . 12.57 58.35 -37.37
C8 NAG Z . 12.69 59.83 -37.17
N2 NAG Z . 13.73 57.68 -37.51
O3 NAG Z . 13.78 56.47 -40.10
O4 NAG Z . 12.45 53.93 -40.31
O5 NAG Z . 13.37 54.06 -36.78
O6 NAG Z . 13.70 51.65 -37.02
O7 NAG Z . 11.48 57.78 -37.42
#